data_8PTX
#
_entry.id   8PTX
#
_cell.length_a   1.00
_cell.length_b   1.00
_cell.length_c   1.00
_cell.angle_alpha   90.00
_cell.angle_beta   90.00
_cell.angle_gamma   90.00
#
_symmetry.space_group_name_H-M   'P 1'
#
loop_
_entity.id
_entity.type
_entity.pdbx_description
1 polymer 'Elongator complex protein 1'
2 polymer 'Elongator complex protein 2'
3 polymer 'Elongator complex protein 3'
4 polymer 'tRNA Gln'
5 non-polymer 'IRON/SULFUR CLUSTER'
6 non-polymer "5'-DEOXYADENOSINE"
7 non-polymer 'ACETYL COENZYME *A'
8 non-polymer METHIONINE
9 non-polymer 'MAGNESIUM ION'
#
loop_
_entity_poly.entity_id
_entity_poly.type
_entity_poly.pdbx_seq_one_letter_code
_entity_poly.pdbx_strand_id
1 'polypeptide(L)'
;MRNLKLFRTLEFRDIQGPGNPQCFSLRTEQGTVLIGSEHGLIEVDPVSREVKNEVSLVAEGFLPEDGSGRIVGVQDLLDQ
ESVCVATASGDVILCSLSTQQLECVGSVASGISVMSWSPDQELVLLATGQQTLIMMTKDFEPILEQQIHQDDFGESKFIT
VGWGRKETQFHGSEGRQAAFQMQMHESALPWDDHRPQVTWRGDGQFFAVSVVCPETGARKVRVWNREFALQSTSEPVAGL
GPALAWKPSGSLIASTQDKPNQQDIVFFEKNGLLHGHFTLPFLKDEVKVNDLLWNADSSVLAVWLEDLQREESSIPKTCV
QLWTVGNYHWYLKQSLSFSTCGKSKIVSLMWDPVTPYRLHVLCQGWHYLAYDWHWTTDRSVGDNSSDLSNVAVIDGNRVL
VTVFRQTVVPPPMCTYQLLFPHPVNQVTFLAHPQKSNDLAVLDASNQISVYKCGDCPSADPTVKLGAVGGSGFKVCLRTP
HLEKRYKIQFENNEDQDVNPLKLGLLTWIEEDVFLAVSHSEFSPRSVIHHLTAASSEMDEEHGQLNVSSSAAVDGVIISL
CCNSKTKSVVLQLADGQIFKYLWESPSLAIKPWKNSGGFPVRFPYPCTQTELAMIGEEECVLGLTDRCRFFINDIEVASN
ITSFAVYDEFLLLTTHSHTCQCFCLRDASFKTLQAGLSSNHVSHGEVLRKVERGSRIVTVVPQDTKLVLQMPRGNLEVVH
HRALVLAQIRKWLDKLMFKEAFECMRKLRINLNLIYDHNPKVFLGNVETFIKQIDSVNHINLFFTELKEEDVTKTMYPAP
VTSSVYLSRDPDGNKIDLVCDAMRAVMESINPHKYCLSILTSHVKKTTPELEIVLQKVHELQGNAPSDPDAVSAEEALKY
LLHLVDVNELYDHSLGTYDFDLVLMVAEKSQKDPKEYLPFLNTLKKMETNYQRFTIDKYLKRYEKAIGHLSKCGPEYFPE
CLNLIKDKNLYNEALKLYSPSSQQYQDISIAYGEHLMQEHMYEPAGLMFARCGAHEKALSAFLTCGNWKQALCVAAQLNF
TKDQLVGLGRTLAGKLVEQRKHIDAAMVLEECAQDYEEAVLLLLEGAAWEEALRLVYKYNRLDIIETNVKPSILEAQKNY
MAFLDSQTATFSRHKKRLLVVRELKEQAQQAGLDDEVPHGQESDLFSETSSVVSGSEMSGKYSHSNSRISARSSKNRRKA
ERKKHSLKEGSPLEDLALLEALSEVVQNTENLKDEVYHILKVLFLFEFDEQGRELQKAFEDTLQLMERSLPEIWTLTYQQ
NSATPVLGPNSTANSIMASYQQQKTSVPVLDAELFIPPKINRRTQWKLSLLD
;
A,D
2 'polypeptide(L)'
;MVAPVLETSHVFCCPNRVRGVLNWSSGPRGLLAFGTSCSVVLYDPLKRVVVTNLNGHTARVNCIQWICKQDGSPSTELVS
GGSDNQVIHWEIEDNQLLKAVHLQGHEGPVYAVHAVYQRRTSDPALCTLIVSAAADSAVRLWSKKGPEVMCLQTLNFGNG
FALALCLSFLPNTDVPILACGNDDCRIHIFAQQNDQFQKVLSLCGHEDWIRGVEWAAFGRDLFLASCSQDCLIRIWKLYI
KSTSLETQDDDNIRLKENTFTIENESVKIAFAVTLETVLAGHENWVNAVHWQPVFYKDGVLQQPVRLLSASMDKTMILWA
PDEESGVWLEQVRVGEVGGNTLGFYDCQFNEDGSMIIAHAFHGALHLWKQNTVNPREWTPEIVISGHFDGVQDLVWDPEG
EFIITVGTDQTTRLFAPWKRKDQSQVTWHEIARPQIHGYDLKCLAMINRFQFVSGADEKVLRVFSAPRNFVENFCAITGQ
SLNHVLCNQDSDLPEGATVPALGLSNKAVFQGDIASQPSDEEELLTSTGFEYQQVAFQPSILTEPPTEDHLLQNTLWPEV
QKLYGHGYEIFCVTCNSSKTLLASACKAAKKEHAAIILWNTTSWKQVQNLVFHSLTVTQMAFSPNEKFLLAVSRDRTWSL
WKKQDTISPEFEPVFSLFAFTNKITSVHSRIIWSCDWSPDSKYFFTGSRDKKVVVWGECDSTDDCIEHNIGPCSSVLDVG
GAVTAVSVCPVLHPSQRYVVAVGLECGKICLYTWKKTDQVPEINDWTHCVETSQSQSHTLAIRKLCWKNCSGKTEQKEAE
GAEWLHFASCGEDHTVKIHRVNKCAL
;
B
3 'polypeptide(L)'
;MRQKRKGDLSPAELMMLTIGDVIKQLIEAHEQGKDIDLNKVKTKTAAKYGLSAQPRLVDIIAAVPPQYRKVLMPKLKAKP
IRTASGIAVVAVMCKPHRCPHISFTGNICVYCPGGPDSDFEYSTQSYTGYEPTSMRAIRARYDPFLQTRHRIEQLKQLGH
SVDKVEFIVMGGTFMALPEEYRDYFIRNLHDALSGHTSNNIYEAVKYSERSLTKCIGITIETRPDYCMKRHLSDMLTYGC
TRLEIGVQSVYEDVARDTNRGHTVKAVCESFHLAKDSGFKVVAHMMPDLPNVGLERDIEQFTEFFENPAFRPDGLKLYPT
LVIRGTGLYELWKSGRYKSYSPSDLVELVARILALVPPWTRVYRVQRDIPMPLVSSGVEHGNLRELALARMKDLGIQCRD
VRTREVGIQEIHHKVRPYQVELVRRDYVANGGWETFLSYEDPDQDILIGLLRLRKCSEETFRFELGGGVSIVRELHVYGS
VVPVSSRDPTKFQHQGFGMLLMEEAERIAREEHGSGKIAVISGVGTRNYYRKIGYRLQGPYMVKMLKGLEGSAWSHPQFE
KGGGSGGGSGGSAWSHPQFEK
;
C
4 'polyribonucleotide' GGCCCCAUGGUGUAAUGGUUAGCACUCUGGACUUUGAAUCCAGCGAUCCGAGUUCAAAUCUCGGUGGGACCUCCA X
#
loop_
_chem_comp.id
_chem_comp.type
_chem_comp.name
_chem_comp.formula
5AD non-polymer 5'-DEOXYADENOSINE 'C10 H13 N5 O3'
A RNA linking ADENOSINE-5'-MONOPHOSPHATE 'C10 H14 N5 O7 P'
ACO non-polymer 'ACETYL COENZYME *A' 'C23 H38 N7 O17 P3 S'
C RNA linking CYTIDINE-5'-MONOPHOSPHATE 'C9 H14 N3 O8 P'
G RNA linking GUANOSINE-5'-MONOPHOSPHATE 'C10 H14 N5 O8 P'
MG non-polymer 'MAGNESIUM ION' 'Mg 2'
SF4 non-polymer 'IRON/SULFUR CLUSTER' 'Fe4 S4'
U RNA linking URIDINE-5'-MONOPHOSPHATE 'C9 H13 N2 O9 P'
#
# COMPACT_ATOMS: atom_id res chain seq x y z
N MET A 1 30.00 -20.28 3.58
CA MET A 1 29.45 -21.46 2.95
C MET A 1 30.01 -22.73 3.58
N ARG A 2 30.00 -23.82 2.81
CA ARG A 2 30.41 -25.13 3.28
C ARG A 2 31.56 -25.64 2.41
N ASN A 3 32.11 -26.78 2.82
CA ASN A 3 33.21 -27.40 2.11
C ASN A 3 33.19 -28.91 2.36
N LEU A 4 33.87 -29.64 1.48
CA LEU A 4 33.83 -31.10 1.49
C LEU A 4 34.83 -31.67 2.50
N LYS A 5 34.46 -32.80 3.09
CA LYS A 5 35.35 -33.53 4.00
C LYS A 5 35.32 -35.00 3.64
N LEU A 6 36.51 -35.60 3.57
CA LEU A 6 36.65 -37.02 3.27
C LEU A 6 36.52 -37.83 4.54
N PHE A 7 35.60 -38.80 4.55
CA PHE A 7 35.38 -39.56 5.77
C PHE A 7 35.53 -41.06 5.64
N ARG A 8 35.70 -41.60 4.43
CA ARG A 8 35.96 -43.03 4.28
C ARG A 8 36.70 -43.28 2.99
N THR A 9 37.57 -44.30 3.01
CA THR A 9 38.26 -44.74 1.81
C THR A 9 38.37 -46.26 1.84
N LEU A 10 38.25 -46.87 0.67
CA LEU A 10 38.35 -48.31 0.51
C LEU A 10 39.35 -48.62 -0.59
N GLU A 11 40.20 -49.60 -0.35
CA GLU A 11 41.29 -49.93 -1.26
C GLU A 11 41.45 -51.44 -1.32
N PHE A 12 41.51 -51.98 -2.52
CA PHE A 12 41.69 -53.42 -2.74
C PHE A 12 42.88 -53.61 -3.66
N ARG A 13 44.03 -53.91 -3.08
CA ARG A 13 45.30 -53.98 -3.79
C ARG A 13 45.62 -55.41 -4.21
N ASP A 14 46.36 -55.52 -5.32
CA ASP A 14 46.90 -56.78 -5.81
C ASP A 14 45.81 -57.73 -6.29
N ILE A 15 44.89 -57.21 -7.10
CA ILE A 15 43.99 -58.09 -7.84
C ILE A 15 44.81 -58.86 -8.86
N GLN A 16 44.46 -60.12 -9.07
CA GLN A 16 45.17 -60.97 -10.00
C GLN A 16 44.22 -61.46 -11.08
N GLY A 17 44.60 -61.25 -12.33
CA GLY A 17 43.76 -61.57 -13.46
C GLY A 17 44.57 -61.89 -14.70
N PRO A 18 43.89 -62.10 -15.83
CA PRO A 18 44.58 -62.53 -17.05
C PRO A 18 45.67 -61.58 -17.51
N GLY A 19 45.33 -60.33 -17.80
CA GLY A 19 46.29 -59.40 -18.36
C GLY A 19 46.30 -58.04 -17.69
N ASN A 20 46.13 -56.99 -18.48
CA ASN A 20 46.07 -55.64 -17.95
C ASN A 20 44.66 -55.09 -18.05
N PRO A 21 44.16 -54.42 -17.01
CA PRO A 21 42.79 -53.92 -17.04
C PRO A 21 42.61 -52.83 -18.09
N GLN A 22 41.42 -52.78 -18.65
CA GLN A 22 41.09 -51.81 -19.70
C GLN A 22 39.83 -51.01 -19.40
N CYS A 23 38.81 -51.63 -18.82
CA CYS A 23 37.55 -50.94 -18.52
C CYS A 23 36.95 -51.57 -17.28
N PHE A 24 36.02 -50.84 -16.66
CA PHE A 24 35.29 -51.40 -15.53
C PHE A 24 33.92 -50.75 -15.43
N SER A 25 33.02 -51.42 -14.74
CA SER A 25 31.66 -50.95 -14.54
C SER A 25 31.12 -51.52 -13.25
N LEU A 26 30.01 -50.96 -12.77
CA LEU A 26 29.51 -51.22 -11.44
C LEU A 26 28.21 -52.01 -11.48
N ARG A 27 28.02 -52.83 -10.45
CA ARG A 27 26.76 -53.54 -10.20
C ARG A 27 26.19 -52.97 -8.91
N THR A 28 25.21 -52.08 -9.03
CA THR A 28 24.76 -51.29 -7.89
C THR A 28 24.00 -52.13 -6.87
N GLU A 29 22.96 -52.85 -7.32
CA GLU A 29 22.09 -53.55 -6.39
C GLU A 29 22.81 -54.64 -5.63
N GLN A 30 23.89 -55.17 -6.17
CA GLN A 30 24.65 -56.23 -5.53
C GLN A 30 25.91 -55.73 -4.83
N GLY A 31 26.49 -54.64 -5.31
CA GLY A 31 27.71 -54.11 -4.71
C GLY A 31 28.95 -54.83 -5.19
N THR A 32 29.14 -54.85 -6.51
CA THR A 32 30.21 -55.63 -7.12
C THR A 32 30.71 -54.91 -8.36
N VAL A 33 31.99 -55.13 -8.69
CA VAL A 33 32.65 -54.43 -9.78
C VAL A 33 32.98 -55.43 -10.89
N LEU A 34 32.77 -55.00 -12.13
CA LEU A 34 33.04 -55.82 -13.32
C LEU A 34 34.20 -55.20 -14.08
N ILE A 35 35.34 -55.88 -14.12
CA ILE A 35 36.54 -55.36 -14.76
C ILE A 35 36.79 -56.14 -16.04
N GLY A 36 37.02 -55.42 -17.14
CA GLY A 36 37.40 -56.03 -18.39
C GLY A 36 38.90 -55.95 -18.61
N SER A 37 39.41 -56.83 -19.45
CA SER A 37 40.85 -56.94 -19.66
C SER A 37 41.09 -57.34 -21.11
N GLU A 38 42.31 -57.82 -21.39
CA GLU A 38 42.67 -58.24 -22.74
C GLU A 38 42.29 -59.69 -23.02
N HIS A 39 41.79 -60.43 -22.02
CA HIS A 39 41.35 -61.80 -22.23
C HIS A 39 39.86 -61.97 -22.01
N GLY A 40 39.34 -61.58 -20.84
CA GLY A 40 37.94 -61.81 -20.54
C GLY A 40 37.36 -60.86 -19.51
N LEU A 41 36.55 -61.39 -18.60
CA LEU A 41 35.88 -60.59 -17.58
C LEU A 41 36.21 -61.12 -16.19
N ILE A 42 36.32 -60.20 -15.23
CA ILE A 42 36.50 -60.52 -13.83
C ILE A 42 35.40 -59.82 -13.05
N GLU A 43 34.90 -60.51 -12.02
CA GLU A 43 33.88 -59.95 -11.15
C GLU A 43 34.37 -60.09 -9.72
N VAL A 44 34.54 -58.97 -9.03
CA VAL A 44 35.26 -58.93 -7.76
C VAL A 44 34.42 -58.19 -6.72
N ASP A 45 34.39 -58.72 -5.50
CA ASP A 45 33.73 -58.07 -4.38
C ASP A 45 34.77 -57.33 -3.55
N PRO A 46 34.74 -55.99 -3.50
CA PRO A 46 35.79 -55.26 -2.81
C PRO A 46 35.69 -55.22 -1.30
N VAL A 47 34.50 -55.43 -0.72
CA VAL A 47 34.36 -55.38 0.73
C VAL A 47 34.73 -56.68 1.41
N SER A 48 34.96 -57.75 0.66
CA SER A 48 35.30 -59.04 1.24
C SER A 48 36.58 -59.65 0.67
N ARG A 49 37.25 -58.97 -0.26
CA ARG A 49 38.54 -59.39 -0.78
C ARG A 49 38.47 -60.78 -1.44
N GLU A 50 37.62 -60.88 -2.46
CA GLU A 50 37.45 -62.15 -3.16
C GLU A 50 37.00 -61.89 -4.59
N VAL A 51 37.23 -62.87 -5.44
CA VAL A 51 36.76 -62.86 -6.82
C VAL A 51 35.64 -63.89 -6.95
N LYS A 52 34.59 -63.54 -7.70
CA LYS A 52 33.39 -64.36 -7.73
C LYS A 52 33.19 -65.12 -9.02
N ASN A 53 33.61 -64.59 -10.16
CA ASN A 53 33.36 -65.24 -11.44
C ASN A 53 34.50 -64.90 -12.39
N GLU A 54 34.59 -65.67 -13.47
CA GLU A 54 35.59 -65.43 -14.49
C GLU A 54 35.14 -66.08 -15.79
N VAL A 55 35.15 -65.32 -16.87
CA VAL A 55 34.73 -65.79 -18.18
C VAL A 55 35.83 -65.46 -19.18
N SER A 56 36.25 -66.45 -19.95
CA SER A 56 37.28 -66.25 -20.95
C SER A 56 36.66 -66.06 -22.33
N LEU A 57 37.09 -65.00 -23.00
CA LEU A 57 36.63 -64.73 -24.36
C LEU A 57 37.67 -65.09 -25.41
N VAL A 58 38.80 -65.69 -25.01
CA VAL A 58 39.83 -66.10 -25.96
C VAL A 58 39.68 -67.55 -26.40
N ALA A 59 39.29 -68.44 -25.50
CA ALA A 59 39.14 -69.85 -25.84
C ALA A 59 38.05 -70.09 -26.89
N GLU A 60 37.07 -69.19 -26.98
CA GLU A 60 35.96 -69.35 -27.91
C GLU A 60 36.15 -68.53 -29.18
N GLY A 61 37.36 -68.05 -29.43
CA GLY A 61 37.66 -67.38 -30.69
C GLY A 61 37.09 -65.99 -30.84
N PHE A 62 36.79 -65.31 -29.74
CA PHE A 62 36.29 -63.94 -29.79
C PHE A 62 37.39 -62.91 -29.69
N LEU A 63 38.50 -63.23 -29.03
CA LEU A 63 39.62 -62.32 -28.90
C LEU A 63 40.91 -63.06 -29.25
N PRO A 64 41.84 -62.40 -29.94
CA PRO A 64 43.11 -63.06 -30.27
C PRO A 64 43.91 -63.37 -29.02
N GLU A 65 44.66 -64.46 -29.09
CA GLU A 65 45.51 -64.89 -27.97
C GLU A 65 46.94 -64.39 -28.09
N ASP A 66 47.32 -63.80 -29.22
CA ASP A 66 48.69 -63.33 -29.40
C ASP A 66 49.00 -62.07 -28.60
N GLY A 67 48.00 -61.43 -28.01
CA GLY A 67 48.20 -60.22 -27.27
C GLY A 67 47.58 -58.97 -27.86
N SER A 68 46.59 -59.11 -28.74
CA SER A 68 45.93 -57.97 -29.35
C SER A 68 44.42 -58.12 -29.17
N GLY A 69 43.73 -56.98 -29.11
CA GLY A 69 42.31 -56.97 -28.89
C GLY A 69 41.93 -56.25 -27.63
N ARG A 70 40.79 -55.56 -27.65
CA ARG A 70 40.34 -54.76 -26.52
C ARG A 70 38.85 -54.95 -26.32
N ILE A 71 38.40 -54.68 -25.11
CA ILE A 71 36.98 -54.57 -24.81
C ILE A 71 36.68 -53.10 -24.63
N VAL A 72 36.03 -52.50 -25.63
CA VAL A 72 35.81 -51.06 -25.62
C VAL A 72 34.84 -50.65 -24.52
N GLY A 73 33.77 -51.40 -24.35
CA GLY A 73 32.78 -51.04 -23.35
C GLY A 73 32.23 -52.23 -22.59
N VAL A 74 32.05 -52.07 -21.28
CA VAL A 74 31.45 -53.08 -20.42
C VAL A 74 30.28 -52.41 -19.70
N GLN A 75 29.08 -52.95 -19.89
CA GLN A 75 27.89 -52.33 -19.33
C GLN A 75 27.02 -53.38 -18.64
N ASP A 76 26.65 -53.09 -17.40
CA ASP A 76 25.67 -53.89 -16.69
C ASP A 76 24.27 -53.55 -17.19
N LEU A 77 23.38 -54.53 -17.11
CA LEU A 77 21.99 -54.36 -17.51
C LEU A 77 21.10 -54.64 -16.30
N LEU A 78 20.29 -53.67 -15.92
CA LEU A 78 19.33 -53.87 -14.86
C LEU A 78 18.21 -54.79 -15.32
N ASP A 79 17.41 -55.28 -14.35
CA ASP A 79 16.28 -56.22 -14.63
C ASP A 79 16.77 -57.47 -15.39
N GLN A 80 18.07 -57.77 -15.34
CA GLN A 80 18.60 -58.92 -16.05
C GLN A 80 19.69 -59.54 -15.16
N GLU A 81 20.49 -60.42 -15.75
CA GLU A 81 21.67 -60.93 -15.07
C GLU A 81 22.84 -61.06 -16.05
N SER A 82 22.78 -60.33 -17.15
CA SER A 82 23.73 -60.47 -18.25
C SER A 82 24.51 -59.18 -18.46
N VAL A 83 25.75 -59.32 -18.91
CA VAL A 83 26.64 -58.20 -19.14
C VAL A 83 26.96 -58.11 -20.63
N CYS A 84 26.88 -56.91 -21.19
CA CYS A 84 27.04 -56.68 -22.61
C CYS A 84 28.41 -56.04 -22.88
N VAL A 85 29.36 -56.85 -23.33
CA VAL A 85 30.68 -56.36 -23.70
C VAL A 85 30.70 -56.03 -25.18
N ALA A 86 31.72 -55.28 -25.61
CA ALA A 86 31.82 -54.87 -27.01
C ALA A 86 33.27 -54.95 -27.45
N THR A 87 33.59 -55.95 -28.27
CA THR A 87 34.95 -56.16 -28.74
C THR A 87 35.40 -55.03 -29.67
N ALA A 88 36.69 -54.71 -29.60
CA ALA A 88 37.25 -53.64 -30.44
C ALA A 88 37.18 -54.00 -31.91
N SER A 89 37.45 -55.26 -32.27
CA SER A 89 37.37 -55.68 -33.66
C SER A 89 35.96 -55.55 -34.21
N GLY A 90 34.96 -55.54 -33.34
CA GLY A 90 33.59 -55.24 -33.69
C GLY A 90 32.68 -56.44 -33.60
N ASP A 91 32.04 -56.57 -32.44
CA ASP A 91 31.07 -57.61 -32.10
C ASP A 91 30.36 -57.17 -30.84
N VAL A 92 29.17 -57.70 -30.63
CA VAL A 92 28.38 -57.39 -29.45
C VAL A 92 28.08 -58.72 -28.76
N ILE A 93 28.95 -59.11 -27.84
CA ILE A 93 28.77 -60.34 -27.08
C ILE A 93 27.93 -60.03 -25.86
N LEU A 94 26.99 -60.92 -25.56
CA LEU A 94 26.11 -60.77 -24.40
C LEU A 94 26.39 -61.94 -23.46
N CYS A 95 27.35 -61.75 -22.56
CA CYS A 95 27.72 -62.78 -21.61
C CYS A 95 26.69 -62.88 -20.49
N SER A 96 26.81 -63.94 -19.70
CA SER A 96 25.88 -64.20 -18.61
C SER A 96 26.64 -64.65 -17.37
N LEU A 97 25.99 -64.53 -16.22
CA LEU A 97 26.54 -64.91 -14.94
C LEU A 97 25.78 -66.13 -14.41
N SER A 98 26.27 -66.66 -13.29
CA SER A 98 25.83 -67.93 -12.71
C SER A 98 26.03 -69.10 -13.68
N THR A 99 26.76 -68.87 -14.76
CA THR A 99 27.10 -69.86 -15.77
C THR A 99 28.21 -69.25 -16.62
N GLN A 100 28.57 -69.93 -17.71
CA GLN A 100 29.65 -69.47 -18.57
C GLN A 100 29.15 -69.33 -20.01
N GLN A 101 27.91 -68.89 -20.17
CA GLN A 101 27.28 -68.85 -21.48
C GLN A 101 27.57 -67.53 -22.20
N LEU A 102 27.65 -67.61 -23.52
CA LEU A 102 27.88 -66.46 -24.38
C LEU A 102 26.91 -66.49 -25.54
N GLU A 103 26.67 -65.32 -26.14
CA GLU A 103 25.75 -65.22 -27.26
C GLU A 103 26.11 -63.98 -28.07
N CYS A 104 26.76 -64.20 -29.21
CA CYS A 104 27.06 -63.09 -30.13
C CYS A 104 25.77 -62.61 -30.77
N VAL A 105 25.35 -61.40 -30.45
CA VAL A 105 24.06 -60.87 -30.88
C VAL A 105 24.20 -59.78 -31.94
N GLY A 106 25.42 -59.37 -32.25
CA GLY A 106 25.62 -58.34 -33.25
C GLY A 106 27.01 -58.44 -33.85
N SER A 107 27.16 -57.80 -35.01
CA SER A 107 28.43 -57.81 -35.71
C SER A 107 28.51 -56.61 -36.64
N VAL A 108 29.69 -56.00 -36.71
CA VAL A 108 29.93 -54.85 -37.57
C VAL A 108 31.17 -55.14 -38.42
N ALA A 109 31.07 -54.86 -39.72
CA ALA A 109 32.18 -55.13 -40.62
C ALA A 109 33.41 -54.31 -40.24
N SER A 110 33.22 -53.02 -39.98
CA SER A 110 34.30 -52.20 -39.46
C SER A 110 34.33 -52.23 -37.94
N GLY A 111 35.41 -51.72 -37.38
CA GLY A 111 35.59 -51.78 -35.94
C GLY A 111 34.65 -50.85 -35.21
N ILE A 112 34.51 -51.11 -33.92
CA ILE A 112 33.73 -50.28 -33.01
C ILE A 112 34.67 -49.37 -32.25
N SER A 113 34.27 -48.12 -32.04
CA SER A 113 35.09 -47.16 -31.31
C SER A 113 34.55 -46.83 -29.94
N VAL A 114 33.24 -46.58 -29.80
CA VAL A 114 32.62 -46.31 -28.51
C VAL A 114 31.25 -46.99 -28.47
N MET A 115 30.80 -47.32 -27.27
CA MET A 115 29.47 -47.84 -27.03
C MET A 115 28.81 -47.02 -25.93
N SER A 116 27.59 -46.55 -26.17
CA SER A 116 26.90 -45.69 -25.22
C SER A 116 25.51 -46.23 -24.95
N TRP A 117 25.11 -46.19 -23.68
CA TRP A 117 23.79 -46.64 -23.25
C TRP A 117 23.04 -45.51 -22.58
N SER A 118 21.73 -45.47 -22.82
CA SER A 118 20.90 -44.41 -22.28
C SER A 118 20.85 -44.49 -20.75
N PRO A 119 20.54 -43.37 -20.08
CA PRO A 119 20.45 -43.42 -18.61
C PRO A 119 19.46 -44.45 -18.10
N ASP A 120 18.33 -44.62 -18.79
CA ASP A 120 17.45 -45.76 -18.58
C ASP A 120 17.67 -46.68 -19.78
N GLN A 121 18.12 -47.91 -19.51
CA GLN A 121 18.62 -48.75 -20.58
C GLN A 121 17.50 -49.20 -21.50
N GLU A 122 17.26 -48.43 -22.55
CA GLU A 122 16.30 -48.82 -23.58
C GLU A 122 16.79 -48.49 -24.98
N LEU A 123 17.98 -47.92 -25.13
CA LEU A 123 18.49 -47.52 -26.44
C LEU A 123 20.00 -47.54 -26.37
N VAL A 124 20.64 -47.99 -27.44
CA VAL A 124 22.09 -48.13 -27.47
C VAL A 124 22.63 -47.45 -28.72
N LEU A 125 23.79 -46.80 -28.56
CA LEU A 125 24.47 -46.12 -29.64
C LEU A 125 25.83 -46.75 -29.87
N LEU A 126 26.14 -47.05 -31.13
CA LEU A 126 27.42 -47.61 -31.50
C LEU A 126 28.06 -46.71 -32.56
N ALA A 127 29.38 -46.57 -32.50
CA ALA A 127 30.12 -45.79 -33.47
C ALA A 127 31.09 -46.70 -34.20
N THR A 128 31.06 -46.65 -35.54
CA THR A 128 31.82 -47.56 -36.36
C THR A 128 33.10 -46.91 -36.84
N GLY A 129 34.01 -47.73 -37.39
CA GLY A 129 35.27 -47.23 -37.91
C GLY A 129 35.14 -46.51 -39.22
N GLN A 130 33.99 -46.62 -39.89
CA GLN A 130 33.75 -45.93 -41.15
C GLN A 130 33.04 -44.60 -40.97
N GLN A 131 33.19 -43.97 -39.81
CA GLN A 131 32.57 -42.67 -39.50
C GLN A 131 31.06 -42.73 -39.68
N THR A 132 30.43 -43.60 -38.88
CA THR A 132 28.99 -43.80 -38.96
C THR A 132 28.49 -44.16 -37.57
N LEU A 133 27.23 -43.81 -37.29
CA LEU A 133 26.64 -43.99 -35.98
C LEU A 133 25.36 -44.80 -36.13
N ILE A 134 25.25 -45.89 -35.39
CA ILE A 134 24.11 -46.80 -35.44
C ILE A 134 23.36 -46.72 -34.13
N MET A 135 22.05 -46.52 -34.21
CA MET A 135 21.18 -46.47 -33.05
C MET A 135 20.29 -47.71 -33.08
N MET A 136 20.38 -48.52 -32.01
CA MET A 136 19.62 -49.76 -31.91
C MET A 136 18.83 -49.76 -30.61
N THR A 137 17.85 -50.65 -30.54
CA THR A 137 17.01 -50.76 -29.36
C THR A 137 17.63 -51.70 -28.34
N LYS A 138 16.90 -51.92 -27.24
CA LYS A 138 17.41 -52.77 -26.18
C LYS A 138 17.60 -54.21 -26.64
N ASP A 139 16.68 -54.74 -27.44
CA ASP A 139 16.77 -56.10 -27.95
C ASP A 139 17.72 -56.22 -29.13
N PHE A 140 18.57 -55.22 -29.36
CA PHE A 140 19.57 -55.24 -30.42
C PHE A 140 18.91 -55.41 -31.79
N GLU A 141 17.75 -54.77 -31.97
CA GLU A 141 17.09 -54.69 -33.26
C GLU A 141 17.39 -53.33 -33.86
N PRO A 142 18.11 -53.26 -34.98
CA PRO A 142 18.54 -51.96 -35.50
C PRO A 142 17.37 -51.03 -35.77
N ILE A 143 17.53 -49.77 -35.39
CA ILE A 143 16.55 -48.73 -35.63
C ILE A 143 16.99 -47.80 -36.75
N LEU A 144 18.18 -47.22 -36.63
CA LEU A 144 18.65 -46.32 -37.69
C LEU A 144 20.18 -46.34 -37.75
N GLU A 145 20.70 -45.82 -38.86
CA GLU A 145 22.12 -45.63 -39.07
C GLU A 145 22.33 -44.36 -39.86
N GLN A 146 23.28 -43.52 -39.44
CA GLN A 146 23.48 -42.24 -40.10
C GLN A 146 24.96 -41.87 -40.09
N GLN A 147 25.35 -41.09 -41.09
CA GLN A 147 26.72 -40.62 -41.20
C GLN A 147 26.92 -39.40 -40.32
N ILE A 148 28.01 -39.39 -39.55
CA ILE A 148 28.24 -38.31 -38.59
C ILE A 148 28.55 -37.01 -39.31
N HIS A 149 29.45 -37.04 -40.29
CA HIS A 149 29.93 -35.82 -40.95
C HIS A 149 28.88 -35.37 -41.96
N GLN A 150 27.84 -34.70 -41.45
CA GLN A 150 26.83 -34.12 -42.31
C GLN A 150 27.23 -32.70 -42.69
N ASP A 151 26.35 -32.01 -43.42
CA ASP A 151 26.65 -30.68 -43.91
C ASP A 151 25.48 -29.72 -43.72
N ASP A 152 24.67 -29.94 -42.68
CA ASP A 152 23.52 -29.09 -42.43
C ASP A 152 23.44 -28.75 -40.94
N PHE A 153 22.96 -27.54 -40.66
CA PHE A 153 22.79 -27.11 -39.28
C PHE A 153 21.71 -27.94 -38.58
N GLY A 154 20.60 -28.20 -39.24
CA GLY A 154 19.48 -28.89 -38.64
C GLY A 154 18.19 -28.15 -38.87
N GLU A 155 17.18 -28.38 -38.02
CA GLU A 155 15.94 -27.64 -38.11
C GLU A 155 15.81 -26.52 -37.08
N SER A 156 16.68 -26.48 -36.09
CA SER A 156 16.69 -25.40 -35.11
C SER A 156 17.56 -24.26 -35.63
N LYS A 157 17.03 -23.57 -36.64
CA LYS A 157 17.75 -22.49 -37.29
C LYS A 157 17.61 -21.18 -36.50
N PHE A 158 18.23 -20.12 -37.03
CA PHE A 158 18.12 -18.79 -36.49
C PHE A 158 17.38 -17.92 -37.49
N ILE A 159 16.31 -17.26 -37.03
CA ILE A 159 15.48 -16.44 -37.89
C ILE A 159 15.77 -14.97 -37.60
N THR A 160 16.05 -14.20 -38.65
CA THR A 160 16.33 -12.78 -38.54
C THR A 160 15.57 -12.04 -39.63
N VAL A 161 15.30 -10.76 -39.37
CA VAL A 161 14.59 -9.93 -40.34
C VAL A 161 15.54 -9.25 -41.31
N GLY A 162 16.81 -9.09 -40.92
CA GLY A 162 17.80 -8.45 -41.77
C GLY A 162 17.93 -6.95 -41.59
N TRP A 163 17.19 -6.35 -40.66
CA TRP A 163 17.33 -4.91 -40.42
C TRP A 163 18.73 -4.57 -39.92
N GLY A 164 19.27 -5.39 -39.03
CA GLY A 164 20.60 -5.14 -38.49
C GLY A 164 20.99 -6.11 -37.40
N GLU A 186 43.45 -22.92 -34.87
CA GLU A 186 42.85 -23.16 -36.18
C GLU A 186 42.90 -24.65 -36.52
N SER A 187 43.73 -25.37 -35.79
CA SER A 187 43.89 -26.81 -35.98
C SER A 187 43.76 -27.53 -34.65
N ALA A 188 43.49 -28.83 -34.73
CA ALA A 188 43.35 -29.62 -33.52
C ALA A 188 44.66 -29.69 -32.76
N LEU A 189 44.57 -29.92 -31.46
CA LEU A 189 45.75 -29.92 -30.61
C LEU A 189 46.64 -31.13 -30.92
N PRO A 190 47.96 -30.99 -30.72
CA PRO A 190 48.86 -32.10 -31.06
C PRO A 190 48.59 -33.39 -30.29
N TRP A 191 48.14 -33.30 -29.04
CA TRP A 191 47.89 -34.49 -28.22
C TRP A 191 46.47 -35.00 -28.33
N ASP A 192 45.79 -34.74 -29.45
CA ASP A 192 44.43 -35.21 -29.67
C ASP A 192 44.47 -36.55 -30.39
N ASP A 193 43.78 -37.55 -29.83
CA ASP A 193 43.78 -38.89 -30.39
C ASP A 193 42.62 -39.15 -31.34
N HIS A 194 41.81 -38.15 -31.63
CA HIS A 194 40.78 -38.17 -32.68
C HIS A 194 39.62 -39.11 -32.37
N ARG A 195 39.47 -39.55 -31.13
CA ARG A 195 38.34 -40.41 -30.84
C ARG A 195 37.06 -39.60 -30.72
N PRO A 196 35.93 -40.17 -31.14
CA PRO A 196 34.64 -39.51 -30.93
C PRO A 196 34.23 -39.58 -29.46
N GLN A 197 33.34 -38.67 -29.08
CA GLN A 197 32.77 -38.64 -27.74
C GLN A 197 31.27 -38.51 -27.82
N VAL A 198 30.55 -39.32 -27.03
CA VAL A 198 29.10 -39.36 -27.03
C VAL A 198 28.60 -39.14 -25.61
N THR A 199 27.63 -38.24 -25.44
CA THR A 199 27.09 -37.95 -24.12
C THR A 199 25.57 -37.81 -24.18
N TRP A 200 24.92 -38.22 -23.10
CA TRP A 200 23.47 -38.21 -22.98
C TRP A 200 23.03 -37.21 -21.92
N ARG A 201 21.86 -36.61 -22.12
CA ARG A 201 21.30 -35.75 -21.09
C ARG A 201 20.76 -36.61 -19.94
N GLY A 202 20.44 -35.95 -18.83
CA GLY A 202 19.97 -36.67 -17.66
C GLY A 202 18.67 -37.42 -17.87
N ASP A 203 17.71 -36.81 -18.57
CA ASP A 203 16.43 -37.45 -18.81
C ASP A 203 16.37 -38.23 -20.11
N GLY A 204 17.44 -38.23 -20.90
CA GLY A 204 17.49 -39.02 -22.11
C GLY A 204 16.81 -38.42 -23.32
N GLN A 205 16.41 -37.16 -23.28
CA GLN A 205 15.69 -36.54 -24.38
C GLN A 205 16.60 -36.05 -25.50
N PHE A 206 17.91 -35.93 -25.25
CA PHE A 206 18.84 -35.45 -26.26
C PHE A 206 20.18 -36.12 -26.05
N PHE A 207 21.06 -35.99 -27.05
CA PHE A 207 22.44 -36.41 -26.86
C PHE A 207 23.34 -35.61 -27.78
N ALA A 208 24.64 -35.67 -27.51
CA ALA A 208 25.62 -34.86 -28.22
C ALA A 208 26.84 -35.71 -28.59
N VAL A 209 27.43 -35.38 -29.73
CA VAL A 209 28.58 -36.09 -30.28
C VAL A 209 29.65 -35.09 -30.66
N SER A 210 30.89 -35.34 -30.22
CA SER A 210 32.04 -34.51 -30.55
C SER A 210 33.01 -35.32 -31.39
N VAL A 211 33.46 -34.73 -32.50
CA VAL A 211 34.30 -35.44 -33.46
C VAL A 211 35.16 -34.43 -34.20
N VAL A 212 36.31 -34.91 -34.71
CA VAL A 212 37.23 -34.05 -35.45
C VAL A 212 36.80 -33.98 -36.90
N CYS A 213 36.36 -32.81 -37.34
CA CYS A 213 35.90 -32.65 -38.71
C CYS A 213 37.10 -32.62 -39.67
N PRO A 214 37.05 -33.40 -40.75
CA PRO A 214 38.16 -33.35 -41.71
C PRO A 214 38.21 -32.05 -42.50
N GLU A 215 37.07 -31.40 -42.74
CA GLU A 215 37.05 -30.17 -43.52
C GLU A 215 37.83 -29.07 -42.81
N THR A 216 37.36 -28.65 -41.63
CA THR A 216 38.02 -27.56 -40.93
C THR A 216 39.31 -28.03 -40.27
N GLY A 217 39.40 -29.31 -39.93
CA GLY A 217 40.54 -29.82 -39.21
C GLY A 217 40.52 -29.59 -37.72
N ALA A 218 39.40 -29.13 -37.17
CA ALA A 218 39.25 -28.87 -35.76
C ALA A 218 38.13 -29.75 -35.20
N ARG A 219 37.83 -29.55 -33.91
CA ARG A 219 36.81 -30.32 -33.24
C ARG A 219 35.45 -29.67 -33.41
N LYS A 220 34.42 -30.48 -33.62
CA LYS A 220 33.07 -30.00 -33.84
C LYS A 220 32.09 -30.82 -33.03
N VAL A 221 31.05 -30.14 -32.53
CA VAL A 221 30.06 -30.71 -31.63
C VAL A 221 28.70 -30.63 -32.30
N ARG A 222 27.98 -31.75 -32.34
CA ARG A 222 26.64 -31.80 -32.87
C ARG A 222 25.69 -32.32 -31.80
N VAL A 223 24.44 -31.86 -31.84
CA VAL A 223 23.43 -32.24 -30.87
C VAL A 223 22.22 -32.79 -31.62
N TRP A 224 21.79 -33.99 -31.21
CA TRP A 224 20.69 -34.74 -31.78
C TRP A 224 19.62 -34.95 -30.72
N ASN A 225 18.38 -35.18 -31.16
CA ASN A 225 17.30 -35.51 -30.24
C ASN A 225 17.12 -37.02 -30.16
N ARG A 226 16.14 -37.46 -29.36
CA ARG A 226 16.01 -38.89 -29.10
C ARG A 226 15.50 -39.67 -30.31
N GLU A 227 14.66 -39.06 -31.15
CA GLU A 227 14.20 -39.73 -32.36
C GLU A 227 15.24 -39.70 -33.47
N PHE A 228 16.48 -39.35 -33.13
CA PHE A 228 17.62 -39.44 -34.04
C PHE A 228 17.42 -38.51 -35.25
N ALA A 229 17.21 -37.23 -34.94
CA ALA A 229 17.15 -36.17 -35.94
C ALA A 229 18.11 -35.07 -35.52
N LEU A 230 18.83 -34.52 -36.48
CA LEU A 230 19.83 -33.51 -36.17
C LEU A 230 19.17 -32.25 -35.63
N GLN A 231 19.75 -31.68 -34.58
CA GLN A 231 19.24 -30.45 -33.97
C GLN A 231 20.17 -29.28 -34.17
N SER A 232 21.43 -29.39 -33.77
CA SER A 232 22.28 -28.20 -33.83
C SER A 232 23.74 -28.55 -34.01
N THR A 233 24.51 -27.58 -34.48
CA THR A 233 25.94 -27.68 -34.68
C THR A 233 26.64 -26.53 -33.97
N SER A 234 27.75 -26.82 -33.31
CA SER A 234 28.43 -25.81 -32.50
C SER A 234 29.12 -24.78 -33.39
N GLU A 235 29.30 -23.58 -32.83
CA GLU A 235 29.98 -22.50 -33.54
C GLU A 235 31.49 -22.75 -33.56
N PRO A 236 32.21 -22.14 -34.51
CA PRO A 236 33.65 -22.35 -34.58
C PRO A 236 34.37 -21.78 -33.36
N VAL A 237 35.15 -22.62 -32.69
CA VAL A 237 35.93 -22.23 -31.52
C VAL A 237 37.37 -22.64 -31.76
N ALA A 238 38.30 -21.73 -31.49
CA ALA A 238 39.72 -21.96 -31.74
C ALA A 238 40.35 -22.57 -30.50
N GLY A 239 40.89 -23.78 -30.64
CA GLY A 239 41.57 -24.45 -29.55
C GLY A 239 40.74 -25.44 -28.76
N LEU A 240 39.60 -25.87 -29.29
CA LEU A 240 38.73 -26.76 -28.54
C LEU A 240 39.39 -28.11 -28.29
N GLY A 241 39.21 -28.64 -27.09
CA GLY A 241 39.78 -29.91 -26.71
C GLY A 241 38.86 -31.07 -27.00
N PRO A 242 39.27 -32.27 -26.59
CA PRO A 242 38.47 -33.48 -26.88
C PRO A 242 37.47 -33.88 -25.82
N ALA A 243 37.42 -33.23 -24.66
CA ALA A 243 36.53 -33.66 -23.60
C ALA A 243 35.10 -33.18 -23.84
N LEU A 244 34.15 -33.83 -23.16
CA LEU A 244 32.74 -33.49 -23.26
C LEU A 244 31.95 -34.17 -22.15
N ALA A 245 31.04 -33.44 -21.51
CA ALA A 245 30.24 -34.01 -20.43
C ALA A 245 29.00 -33.15 -20.22
N TRP A 246 27.83 -33.69 -20.55
CA TRP A 246 26.58 -32.98 -20.34
C TRP A 246 26.21 -32.98 -18.86
N LYS A 247 25.77 -31.83 -18.38
CA LYS A 247 25.34 -31.71 -17.00
C LYS A 247 24.09 -32.56 -16.77
N PRO A 248 24.06 -33.41 -15.75
CA PRO A 248 22.88 -34.29 -15.56
C PRO A 248 21.59 -33.53 -15.39
N SER A 249 21.63 -32.37 -14.74
CA SER A 249 20.42 -31.56 -14.63
C SER A 249 19.96 -31.05 -15.98
N GLY A 250 20.88 -30.92 -16.93
CA GLY A 250 20.52 -30.60 -18.29
C GLY A 250 20.49 -29.12 -18.61
N SER A 251 21.55 -28.41 -18.26
CA SER A 251 21.63 -26.98 -18.53
C SER A 251 22.85 -26.56 -19.33
N LEU A 252 24.00 -27.18 -19.09
CA LEU A 252 25.23 -26.79 -19.73
C LEU A 252 26.01 -28.02 -20.16
N ILE A 253 26.77 -27.88 -21.25
CA ILE A 253 27.69 -28.90 -21.73
C ILE A 253 29.11 -28.41 -21.50
N ALA A 254 29.91 -29.21 -20.82
CA ALA A 254 31.26 -28.82 -20.44
C ALA A 254 32.28 -29.31 -21.47
N SER A 255 33.33 -28.52 -21.67
CA SER A 255 34.41 -28.85 -22.58
C SER A 255 35.67 -28.18 -22.06
N THR A 256 36.68 -28.04 -22.92
CA THR A 256 37.92 -27.37 -22.53
C THR A 256 38.47 -26.58 -23.70
N GLN A 257 39.23 -25.53 -23.40
CA GLN A 257 39.83 -24.68 -24.40
C GLN A 257 41.23 -24.25 -23.96
N ASP A 258 42.11 -24.08 -24.92
CA ASP A 258 43.48 -23.61 -24.68
C ASP A 258 43.67 -22.35 -25.51
N LYS A 259 43.79 -21.21 -24.85
CA LYS A 259 43.90 -19.93 -25.52
C LYS A 259 45.20 -19.24 -25.11
N PRO A 260 45.67 -18.25 -25.89
CA PRO A 260 46.94 -17.59 -25.54
C PRO A 260 47.01 -17.15 -24.08
N ASN A 261 47.98 -17.72 -23.36
CA ASN A 261 48.35 -17.46 -21.98
C ASN A 261 47.43 -18.11 -20.95
N GLN A 262 46.45 -18.93 -21.35
CA GLN A 262 45.62 -19.56 -20.33
C GLN A 262 44.92 -20.80 -20.87
N GLN A 263 44.45 -21.61 -19.93
CA GLN A 263 43.63 -22.78 -20.21
C GLN A 263 42.31 -22.62 -19.48
N ASP A 264 41.20 -22.78 -20.19
CA ASP A 264 39.89 -22.52 -19.62
C ASP A 264 39.00 -23.75 -19.74
N ILE A 265 38.08 -23.87 -18.80
CA ILE A 265 36.96 -24.79 -18.90
C ILE A 265 35.78 -23.95 -19.40
N VAL A 266 35.24 -24.32 -20.55
CA VAL A 266 34.17 -23.57 -21.18
C VAL A 266 32.89 -24.38 -21.11
N PHE A 267 31.75 -23.69 -21.21
CA PHE A 267 30.44 -24.31 -21.08
C PHE A 267 29.63 -24.02 -22.34
N PHE A 268 29.20 -25.07 -23.01
CA PHE A 268 28.37 -24.91 -24.19
C PHE A 268 26.90 -24.82 -23.82
N GLU A 269 26.07 -24.67 -24.84
CA GLU A 269 24.63 -24.57 -24.69
C GLU A 269 23.98 -25.44 -25.76
N LYS A 270 22.77 -25.93 -25.48
CA LYS A 270 22.08 -26.79 -26.43
C LYS A 270 21.94 -26.12 -27.79
N ASN A 271 21.85 -24.79 -27.82
CA ASN A 271 21.79 -24.07 -29.08
C ASN A 271 23.11 -24.14 -29.86
N GLY A 272 24.21 -24.44 -29.19
CA GLY A 272 25.51 -24.45 -29.83
C GLY A 272 26.37 -23.23 -29.61
N LEU A 273 26.07 -22.42 -28.60
CA LEU A 273 26.79 -21.19 -28.33
C LEU A 273 27.47 -21.26 -26.97
N LEU A 274 28.57 -20.52 -26.83
CA LEU A 274 29.32 -20.48 -25.59
C LEU A 274 28.59 -19.63 -24.55
N HIS A 275 28.54 -20.11 -23.32
CA HIS A 275 27.83 -19.41 -22.25
C HIS A 275 28.58 -19.49 -20.93
N GLY A 276 29.87 -19.20 -20.94
CA GLY A 276 30.60 -19.10 -19.68
C GLY A 276 31.91 -19.86 -19.66
N HIS A 277 32.72 -19.64 -18.62
CA HIS A 277 34.04 -20.26 -18.53
C HIS A 277 34.63 -19.99 -17.16
N PHE A 278 35.67 -20.75 -16.84
CA PHE A 278 36.52 -20.43 -15.69
C PHE A 278 37.93 -20.93 -15.96
N THR A 279 38.88 -20.42 -15.18
CA THR A 279 40.30 -20.55 -15.49
C THR A 279 40.99 -21.54 -14.57
N LEU A 280 41.79 -22.42 -15.17
CA LEU A 280 42.58 -23.39 -14.42
C LEU A 280 43.85 -22.75 -13.89
N PRO A 281 44.32 -23.13 -12.71
CA PRO A 281 45.50 -22.48 -12.10
C PRO A 281 46.83 -23.08 -12.57
N PHE A 282 47.07 -23.01 -13.88
CA PHE A 282 48.29 -23.57 -14.44
C PHE A 282 48.82 -22.68 -15.55
N LEU A 283 50.13 -22.72 -15.75
CA LEU A 283 50.76 -21.96 -16.81
C LEU A 283 50.50 -22.62 -18.17
N LYS A 284 50.83 -21.91 -19.23
CA LYS A 284 50.59 -22.42 -20.57
C LYS A 284 51.49 -23.61 -20.86
N ASP A 285 50.92 -24.62 -21.54
CA ASP A 285 51.66 -25.80 -21.98
C ASP A 285 52.35 -26.51 -20.81
N GLU A 286 51.62 -26.68 -19.71
CA GLU A 286 52.12 -27.42 -18.57
C GLU A 286 51.33 -28.68 -18.26
N VAL A 287 50.04 -28.73 -18.59
CA VAL A 287 49.21 -29.89 -18.32
C VAL A 287 48.25 -30.12 -19.49
N LYS A 288 47.58 -31.27 -19.46
CA LYS A 288 46.57 -31.63 -20.44
C LYS A 288 45.36 -32.21 -19.70
N VAL A 289 44.18 -31.96 -20.25
CA VAL A 289 42.93 -32.40 -19.64
C VAL A 289 42.48 -33.69 -20.33
N ASN A 290 42.42 -34.78 -19.58
CA ASN A 290 42.06 -36.07 -20.16
C ASN A 290 40.56 -36.34 -20.16
N ASP A 291 39.85 -36.00 -19.08
CA ASP A 291 38.45 -36.36 -18.99
C ASP A 291 37.72 -35.39 -18.07
N LEU A 292 36.43 -35.22 -18.32
CA LEU A 292 35.53 -34.45 -17.48
C LEU A 292 34.31 -35.30 -17.16
N LEU A 293 33.84 -35.25 -15.92
CA LEU A 293 32.69 -36.05 -15.54
C LEU A 293 31.97 -35.42 -14.37
N TRP A 294 30.65 -35.37 -14.46
CA TRP A 294 29.80 -34.69 -13.49
C TRP A 294 29.37 -35.63 -12.37
N ASN A 295 28.75 -35.04 -11.35
CA ASN A 295 28.25 -35.78 -10.21
C ASN A 295 26.83 -36.27 -10.46
N ALA A 296 26.34 -37.12 -9.55
CA ALA A 296 25.00 -37.67 -9.70
C ALA A 296 23.92 -36.59 -9.58
N ASP A 297 24.06 -35.68 -8.62
CA ASP A 297 23.10 -34.61 -8.43
C ASP A 297 23.58 -33.26 -8.97
N SER A 298 24.65 -33.26 -9.76
CA SER A 298 25.12 -32.06 -10.47
C SER A 298 25.57 -30.98 -9.51
N SER A 299 26.44 -31.35 -8.58
CA SER A 299 27.03 -30.39 -7.65
C SER A 299 28.53 -30.28 -7.79
N VAL A 300 29.22 -31.38 -8.05
CA VAL A 300 30.68 -31.41 -8.10
C VAL A 300 31.13 -31.77 -9.51
N LEU A 301 32.13 -31.05 -10.01
CA LEU A 301 32.77 -31.36 -11.28
C LEU A 301 34.17 -31.88 -11.01
N ALA A 302 34.53 -33.00 -11.63
CA ALA A 302 35.82 -33.62 -11.45
C ALA A 302 36.65 -33.46 -12.71
N VAL A 303 37.87 -32.96 -12.56
CA VAL A 303 38.77 -32.70 -13.68
C VAL A 303 40.01 -33.57 -13.52
N TRP A 304 40.43 -34.21 -14.61
CA TRP A 304 41.57 -35.10 -14.64
C TRP A 304 42.67 -34.46 -15.49
N LEU A 305 43.81 -34.19 -14.87
CA LEU A 305 44.91 -33.49 -15.52
C LEU A 305 46.15 -34.36 -15.49
N GLU A 306 46.90 -34.33 -16.60
CA GLU A 306 48.16 -35.06 -16.71
C GLU A 306 49.26 -34.11 -17.14
N ASP A 307 50.42 -34.22 -16.49
CA ASP A 307 51.52 -33.31 -16.78
C ASP A 307 52.18 -33.67 -18.10
N LEU A 308 52.45 -32.65 -18.91
CA LEU A 308 53.15 -32.85 -20.17
C LEU A 308 54.65 -32.94 -19.92
N GLN A 309 55.28 -33.98 -20.45
CA GLN A 309 56.72 -34.21 -20.26
C GLN A 309 57.50 -33.47 -21.36
N ARG A 310 57.49 -32.14 -21.26
CA ARG A 310 58.19 -31.32 -22.24
C ARG A 310 59.69 -31.33 -21.96
N GLU A 311 60.08 -31.39 -20.69
CA GLU A 311 61.48 -31.52 -20.34
C GLU A 311 61.91 -32.98 -20.41
N GLU A 312 63.15 -33.21 -20.85
CA GLU A 312 63.62 -34.57 -21.09
C GLU A 312 63.68 -35.35 -19.78
N SER A 313 64.12 -34.70 -18.70
CA SER A 313 64.26 -35.34 -17.40
C SER A 313 63.08 -35.07 -16.47
N SER A 314 62.05 -34.39 -16.94
CA SER A 314 60.90 -34.08 -16.09
C SER A 314 60.13 -35.34 -15.75
N ILE A 315 59.64 -35.41 -14.53
CA ILE A 315 58.80 -36.52 -14.07
C ILE A 315 57.35 -36.04 -14.09
N PRO A 316 56.50 -36.59 -14.97
CA PRO A 316 55.13 -36.10 -15.06
C PRO A 316 54.32 -36.49 -13.83
N LYS A 317 53.21 -35.78 -13.66
CA LYS A 317 52.31 -35.97 -12.52
C LYS A 317 50.88 -36.04 -13.03
N THR A 318 50.00 -36.60 -12.19
CA THR A 318 48.58 -36.68 -12.48
C THR A 318 47.83 -36.04 -11.33
N CYS A 319 46.82 -35.24 -11.63
CA CYS A 319 46.03 -34.55 -10.62
C CYS A 319 44.54 -34.75 -10.88
N VAL A 320 43.78 -34.93 -9.81
CA VAL A 320 42.34 -35.03 -9.88
C VAL A 320 41.77 -33.93 -9.01
N GLN A 321 40.96 -33.05 -9.60
CA GLN A 321 40.48 -31.87 -8.90
C GLN A 321 38.95 -31.89 -8.81
N LEU A 322 38.44 -31.49 -7.66
CA LEU A 322 37.00 -31.42 -7.39
C LEU A 322 36.61 -29.96 -7.20
N TRP A 323 35.75 -29.45 -8.08
CA TRP A 323 35.30 -28.06 -8.11
C TRP A 323 33.79 -27.99 -7.87
N THR A 324 33.36 -26.90 -7.24
CA THR A 324 31.93 -26.59 -7.05
C THR A 324 31.70 -25.13 -7.42
N VAL A 325 30.45 -24.69 -7.29
CA VAL A 325 30.06 -23.33 -7.67
C VAL A 325 29.26 -22.70 -6.54
N GLY A 326 29.37 -21.37 -6.44
CA GLY A 326 28.66 -20.60 -5.45
C GLY A 326 27.73 -19.58 -6.07
N ASN A 327 27.99 -18.30 -5.81
CA ASN A 327 27.23 -17.22 -6.45
C ASN A 327 27.84 -16.91 -7.82
N TYR A 328 27.72 -17.89 -8.70
CA TYR A 328 28.36 -17.88 -10.02
C TYR A 328 29.88 -17.74 -9.91
N HIS A 329 30.44 -18.16 -8.79
CA HIS A 329 31.88 -18.19 -8.57
C HIS A 329 32.30 -19.64 -8.40
N TRP A 330 33.34 -20.04 -9.13
CA TRP A 330 33.76 -21.44 -9.18
C TRP A 330 34.90 -21.66 -8.19
N TYR A 331 34.60 -22.37 -7.10
CA TYR A 331 35.59 -22.69 -6.09
C TYR A 331 36.36 -23.95 -6.47
N LEU A 332 37.54 -24.10 -5.89
CA LEU A 332 38.33 -25.32 -5.99
C LEU A 332 38.38 -25.96 -4.61
N LYS A 333 37.74 -27.11 -4.47
CA LYS A 333 37.54 -27.71 -3.16
C LYS A 333 38.52 -28.82 -2.83
N GLN A 334 38.81 -29.72 -3.76
CA GLN A 334 39.69 -30.83 -3.43
C GLN A 334 40.72 -31.07 -4.53
N SER A 335 41.87 -31.60 -4.14
CA SER A 335 42.96 -31.90 -5.07
C SER A 335 43.68 -33.16 -4.61
N LEU A 336 43.76 -34.16 -5.50
CA LEU A 336 44.44 -35.42 -5.22
C LEU A 336 45.55 -35.61 -6.24
N SER A 337 46.67 -36.15 -5.78
CA SER A 337 47.86 -36.31 -6.62
C SER A 337 48.16 -37.79 -6.81
N PHE A 338 48.43 -38.18 -8.06
CA PHE A 338 48.77 -39.55 -8.42
C PHE A 338 49.98 -39.53 -9.34
N SER A 339 50.71 -40.64 -9.36
CA SER A 339 51.82 -40.78 -10.28
C SER A 339 51.31 -41.06 -11.69
N THR A 340 52.24 -41.11 -12.65
CA THR A 340 51.88 -41.30 -14.04
C THR A 340 52.58 -42.47 -14.71
N CYS A 341 53.66 -43.00 -14.14
CA CYS A 341 54.41 -44.08 -14.75
C CYS A 341 54.58 -45.19 -13.74
N GLY A 342 54.41 -46.44 -14.19
CA GLY A 342 54.53 -47.58 -13.30
C GLY A 342 53.18 -48.13 -12.88
N LYS A 343 53.14 -48.75 -11.71
CA LYS A 343 51.91 -49.36 -11.23
C LYS A 343 50.86 -48.32 -10.86
N SER A 344 51.27 -47.07 -10.63
CA SER A 344 50.38 -46.05 -10.10
C SER A 344 49.61 -45.30 -11.18
N LYS A 345 49.80 -45.63 -12.45
CA LYS A 345 49.09 -44.91 -13.50
C LYS A 345 47.61 -45.17 -13.43
N ILE A 346 46.81 -44.15 -13.73
CA ILE A 346 45.36 -44.24 -13.65
C ILE A 346 44.80 -44.68 -15.00
N VAL A 347 43.89 -45.64 -14.98
CA VAL A 347 43.24 -46.12 -16.19
C VAL A 347 41.84 -45.53 -16.33
N SER A 348 41.05 -45.49 -15.25
CA SER A 348 39.69 -44.98 -15.42
C SER A 348 39.14 -44.42 -14.12
N LEU A 349 38.16 -43.52 -14.27
CA LEU A 349 37.44 -42.87 -13.18
C LEU A 349 35.95 -43.02 -13.42
N MET A 350 35.17 -42.99 -12.34
CA MET A 350 33.73 -43.08 -12.50
C MET A 350 33.02 -42.62 -11.23
N TRP A 351 32.00 -41.79 -11.40
CA TRP A 351 31.13 -41.43 -10.29
C TRP A 351 30.07 -42.50 -10.09
N ASP A 352 29.74 -42.75 -8.83
CA ASP A 352 28.72 -43.73 -8.52
C ASP A 352 27.36 -43.26 -9.04
N PRO A 353 26.59 -44.11 -9.71
CA PRO A 353 25.33 -43.64 -10.31
C PRO A 353 24.21 -43.44 -9.32
N VAL A 354 24.35 -43.86 -8.08
CA VAL A 354 23.28 -43.70 -7.09
C VAL A 354 23.73 -42.81 -5.95
N THR A 355 24.77 -43.22 -5.23
CA THR A 355 25.27 -42.43 -4.11
C THR A 355 25.95 -41.18 -4.64
N PRO A 356 25.51 -39.99 -4.25
CA PRO A 356 26.04 -38.76 -4.87
C PRO A 356 27.53 -38.53 -4.63
N TYR A 357 28.08 -38.94 -3.50
CA TYR A 357 29.43 -38.50 -3.18
C TYR A 357 30.41 -39.67 -3.02
N ARG A 358 30.38 -40.60 -3.97
CA ARG A 358 31.32 -41.72 -3.99
C ARG A 358 32.04 -41.73 -5.33
N LEU A 359 33.35 -41.85 -5.29
CA LEU A 359 34.18 -41.86 -6.50
C LEU A 359 34.94 -43.17 -6.61
N HIS A 360 35.00 -43.72 -7.82
CA HIS A 360 35.64 -45.00 -8.10
C HIS A 360 36.81 -44.78 -9.04
N VAL A 361 37.98 -45.33 -8.68
CA VAL A 361 39.21 -45.16 -9.45
C VAL A 361 39.80 -46.52 -9.72
N LEU A 362 40.23 -46.76 -10.97
CA LEU A 362 40.91 -47.99 -11.34
C LEU A 362 42.25 -47.64 -11.97
N CYS A 363 43.33 -48.14 -11.37
CA CYS A 363 44.70 -47.90 -11.80
C CYS A 363 45.15 -49.01 -12.76
N GLN A 364 46.44 -49.06 -13.04
CA GLN A 364 46.99 -50.00 -13.99
C GLN A 364 47.41 -51.33 -13.37
N GLY A 365 48.03 -51.30 -12.20
CA GLY A 365 48.53 -52.53 -11.61
C GLY A 365 47.46 -53.35 -10.92
N TRP A 366 46.27 -53.39 -11.51
CA TRP A 366 45.12 -54.09 -10.92
C TRP A 366 44.83 -53.57 -9.52
N HIS A 367 44.48 -52.28 -9.45
CA HIS A 367 44.32 -51.58 -8.20
C HIS A 367 43.04 -50.75 -8.26
N TYR A 368 42.26 -50.76 -7.18
CA TYR A 368 40.92 -50.19 -7.17
C TYR A 368 40.73 -49.37 -5.90
N LEU A 369 40.14 -48.18 -6.04
CA LEU A 369 39.94 -47.29 -4.91
C LEU A 369 38.54 -46.68 -4.93
N ALA A 370 38.03 -46.36 -3.74
CA ALA A 370 36.72 -45.72 -3.59
C ALA A 370 36.82 -44.64 -2.52
N TYR A 371 36.28 -43.47 -2.82
CA TYR A 371 36.39 -42.29 -1.95
C TYR A 371 35.01 -41.76 -1.59
N ASP A 372 34.85 -41.34 -0.33
CA ASP A 372 33.58 -40.86 0.22
C ASP A 372 33.76 -39.50 0.88
N TRP A 373 32.97 -38.52 0.44
CA TRP A 373 32.99 -37.17 0.96
C TRP A 373 31.61 -36.77 1.48
N HIS A 374 31.57 -35.72 2.29
CA HIS A 374 30.30 -35.13 2.68
C HIS A 374 30.49 -33.66 3.00
N TRP A 375 29.40 -32.89 2.91
CA TRP A 375 29.43 -31.46 3.15
C TRP A 375 29.56 -31.16 4.64
N THR A 376 30.26 -30.09 4.97
CA THR A 376 30.36 -29.67 6.36
C THR A 376 30.71 -28.19 6.42
N THR A 377 30.52 -27.59 7.59
CA THR A 377 30.85 -26.20 7.84
C THR A 377 31.83 -26.12 9.00
N ASP A 378 32.82 -25.24 8.88
CA ASP A 378 33.88 -25.10 9.88
C ASP A 378 33.66 -23.84 10.69
N ARG A 379 33.38 -23.99 11.98
CA ARG A 379 33.01 -22.89 12.83
C ARG A 379 33.71 -23.03 14.17
N SER A 380 33.76 -21.94 14.93
CA SER A 380 34.43 -21.90 16.22
C SER A 380 33.42 -21.76 17.34
N VAL A 381 33.69 -22.42 18.46
CA VAL A 381 32.82 -22.40 19.63
C VAL A 381 33.66 -22.09 20.86
N GLY A 382 33.20 -21.17 21.69
CA GLY A 382 33.95 -20.81 22.88
C GLY A 382 33.11 -19.99 23.84
N ASP A 383 33.80 -19.42 24.82
CA ASP A 383 33.13 -18.63 25.85
C ASP A 383 32.50 -17.37 25.24
N ASN A 384 31.47 -16.86 25.90
CA ASN A 384 30.79 -15.68 25.41
C ASN A 384 31.69 -14.46 25.40
N SER A 385 32.48 -14.26 26.45
CA SER A 385 33.27 -13.05 26.58
C SER A 385 34.49 -13.02 25.68
N SER A 386 34.86 -14.15 25.07
CA SER A 386 36.07 -14.21 24.27
C SER A 386 35.83 -14.60 22.82
N ASP A 387 34.96 -15.57 22.56
CA ASP A 387 34.84 -16.11 21.22
C ASP A 387 34.12 -15.14 20.29
N LEU A 388 34.59 -15.11 19.04
CA LEU A 388 33.91 -14.43 17.94
C LEU A 388 33.45 -15.50 16.97
N SER A 389 32.22 -15.39 16.49
CA SER A 389 31.69 -16.41 15.59
C SER A 389 32.45 -16.38 14.27
N ASN A 390 33.24 -17.43 14.01
CA ASN A 390 34.13 -17.48 12.86
C ASN A 390 33.70 -18.58 11.90
N VAL A 391 33.96 -18.37 10.61
CA VAL A 391 33.67 -19.35 9.58
C VAL A 391 34.79 -19.31 8.54
N ALA A 392 35.33 -20.48 8.20
CA ALA A 392 36.43 -20.60 7.26
C ALA A 392 35.99 -21.36 6.02
N VAL A 393 36.36 -20.84 4.85
CA VAL A 393 35.97 -21.41 3.57
C VAL A 393 37.21 -21.59 2.70
N ILE A 394 37.29 -22.73 2.02
CA ILE A 394 38.44 -23.09 1.19
C ILE A 394 38.18 -22.66 -0.24
N ASP A 395 39.16 -22.01 -0.86
CA ASP A 395 39.05 -21.55 -2.25
C ASP A 395 40.33 -21.83 -3.00
N GLY A 396 40.87 -23.04 -2.87
CA GLY A 396 42.07 -23.40 -3.58
C GLY A 396 43.32 -23.25 -2.74
N ASN A 397 44.11 -22.22 -3.02
CA ASN A 397 45.28 -21.90 -2.22
C ASN A 397 45.05 -20.74 -1.27
N ARG A 398 43.80 -20.31 -1.12
CA ARG A 398 43.44 -19.23 -0.20
C ARG A 398 42.37 -19.72 0.76
N VAL A 399 42.33 -19.10 1.94
CA VAL A 399 41.30 -19.37 2.93
C VAL A 399 40.64 -18.05 3.30
N LEU A 400 39.32 -18.01 3.22
CA LEU A 400 38.56 -16.80 3.47
C LEU A 400 37.88 -16.92 4.83
N VAL A 401 38.13 -15.94 5.71
CA VAL A 401 37.61 -15.97 7.07
C VAL A 401 36.67 -14.78 7.27
N THR A 402 35.47 -15.07 7.78
CA THR A 402 34.48 -14.06 8.10
C THR A 402 34.21 -14.10 9.60
N VAL A 403 34.35 -12.96 10.26
CA VAL A 403 34.10 -12.83 11.69
C VAL A 403 32.68 -12.30 11.85
N PHE A 404 31.76 -13.16 12.27
CA PHE A 404 30.35 -12.83 12.26
C PHE A 404 29.88 -12.08 13.50
N ARG A 405 30.70 -11.98 14.55
CA ARG A 405 30.30 -11.19 15.70
C ARG A 405 30.55 -9.71 15.50
N GLN A 406 31.28 -9.32 14.46
CA GLN A 406 31.57 -7.93 14.17
C GLN A 406 31.08 -7.49 12.81
N THR A 407 31.22 -8.33 11.79
CA THR A 407 30.78 -8.00 10.44
C THR A 407 29.95 -9.15 9.88
N VAL A 408 28.92 -8.82 9.13
CA VAL A 408 28.08 -9.80 8.46
C VAL A 408 28.27 -9.59 6.96
N VAL A 409 29.10 -10.42 6.34
CA VAL A 409 29.55 -10.20 4.97
C VAL A 409 28.96 -11.25 4.04
N PRO A 410 28.48 -10.88 2.85
CA PRO A 410 27.93 -11.86 1.94
C PRO A 410 29.00 -12.86 1.52
N PRO A 411 28.59 -14.08 1.17
CA PRO A 411 29.53 -15.21 1.10
C PRO A 411 30.70 -15.01 0.14
N PRO A 412 30.49 -14.47 -1.07
CA PRO A 412 31.66 -14.34 -1.97
C PRO A 412 32.77 -13.49 -1.38
N MET A 413 32.43 -12.48 -0.59
CA MET A 413 33.41 -11.66 0.09
C MET A 413 33.74 -12.26 1.45
N CYS A 414 34.61 -11.59 2.19
CA CYS A 414 35.07 -12.11 3.48
C CYS A 414 35.63 -10.96 4.31
N THR A 415 35.85 -11.25 5.60
CA THR A 415 36.49 -10.27 6.47
C THR A 415 37.98 -10.17 6.18
N TYR A 416 38.69 -11.30 6.20
CA TYR A 416 40.08 -11.30 5.79
C TYR A 416 40.42 -12.60 5.09
N GLN A 417 41.67 -12.69 4.65
CA GLN A 417 42.06 -13.67 3.64
C GLN A 417 43.49 -14.12 3.90
N LEU A 418 43.71 -15.43 3.85
CA LEU A 418 45.03 -16.03 4.04
C LEU A 418 45.49 -16.69 2.75
N LEU A 419 46.75 -16.49 2.41
CA LEU A 419 47.33 -16.98 1.16
C LEU A 419 48.37 -18.05 1.44
N PHE A 420 48.34 -19.11 0.65
CA PHE A 420 49.20 -20.27 0.84
C PHE A 420 49.91 -20.63 -0.46
N PRO A 421 51.08 -21.28 -0.37
CA PRO A 421 51.80 -21.67 -1.58
C PRO A 421 51.29 -22.93 -2.27
N HIS A 422 50.43 -23.70 -1.62
CA HIS A 422 49.92 -24.95 -2.16
C HIS A 422 48.42 -25.03 -1.90
N PRO A 423 47.69 -25.80 -2.70
CA PRO A 423 46.25 -25.94 -2.46
C PRO A 423 45.97 -26.54 -1.08
N VAL A 424 44.89 -26.04 -0.46
CA VAL A 424 44.53 -26.39 0.90
C VAL A 424 43.56 -27.56 0.88
N ASN A 425 43.70 -28.47 1.84
CA ASN A 425 42.83 -29.64 1.95
C ASN A 425 41.97 -29.65 3.20
N GLN A 426 42.51 -29.27 4.37
CA GLN A 426 41.71 -29.25 5.58
C GLN A 426 41.96 -27.97 6.38
N VAL A 427 40.91 -27.51 7.06
CA VAL A 427 40.95 -26.32 7.89
C VAL A 427 40.28 -26.67 9.23
N THR A 428 40.89 -26.24 10.34
CA THR A 428 40.30 -26.55 11.63
C THR A 428 40.63 -25.45 12.63
N PHE A 429 39.84 -25.41 13.71
CA PHE A 429 39.98 -24.43 14.78
C PHE A 429 40.46 -25.10 16.05
N LEU A 430 41.01 -24.30 16.96
CA LEU A 430 41.45 -24.81 18.24
C LEU A 430 40.25 -25.19 19.11
N ALA A 431 40.49 -26.10 20.04
CA ALA A 431 39.46 -26.61 20.93
C ALA A 431 39.72 -26.20 22.37
N HIS A 432 40.10 -24.94 22.58
CA HIS A 432 40.30 -24.36 23.89
C HIS A 432 39.23 -23.31 24.15
N PRO A 433 38.62 -23.32 25.34
CA PRO A 433 37.51 -22.38 25.60
C PRO A 433 37.92 -20.92 25.53
N GLN A 434 39.13 -20.56 25.93
CA GLN A 434 39.57 -19.17 25.94
C GLN A 434 40.44 -18.80 24.75
N LYS A 435 40.72 -19.72 23.84
CA LYS A 435 41.59 -19.44 22.70
C LYS A 435 41.00 -20.00 21.43
N SER A 436 39.68 -19.92 21.29
CA SER A 436 38.97 -20.57 20.19
C SER A 436 39.01 -19.78 18.90
N ASN A 437 39.95 -18.84 18.75
CA ASN A 437 40.05 -18.02 17.55
C ASN A 437 41.30 -18.36 16.73
N ASP A 438 42.04 -19.38 17.13
CA ASP A 438 43.23 -19.80 16.41
C ASP A 438 42.85 -20.72 15.26
N LEU A 439 43.75 -20.86 14.29
CA LEU A 439 43.44 -21.62 13.09
C LEU A 439 44.59 -22.54 12.72
N ALA A 440 44.26 -23.69 12.14
CA ALA A 440 45.25 -24.62 11.62
C ALA A 440 44.84 -25.07 10.23
N VAL A 441 45.81 -25.12 9.33
CA VAL A 441 45.57 -25.42 7.91
C VAL A 441 46.50 -26.53 7.46
N LEU A 442 45.96 -27.53 6.78
CA LEU A 442 46.74 -28.62 6.20
C LEU A 442 46.52 -28.62 4.69
N ASP A 443 47.61 -28.56 3.94
CA ASP A 443 47.57 -28.42 2.49
C ASP A 443 48.04 -29.71 1.81
N ALA A 444 48.14 -29.66 0.49
CA ALA A 444 48.39 -30.84 -0.32
C ALA A 444 49.84 -31.34 -0.23
N SER A 445 50.73 -30.60 0.42
CA SER A 445 52.12 -31.01 0.56
C SER A 445 52.42 -31.62 1.92
N ASN A 446 51.39 -31.88 2.73
CA ASN A 446 51.53 -32.53 4.04
C ASN A 446 52.38 -31.70 4.99
N GLN A 447 51.98 -30.44 5.15
CA GLN A 447 52.54 -29.61 6.21
C GLN A 447 51.41 -28.81 6.85
N ILE A 448 51.53 -28.57 8.15
CA ILE A 448 50.49 -27.92 8.93
C ILE A 448 50.96 -26.54 9.32
N SER A 449 50.14 -25.54 9.02
CA SER A 449 50.42 -24.15 9.36
C SER A 449 49.48 -23.67 10.45
N VAL A 450 50.01 -22.90 11.40
CA VAL A 450 49.28 -22.46 12.57
C VAL A 450 49.21 -20.94 12.55
N TYR A 451 48.01 -20.40 12.72
CA TYR A 451 47.78 -18.96 12.75
C TYR A 451 47.19 -18.59 14.10
N LYS A 452 47.82 -17.64 14.79
CA LYS A 452 47.42 -17.28 16.14
C LYS A 452 47.18 -15.78 16.24
N CYS A 453 46.34 -15.40 17.20
CA CYS A 453 45.97 -14.00 17.43
C CYS A 453 46.81 -13.43 18.56
N GLY A 454 47.37 -12.24 18.34
CA GLY A 454 48.19 -11.58 19.33
C GLY A 454 47.90 -10.09 19.38
N ASP A 455 48.52 -9.43 20.35
CA ASP A 455 48.31 -7.99 20.52
C ASP A 455 48.87 -7.20 19.33
N CYS A 456 50.02 -7.61 18.80
CA CYS A 456 50.61 -6.98 17.64
C CYS A 456 50.44 -7.87 16.42
N PRO A 457 49.80 -7.39 15.36
CA PRO A 457 49.58 -8.25 14.18
C PRO A 457 50.86 -8.72 13.51
N SER A 458 51.98 -8.02 13.72
CA SER A 458 53.29 -8.30 13.14
C SER A 458 53.34 -8.04 11.63
N ALA A 459 52.21 -7.73 11.00
CA ALA A 459 52.16 -7.30 9.60
C ALA A 459 52.85 -8.30 8.67
N ASP A 460 52.51 -9.57 8.83
CA ASP A 460 53.03 -10.58 7.91
C ASP A 460 52.38 -10.39 6.53
N PRO A 461 53.09 -10.69 5.45
CA PRO A 461 52.57 -10.40 4.11
C PRO A 461 51.54 -11.40 3.60
N THR A 462 51.21 -12.41 4.40
CA THR A 462 50.30 -13.47 3.97
C THR A 462 48.87 -13.24 4.42
N VAL A 463 48.58 -12.11 5.06
CA VAL A 463 47.23 -11.81 5.55
C VAL A 463 46.76 -10.55 4.82
N LYS A 464 45.60 -10.63 4.19
CA LYS A 464 45.02 -9.50 3.49
C LYS A 464 43.61 -9.23 4.00
N LEU A 465 43.16 -8.00 3.79
CA LEU A 465 41.82 -7.58 4.20
C LEU A 465 40.87 -7.68 3.03
N GLY A 466 39.62 -8.02 3.33
CA GLY A 466 38.61 -8.23 2.31
C GLY A 466 37.72 -7.04 2.06
N ALA A 467 36.49 -7.11 2.54
CA ALA A 467 35.50 -6.06 2.30
C ALA A 467 35.52 -4.97 3.37
N VAL A 468 36.41 -5.08 4.36
CA VAL A 468 36.51 -4.09 5.41
C VAL A 468 37.72 -3.18 5.22
N GLY A 469 38.21 -3.07 3.97
CA GLY A 469 39.38 -2.27 3.68
C GLY A 469 39.16 -1.41 2.46
N GLY A 470 40.14 -0.58 2.18
CA GLY A 470 40.09 0.34 1.07
C GLY A 470 40.79 1.64 1.43
N SER A 471 40.55 2.65 0.62
CA SER A 471 41.14 3.98 0.82
C SER A 471 40.13 4.82 1.58
N GLY A 472 40.42 5.10 2.85
CA GLY A 472 39.56 5.90 3.70
C GLY A 472 38.73 5.11 4.68
N PHE A 473 38.63 3.80 4.52
CA PHE A 473 37.87 2.96 5.42
C PHE A 473 38.78 2.42 6.52
N LYS A 474 38.26 2.38 7.75
CA LYS A 474 39.05 1.92 8.89
C LYS A 474 38.13 1.27 9.90
N VAL A 475 38.42 0.02 10.26
CA VAL A 475 37.64 -0.72 11.24
C VAL A 475 38.61 -1.41 12.19
N CYS A 476 38.25 -1.44 13.47
CA CYS A 476 39.14 -1.95 14.52
C CYS A 476 38.87 -3.43 14.73
N LEU A 477 39.81 -4.27 14.32
CA LEU A 477 39.72 -5.70 14.58
C LEU A 477 41.13 -6.27 14.66
N ARG A 478 41.23 -7.45 15.27
CA ARG A 478 42.50 -8.12 15.49
C ARG A 478 42.66 -9.22 14.44
N THR A 479 43.72 -9.11 13.64
CA THR A 479 43.98 -10.15 12.66
C THR A 479 45.07 -11.10 13.15
N PRO A 480 45.02 -12.36 12.74
CA PRO A 480 46.03 -13.32 13.21
C PRO A 480 47.34 -13.13 12.47
N HIS A 481 48.33 -13.93 12.88
CA HIS A 481 49.63 -13.95 12.24
C HIS A 481 50.17 -15.37 12.28
N LEU A 482 51.07 -15.65 11.33
CA LEU A 482 51.72 -16.95 11.26
C LEU A 482 52.63 -17.15 12.46
N GLU A 483 52.69 -18.39 12.92
CA GLU A 483 53.54 -18.74 14.06
C GLU A 483 54.49 -19.89 13.80
N LYS A 484 54.10 -20.93 13.06
CA LYS A 484 54.97 -22.04 12.73
C LYS A 484 54.57 -22.61 11.38
N ARG A 485 55.43 -23.47 10.84
CA ARG A 485 55.11 -24.29 9.67
C ARG A 485 55.66 -25.69 9.93
N TYR A 486 54.82 -26.53 10.52
CA TYR A 486 55.26 -27.85 10.95
C TYR A 486 55.40 -28.79 9.76
N LYS A 487 56.26 -29.80 9.94
CA LYS A 487 56.46 -30.85 8.97
C LYS A 487 56.22 -32.21 9.63
N ILE A 488 55.51 -33.07 8.92
CA ILE A 488 55.13 -34.38 9.45
C ILE A 488 56.12 -35.42 8.95
N GLN A 489 56.67 -36.20 9.87
CA GLN A 489 57.56 -37.31 9.54
C GLN A 489 56.90 -38.61 9.99
N PHE A 490 56.90 -39.63 9.12
CA PHE A 490 56.32 -40.93 9.44
C PHE A 490 57.39 -41.89 9.94
N GLU A 491 57.03 -43.16 10.10
CA GLU A 491 57.99 -44.18 10.56
C GLU A 491 58.99 -44.45 9.45
N ASN A 492 60.20 -43.92 9.61
CA ASN A 492 61.27 -44.07 8.63
C ASN A 492 60.84 -43.48 7.29
N ASN A 493 61.55 -43.83 6.22
CA ASN A 493 61.21 -43.37 4.88
C ASN A 493 60.66 -44.56 4.10
N GLU A 494 59.47 -44.38 3.52
CA GLU A 494 58.80 -45.42 2.76
C GLU A 494 58.08 -44.79 1.57
N ASP A 495 57.73 -45.62 0.61
CA ASP A 495 56.99 -45.18 -0.56
C ASP A 495 55.56 -44.78 -0.23
N GLN A 496 55.15 -44.87 1.04
CA GLN A 496 53.79 -44.57 1.49
C GLN A 496 52.83 -45.43 0.66
N ASP A 497 51.84 -44.84 -0.01
CA ASP A 497 50.89 -45.60 -0.80
C ASP A 497 50.52 -44.76 -2.02
N VAL A 498 49.90 -45.40 -3.00
CA VAL A 498 49.39 -44.68 -4.17
C VAL A 498 48.26 -43.78 -3.70
N ASN A 499 47.69 -44.09 -2.54
CA ASN A 499 46.69 -43.23 -1.93
C ASN A 499 47.37 -41.97 -1.39
N PRO A 500 47.01 -40.79 -1.88
CA PRO A 500 47.66 -39.56 -1.39
C PRO A 500 47.02 -38.95 -0.15
N LEU A 501 45.88 -39.46 0.30
CA LEU A 501 45.16 -38.91 1.45
C LEU A 501 45.18 -39.96 2.56
N LYS A 502 46.22 -39.90 3.40
CA LYS A 502 46.42 -40.88 4.45
C LYS A 502 45.96 -40.41 5.81
N LEU A 503 46.01 -39.11 6.08
CA LEU A 503 45.57 -38.55 7.35
C LEU A 503 44.22 -37.88 7.16
N GLY A 504 43.20 -38.35 7.89
CA GLY A 504 41.88 -37.79 7.81
C GLY A 504 41.35 -37.46 9.20
N LEU A 505 40.29 -36.65 9.22
CA LEU A 505 39.64 -36.24 10.46
C LEU A 505 40.62 -35.58 11.41
N LEU A 506 41.45 -34.69 10.88
CA LEU A 506 42.42 -33.97 11.69
C LEU A 506 41.71 -33.14 12.74
N THR A 507 42.18 -33.22 13.98
CA THR A 507 41.53 -32.53 15.10
C THR A 507 42.60 -31.94 16.00
N TRP A 508 42.54 -30.62 16.20
CA TRP A 508 43.51 -29.91 17.03
C TRP A 508 42.96 -29.83 18.44
N ILE A 509 43.49 -30.66 19.36
CA ILE A 509 42.87 -30.78 20.68
C ILE A 509 43.62 -30.02 21.76
N GLU A 510 44.83 -29.55 21.48
CA GLU A 510 45.60 -28.79 22.45
C GLU A 510 46.63 -28.00 21.68
N GLU A 511 47.18 -26.97 22.32
CA GLU A 511 48.05 -26.08 21.56
C GLU A 511 49.30 -26.79 20.99
N ASP A 512 49.52 -28.07 21.31
CA ASP A 512 50.60 -28.81 20.67
C ASP A 512 50.22 -30.25 20.35
N VAL A 513 48.92 -30.61 20.30
CA VAL A 513 48.51 -31.99 20.10
C VAL A 513 47.44 -32.05 19.02
N PHE A 514 47.66 -32.90 18.02
CA PHE A 514 46.71 -33.18 16.96
C PHE A 514 46.38 -34.66 16.95
N LEU A 515 45.17 -34.98 16.50
CA LEU A 515 44.70 -36.35 16.35
C LEU A 515 44.29 -36.59 14.91
N ALA A 516 44.64 -37.75 14.37
CA ALA A 516 44.30 -38.12 13.00
C ALA A 516 43.96 -39.61 12.95
N VAL A 517 43.19 -39.97 11.93
CA VAL A 517 42.69 -41.33 11.76
C VAL A 517 43.14 -41.86 10.41
N SER A 518 43.74 -43.04 10.41
CA SER A 518 44.22 -43.69 9.19
C SER A 518 43.51 -45.02 9.01
N HIS A 519 43.28 -45.39 7.75
CA HIS A 519 42.57 -46.62 7.41
C HIS A 519 43.54 -47.65 6.86
N SER A 520 43.26 -48.92 7.14
CA SER A 520 44.07 -50.03 6.68
C SER A 520 43.57 -50.53 5.34
N GLU A 521 44.29 -51.49 4.76
CA GLU A 521 43.96 -52.02 3.44
C GLU A 521 43.86 -53.53 3.39
N PHE A 522 44.17 -54.25 4.48
CA PHE A 522 44.04 -55.69 4.52
C PHE A 522 42.87 -56.12 5.40
N SER A 523 42.85 -55.69 6.62
CA SER A 523 41.74 -55.97 7.50
C SER A 523 40.89 -54.71 7.69
N PRO A 524 39.60 -54.86 7.98
CA PRO A 524 38.79 -53.67 8.28
C PRO A 524 39.19 -53.07 9.62
N ARG A 525 40.27 -52.30 9.62
CA ARG A 525 40.89 -51.80 10.84
C ARG A 525 41.21 -50.32 10.66
N SER A 526 41.33 -49.62 11.79
CA SER A 526 41.65 -48.20 11.77
C SER A 526 42.70 -47.91 12.84
N VAL A 527 43.42 -46.81 12.64
CA VAL A 527 44.50 -46.41 13.54
C VAL A 527 44.28 -44.95 13.92
N ILE A 528 44.50 -44.65 15.21
CA ILE A 528 44.46 -43.29 15.73
C ILE A 528 45.89 -42.87 16.07
N HIS A 529 46.31 -41.72 15.55
CA HIS A 529 47.66 -41.23 15.72
C HIS A 529 47.69 -40.05 16.68
N HIS A 530 48.88 -39.78 17.20
CA HIS A 530 49.12 -38.63 18.08
C HIS A 530 50.24 -37.79 17.46
N LEU A 531 49.90 -36.62 16.96
CA LEU A 531 50.89 -35.71 16.39
C LEU A 531 51.25 -34.67 17.43
N THR A 532 52.47 -34.73 17.94
CA THR A 532 52.94 -33.81 18.97
C THR A 532 54.18 -33.08 18.49
N ALA A 533 54.31 -31.83 18.92
CA ALA A 533 55.40 -30.96 18.47
C ALA A 533 56.60 -31.13 19.37
N ALA A 534 57.75 -31.43 18.77
CA ALA A 534 58.99 -31.64 19.50
C ALA A 534 60.06 -30.73 18.94
N SER A 535 60.78 -30.05 19.84
CA SER A 535 61.89 -29.17 19.46
C SER A 535 62.88 -29.14 20.61
N SER A 536 64.17 -29.28 20.27
CA SER A 536 65.21 -29.20 21.29
C SER A 536 65.24 -27.82 21.94
N GLU A 537 65.15 -26.77 21.13
CA GLU A 537 65.07 -25.39 21.60
C GLU A 537 64.67 -24.52 20.42
N MET A 538 64.56 -23.21 20.66
CA MET A 538 64.20 -22.26 19.61
C MET A 538 65.40 -22.03 18.68
N ASP A 539 65.71 -23.08 17.92
CA ASP A 539 66.86 -23.01 17.00
C ASP A 539 66.57 -22.09 15.82
N GLU A 540 65.40 -22.26 15.20
CA GLU A 540 65.02 -21.44 14.05
C GLU A 540 63.50 -21.57 13.85
N GLU A 541 63.02 -21.08 12.71
CA GLU A 541 61.64 -21.25 12.32
C GLU A 541 61.38 -22.70 11.93
N HIS A 542 60.14 -23.01 11.57
CA HIS A 542 59.71 -24.35 11.17
C HIS A 542 59.79 -25.32 12.34
N GLY A 543 59.35 -26.55 12.13
CA GLY A 543 59.30 -27.50 13.23
C GLY A 543 59.04 -28.90 12.72
N GLN A 544 58.88 -29.82 13.67
CA GLN A 544 58.75 -31.23 13.35
C GLN A 544 57.70 -31.85 14.26
N LEU A 545 56.73 -32.54 13.66
CA LEU A 545 55.65 -33.20 14.38
C LEU A 545 55.92 -34.69 14.36
N ASN A 546 56.29 -35.25 15.51
CA ASN A 546 56.66 -36.65 15.63
C ASN A 546 55.46 -37.46 16.06
N VAL A 547 55.12 -38.48 15.28
CA VAL A 547 54.07 -39.41 15.67
C VAL A 547 54.52 -40.12 16.93
N SER A 548 53.87 -39.84 18.06
CA SER A 548 54.31 -40.35 19.34
C SER A 548 53.45 -41.50 19.87
N SER A 549 52.39 -41.87 19.16
CA SER A 549 51.52 -42.94 19.63
C SER A 549 50.75 -43.50 18.44
N SER A 550 50.12 -44.65 18.66
CA SER A 550 49.29 -45.28 17.64
C SER A 550 48.38 -46.29 18.32
N ALA A 551 47.08 -46.13 18.16
CA ALA A 551 46.10 -47.03 18.74
C ALA A 551 45.31 -47.73 17.63
N ALA A 552 45.04 -49.01 17.81
CA ALA A 552 44.38 -49.84 16.81
C ALA A 552 42.95 -50.10 17.20
N VAL A 553 42.05 -50.02 16.22
CA VAL A 553 40.62 -50.22 16.44
C VAL A 553 40.09 -51.14 15.35
N ASP A 554 39.28 -52.12 15.75
CA ASP A 554 38.59 -52.99 14.80
C ASP A 554 37.33 -52.29 14.31
N GLY A 555 37.17 -52.23 12.99
CA GLY A 555 36.06 -51.52 12.39
C GLY A 555 36.51 -50.23 11.72
N VAL A 556 35.59 -49.64 10.97
CA VAL A 556 35.87 -48.43 10.21
C VAL A 556 35.34 -47.23 10.97
N ILE A 557 36.22 -46.29 11.29
CA ILE A 557 35.86 -45.07 11.98
C ILE A 557 35.39 -44.05 10.95
N ILE A 558 34.23 -43.45 11.19
CA ILE A 558 33.67 -42.49 10.25
C ILE A 558 33.44 -41.11 10.84
N SER A 559 33.60 -40.92 12.15
CA SER A 559 33.49 -39.59 12.71
C SER A 559 34.15 -39.54 14.08
N LEU A 560 34.79 -38.41 14.38
CA LEU A 560 35.48 -38.17 15.62
C LEU A 560 35.04 -36.80 16.15
N CYS A 561 34.68 -36.73 17.42
CA CYS A 561 34.17 -35.49 17.99
C CYS A 561 34.80 -35.25 19.35
N CYS A 562 34.88 -33.97 19.73
CA CYS A 562 35.50 -33.56 20.98
C CYS A 562 34.67 -32.46 21.64
N ASN A 563 34.78 -32.38 22.97
CA ASN A 563 34.14 -31.33 23.74
C ASN A 563 35.21 -30.47 24.39
N SER A 564 35.13 -29.16 24.17
CA SER A 564 36.17 -28.25 24.62
C SER A 564 36.11 -27.96 26.12
N LYS A 565 34.98 -28.25 26.77
CA LYS A 565 34.81 -27.95 28.18
C LYS A 565 35.05 -29.17 29.07
N THR A 566 34.45 -30.31 28.72
CA THR A 566 34.61 -31.51 29.52
C THR A 566 35.77 -32.39 29.06
N LYS A 567 36.35 -32.08 27.90
CA LYS A 567 37.51 -32.81 27.38
C LYS A 567 37.22 -34.29 27.15
N SER A 568 36.17 -34.59 26.41
CA SER A 568 35.81 -35.96 26.08
C SER A 568 35.86 -36.17 24.57
N VAL A 569 36.35 -37.34 24.16
CA VAL A 569 36.55 -37.66 22.75
C VAL A 569 35.71 -38.88 22.40
N VAL A 570 34.94 -38.78 21.31
CA VAL A 570 33.93 -39.76 20.94
C VAL A 570 34.17 -40.21 19.51
N LEU A 571 34.11 -41.52 19.30
CA LEU A 571 34.33 -42.17 18.01
C LEU A 571 33.04 -42.83 17.54
N GLN A 572 32.79 -42.80 16.25
CA GLN A 572 31.67 -43.52 15.66
C GLN A 572 32.19 -44.52 14.62
N LEU A 573 31.74 -45.76 14.72
CA LEU A 573 32.12 -46.80 13.78
C LEU A 573 31.15 -46.82 12.61
N ALA A 574 31.37 -47.74 11.68
CA ALA A 574 30.58 -47.78 10.45
C ALA A 574 29.20 -48.41 10.64
N ASP A 575 28.98 -49.15 11.73
CA ASP A 575 27.69 -49.78 11.98
C ASP A 575 26.81 -48.97 12.93
N GLY A 576 27.39 -48.10 13.74
CA GLY A 576 26.60 -47.24 14.61
C GLY A 576 27.08 -47.18 16.04
N GLN A 577 28.01 -48.05 16.40
CA GLN A 577 28.46 -48.11 17.78
C GLN A 577 29.27 -46.87 18.14
N ILE A 578 29.02 -46.34 19.33
CA ILE A 578 29.67 -45.13 19.82
C ILE A 578 30.68 -45.52 20.87
N PHE A 579 31.89 -44.98 20.78
CA PHE A 579 32.95 -45.31 21.71
C PHE A 579 33.54 -44.05 22.31
N LYS A 580 34.06 -44.19 23.52
CA LYS A 580 34.75 -43.12 24.25
C LYS A 580 36.24 -43.44 24.28
N TYR A 581 37.05 -42.45 23.93
CA TYR A 581 38.50 -42.60 23.83
C TYR A 581 39.16 -41.69 24.84
N LEU A 582 40.03 -42.26 25.68
CA LEU A 582 40.79 -41.51 26.67
C LEU A 582 42.20 -41.33 26.18
N TRP A 583 42.61 -40.08 25.95
CA TRP A 583 43.94 -39.79 25.44
C TRP A 583 44.92 -39.38 26.51
N GLU A 584 44.46 -38.75 27.59
CA GLU A 584 45.34 -38.35 28.67
C GLU A 584 45.75 -39.50 29.57
N SER A 585 45.02 -40.62 29.52
CA SER A 585 45.35 -41.76 30.36
C SER A 585 46.64 -42.43 29.87
N PRO A 586 47.36 -43.10 30.76
CA PRO A 586 48.55 -43.85 30.34
C PRO A 586 48.24 -45.18 29.68
N SER A 587 46.98 -45.62 29.65
CA SER A 587 46.60 -46.88 29.04
C SER A 587 46.00 -46.72 27.65
N LEU A 588 45.49 -45.54 27.30
CA LEU A 588 44.92 -45.28 25.97
C LEU A 588 43.81 -46.26 25.64
N ALA A 589 42.99 -46.59 26.64
CA ALA A 589 41.92 -47.57 26.46
C ALA A 589 40.73 -46.95 25.72
N ILE A 590 39.90 -47.82 25.17
CA ILE A 590 38.70 -47.43 24.44
C ILE A 590 37.52 -48.18 25.03
N LYS A 591 36.45 -47.46 25.34
CA LYS A 591 35.32 -48.04 26.05
C LYS A 591 34.03 -47.77 25.29
N PRO A 592 33.00 -48.58 25.51
CA PRO A 592 31.68 -48.24 24.95
C PRO A 592 31.06 -47.07 25.68
N TRP A 593 30.14 -46.40 24.99
CA TRP A 593 29.46 -45.23 25.53
C TRP A 593 28.13 -45.67 26.16
N LYS A 594 27.95 -45.34 27.44
CA LYS A 594 26.81 -45.81 28.22
C LYS A 594 25.76 -44.72 28.33
N ASN A 595 24.50 -45.12 28.29
CA ASN A 595 23.38 -44.21 28.51
C ASN A 595 23.03 -44.18 29.99
N SER A 596 21.87 -43.61 30.33
CA SER A 596 21.43 -43.54 31.71
C SER A 596 21.21 -44.93 32.30
N GLY A 597 20.71 -45.85 31.48
CA GLY A 597 20.39 -47.19 31.96
C GLY A 597 21.56 -48.13 32.10
N GLY A 598 22.78 -47.68 31.78
CA GLY A 598 23.95 -48.52 31.88
C GLY A 598 24.17 -49.44 30.71
N PHE A 599 23.48 -49.22 29.59
CA PHE A 599 23.58 -50.05 28.41
C PHE A 599 24.40 -49.35 27.33
N PRO A 600 25.04 -50.10 26.44
CA PRO A 600 25.79 -49.46 25.36
C PRO A 600 24.87 -48.82 24.34
N VAL A 601 25.39 -47.80 23.68
CA VAL A 601 24.61 -46.96 22.78
C VAL A 601 24.98 -47.31 21.34
N ARG A 602 23.96 -47.46 20.49
CA ARG A 602 24.15 -47.72 19.07
C ARG A 602 23.17 -46.87 18.27
N PHE A 603 23.69 -46.12 17.31
CA PHE A 603 22.82 -45.40 16.39
C PHE A 603 22.15 -46.40 15.46
N PRO A 604 20.83 -46.33 15.29
CA PRO A 604 20.17 -47.24 14.34
C PRO A 604 20.69 -47.12 12.93
N TYR A 605 21.08 -45.92 12.50
CA TYR A 605 21.59 -45.68 11.16
C TYR A 605 22.87 -44.86 11.22
N PRO A 606 23.72 -44.96 10.20
CA PRO A 606 24.97 -44.17 10.20
C PRO A 606 24.67 -42.70 10.00
N CYS A 607 24.96 -41.90 11.02
CA CYS A 607 24.74 -40.46 10.97
C CYS A 607 25.94 -39.77 10.37
N THR A 608 25.69 -38.67 9.66
CA THR A 608 26.77 -37.94 9.01
C THR A 608 27.26 -36.75 9.82
N GLN A 609 26.45 -36.23 10.75
CA GLN A 609 26.89 -35.15 11.62
C GLN A 609 26.66 -35.55 13.07
N THR A 610 27.66 -35.35 13.91
CA THR A 610 27.59 -35.75 15.30
C THR A 610 28.08 -34.61 16.18
N GLU A 611 27.54 -34.56 17.40
CA GLU A 611 27.96 -33.54 18.35
C GLU A 611 27.71 -34.06 19.76
N LEU A 612 28.39 -33.46 20.74
CA LEU A 612 28.27 -33.85 22.14
C LEU A 612 27.75 -32.67 22.94
N ALA A 613 26.68 -32.88 23.70
CA ALA A 613 26.04 -31.82 24.44
C ALA A 613 25.84 -32.24 25.89
N MET A 614 25.36 -31.31 26.71
CA MET A 614 25.09 -31.55 28.13
C MET A 614 23.64 -31.20 28.42
N ILE A 615 22.77 -32.19 28.37
CA ILE A 615 21.34 -32.00 28.61
C ILE A 615 21.07 -32.23 30.09
N GLY A 616 20.39 -31.28 30.72
CA GLY A 616 20.12 -31.39 32.13
C GLY A 616 21.40 -31.44 32.93
N GLU A 617 21.72 -32.62 33.45
CA GLU A 617 22.96 -32.84 34.19
C GLU A 617 23.67 -34.08 33.67
N GLU A 618 23.53 -34.38 32.39
CA GLU A 618 24.17 -35.55 31.80
C GLU A 618 24.59 -35.24 30.38
N GLU A 619 25.76 -35.76 29.99
CA GLU A 619 26.18 -35.62 28.61
C GLU A 619 25.37 -36.54 27.71
N CYS A 620 25.21 -36.12 26.46
CA CYS A 620 24.47 -36.87 25.46
C CYS A 620 25.14 -36.68 24.12
N VAL A 621 24.90 -37.62 23.22
CA VAL A 621 25.42 -37.59 21.86
C VAL A 621 24.28 -37.36 20.91
N LEU A 622 24.36 -36.28 20.13
CA LEU A 622 23.34 -35.91 19.17
C LEU A 622 23.82 -36.26 17.77
N GLY A 623 22.93 -36.85 16.97
CA GLY A 623 23.30 -37.26 15.63
C GLY A 623 22.27 -36.94 14.57
N LEU A 624 22.74 -36.59 13.38
CA LEU A 624 21.88 -36.30 12.24
C LEU A 624 22.40 -37.03 11.02
N THR A 625 21.49 -37.69 10.30
CA THR A 625 21.82 -38.43 9.10
C THR A 625 21.49 -37.59 7.88
N ASP A 626 21.79 -38.12 6.70
CA ASP A 626 21.50 -37.44 5.45
C ASP A 626 20.10 -37.72 4.93
N ARG A 627 19.31 -38.52 5.65
CA ARG A 627 17.91 -38.74 5.33
C ARG A 627 16.97 -38.00 6.27
N CYS A 628 17.47 -36.97 6.95
CA CYS A 628 16.66 -36.11 7.82
C CYS A 628 16.09 -36.89 9.00
N ARG A 629 16.97 -37.46 9.80
CA ARG A 629 16.60 -38.15 11.02
C ARG A 629 17.48 -37.68 12.17
N PHE A 630 16.85 -37.42 13.32
CA PHE A 630 17.56 -36.85 14.45
C PHE A 630 17.55 -37.83 15.61
N PHE A 631 18.73 -38.12 16.16
CA PHE A 631 18.86 -39.07 17.27
C PHE A 631 19.48 -38.37 18.47
N ILE A 632 18.88 -38.57 19.64
CA ILE A 632 19.48 -38.22 20.91
C ILE A 632 19.80 -39.54 21.62
N ASN A 633 21.08 -39.79 21.87
CA ASN A 633 21.56 -41.09 22.33
C ASN A 633 21.08 -42.12 21.33
N ASP A 634 20.35 -43.16 21.73
CA ASP A 634 19.95 -44.21 20.81
C ASP A 634 18.48 -44.12 20.40
N ILE A 635 17.78 -43.05 20.73
CA ILE A 635 16.35 -42.94 20.50
C ILE A 635 16.09 -41.84 19.48
N GLU A 636 15.37 -42.18 18.42
CA GLU A 636 14.97 -41.18 17.44
C GLU A 636 13.91 -40.26 18.02
N VAL A 637 14.10 -38.95 17.83
CA VAL A 637 13.19 -37.96 18.37
C VAL A 637 12.54 -37.09 17.31
N ALA A 638 13.06 -37.07 16.08
CA ALA A 638 12.45 -36.28 15.02
C ALA A 638 12.88 -36.84 13.68
N SER A 639 12.08 -36.56 12.65
CA SER A 639 12.28 -37.19 11.35
C SER A 639 12.19 -36.23 10.17
N ASN A 640 12.24 -34.92 10.37
CA ASN A 640 12.24 -33.97 9.26
C ASN A 640 13.19 -32.83 9.51
N ILE A 641 14.40 -33.13 10.01
CA ILE A 641 15.36 -32.10 10.40
C ILE A 641 16.40 -31.97 9.29
N THR A 642 16.82 -30.73 9.00
CA THR A 642 17.82 -30.46 7.98
C THR A 642 19.09 -29.80 8.52
N SER A 643 19.07 -29.28 9.74
CA SER A 643 20.24 -28.63 10.30
C SER A 643 20.04 -28.50 11.80
N PHE A 644 21.14 -28.43 12.54
CA PHE A 644 21.03 -28.17 13.97
C PHE A 644 22.34 -27.58 14.48
N ALA A 645 22.24 -26.93 15.63
CA ALA A 645 23.41 -26.34 16.26
C ALA A 645 23.18 -26.20 17.76
N VAL A 646 24.27 -26.17 18.52
CA VAL A 646 24.22 -25.97 19.96
C VAL A 646 25.18 -24.82 20.30
N TYR A 647 24.63 -23.75 20.87
CA TYR A 647 25.43 -22.58 21.21
C TYR A 647 24.91 -21.97 22.49
N ASP A 648 25.78 -21.84 23.49
CA ASP A 648 25.46 -21.25 24.78
C ASP A 648 24.21 -21.89 25.38
N GLU A 649 24.26 -23.22 25.52
CA GLU A 649 23.24 -23.95 26.26
C GLU A 649 21.86 -23.77 25.62
N PHE A 650 21.83 -23.77 24.29
CA PHE A 650 20.62 -23.61 23.50
C PHE A 650 20.72 -24.54 22.30
N LEU A 651 19.61 -25.18 21.95
CA LEU A 651 19.54 -26.07 20.79
C LEU A 651 18.71 -25.40 19.70
N LEU A 652 19.23 -25.40 18.47
CA LEU A 652 18.57 -24.74 17.35
C LEU A 652 18.40 -25.73 16.21
N LEU A 653 17.18 -25.78 15.65
CA LEU A 653 16.80 -26.78 14.66
C LEU A 653 16.05 -26.12 13.51
N THR A 654 16.13 -26.75 12.34
CA THR A 654 15.41 -26.31 11.14
C THR A 654 14.73 -27.52 10.50
N THR A 655 13.48 -27.36 10.09
CA THR A 655 12.69 -28.50 9.65
C THR A 655 12.28 -28.39 8.18
N HIS A 656 11.80 -29.52 7.64
CA HIS A 656 11.17 -29.53 6.31
C HIS A 656 9.94 -28.66 6.24
N SER A 657 9.21 -28.51 7.34
CA SER A 657 7.99 -27.71 7.34
C SER A 657 8.26 -26.22 7.32
N HIS A 658 9.50 -25.83 7.03
CA HIS A 658 9.91 -24.43 6.93
C HIS A 658 9.71 -23.71 8.26
N THR A 659 10.31 -24.28 9.31
CA THR A 659 10.25 -23.72 10.64
C THR A 659 11.61 -23.84 11.31
N CYS A 660 11.88 -22.90 12.22
CA CYS A 660 13.07 -22.87 13.04
C CYS A 660 12.65 -22.95 14.50
N GLN A 661 13.35 -23.76 15.29
CA GLN A 661 12.97 -24.00 16.67
C GLN A 661 14.18 -23.83 17.59
N CYS A 662 13.93 -23.28 18.77
CA CYS A 662 14.97 -23.00 19.75
C CYS A 662 14.53 -23.53 21.11
N PHE A 663 15.37 -24.36 21.72
CA PHE A 663 15.08 -25.01 22.99
C PHE A 663 16.16 -24.66 24.01
N CYS A 664 15.76 -24.39 25.24
CA CYS A 664 16.71 -24.18 26.32
C CYS A 664 17.11 -25.52 26.92
N LEU A 665 18.40 -25.66 27.24
CA LEU A 665 18.94 -26.91 27.75
C LEU A 665 19.30 -26.86 29.22
N ARG A 666 19.23 -25.69 29.86
CA ARG A 666 19.62 -25.60 31.26
C ARG A 666 18.68 -26.40 32.14
N ASP A 667 17.38 -26.35 31.87
CA ASP A 667 16.37 -27.10 32.62
C ASP A 667 15.48 -27.86 31.63
N ALA A 668 15.94 -29.04 31.23
CA ALA A 668 15.18 -29.86 30.29
C ALA A 668 15.58 -31.31 30.49
N SER A 669 14.75 -32.20 29.96
CA SER A 669 15.00 -33.63 30.04
C SER A 669 14.64 -34.27 28.70
N PHE A 670 14.98 -35.55 28.56
CA PHE A 670 14.69 -36.26 27.34
C PHE A 670 13.19 -36.28 27.04
N LYS A 671 12.39 -36.50 28.08
CA LYS A 671 10.93 -36.53 27.90
C LYS A 671 10.41 -35.19 27.42
N THR A 672 10.91 -34.09 28.00
CA THR A 672 10.45 -32.77 27.59
C THR A 672 10.80 -32.49 26.14
N LEU A 673 12.03 -32.80 25.73
CA LEU A 673 12.44 -32.57 24.35
C LEU A 673 11.63 -33.42 23.38
N GLN A 674 11.37 -34.68 23.75
CA GLN A 674 10.55 -35.52 22.89
C GLN A 674 9.13 -34.97 22.80
N ALA A 675 8.59 -34.46 23.91
CA ALA A 675 7.26 -33.88 23.88
C ALA A 675 7.21 -32.64 22.98
N GLY A 676 8.25 -31.81 23.03
CA GLY A 676 8.30 -30.67 22.14
C GLY A 676 8.33 -31.07 20.68
N LEU A 677 9.17 -32.04 20.34
CA LEU A 677 9.24 -32.58 18.99
C LEU A 677 8.38 -33.83 18.85
N SER A 678 7.12 -33.74 19.25
CA SER A 678 6.22 -34.89 19.23
C SER A 678 5.33 -34.94 18.01
N SER A 679 5.37 -33.92 17.14
CA SER A 679 4.56 -33.83 15.93
C SER A 679 3.06 -33.83 16.22
N ASN A 680 2.67 -33.73 17.49
CA ASN A 680 1.29 -33.70 17.92
C ASN A 680 1.08 -32.58 18.93
N HIS A 681 1.80 -31.48 18.74
CA HIS A 681 1.82 -30.36 19.67
C HIS A 681 1.34 -29.10 18.97
N VAL A 682 0.42 -28.38 19.61
CA VAL A 682 -0.02 -27.10 19.07
C VAL A 682 1.03 -26.04 19.34
N SER A 683 1.37 -25.28 18.30
CA SER A 683 2.45 -24.31 18.39
C SER A 683 2.04 -23.09 19.21
N HIS A 684 2.98 -22.60 20.02
CA HIS A 684 2.83 -21.34 20.73
C HIS A 684 4.02 -20.45 20.40
N GLY A 685 3.73 -19.18 20.18
CA GLY A 685 4.69 -18.28 19.58
C GLY A 685 5.84 -17.81 20.43
N GLU A 686 6.61 -18.74 20.98
CA GLU A 686 7.90 -18.37 21.58
C GLU A 686 9.00 -19.31 21.10
N VAL A 687 8.63 -20.52 20.70
CA VAL A 687 9.62 -21.51 20.32
C VAL A 687 9.68 -21.69 18.80
N LEU A 688 8.57 -21.51 18.10
CA LEU A 688 8.48 -21.79 16.67
C LEU A 688 8.41 -20.50 15.88
N ARG A 689 9.19 -20.41 14.80
CA ARG A 689 9.19 -19.27 13.90
C ARG A 689 9.26 -19.77 12.46
N LYS A 690 8.64 -19.03 11.55
CA LYS A 690 8.61 -19.40 10.15
C LYS A 690 9.79 -18.80 9.40
N VAL A 691 10.28 -19.52 8.40
CA VAL A 691 11.40 -19.11 7.57
C VAL A 691 11.06 -19.41 6.12
N GLU A 692 12.03 -19.19 5.23
CA GLU A 692 11.87 -19.47 3.82
C GLU A 692 12.01 -20.96 3.56
N ARG A 693 12.13 -21.33 2.29
CA ARG A 693 12.27 -22.72 1.88
C ARG A 693 13.74 -23.05 1.66
N GLY A 694 14.19 -24.17 2.21
CA GLY A 694 15.58 -24.58 2.07
C GLY A 694 16.57 -23.73 2.81
N SER A 695 16.24 -23.27 4.00
CA SER A 695 17.15 -22.49 4.83
C SER A 695 18.12 -23.41 5.55
N ARG A 696 19.32 -22.90 5.82
CA ARG A 696 20.33 -23.64 6.56
C ARG A 696 20.96 -22.73 7.60
N ILE A 697 21.31 -23.32 8.75
CA ILE A 697 21.95 -22.56 9.81
C ILE A 697 23.43 -22.45 9.53
N VAL A 698 23.95 -21.22 9.51
CA VAL A 698 25.37 -20.99 9.30
C VAL A 698 26.05 -20.89 10.66
N THR A 699 25.60 -19.96 11.49
CA THR A 699 26.18 -19.81 12.82
C THR A 699 25.21 -19.02 13.70
N VAL A 700 25.58 -18.89 14.97
CA VAL A 700 24.75 -18.27 15.99
C VAL A 700 25.59 -17.25 16.75
N VAL A 701 25.03 -16.06 16.99
CA VAL A 701 25.70 -15.04 17.79
C VAL A 701 24.89 -14.87 19.07
N PRO A 702 25.19 -15.62 20.12
CA PRO A 702 24.37 -15.52 21.34
C PRO A 702 24.55 -14.21 22.09
N GLN A 703 25.72 -13.58 21.99
CA GLN A 703 25.96 -12.33 22.70
C GLN A 703 25.05 -11.20 22.21
N ASP A 704 24.68 -11.22 20.94
CA ASP A 704 23.73 -10.26 20.39
C ASP A 704 22.37 -10.87 20.10
N THR A 705 22.18 -12.14 20.43
CA THR A 705 20.91 -12.85 20.20
C THR A 705 20.53 -12.81 18.72
N LYS A 706 21.39 -13.38 17.89
CA LYS A 706 21.19 -13.41 16.45
C LYS A 706 21.45 -14.80 15.91
N LEU A 707 20.81 -15.10 14.79
CA LEU A 707 20.99 -16.37 14.10
C LEU A 707 21.18 -16.08 12.62
N VAL A 708 22.20 -16.69 12.01
CA VAL A 708 22.54 -16.42 10.62
C VAL A 708 22.11 -17.61 9.76
N LEU A 709 21.43 -17.33 8.66
CA LEU A 709 20.89 -18.34 7.77
C LEU A 709 21.34 -18.05 6.34
N GLN A 710 21.44 -19.11 5.55
CA GLN A 710 21.77 -19.02 4.14
C GLN A 710 20.71 -19.72 3.31
N MET A 711 20.44 -19.17 2.13
CA MET A 711 19.39 -19.63 1.24
C MET A 711 20.00 -20.24 -0.03
N PRO A 712 19.23 -21.05 -0.76
CA PRO A 712 19.79 -21.71 -1.95
C PRO A 712 20.36 -20.76 -2.99
N ARG A 713 19.75 -19.59 -3.19
CA ARG A 713 20.24 -18.68 -4.23
C ARG A 713 21.56 -18.02 -3.86
N GLY A 714 21.89 -17.92 -2.58
CA GLY A 714 23.22 -17.53 -2.14
C GLY A 714 23.27 -16.40 -1.15
N ASN A 715 22.19 -15.68 -0.92
CA ASN A 715 22.22 -14.53 -0.01
C ASN A 715 22.30 -15.01 1.43
N LEU A 716 22.24 -14.06 2.36
CA LEU A 716 22.27 -14.33 3.78
C LEU A 716 21.04 -13.73 4.43
N GLU A 717 20.83 -14.09 5.70
CA GLU A 717 19.73 -13.50 6.47
C GLU A 717 20.06 -13.60 7.95
N VAL A 718 19.66 -12.58 8.71
CA VAL A 718 19.89 -12.53 10.14
C VAL A 718 18.54 -12.41 10.83
N VAL A 719 18.28 -13.27 11.81
CA VAL A 719 17.01 -13.27 12.52
C VAL A 719 17.27 -13.15 14.02
N HIS A 720 16.41 -12.38 14.69
CA HIS A 720 16.41 -12.27 16.15
C HIS A 720 15.29 -13.18 16.66
N HIS A 721 15.65 -14.39 17.10
CA HIS A 721 14.67 -15.31 17.60
C HIS A 721 14.10 -14.82 18.93
N ARG A 722 12.79 -14.98 19.11
CA ARG A 722 12.14 -14.39 20.27
C ARG A 722 12.59 -15.03 21.57
N ALA A 723 12.99 -16.30 21.55
CA ALA A 723 13.31 -17.00 22.79
C ALA A 723 14.51 -16.37 23.49
N LEU A 724 15.60 -16.16 22.75
CA LEU A 724 16.81 -15.57 23.33
C LEU A 724 16.54 -14.16 23.83
N VAL A 725 15.82 -13.37 23.02
CA VAL A 725 15.52 -11.99 23.40
C VAL A 725 14.71 -11.97 24.69
N LEU A 726 13.69 -12.82 24.77
CA LEU A 726 12.84 -12.83 25.95
C LEU A 726 13.60 -13.28 27.19
N ALA A 727 14.48 -14.28 27.04
CA ALA A 727 15.28 -14.71 28.18
C ALA A 727 16.16 -13.57 28.69
N GLN A 728 16.85 -12.90 27.77
CA GLN A 728 17.72 -11.79 28.18
C GLN A 728 16.90 -10.68 28.83
N ILE A 729 15.73 -10.37 28.28
CA ILE A 729 14.90 -9.31 28.82
C ILE A 729 14.43 -9.66 30.23
N ARG A 730 14.04 -10.91 30.44
CA ARG A 730 13.60 -11.33 31.77
C ARG A 730 14.72 -11.20 32.78
N LYS A 731 15.94 -11.61 32.41
CA LYS A 731 17.07 -11.45 33.33
C LYS A 731 17.30 -9.98 33.64
N TRP A 732 17.26 -9.12 32.61
CA TRP A 732 17.49 -7.70 32.82
C TRP A 732 16.44 -7.11 33.77
N LEU A 733 15.17 -7.46 33.56
CA LEU A 733 14.11 -6.93 34.40
C LEU A 733 14.25 -7.42 35.83
N ASP A 734 14.63 -8.68 36.01
CA ASP A 734 14.80 -9.19 37.37
C ASP A 734 16.00 -8.55 38.08
N LYS A 735 16.98 -8.07 37.33
CA LYS A 735 18.15 -7.44 37.95
C LYS A 735 18.02 -5.94 38.11
N LEU A 736 16.84 -5.37 37.84
CA LEU A 736 16.59 -3.93 38.00
C LEU A 736 17.56 -3.09 37.17
N MET A 737 17.52 -3.33 35.86
CA MET A 737 18.39 -2.66 34.90
C MET A 737 17.54 -2.14 33.74
N PHE A 738 16.52 -1.35 34.10
CA PHE A 738 15.48 -0.93 33.17
C PHE A 738 16.02 -0.25 31.91
N LYS A 739 17.19 0.38 31.99
CA LYS A 739 17.71 1.12 30.84
C LYS A 739 17.98 0.19 29.66
N GLU A 740 18.74 -0.87 29.90
CA GLU A 740 19.08 -1.79 28.81
C GLU A 740 17.85 -2.48 28.25
N ALA A 741 16.95 -2.92 29.14
CA ALA A 741 15.72 -3.55 28.69
C ALA A 741 14.88 -2.60 27.84
N PHE A 742 14.78 -1.33 28.27
CA PHE A 742 14.01 -0.37 27.51
C PHE A 742 14.61 -0.15 26.12
N GLU A 743 15.93 -0.02 26.05
CA GLU A 743 16.56 0.16 24.74
C GLU A 743 16.31 -1.04 23.84
N CYS A 744 16.48 -2.26 24.39
CA CYS A 744 16.29 -3.46 23.58
C CYS A 744 14.86 -3.59 23.10
N MET A 745 13.89 -3.33 23.98
CA MET A 745 12.48 -3.41 23.56
C MET A 745 12.15 -2.35 22.53
N ARG A 746 12.68 -1.14 22.70
CA ARG A 746 12.41 -0.08 21.73
C ARG A 746 12.97 -0.43 20.37
N LYS A 747 14.19 -0.97 20.31
CA LYS A 747 14.80 -1.25 19.02
C LYS A 747 14.10 -2.40 18.30
N LEU A 748 13.75 -3.46 19.03
CA LEU A 748 13.23 -4.68 18.43
C LEU A 748 11.71 -4.71 18.36
N ARG A 749 11.04 -3.62 18.75
CA ARG A 749 9.58 -3.51 18.67
C ARG A 749 8.89 -4.61 19.48
N ILE A 750 9.23 -4.65 20.77
CA ILE A 750 8.55 -5.49 21.73
C ILE A 750 7.67 -4.61 22.59
N ASN A 751 6.44 -5.05 22.83
CA ASN A 751 5.47 -4.24 23.56
C ASN A 751 6.01 -3.85 24.93
N LEU A 752 5.91 -2.57 25.26
CA LEU A 752 6.52 -2.04 26.47
C LEU A 752 5.76 -2.44 27.73
N ASN A 753 4.51 -2.88 27.61
CA ASN A 753 3.73 -3.25 28.79
C ASN A 753 4.42 -4.33 29.59
N LEU A 754 5.27 -5.15 28.96
CA LEU A 754 5.97 -6.20 29.66
C LEU A 754 6.84 -5.68 30.80
N ILE A 755 7.20 -4.39 30.77
CA ILE A 755 7.94 -3.81 31.89
C ILE A 755 7.13 -3.91 33.17
N TYR A 756 5.83 -3.61 33.08
CA TYR A 756 4.97 -3.67 34.27
C TYR A 756 4.41 -5.06 34.52
N ASP A 757 3.88 -5.70 33.48
CA ASP A 757 3.16 -6.95 33.64
C ASP A 757 4.06 -8.09 34.09
N HIS A 758 5.37 -7.97 33.94
CA HIS A 758 6.27 -9.03 34.38
C HIS A 758 6.20 -9.19 35.90
N ASN A 759 6.17 -8.09 36.63
CA ASN A 759 6.08 -8.12 38.09
C ASN A 759 5.59 -6.78 38.61
N PRO A 760 4.27 -6.59 38.72
CA PRO A 760 3.74 -5.26 39.07
C PRO A 760 4.25 -4.71 40.39
N LYS A 761 4.43 -5.57 41.40
CA LYS A 761 4.83 -5.09 42.72
C LYS A 761 6.19 -4.42 42.67
N VAL A 762 7.15 -5.05 41.99
CA VAL A 762 8.50 -4.50 41.93
C VAL A 762 8.51 -3.20 41.15
N PHE A 763 7.72 -3.13 40.08
CA PHE A 763 7.66 -1.88 39.30
C PHE A 763 7.09 -0.75 40.16
N LEU A 764 5.96 -0.99 40.83
CA LEU A 764 5.37 0.05 41.65
C LEU A 764 6.18 0.34 42.91
N GLY A 765 7.12 -0.52 43.27
CA GLY A 765 7.99 -0.25 44.39
C GLY A 765 9.28 0.48 44.05
N ASN A 766 9.60 0.60 42.76
CA ASN A 766 10.86 1.20 42.32
C ASN A 766 10.63 2.16 41.17
N VAL A 767 9.63 3.03 41.29
CA VAL A 767 9.33 3.98 40.23
C VAL A 767 10.46 5.00 40.10
N GLU A 768 11.08 5.39 41.21
CA GLU A 768 12.11 6.43 41.19
C GLU A 768 13.29 6.01 40.32
N THR A 769 13.75 4.76 40.48
CA THR A 769 14.86 4.28 39.68
C THR A 769 14.50 4.23 38.20
N PHE A 770 13.26 3.82 37.90
CA PHE A 770 12.79 3.84 36.52
C PHE A 770 12.88 5.23 35.92
N ILE A 771 12.35 6.22 36.63
CA ILE A 771 12.35 7.58 36.12
C ILE A 771 13.77 8.09 35.93
N LYS A 772 14.63 7.83 36.90
CA LYS A 772 16.01 8.33 36.80
C LYS A 772 16.76 7.67 35.65
N GLN A 773 16.54 6.38 35.43
CA GLN A 773 17.28 5.68 34.38
C GLN A 773 16.78 6.04 32.99
N ILE A 774 15.46 6.20 32.82
CA ILE A 774 14.95 6.57 31.50
C ILE A 774 15.33 8.00 31.16
N ASP A 775 15.22 8.92 32.12
CA ASP A 775 15.67 10.32 32.08
C ASP A 775 15.57 11.00 30.72
N SER A 776 14.42 10.87 30.07
CA SER A 776 14.21 11.55 28.80
C SER A 776 12.72 11.81 28.62
N VAL A 777 12.38 13.04 28.25
CA VAL A 777 10.98 13.39 28.06
C VAL A 777 10.38 12.59 26.90
N ASN A 778 11.14 12.46 25.80
CA ASN A 778 10.61 11.75 24.64
C ASN A 778 10.35 10.28 24.96
N HIS A 779 11.26 9.65 25.69
CA HIS A 779 11.07 8.24 26.03
C HIS A 779 9.85 8.04 26.93
N ILE A 780 9.66 8.93 27.90
CA ILE A 780 8.50 8.82 28.79
C ILE A 780 7.22 9.04 28.02
N ASN A 781 7.21 10.02 27.11
CA ASN A 781 6.04 10.22 26.26
C ASN A 781 5.74 8.98 25.43
N LEU A 782 6.79 8.34 24.89
CA LEU A 782 6.59 7.10 24.17
C LEU A 782 6.01 6.01 25.07
N PHE A 783 6.44 5.97 26.32
CA PHE A 783 5.90 5.00 27.26
C PHE A 783 4.42 5.23 27.50
N PHE A 784 4.01 6.49 27.61
CA PHE A 784 2.61 6.77 27.92
C PHE A 784 1.69 6.44 26.75
N THR A 785 2.12 6.72 25.52
CA THR A 785 1.25 6.49 24.37
C THR A 785 1.12 5.02 23.99
N GLU A 786 1.60 4.11 24.83
CA GLU A 786 1.45 2.68 24.58
C GLU A 786 0.82 1.91 25.72
N LEU A 787 0.62 2.53 26.88
CA LEU A 787 0.01 1.83 28.01
C LEU A 787 -1.41 1.42 27.69
N LYS A 788 -1.76 0.18 28.03
CA LYS A 788 -3.10 -0.35 27.79
C LYS A 788 -3.52 -1.21 28.97
N GLU A 789 -4.83 -1.34 29.15
CA GLU A 789 -5.36 -2.06 30.31
C GLU A 789 -5.06 -3.55 30.24
N GLU A 790 -4.99 -4.12 29.04
CA GLU A 790 -4.83 -5.56 28.88
C GLU A 790 -3.46 -6.02 29.38
N ASP A 791 -3.40 -7.28 29.78
CA ASP A 791 -2.16 -7.88 30.27
C ASP A 791 -1.53 -8.69 29.14
N VAL A 792 -0.27 -8.38 28.83
CA VAL A 792 0.39 -9.03 27.69
C VAL A 792 1.04 -10.36 28.05
N THR A 793 1.31 -10.62 29.32
CA THR A 793 1.86 -11.91 29.71
C THR A 793 0.83 -13.01 29.70
N LYS A 794 -0.36 -12.76 29.15
CA LYS A 794 -1.38 -13.78 28.99
C LYS A 794 -2.00 -13.80 27.60
N THR A 795 -1.63 -12.88 26.72
CA THR A 795 -2.22 -12.81 25.39
C THR A 795 -1.14 -12.77 24.31
N MET A 796 0.02 -12.23 24.63
CA MET A 796 1.09 -12.08 23.65
C MET A 796 2.36 -12.84 24.02
N TYR A 797 2.82 -12.77 25.27
CA TYR A 797 4.07 -13.39 25.69
C TYR A 797 3.81 -14.30 26.89
N PRO A 798 3.16 -15.44 26.68
CA PRO A 798 3.00 -16.39 27.79
C PRO A 798 4.35 -16.93 28.24
N ALA A 799 4.48 -17.13 29.54
CA ALA A 799 5.75 -17.60 30.10
C ALA A 799 6.02 -19.03 29.64
N PRO A 800 7.21 -19.32 29.12
CA PRO A 800 7.50 -20.71 28.73
C PRO A 800 7.44 -21.68 29.90
N VAL A 801 7.84 -21.22 31.09
CA VAL A 801 7.75 -22.04 32.28
C VAL A 801 6.46 -21.68 33.03
N THR A 802 5.68 -22.69 33.38
CA THR A 802 4.42 -22.50 34.07
C THR A 802 4.59 -22.47 35.59
N SER A 803 5.81 -22.57 36.08
CA SER A 803 6.08 -22.58 37.52
C SER A 803 6.17 -21.14 38.03
N SER A 804 5.06 -20.43 37.89
CA SER A 804 4.96 -19.08 38.44
C SER A 804 5.00 -19.14 39.96
N VAL A 805 5.80 -18.27 40.56
CA VAL A 805 5.98 -18.31 42.02
C VAL A 805 4.67 -17.97 42.73
N TYR A 806 3.97 -16.93 42.28
CA TYR A 806 2.70 -16.54 42.85
C TYR A 806 2.00 -15.47 42.01
N LEU A 807 0.82 -15.06 42.44
CA LEU A 807 0.14 -13.89 41.91
C LEU A 807 -0.16 -12.83 42.97
N SER A 808 -0.61 -13.24 44.15
CA SER A 808 -0.83 -12.34 45.28
C SER A 808 -1.74 -11.17 44.94
N ARG A 809 -1.28 -9.95 45.23
CA ARG A 809 -2.13 -8.77 45.16
C ARG A 809 -2.68 -8.55 43.75
N ASP A 810 -3.99 -8.69 43.62
CA ASP A 810 -4.75 -8.27 42.46
C ASP A 810 -4.71 -6.75 42.36
N PRO A 811 -4.37 -6.21 41.19
CA PRO A 811 -4.39 -4.75 41.03
C PRO A 811 -5.71 -4.14 41.47
N ASP A 812 -5.62 -3.20 42.41
CA ASP A 812 -6.81 -2.69 43.08
C ASP A 812 -7.73 -1.97 42.10
N GLY A 813 -7.18 -1.11 41.25
CA GLY A 813 -8.00 -0.33 40.35
C GLY A 813 -7.47 -0.41 38.94
N ASN A 814 -7.87 0.57 38.14
CA ASN A 814 -7.43 0.66 36.75
C ASN A 814 -5.92 0.83 36.69
N LYS A 815 -5.24 -0.08 35.98
CA LYS A 815 -3.78 -0.05 35.91
C LYS A 815 -3.27 1.29 35.42
N ILE A 816 -3.93 1.85 34.42
CA ILE A 816 -3.52 3.13 33.85
C ILE A 816 -3.50 4.20 34.94
N ASP A 817 -4.51 4.19 35.81
CA ASP A 817 -4.61 5.22 36.84
C ASP A 817 -3.46 5.14 37.82
N LEU A 818 -3.16 3.94 38.32
CA LEU A 818 -2.04 3.80 39.26
C LEU A 818 -0.74 4.22 38.62
N VAL A 819 -0.49 3.75 37.40
CA VAL A 819 0.78 4.07 36.73
C VAL A 819 0.92 5.57 36.55
N CYS A 820 -0.13 6.21 36.03
CA CYS A 820 -0.08 7.64 35.77
C CYS A 820 0.13 8.42 37.06
N ASP A 821 -0.62 8.08 38.11
CA ASP A 821 -0.52 8.83 39.35
C ASP A 821 0.87 8.70 39.98
N ALA A 822 1.38 7.47 40.05
CA ALA A 822 2.68 7.27 40.67
C ALA A 822 3.79 7.99 39.90
N MET A 823 3.80 7.83 38.57
CA MET A 823 4.85 8.46 37.79
C MET A 823 4.74 9.98 37.83
N ARG A 824 3.51 10.52 37.80
CA ARG A 824 3.36 11.96 37.89
C ARG A 824 3.85 12.49 39.24
N ALA A 825 3.57 11.76 40.32
CA ALA A 825 4.05 12.18 41.63
C ALA A 825 5.57 12.22 41.66
N VAL A 826 6.22 11.17 41.14
CA VAL A 826 7.69 11.15 41.15
C VAL A 826 8.25 12.28 40.31
N MET A 827 7.67 12.51 39.12
CA MET A 827 8.15 13.57 38.24
C MET A 827 8.00 14.95 38.88
N GLU A 828 6.85 15.19 39.53
CA GLU A 828 6.66 16.47 40.21
C GLU A 828 7.65 16.63 41.36
N SER A 829 7.93 15.55 42.09
CA SER A 829 8.89 15.65 43.18
C SER A 829 10.29 15.93 42.66
N ILE A 830 10.66 15.38 41.51
CA ILE A 830 12.05 15.53 41.05
C ILE A 830 12.27 16.86 40.34
N ASN A 831 11.43 17.18 39.34
CA ASN A 831 11.67 18.42 38.61
C ASN A 831 10.40 18.90 37.91
N PRO A 832 9.68 19.86 38.47
CA PRO A 832 8.49 20.38 37.78
C PRO A 832 8.78 21.02 36.43
N HIS A 833 9.94 21.65 36.26
CA HIS A 833 10.19 22.42 35.05
C HIS A 833 10.73 21.54 33.92
N LYS A 834 11.66 20.63 34.24
CA LYS A 834 12.24 19.77 33.21
C LYS A 834 11.18 18.89 32.58
N TYR A 835 10.30 18.31 33.39
CA TYR A 835 9.23 17.43 32.91
C TYR A 835 7.94 18.25 32.87
N CYS A 836 7.69 18.90 31.73
CA CYS A 836 6.52 19.74 31.57
C CYS A 836 5.46 19.08 30.69
N LEU A 837 5.82 18.70 29.46
CA LEU A 837 4.83 18.11 28.56
C LEU A 837 4.42 16.72 29.00
N SER A 838 5.30 16.02 29.72
CA SER A 838 4.99 14.65 30.12
C SER A 838 3.93 14.60 31.22
N ILE A 839 3.92 15.59 32.12
CA ILE A 839 2.86 15.64 33.12
C ILE A 839 1.52 15.91 32.46
N LEU A 840 1.48 16.81 31.47
CA LEU A 840 0.27 17.04 30.72
C LEU A 840 -0.18 15.77 30.00
N THR A 841 0.78 15.03 29.44
CA THR A 841 0.43 13.76 28.80
C THR A 841 -0.13 12.76 29.80
N SER A 842 0.43 12.73 31.00
CA SER A 842 -0.09 11.84 32.04
C SER A 842 -1.52 12.19 32.39
N HIS A 843 -1.82 13.48 32.50
CA HIS A 843 -3.20 13.90 32.78
C HIS A 843 -4.13 13.53 31.62
N VAL A 844 -3.70 13.75 30.38
CA VAL A 844 -4.58 13.52 29.23
C VAL A 844 -4.84 12.03 29.05
N LYS A 845 -3.84 11.19 29.28
CA LYS A 845 -3.94 9.78 28.95
C LYS A 845 -4.68 8.94 29.98
N LYS A 846 -5.15 9.55 31.07
CA LYS A 846 -5.86 8.79 32.09
C LYS A 846 -7.18 8.26 31.53
N THR A 847 -7.88 7.48 32.36
CA THR A 847 -9.13 6.87 31.93
C THR A 847 -10.16 7.92 31.54
N THR A 848 -10.28 8.97 32.34
CA THR A 848 -11.15 10.09 32.03
C THR A 848 -10.29 11.28 31.65
N PRO A 849 -10.31 11.74 30.40
CA PRO A 849 -9.46 12.87 30.01
C PRO A 849 -9.80 14.12 30.79
N GLU A 850 -8.83 14.58 31.59
CA GLU A 850 -9.00 15.78 32.42
C GLU A 850 -8.50 17.00 31.64
N LEU A 851 -9.24 17.34 30.59
CA LEU A 851 -8.87 18.46 29.74
C LEU A 851 -8.92 19.78 30.49
N GLU A 852 -9.83 19.91 31.46
CA GLU A 852 -9.97 21.16 32.18
C GLU A 852 -8.70 21.49 32.97
N ILE A 853 -8.11 20.50 33.63
CA ILE A 853 -6.92 20.76 34.45
C ILE A 853 -5.75 21.18 33.58
N VAL A 854 -5.54 20.51 32.44
CA VAL A 854 -4.41 20.86 31.58
C VAL A 854 -4.63 22.21 30.94
N LEU A 855 -5.87 22.53 30.55
CA LEU A 855 -6.15 23.86 30.01
C LEU A 855 -5.89 24.93 31.05
N GLN A 856 -6.29 24.69 32.29
CA GLN A 856 -6.05 25.66 33.36
C GLN A 856 -4.56 25.84 33.61
N LYS A 857 -3.79 24.74 33.58
CA LYS A 857 -2.35 24.84 33.77
C LYS A 857 -1.69 25.62 32.64
N VAL A 858 -2.12 25.38 31.40
CA VAL A 858 -1.59 26.14 30.27
C VAL A 858 -1.92 27.62 30.43
N HIS A 859 -3.13 27.93 30.89
CA HIS A 859 -3.49 29.33 31.10
C HIS A 859 -2.62 29.97 32.18
N GLU A 860 -2.34 29.24 33.26
CA GLU A 860 -1.41 29.76 34.26
C GLU A 860 -0.05 30.03 33.66
N LEU A 861 0.46 29.09 32.86
CA LEU A 861 1.79 29.25 32.27
C LEU A 861 1.81 30.39 31.26
N GLN A 862 0.65 30.75 30.70
CA GLN A 862 0.59 31.85 29.75
C GLN A 862 1.00 33.17 30.39
N GLY A 863 0.37 33.52 31.51
CA GLY A 863 0.65 34.78 32.17
C GLY A 863 1.67 34.69 33.30
N ASN A 864 2.85 34.17 32.99
CA ASN A 864 3.88 34.03 34.00
C ASN A 864 5.26 34.16 33.36
N ALA A 865 6.25 34.45 34.20
CA ALA A 865 7.63 34.60 33.78
C ALA A 865 8.48 33.44 34.30
N PRO A 866 9.47 32.99 33.53
CA PRO A 866 10.33 31.89 33.99
C PRO A 866 11.30 32.33 35.07
N SER A 867 11.79 31.34 35.81
CA SER A 867 12.78 31.50 36.86
C SER A 867 14.04 30.68 36.60
N ASP A 868 13.90 29.49 36.03
CA ASP A 868 14.90 28.51 35.66
C ASP A 868 14.90 28.32 34.15
N PRO A 869 16.01 28.62 33.47
CA PRO A 869 16.05 28.57 32.01
C PRO A 869 15.96 27.16 31.43
N ASP A 870 14.92 26.43 31.83
CA ASP A 870 14.58 25.15 31.25
C ASP A 870 13.07 25.03 31.03
N ALA A 871 12.33 26.11 31.26
CA ALA A 871 10.88 26.10 31.16
C ALA A 871 10.43 26.08 29.71
N VAL A 872 9.16 25.74 29.51
CA VAL A 872 8.57 25.63 28.18
C VAL A 872 7.63 26.81 27.97
N SER A 873 7.74 27.44 26.81
CA SER A 873 6.87 28.56 26.48
C SER A 873 5.43 28.08 26.30
N ALA A 874 4.49 29.01 26.54
CA ALA A 874 3.08 28.68 26.40
C ALA A 874 2.73 28.32 24.96
N GLU A 875 3.43 28.89 23.98
CA GLU A 875 3.19 28.53 22.60
C GLU A 875 3.48 27.06 22.35
N GLU A 876 4.60 26.56 22.87
CA GLU A 876 4.95 25.16 22.68
C GLU A 876 3.97 24.24 23.40
N ALA A 877 3.55 24.62 24.61
CA ALA A 877 2.56 23.82 25.33
C ALA A 877 1.24 23.76 24.57
N LEU A 878 0.81 24.90 24.02
CA LEU A 878 -0.42 24.90 23.24
C LEU A 878 -0.28 24.06 21.98
N LYS A 879 0.88 24.11 21.34
CA LYS A 879 1.12 23.27 20.17
C LYS A 879 1.06 21.80 20.54
N TYR A 880 1.63 21.43 21.68
CA TYR A 880 1.60 20.04 22.10
C TYR A 880 0.17 19.58 22.43
N LEU A 881 -0.61 20.46 23.07
CA LEU A 881 -2.01 20.10 23.33
C LEU A 881 -2.80 19.96 22.03
N LEU A 882 -2.60 20.86 21.07
CA LEU A 882 -3.21 20.69 19.76
C LEU A 882 -2.72 19.45 19.06
N HIS A 883 -1.52 18.99 19.39
CA HIS A 883 -1.01 17.74 18.86
C HIS A 883 -1.74 16.54 19.45
N LEU A 884 -2.01 16.57 20.75
CA LEU A 884 -2.74 15.47 21.38
C LEU A 884 -4.21 15.46 20.96
N VAL A 885 -4.87 16.62 21.02
CA VAL A 885 -6.31 16.71 20.80
C VAL A 885 -6.57 17.71 19.67
N ASP A 886 -7.64 17.46 18.93
CA ASP A 886 -8.03 18.31 17.81
C ASP A 886 -8.50 19.68 18.30
N VAL A 887 -8.50 20.64 17.38
CA VAL A 887 -8.80 22.02 17.74
C VAL A 887 -10.27 22.17 18.13
N ASN A 888 -11.17 21.60 17.34
CA ASN A 888 -12.59 21.81 17.58
C ASN A 888 -13.06 21.13 18.86
N GLU A 889 -12.51 19.95 19.16
CA GLU A 889 -12.84 19.30 20.42
C GLU A 889 -12.38 20.13 21.60
N LEU A 890 -11.20 20.73 21.50
CA LEU A 890 -10.73 21.64 22.55
C LEU A 890 -11.65 22.84 22.66
N TYR A 891 -12.12 23.36 21.53
CA TYR A 891 -13.05 24.50 21.56
C TYR A 891 -14.33 24.14 22.31
N ASP A 892 -14.89 22.96 22.01
CA ASP A 892 -16.11 22.53 22.69
C ASP A 892 -15.88 22.31 24.17
N HIS A 893 -14.76 21.68 24.53
CA HIS A 893 -14.44 21.47 25.94
C HIS A 893 -14.28 22.80 26.67
N SER A 894 -13.60 23.76 26.04
CA SER A 894 -13.42 25.07 26.66
C SER A 894 -14.75 25.77 26.85
N LEU A 895 -15.65 25.68 25.87
CA LEU A 895 -17.00 26.20 26.07
C LEU A 895 -17.67 25.52 27.26
N GLY A 896 -17.46 24.21 27.41
CA GLY A 896 -18.03 23.51 28.54
C GLY A 896 -17.43 23.93 29.88
N THR A 897 -16.20 24.48 29.85
CA THR A 897 -15.56 24.90 31.10
C THR A 897 -16.21 26.14 31.71
N TYR A 898 -17.09 26.83 30.99
CA TYR A 898 -17.72 28.06 31.46
C TYR A 898 -16.69 29.14 31.79
N ASP A 899 -15.63 29.21 30.99
CA ASP A 899 -14.61 30.25 31.14
C ASP A 899 -14.26 30.79 29.76
N PHE A 900 -14.53 32.08 29.55
CA PHE A 900 -14.33 32.68 28.24
C PHE A 900 -12.87 32.95 27.93
N ASP A 901 -12.01 33.04 28.95
CA ASP A 901 -10.58 33.19 28.71
C ASP A 901 -10.04 31.97 27.96
N LEU A 902 -10.38 30.78 28.43
CA LEU A 902 -9.95 29.55 27.78
C LEU A 902 -10.54 29.45 26.38
N VAL A 903 -11.80 29.86 26.23
CA VAL A 903 -12.46 29.81 24.93
C VAL A 903 -11.72 30.70 23.93
N LEU A 904 -11.37 31.91 24.35
CA LEU A 904 -10.62 32.81 23.47
C LEU A 904 -9.25 32.25 23.15
N MET A 905 -8.58 31.67 24.16
CA MET A 905 -7.27 31.08 23.94
C MET A 905 -7.33 30.00 22.85
N VAL A 906 -8.31 29.11 22.94
CA VAL A 906 -8.43 28.04 21.96
C VAL A 906 -8.83 28.60 20.60
N ALA A 907 -9.79 29.54 20.58
CA ALA A 907 -10.29 30.07 19.33
C ALA A 907 -9.26 30.91 18.59
N GLU A 908 -8.23 31.39 19.28
CA GLU A 908 -7.16 32.12 18.60
C GLU A 908 -6.55 31.28 17.48
N LYS A 909 -6.15 30.05 17.80
CA LYS A 909 -5.59 29.13 16.80
C LYS A 909 -6.66 28.15 16.34
N SER A 910 -7.69 28.68 15.69
CA SER A 910 -8.83 27.88 15.27
C SER A 910 -9.25 28.10 13.82
N GLN A 911 -8.69 29.11 13.14
CA GLN A 911 -9.03 29.40 11.75
C GLN A 911 -10.54 29.65 11.61
N LYS A 912 -11.01 30.71 12.27
CA LYS A 912 -12.42 31.06 12.26
C LYS A 912 -12.58 32.56 12.16
N ASP A 913 -13.73 32.99 11.66
CA ASP A 913 -14.03 34.40 11.53
C ASP A 913 -14.36 34.99 12.90
N PRO A 914 -13.62 35.99 13.38
CA PRO A 914 -13.96 36.59 14.68
C PRO A 914 -15.35 37.20 14.70
N LYS A 915 -15.79 37.80 13.61
CA LYS A 915 -17.15 38.34 13.54
C LYS A 915 -18.16 37.28 13.18
N GLU A 916 -18.09 36.12 13.83
CA GLU A 916 -19.10 35.10 13.74
C GLU A 916 -19.35 34.53 15.14
N TYR A 917 -18.31 34.58 15.97
CA TYR A 917 -18.41 34.07 17.33
C TYR A 917 -18.17 35.12 18.41
N LEU A 918 -17.62 36.28 18.06
CA LEU A 918 -17.57 37.36 19.04
C LEU A 918 -18.96 37.82 19.48
N PRO A 919 -19.91 38.09 18.57
CA PRO A 919 -21.27 38.40 19.05
C PRO A 919 -21.89 37.26 19.83
N PHE A 920 -21.60 36.01 19.45
CA PHE A 920 -22.16 34.87 20.15
C PHE A 920 -21.67 34.83 21.60
N LEU A 921 -20.37 34.98 21.81
CA LEU A 921 -19.83 34.99 23.15
C LEU A 921 -20.33 36.18 23.95
N ASN A 922 -20.44 37.34 23.30
CA ASN A 922 -20.96 38.52 24.00
C ASN A 922 -22.40 38.30 24.46
N THR A 923 -23.23 37.71 23.60
CA THR A 923 -24.61 37.39 23.98
C THR A 923 -24.63 36.40 25.13
N LEU A 924 -23.79 35.37 25.07
CA LEU A 924 -23.73 34.40 26.16
C LEU A 924 -23.32 35.06 27.47
N LYS A 925 -22.46 36.08 27.40
CA LYS A 925 -21.94 36.69 28.61
C LYS A 925 -23.02 37.40 29.41
N LYS A 926 -23.91 38.13 28.73
CA LYS A 926 -24.90 38.96 29.41
C LYS A 926 -26.19 38.17 29.61
N MET A 927 -26.07 37.14 30.46
CA MET A 927 -27.19 36.25 30.76
C MET A 927 -27.09 35.83 32.22
N GLU A 928 -28.21 35.36 32.77
CA GLU A 928 -28.19 34.84 34.12
C GLU A 928 -27.37 33.56 34.17
N THR A 929 -26.73 33.32 35.32
CA THR A 929 -25.73 32.25 35.42
C THR A 929 -26.33 30.89 35.08
N ASN A 930 -27.42 30.53 35.74
CA ASN A 930 -28.02 29.22 35.52
C ASN A 930 -28.56 29.10 34.10
N TYR A 931 -29.20 30.16 33.61
CA TYR A 931 -29.69 30.17 32.23
C TYR A 931 -28.52 30.10 31.25
N GLN A 932 -27.41 30.77 31.57
CA GLN A 932 -26.22 30.69 30.74
C GLN A 932 -25.72 29.25 30.64
N ARG A 933 -25.61 28.57 31.78
CA ARG A 933 -25.10 27.21 31.78
C ARG A 933 -26.05 26.28 31.03
N PHE A 934 -27.36 26.47 31.20
CA PHE A 934 -28.33 25.67 30.45
C PHE A 934 -28.17 25.90 28.95
N THR A 935 -28.03 27.16 28.53
CA THR A 935 -27.91 27.46 27.11
C THR A 935 -26.66 26.81 26.52
N ILE A 936 -25.53 26.94 27.21
CA ILE A 936 -24.30 26.35 26.71
C ILE A 936 -24.40 24.84 26.65
N ASP A 937 -24.96 24.22 27.69
CA ASP A 937 -25.10 22.77 27.70
C ASP A 937 -25.97 22.30 26.54
N LYS A 938 -27.10 22.98 26.31
CA LYS A 938 -27.95 22.62 25.18
C LYS A 938 -27.19 22.79 23.86
N TYR A 939 -26.39 23.84 23.76
CA TYR A 939 -25.57 24.03 22.56
C TYR A 939 -24.57 22.89 22.38
N LEU A 940 -24.17 22.24 23.48
CA LEU A 940 -23.25 21.12 23.43
C LEU A 940 -23.93 19.81 23.84
N LYS A 941 -25.15 19.59 23.36
CA LYS A 941 -25.94 18.41 23.71
C LYS A 941 -26.15 18.35 25.22
N ARG A 942 -25.43 17.46 25.89
CA ARG A 942 -25.34 17.40 27.36
C ARG A 942 -26.69 17.70 28.03
N TYR A 943 -27.71 16.98 27.58
CA TYR A 943 -29.08 17.38 27.89
C TYR A 943 -29.41 17.28 29.38
N GLU A 944 -28.82 16.33 30.09
CA GLU A 944 -29.12 16.18 31.51
C GLU A 944 -28.65 17.40 32.30
N LYS A 945 -27.45 17.86 32.03
CA LYS A 945 -26.96 19.07 32.70
C LYS A 945 -27.81 20.28 32.31
N ALA A 946 -28.23 20.35 31.05
CA ALA A 946 -29.06 21.46 30.61
C ALA A 946 -30.38 21.49 31.35
N ILE A 947 -31.03 20.33 31.50
CA ILE A 947 -32.31 20.31 32.19
C ILE A 947 -32.13 20.58 33.67
N GLY A 948 -31.03 20.11 34.27
CA GLY A 948 -30.78 20.45 35.67
C GLY A 948 -30.61 21.94 35.89
N HIS A 949 -29.79 22.58 35.04
CA HIS A 949 -29.57 24.01 35.15
C HIS A 949 -30.87 24.78 34.93
N LEU A 950 -31.66 24.37 33.93
CA LEU A 950 -32.94 25.03 33.70
C LEU A 950 -33.90 24.84 34.87
N SER A 951 -33.87 23.66 35.49
CA SER A 951 -34.71 23.42 36.65
C SER A 951 -34.34 24.34 37.80
N LYS A 952 -33.04 24.57 38.00
CA LYS A 952 -32.59 25.48 39.06
C LYS A 952 -32.77 26.94 38.61
N CYS A 953 -34.02 27.31 38.36
CA CYS A 953 -34.36 28.64 37.89
C CYS A 953 -35.76 28.98 38.37
N GLY A 954 -36.37 29.99 37.76
CA GLY A 954 -37.70 30.43 38.12
C GLY A 954 -38.80 29.56 37.53
N PRO A 955 -40.01 29.69 38.08
CA PRO A 955 -41.12 28.84 37.62
C PRO A 955 -41.51 29.07 36.16
N GLU A 956 -41.33 30.29 35.65
CA GLU A 956 -41.76 30.60 34.29
C GLU A 956 -41.02 29.79 33.24
N TYR A 957 -39.82 29.30 33.56
CA TYR A 957 -39.07 28.47 32.63
C TYR A 957 -39.52 27.02 32.64
N PHE A 958 -40.36 26.62 33.60
CA PHE A 958 -40.75 25.21 33.70
C PHE A 958 -41.41 24.66 32.44
N PRO A 959 -42.30 25.38 31.74
CA PRO A 959 -42.85 24.81 30.50
C PRO A 959 -41.77 24.42 29.49
N GLU A 960 -40.72 25.22 29.33
CA GLU A 960 -39.65 24.87 28.40
C GLU A 960 -38.87 23.66 28.90
N CYS A 961 -38.64 23.59 30.21
CA CYS A 961 -37.97 22.42 30.77
C CYS A 961 -38.78 21.15 30.52
N LEU A 962 -40.10 21.23 30.69
CA LEU A 962 -40.95 20.07 30.44
C LEU A 962 -40.98 19.72 28.96
N ASN A 963 -40.96 20.73 28.08
CA ASN A 963 -40.88 20.46 26.65
C ASN A 963 -39.61 19.69 26.31
N LEU A 964 -38.48 20.12 26.88
CA LEU A 964 -37.23 19.42 26.64
C LEU A 964 -37.26 18.01 27.23
N ILE A 965 -37.87 17.85 28.40
CA ILE A 965 -37.98 16.53 29.03
C ILE A 965 -38.74 15.58 28.14
N LYS A 966 -39.89 16.05 27.60
CA LYS A 966 -40.69 15.20 26.72
C LYS A 966 -39.96 14.92 25.41
N ASP A 967 -39.21 15.91 24.90
CA ASP A 967 -38.57 15.76 23.60
C ASP A 967 -37.51 14.67 23.63
N LYS A 968 -36.69 14.63 24.67
CA LYS A 968 -35.58 13.68 24.77
C LYS A 968 -35.88 12.52 25.70
N ASN A 969 -37.10 12.44 26.24
CA ASN A 969 -37.51 11.33 27.10
C ASN A 969 -36.61 11.21 28.33
N LEU A 970 -36.47 12.32 29.06
CA LEU A 970 -35.66 12.38 30.27
C LEU A 970 -36.53 12.34 31.52
N TYR A 971 -37.59 11.54 31.49
CA TYR A 971 -38.58 11.55 32.57
C TYR A 971 -37.96 11.13 33.90
N ASN A 972 -37.15 10.07 33.91
CA ASN A 972 -36.60 9.57 35.16
C ASN A 972 -35.67 10.58 35.81
N GLU A 973 -34.83 11.24 35.02
CA GLU A 973 -33.92 12.24 35.58
C GLU A 973 -34.69 13.42 36.15
N ALA A 974 -35.74 13.86 35.46
CA ALA A 974 -36.57 14.94 35.98
C ALA A 974 -37.25 14.54 37.28
N LEU A 975 -37.75 13.29 37.35
CA LEU A 975 -38.35 12.80 38.58
C LEU A 975 -37.33 12.78 39.72
N LYS A 976 -36.09 12.42 39.42
CA LYS A 976 -35.04 12.47 40.42
C LYS A 976 -34.75 13.91 40.84
N LEU A 977 -34.89 14.86 39.91
CA LEU A 977 -34.54 16.25 40.20
C LEU A 977 -35.41 16.84 41.30
N TYR A 978 -36.71 16.58 41.26
CA TYR A 978 -37.65 17.17 42.20
C TYR A 978 -38.08 16.15 43.25
N SER A 979 -38.61 16.66 44.36
CA SER A 979 -39.20 15.83 45.40
C SER A 979 -40.59 15.38 44.97
N PRO A 980 -41.00 14.17 45.40
CA PRO A 980 -42.33 13.67 45.00
C PRO A 980 -43.48 14.57 45.44
N SER A 981 -43.33 15.25 46.58
CA SER A 981 -44.40 16.11 47.07
C SER A 981 -44.67 17.30 46.17
N SER A 982 -43.72 17.66 45.31
CA SER A 982 -43.90 18.78 44.40
C SER A 982 -44.91 18.46 43.32
N GLN A 983 -45.68 19.48 42.93
CA GLN A 983 -46.65 19.32 41.84
C GLN A 983 -45.96 19.09 40.51
N GLN A 984 -44.75 19.61 40.35
CA GLN A 984 -43.97 19.33 39.13
C GLN A 984 -43.70 17.85 38.98
N TYR A 985 -43.45 17.17 40.11
CA TYR A 985 -43.29 15.72 40.07
C TYR A 985 -44.54 15.04 39.56
N GLN A 986 -45.71 15.51 40.00
CA GLN A 986 -46.97 14.95 39.51
C GLN A 986 -47.14 15.19 38.01
N ASP A 987 -46.80 16.39 37.54
CA ASP A 987 -46.93 16.68 36.11
C ASP A 987 -46.01 15.80 35.28
N ILE A 988 -44.76 15.64 35.72
CA ILE A 988 -43.82 14.79 35.00
C ILE A 988 -44.30 13.35 35.03
N SER A 989 -44.88 12.90 36.15
CA SER A 989 -45.41 11.55 36.24
C SER A 989 -46.55 11.36 35.23
N ILE A 990 -47.44 12.33 35.13
CA ILE A 990 -48.55 12.22 34.18
C ILE A 990 -48.02 12.16 32.75
N ALA A 991 -47.04 13.00 32.43
CA ALA A 991 -46.44 12.95 31.10
C ALA A 991 -45.79 11.60 30.82
N TYR A 992 -45.06 11.06 31.81
CA TYR A 992 -44.41 9.76 31.64
C TYR A 992 -45.44 8.66 31.41
N GLY A 993 -46.53 8.70 32.18
CA GLY A 993 -47.58 7.71 32.00
C GLY A 993 -48.22 7.80 30.64
N GLU A 994 -48.44 9.02 30.14
CA GLU A 994 -48.95 9.18 28.78
C GLU A 994 -47.97 8.62 27.76
N HIS A 995 -46.67 8.80 28.01
CA HIS A 995 -45.67 8.24 27.11
C HIS A 995 -45.77 6.72 27.05
N LEU A 996 -45.92 6.07 28.21
CA LEU A 996 -46.11 4.62 28.19
C LEU A 996 -47.43 4.23 27.52
N MET A 997 -48.48 5.03 27.71
CA MET A 997 -49.70 4.85 26.93
C MET A 997 -49.40 4.82 25.44
N GLN A 998 -48.48 5.68 25.00
CA GLN A 998 -48.09 5.67 23.59
C GLN A 998 -47.33 4.40 23.22
N GLU A 999 -46.65 3.76 24.18
CA GLU A 999 -45.82 2.60 23.90
C GLU A 999 -46.47 1.30 24.34
N HIS A 1000 -47.75 1.35 24.74
CA HIS A 1000 -48.58 0.20 25.08
C HIS A 1000 -48.19 -0.48 26.39
N MET A 1001 -47.46 0.21 27.27
CA MET A 1001 -47.19 -0.31 28.61
C MET A 1001 -48.34 0.10 29.53
N TYR A 1002 -49.48 -0.54 29.30
CA TYR A 1002 -50.71 -0.15 29.99
C TYR A 1002 -50.62 -0.42 31.48
N GLU A 1003 -50.22 -1.64 31.87
CA GLU A 1003 -50.15 -1.96 33.29
C GLU A 1003 -49.13 -1.11 34.05
N PRO A 1004 -47.89 -0.96 33.58
CA PRO A 1004 -46.94 -0.13 34.35
C PRO A 1004 -47.37 1.32 34.49
N ALA A 1005 -47.81 1.94 33.40
CA ALA A 1005 -48.22 3.34 33.47
C ALA A 1005 -49.49 3.51 34.29
N GLY A 1006 -50.38 2.52 34.26
CA GLY A 1006 -51.53 2.56 35.14
C GLY A 1006 -51.15 2.47 36.60
N LEU A 1007 -50.18 1.60 36.91
CA LEU A 1007 -49.69 1.51 38.28
C LEU A 1007 -49.09 2.83 38.73
N MET A 1008 -48.33 3.47 37.85
CA MET A 1008 -47.68 4.73 38.24
C MET A 1008 -48.69 5.88 38.26
N PHE A 1009 -49.75 5.80 37.45
CA PHE A 1009 -50.86 6.73 37.59
C PHE A 1009 -51.53 6.58 38.95
N ALA A 1010 -51.76 5.35 39.38
CA ALA A 1010 -52.33 5.13 40.71
C ALA A 1010 -51.39 5.65 41.79
N ARG A 1011 -50.08 5.50 41.58
CA ARG A 1011 -49.12 6.05 42.52
C ARG A 1011 -49.25 7.58 42.62
N CYS A 1012 -49.23 8.26 41.47
CA CYS A 1012 -49.28 9.72 41.50
C CYS A 1012 -50.68 10.21 41.90
N GLY A 1013 -51.72 9.58 41.38
CA GLY A 1013 -53.07 9.96 41.73
C GLY A 1013 -54.03 10.08 40.57
N ALA A 1014 -53.59 9.68 39.37
CA ALA A 1014 -54.45 9.69 38.19
C ALA A 1014 -55.28 8.41 38.18
N HIS A 1015 -56.33 8.41 39.02
CA HIS A 1015 -57.10 7.18 39.23
C HIS A 1015 -57.86 6.78 37.98
N GLU A 1016 -58.52 7.73 37.31
CA GLU A 1016 -59.31 7.39 36.13
C GLU A 1016 -58.44 6.89 34.99
N LYS A 1017 -57.25 7.49 34.82
CA LYS A 1017 -56.31 6.97 33.84
C LYS A 1017 -55.84 5.57 34.23
N ALA A 1018 -55.74 5.29 35.52
CA ALA A 1018 -55.44 3.94 35.96
C ALA A 1018 -56.54 2.97 35.55
N LEU A 1019 -57.81 3.37 35.73
CA LEU A 1019 -58.92 2.57 35.23
C LEU A 1019 -58.77 2.30 33.73
N SER A 1020 -58.49 3.35 32.97
CA SER A 1020 -58.41 3.20 31.51
C SER A 1020 -57.29 2.22 31.13
N ALA A 1021 -56.10 2.41 31.71
CA ALA A 1021 -54.97 1.56 31.35
C ALA A 1021 -55.19 0.12 31.81
N PHE A 1022 -55.72 -0.07 33.02
CA PHE A 1022 -55.96 -1.41 33.54
C PHE A 1022 -57.02 -2.13 32.73
N LEU A 1023 -58.09 -1.44 32.32
CA LEU A 1023 -59.08 -2.05 31.44
C LEU A 1023 -58.48 -2.39 30.08
N THR A 1024 -57.64 -1.50 29.54
CA THR A 1024 -57.04 -1.77 28.24
C THR A 1024 -56.14 -3.00 28.29
N CYS A 1025 -55.34 -3.14 29.35
CA CYS A 1025 -54.46 -4.29 29.47
C CYS A 1025 -55.16 -5.55 29.96
N GLY A 1026 -56.44 -5.45 30.35
CA GLY A 1026 -57.18 -6.60 30.79
C GLY A 1026 -56.92 -7.03 32.22
N ASN A 1027 -56.15 -6.27 32.99
CA ASN A 1027 -55.88 -6.59 34.39
C ASN A 1027 -57.09 -6.15 35.20
N TRP A 1028 -58.02 -7.09 35.41
CA TRP A 1028 -59.28 -6.78 36.08
C TRP A 1028 -59.03 -6.33 37.52
N LYS A 1029 -58.08 -6.96 38.20
CA LYS A 1029 -57.94 -6.75 39.63
C LYS A 1029 -57.52 -5.33 39.96
N GLN A 1030 -56.51 -4.81 39.27
CA GLN A 1030 -56.04 -3.45 39.53
C GLN A 1030 -57.11 -2.43 39.17
N ALA A 1031 -57.82 -2.66 38.06
CA ALA A 1031 -58.90 -1.77 37.67
C ALA A 1031 -59.98 -1.73 38.73
N LEU A 1032 -60.36 -2.90 39.26
CA LEU A 1032 -61.37 -2.94 40.31
C LEU A 1032 -60.88 -2.25 41.57
N CYS A 1033 -59.60 -2.44 41.91
CA CYS A 1033 -59.03 -1.75 43.07
C CYS A 1033 -59.18 -0.25 42.93
N VAL A 1034 -58.73 0.31 41.80
CA VAL A 1034 -58.75 1.76 41.66
C VAL A 1034 -60.17 2.28 41.53
N ALA A 1035 -61.06 1.50 40.90
CA ALA A 1035 -62.46 1.88 40.85
C ALA A 1035 -63.07 1.94 42.25
N ALA A 1036 -62.74 0.97 43.10
CA ALA A 1036 -63.19 1.03 44.48
C ALA A 1036 -62.63 2.26 45.18
N GLN A 1037 -61.34 2.56 44.97
CA GLN A 1037 -60.77 3.78 45.54
C GLN A 1037 -61.47 5.03 45.02
N LEU A 1038 -62.10 4.95 43.85
CA LEU A 1038 -62.95 6.02 43.36
C LEU A 1038 -64.37 5.97 43.93
N ASN A 1039 -64.66 4.98 44.76
CA ASN A 1039 -65.94 4.87 45.48
C ASN A 1039 -67.13 4.81 44.52
N PHE A 1040 -67.15 3.74 43.73
CA PHE A 1040 -68.29 3.45 42.87
C PHE A 1040 -69.27 2.53 43.60
N THR A 1041 -70.57 2.74 43.34
CA THR A 1041 -71.62 2.25 44.23
C THR A 1041 -72.38 1.05 43.68
N LYS A 1042 -72.96 1.16 42.49
CA LYS A 1042 -74.08 0.30 42.13
C LYS A 1042 -74.01 -0.07 40.65
N ASP A 1043 -75.14 -0.50 40.10
CA ASP A 1043 -75.27 -1.33 38.90
C ASP A 1043 -74.36 -0.94 37.75
N GLN A 1044 -73.97 0.32 37.65
CA GLN A 1044 -73.01 0.72 36.62
C GLN A 1044 -71.71 -0.07 36.77
N LEU A 1045 -71.25 -0.27 38.01
CA LEU A 1045 -70.07 -1.10 38.21
C LEU A 1045 -70.37 -2.56 37.90
N VAL A 1046 -71.62 -3.00 38.06
CA VAL A 1046 -71.99 -4.36 37.67
C VAL A 1046 -71.82 -4.55 36.17
N GLY A 1047 -72.32 -3.60 35.38
CA GLY A 1047 -72.14 -3.67 33.94
C GLY A 1047 -70.69 -3.61 33.54
N LEU A 1048 -69.92 -2.74 34.22
CA LEU A 1048 -68.48 -2.68 33.95
C LEU A 1048 -67.81 -4.00 34.27
N GLY A 1049 -68.24 -4.67 35.35
CA GLY A 1049 -67.67 -5.96 35.68
C GLY A 1049 -67.99 -7.03 34.67
N ARG A 1050 -69.21 -7.00 34.13
CA ARG A 1050 -69.54 -7.92 33.04
C ARG A 1050 -68.69 -7.63 31.81
N THR A 1051 -68.44 -6.36 31.52
CA THR A 1051 -67.55 -6.01 30.41
C THR A 1051 -66.13 -6.54 30.64
N LEU A 1052 -65.64 -6.40 31.87
CA LEU A 1052 -64.32 -6.92 32.21
C LEU A 1052 -64.28 -8.45 32.08
N ALA A 1053 -65.34 -9.12 32.51
CA ALA A 1053 -65.40 -10.57 32.35
C ALA A 1053 -65.37 -10.96 30.88
N GLY A 1054 -66.09 -10.21 30.04
CA GLY A 1054 -66.00 -10.44 28.61
C GLY A 1054 -64.59 -10.27 28.09
N LYS A 1055 -63.89 -9.24 28.55
CA LYS A 1055 -62.51 -9.01 28.11
C LYS A 1055 -61.60 -10.16 28.53
N LEU A 1056 -61.72 -10.60 29.79
CA LEU A 1056 -60.87 -11.69 30.26
C LEU A 1056 -61.17 -13.01 29.54
N VAL A 1057 -62.45 -13.30 29.28
CA VAL A 1057 -62.77 -14.53 28.55
C VAL A 1057 -62.30 -14.42 27.11
N GLU A 1058 -62.28 -13.21 26.54
CA GLU A 1058 -61.63 -13.02 25.25
C GLU A 1058 -60.13 -13.25 25.35
N GLN A 1059 -59.55 -13.03 26.53
CA GLN A 1059 -58.15 -13.34 26.80
C GLN A 1059 -57.97 -14.79 27.24
N ARG A 1060 -58.91 -15.67 26.89
CA ARG A 1060 -58.83 -17.10 27.22
C ARG A 1060 -58.72 -17.32 28.73
N LYS A 1061 -59.45 -16.51 29.49
CA LYS A 1061 -59.54 -16.66 30.94
C LYS A 1061 -61.02 -16.90 31.28
N HIS A 1062 -61.44 -18.17 31.21
CA HIS A 1062 -62.81 -18.51 31.56
C HIS A 1062 -63.04 -18.44 33.06
N ILE A 1063 -62.09 -18.96 33.84
CA ILE A 1063 -62.20 -18.92 35.28
C ILE A 1063 -62.29 -17.48 35.77
N ASP A 1064 -61.42 -16.62 35.24
CA ASP A 1064 -61.40 -15.21 35.65
C ASP A 1064 -62.71 -14.52 35.30
N ALA A 1065 -63.23 -14.77 34.09
CA ALA A 1065 -64.49 -14.17 33.69
C ALA A 1065 -65.64 -14.60 34.59
N ALA A 1066 -65.70 -15.91 34.88
CA ALA A 1066 -66.76 -16.41 35.75
C ALA A 1066 -66.64 -15.82 37.15
N MET A 1067 -65.41 -15.71 37.67
CA MET A 1067 -65.21 -15.03 38.95
C MET A 1067 -65.77 -13.62 38.90
N VAL A 1068 -65.24 -12.79 37.99
CA VAL A 1068 -65.64 -11.38 37.96
C VAL A 1068 -67.14 -11.25 37.84
N LEU A 1069 -67.78 -12.13 37.07
CA LEU A 1069 -69.24 -12.13 37.01
C LEU A 1069 -69.85 -12.46 38.38
N GLU A 1070 -69.29 -13.45 39.07
CA GLU A 1070 -69.88 -13.88 40.34
C GLU A 1070 -69.74 -12.82 41.43
N GLU A 1071 -68.53 -12.30 41.61
CA GLU A 1071 -68.33 -11.29 42.66
C GLU A 1071 -68.96 -9.95 42.29
N CYS A 1072 -68.97 -9.59 41.00
CA CYS A 1072 -69.45 -8.28 40.60
C CYS A 1072 -70.95 -8.26 40.29
N ALA A 1073 -71.45 -9.26 39.59
CA ALA A 1073 -72.85 -9.28 39.19
C ALA A 1073 -73.69 -10.32 39.91
N GLN A 1074 -73.06 -11.27 40.61
CA GLN A 1074 -73.73 -12.39 41.26
C GLN A 1074 -74.55 -13.21 40.26
N ASP A 1075 -74.15 -13.15 38.99
CA ASP A 1075 -74.85 -13.87 37.92
C ASP A 1075 -74.29 -15.28 37.87
N TYR A 1076 -74.89 -16.17 38.65
CA TYR A 1076 -74.35 -17.52 38.80
C TYR A 1076 -74.56 -18.38 37.56
N GLU A 1077 -75.59 -18.08 36.76
CA GLU A 1077 -75.85 -18.91 35.58
C GLU A 1077 -74.80 -18.70 34.50
N GLU A 1078 -74.47 -17.43 34.20
CA GLU A 1078 -73.37 -17.18 33.27
C GLU A 1078 -72.05 -17.69 33.84
N ALA A 1079 -71.86 -17.58 35.15
CA ALA A 1079 -70.65 -18.08 35.79
C ALA A 1079 -70.50 -19.58 35.56
N VAL A 1080 -71.54 -20.36 35.86
CA VAL A 1080 -71.45 -21.79 35.69
C VAL A 1080 -71.32 -22.16 34.23
N LEU A 1081 -71.97 -21.41 33.34
CA LEU A 1081 -71.84 -21.68 31.90
C LEU A 1081 -70.39 -21.52 31.45
N LEU A 1082 -69.77 -20.40 31.82
CA LEU A 1082 -68.38 -20.18 31.43
C LEU A 1082 -67.44 -21.19 32.08
N LEU A 1083 -67.72 -21.57 33.34
CA LEU A 1083 -66.91 -22.59 33.99
C LEU A 1083 -67.03 -23.93 33.28
N LEU A 1084 -68.24 -24.27 32.82
CA LEU A 1084 -68.42 -25.47 32.00
C LEU A 1084 -67.57 -25.36 30.74
N GLU A 1085 -67.59 -24.19 30.10
CA GLU A 1085 -66.74 -23.97 28.93
C GLU A 1085 -65.26 -23.97 29.30
N GLY A 1086 -64.93 -23.67 30.56
CA GLY A 1086 -63.55 -23.56 30.97
C GLY A 1086 -62.92 -24.86 31.42
N ALA A 1087 -63.57 -25.98 31.11
CA ALA A 1087 -63.08 -27.33 31.40
C ALA A 1087 -62.89 -27.58 32.90
N ALA A 1088 -63.49 -26.75 33.75
CA ALA A 1088 -63.48 -26.97 35.19
C ALA A 1088 -64.91 -27.19 35.68
N TRP A 1089 -65.15 -28.42 36.16
CA TRP A 1089 -66.52 -28.91 36.26
C TRP A 1089 -66.99 -28.91 37.71
N GLU A 1090 -66.05 -29.11 38.64
CA GLU A 1090 -66.39 -29.35 40.03
C GLU A 1090 -66.98 -28.10 40.69
N GLU A 1091 -66.36 -26.94 40.46
CA GLU A 1091 -66.91 -25.71 41.02
C GLU A 1091 -68.21 -25.32 40.32
N ALA A 1092 -68.36 -25.70 39.05
CA ALA A 1092 -69.64 -25.50 38.39
C ALA A 1092 -70.74 -26.29 39.10
N LEU A 1093 -70.48 -27.55 39.42
CA LEU A 1093 -71.44 -28.34 40.16
C LEU A 1093 -71.67 -27.77 41.56
N ARG A 1094 -70.61 -27.25 42.18
CA ARG A 1094 -70.75 -26.66 43.51
C ARG A 1094 -71.67 -25.44 43.48
N LEU A 1095 -71.51 -24.58 42.48
CA LEU A 1095 -72.41 -23.42 42.36
C LEU A 1095 -73.82 -23.85 41.97
N VAL A 1096 -73.96 -24.90 41.17
CA VAL A 1096 -75.29 -25.40 40.82
C VAL A 1096 -76.02 -25.88 42.06
N TYR A 1097 -75.33 -26.66 42.90
CA TYR A 1097 -75.95 -27.16 44.12
C TYR A 1097 -76.13 -26.06 45.16
N LYS A 1098 -75.32 -25.00 45.08
CA LYS A 1098 -75.45 -23.89 46.02
C LYS A 1098 -76.72 -23.09 45.76
N TYR A 1099 -77.04 -22.82 44.48
CA TYR A 1099 -78.21 -22.07 44.10
C TYR A 1099 -79.37 -22.94 43.65
N ASN A 1100 -79.26 -24.26 43.80
CA ASN A 1100 -80.33 -25.20 43.47
C ASN A 1100 -80.76 -25.07 42.01
N ARG A 1101 -79.86 -25.44 41.11
CA ARG A 1101 -80.11 -25.34 39.68
C ARG A 1101 -79.87 -26.67 38.98
N LEU A 1102 -80.44 -27.75 39.52
CA LEU A 1102 -80.18 -29.10 39.02
C LEU A 1102 -80.55 -29.26 37.55
N ASP A 1103 -81.41 -28.40 37.01
CA ASP A 1103 -81.77 -28.49 35.59
C ASP A 1103 -80.54 -28.29 34.71
N ILE A 1104 -79.58 -27.48 35.16
CA ILE A 1104 -78.34 -27.30 34.41
C ILE A 1104 -77.54 -28.58 34.34
N ILE A 1105 -77.71 -29.49 35.31
CA ILE A 1105 -76.88 -30.68 35.40
C ILE A 1105 -77.05 -31.56 34.17
N GLU A 1106 -78.31 -31.85 33.81
CA GLU A 1106 -78.60 -32.75 32.71
C GLU A 1106 -78.80 -32.04 31.38
N THR A 1107 -78.96 -30.71 31.38
CA THR A 1107 -79.08 -29.98 30.13
C THR A 1107 -77.77 -29.38 29.66
N ASN A 1108 -76.91 -28.96 30.59
CA ASN A 1108 -75.64 -28.33 30.24
C ASN A 1108 -74.45 -29.10 30.78
N VAL A 1109 -74.45 -29.48 32.05
CA VAL A 1109 -73.25 -30.03 32.69
C VAL A 1109 -72.83 -31.34 32.02
N LYS A 1110 -73.69 -32.36 32.10
CA LYS A 1110 -73.36 -33.65 31.51
C LYS A 1110 -73.22 -33.59 30.00
N PRO A 1111 -74.12 -32.95 29.23
CA PRO A 1111 -73.87 -32.84 27.78
C PRO A 1111 -72.56 -32.16 27.44
N SER A 1112 -72.17 -31.13 28.19
CA SER A 1112 -70.90 -30.45 27.91
C SER A 1112 -69.72 -31.33 28.29
N ILE A 1113 -69.85 -32.14 29.34
CA ILE A 1113 -68.81 -33.11 29.66
C ILE A 1113 -68.65 -34.09 28.50
N LEU A 1114 -69.76 -34.56 27.95
CA LEU A 1114 -69.69 -35.48 26.82
C LEU A 1114 -69.06 -34.82 25.60
N GLU A 1115 -69.42 -33.56 25.34
CA GLU A 1115 -68.85 -32.85 24.19
C GLU A 1115 -67.35 -32.63 24.36
N ALA A 1116 -66.91 -32.23 25.55
CA ALA A 1116 -65.48 -32.07 25.79
C ALA A 1116 -64.76 -33.39 25.64
N GLN A 1117 -65.36 -34.48 26.14
CA GLN A 1117 -64.69 -35.77 26.10
C GLN A 1117 -64.61 -36.33 24.66
N LYS A 1118 -65.65 -36.11 23.85
CA LYS A 1118 -65.55 -36.48 22.43
C LYS A 1118 -64.53 -35.59 21.70
N ASN A 1119 -64.48 -34.29 22.04
CA ASN A 1119 -63.38 -33.47 21.53
C ASN A 1119 -62.03 -34.03 21.93
N TYR A 1120 -61.96 -34.67 23.10
CA TYR A 1120 -60.71 -35.25 23.55
C TYR A 1120 -60.35 -36.51 22.78
N MET A 1121 -61.33 -37.36 22.43
CA MET A 1121 -60.96 -38.47 21.54
C MET A 1121 -60.51 -37.95 20.18
N ALA A 1122 -61.20 -36.92 19.67
CA ALA A 1122 -60.80 -36.29 18.40
C ALA A 1122 -59.37 -35.79 18.46
N PHE A 1123 -59.02 -35.06 19.51
CA PHE A 1123 -57.68 -34.51 19.64
C PHE A 1123 -56.64 -35.60 19.85
N LEU A 1124 -56.99 -36.66 20.59
CA LEU A 1124 -56.05 -37.76 20.76
C LEU A 1124 -55.76 -38.46 19.44
N ASP A 1125 -56.80 -38.71 18.63
CA ASP A 1125 -56.60 -39.31 17.33
C ASP A 1125 -55.80 -38.39 16.43
N SER A 1126 -56.09 -37.10 16.46
CA SER A 1126 -55.31 -36.15 15.66
C SER A 1126 -53.85 -36.13 16.09
N GLN A 1127 -53.59 -36.19 17.40
CA GLN A 1127 -52.22 -36.21 17.88
C GLN A 1127 -51.49 -37.47 17.44
N THR A 1128 -52.16 -38.62 17.51
CA THR A 1128 -51.55 -39.86 17.06
C THR A 1128 -51.24 -39.80 15.57
N ALA A 1129 -52.18 -39.30 14.77
CA ALA A 1129 -51.97 -39.20 13.33
C ALA A 1129 -50.83 -38.23 13.00
N THR A 1130 -50.80 -37.09 13.70
CA THR A 1130 -49.75 -36.10 13.48
C THR A 1130 -48.38 -36.66 13.85
N PHE A 1131 -48.31 -37.34 14.99
CA PHE A 1131 -47.06 -37.96 15.42
C PHE A 1131 -46.59 -38.98 14.39
N SER A 1132 -47.50 -39.86 13.94
CA SER A 1132 -47.14 -40.87 12.97
C SER A 1132 -46.67 -40.24 11.67
N ARG A 1133 -47.41 -39.25 11.16
CA ARG A 1133 -47.05 -38.61 9.89
C ARG A 1133 -45.70 -37.93 9.97
N HIS A 1134 -45.49 -37.12 11.02
CA HIS A 1134 -44.24 -36.39 11.14
C HIS A 1134 -43.07 -37.33 11.40
N LYS A 1135 -43.30 -38.41 12.16
CA LYS A 1135 -42.22 -39.37 12.38
C LYS A 1135 -41.86 -40.11 11.10
N LYS A 1136 -42.86 -40.47 10.28
CA LYS A 1136 -42.55 -41.13 9.01
C LYS A 1136 -41.84 -40.18 8.07
N ARG A 1137 -42.23 -38.90 8.07
CA ARG A 1137 -41.52 -37.91 7.27
C ARG A 1137 -40.08 -37.77 7.74
N LEU A 1138 -39.86 -37.75 9.06
CA LEU A 1138 -38.51 -37.68 9.61
C LEU A 1138 -37.70 -38.90 9.20
N LEU A 1139 -38.31 -40.08 9.26
CA LEU A 1139 -37.61 -41.29 8.86
C LEU A 1139 -37.24 -41.25 7.38
N VAL A 1140 -38.15 -40.78 6.53
CA VAL A 1140 -37.87 -40.70 5.09
C VAL A 1140 -36.74 -39.73 4.84
N VAL A 1141 -36.79 -38.56 5.48
CA VAL A 1141 -35.73 -37.55 5.29
C VAL A 1141 -34.40 -38.09 5.80
N ARG A 1142 -34.40 -38.73 6.97
CA ARG A 1142 -33.18 -39.28 7.54
C ARG A 1142 -32.59 -40.36 6.63
N GLU A 1143 -33.43 -41.23 6.08
CA GLU A 1143 -32.94 -42.25 5.17
C GLU A 1143 -32.38 -41.63 3.90
N LEU A 1144 -33.02 -40.58 3.37
CA LEU A 1144 -32.50 -39.91 2.20
C LEU A 1144 -31.12 -39.31 2.49
N LYS A 1145 -30.98 -38.65 3.64
CA LYS A 1145 -29.69 -38.06 4.00
C LYS A 1145 -28.64 -39.14 4.20
N GLU A 1146 -29.00 -40.26 4.82
CA GLU A 1146 -28.06 -41.35 5.01
C GLU A 1146 -27.60 -41.93 3.68
N GLN A 1147 -28.55 -42.14 2.76
CA GLN A 1147 -28.20 -42.63 1.43
C GLN A 1147 -27.30 -41.64 0.71
N ALA A 1148 -27.51 -40.34 0.92
CA ALA A 1148 -26.57 -39.35 0.39
C ALA A 1148 -25.20 -39.51 1.02
N GLN A 1149 -25.14 -39.80 2.32
CA GLN A 1149 -23.84 -39.97 2.99
C GLN A 1149 -23.08 -41.16 2.43
N GLN A 1150 -23.75 -42.30 2.26
CA GLN A 1150 -23.05 -43.45 1.68
C GLN A 1150 -22.72 -43.21 0.21
N ALA A 1151 -23.61 -42.54 -0.53
CA ALA A 1151 -23.35 -42.23 -1.92
C ALA A 1151 -22.25 -41.20 -2.08
N GLY A 1152 -22.19 -40.22 -1.19
CA GLY A 1152 -21.17 -39.18 -1.25
C GLY A 1152 -19.77 -39.68 -0.94
N LEU A 1213 -32.89 -28.60 5.48
CA LEU A 1213 -32.80 -29.05 6.87
C LEU A 1213 -34.17 -29.37 7.43
N GLU A 1214 -34.96 -30.13 6.66
CA GLU A 1214 -36.31 -30.48 7.09
C GLU A 1214 -36.29 -31.33 8.36
N ASP A 1215 -35.19 -32.05 8.59
CA ASP A 1215 -35.11 -32.94 9.75
C ASP A 1215 -35.20 -32.16 11.06
N LEU A 1216 -34.56 -30.98 11.11
CA LEU A 1216 -34.59 -30.18 12.34
C LEU A 1216 -36.01 -29.73 12.66
N ALA A 1217 -36.73 -29.21 11.66
CA ALA A 1217 -38.10 -28.78 11.87
C ALA A 1217 -39.00 -29.96 12.24
N LEU A 1218 -38.78 -31.12 11.59
CA LEU A 1218 -39.57 -32.29 11.93
C LEU A 1218 -39.34 -32.73 13.36
N LEU A 1219 -38.08 -32.74 13.81
CA LEU A 1219 -37.78 -33.11 15.18
C LEU A 1219 -38.40 -32.14 16.17
N GLU A 1220 -38.31 -30.84 15.88
CA GLU A 1220 -38.91 -29.85 16.78
C GLU A 1220 -40.42 -29.99 16.83
N ALA A 1221 -41.06 -30.24 15.68
CA ALA A 1221 -42.51 -30.41 15.65
C ALA A 1221 -42.93 -31.67 16.42
N LEU A 1222 -42.17 -32.75 16.27
CA LEU A 1222 -42.46 -33.95 17.05
C LEU A 1222 -42.31 -33.69 18.55
N SER A 1223 -41.28 -32.92 18.93
CA SER A 1223 -41.12 -32.56 20.32
C SER A 1223 -42.32 -31.76 20.83
N GLU A 1224 -42.80 -30.82 20.01
CA GLU A 1224 -43.99 -30.05 20.40
C GLU A 1224 -45.20 -30.96 20.55
N VAL A 1225 -45.36 -31.94 19.65
CA VAL A 1225 -46.49 -32.85 19.73
C VAL A 1225 -46.44 -33.66 21.02
N VAL A 1226 -45.25 -34.18 21.35
CA VAL A 1226 -45.11 -34.95 22.58
C VAL A 1226 -45.35 -34.06 23.80
N GLN A 1227 -44.93 -32.79 23.72
CA GLN A 1227 -45.16 -31.86 24.82
C GLN A 1227 -46.66 -31.62 25.03
N ASN A 1228 -47.40 -31.44 23.93
CA ASN A 1228 -48.84 -31.25 24.05
C ASN A 1228 -49.51 -32.50 24.62
N THR A 1229 -49.07 -33.67 24.17
CA THR A 1229 -49.61 -34.91 24.72
C THR A 1229 -49.36 -35.01 26.21
N GLU A 1230 -48.16 -34.62 26.66
CA GLU A 1230 -47.87 -34.62 28.09
C GLU A 1230 -48.75 -33.61 28.83
N ASN A 1231 -48.92 -32.41 28.27
CA ASN A 1231 -49.74 -31.38 28.92
C ASN A 1231 -51.21 -31.76 28.97
N LEU A 1232 -51.64 -32.70 28.13
CA LEU A 1232 -53.03 -33.15 28.18
C LEU A 1232 -53.37 -33.83 29.50
N LYS A 1233 -52.36 -34.19 30.30
CA LYS A 1233 -52.57 -35.10 31.43
C LYS A 1233 -53.52 -34.53 32.47
N ASP A 1234 -53.37 -33.24 32.82
CA ASP A 1234 -54.19 -32.66 33.88
C ASP A 1234 -55.67 -32.68 33.50
N GLU A 1235 -55.99 -32.20 32.29
CA GLU A 1235 -57.38 -32.21 31.85
C GLU A 1235 -57.89 -33.63 31.67
N VAL A 1236 -57.03 -34.56 31.26
CA VAL A 1236 -57.46 -35.95 31.15
C VAL A 1236 -57.87 -36.49 32.51
N TYR A 1237 -57.07 -36.21 33.53
CA TYR A 1237 -57.38 -36.68 34.88
C TYR A 1237 -58.68 -36.06 35.37
N HIS A 1238 -58.84 -34.75 35.20
CA HIS A 1238 -60.05 -34.09 35.68
C HIS A 1238 -61.29 -34.58 34.94
N ILE A 1239 -61.17 -34.75 33.61
CA ILE A 1239 -62.30 -35.22 32.82
C ILE A 1239 -62.65 -36.66 33.18
N LEU A 1240 -61.65 -37.49 33.44
CA LEU A 1240 -61.95 -38.85 33.89
C LEU A 1240 -62.68 -38.85 35.21
N LYS A 1241 -62.24 -38.00 36.15
CA LYS A 1241 -62.93 -37.87 37.43
C LYS A 1241 -64.39 -37.50 37.22
N VAL A 1242 -64.64 -36.44 36.44
CA VAL A 1242 -66.01 -35.96 36.29
C VAL A 1242 -66.84 -36.96 35.50
N LEU A 1243 -66.24 -37.66 34.54
CA LEU A 1243 -66.96 -38.67 33.77
C LEU A 1243 -67.44 -39.80 34.67
N PHE A 1244 -66.52 -40.38 35.45
CA PHE A 1244 -66.93 -41.51 36.28
C PHE A 1244 -67.80 -41.05 37.42
N LEU A 1245 -67.71 -39.78 37.81
CA LEU A 1245 -68.62 -39.20 38.78
C LEU A 1245 -70.05 -39.16 38.28
N PHE A 1246 -70.25 -39.21 36.97
CA PHE A 1246 -71.59 -39.12 36.38
C PHE A 1246 -71.91 -40.33 35.50
N GLU A 1247 -71.42 -41.50 35.90
CA GLU A 1247 -71.75 -42.78 35.28
C GLU A 1247 -71.43 -42.80 33.78
N PHE A 1248 -70.38 -42.09 33.36
CA PHE A 1248 -69.93 -42.09 31.97
C PHE A 1248 -68.70 -42.94 31.75
N ASP A 1249 -68.55 -44.04 32.50
CA ASP A 1249 -67.31 -44.81 32.46
C ASP A 1249 -67.10 -45.48 31.11
N GLU A 1250 -68.17 -45.66 30.33
CA GLU A 1250 -68.02 -46.25 29.01
C GLU A 1250 -67.16 -45.37 28.10
N GLN A 1251 -67.38 -44.06 28.16
CA GLN A 1251 -66.51 -43.12 27.46
C GLN A 1251 -65.19 -42.94 28.20
N GLY A 1252 -65.24 -43.00 29.54
CA GLY A 1252 -64.02 -42.83 30.32
C GLY A 1252 -63.00 -43.92 30.05
N ARG A 1253 -63.47 -45.17 29.93
CA ARG A 1253 -62.57 -46.25 29.58
C ARG A 1253 -61.96 -46.05 28.20
N GLU A 1254 -62.76 -45.62 27.22
CA GLU A 1254 -62.23 -45.37 25.89
C GLU A 1254 -61.15 -44.29 25.92
N LEU A 1255 -61.42 -43.18 26.62
CA LEU A 1255 -60.45 -42.11 26.69
C LEU A 1255 -59.18 -42.57 27.41
N GLN A 1256 -59.32 -43.32 28.49
CA GLN A 1256 -58.16 -43.80 29.24
C GLN A 1256 -57.31 -44.72 28.38
N LYS A 1257 -57.94 -45.66 27.66
CA LYS A 1257 -57.19 -46.57 26.81
C LYS A 1257 -56.51 -45.82 25.67
N ALA A 1258 -57.20 -44.85 25.06
CA ALA A 1258 -56.59 -44.08 23.98
C ALA A 1258 -55.38 -43.30 24.47
N PHE A 1259 -55.50 -42.66 25.64
CA PHE A 1259 -54.37 -41.90 26.16
C PHE A 1259 -53.23 -42.82 26.55
N GLU A 1260 -53.55 -44.01 27.07
CA GLU A 1260 -52.53 -45.02 27.32
C GLU A 1260 -51.78 -45.36 26.04
N ASP A 1261 -52.52 -45.60 24.95
CA ASP A 1261 -51.89 -45.94 23.69
C ASP A 1261 -50.95 -44.82 23.23
N THR A 1262 -51.44 -43.58 23.25
CA THR A 1262 -50.63 -42.46 22.79
C THR A 1262 -49.36 -42.32 23.63
N LEU A 1263 -49.51 -42.31 24.96
CA LEU A 1263 -48.34 -42.14 25.82
C LEU A 1263 -47.35 -43.28 25.65
N GLN A 1264 -47.85 -44.52 25.59
CA GLN A 1264 -46.96 -45.66 25.47
C GLN A 1264 -46.21 -45.65 24.14
N LEU A 1265 -46.91 -45.36 23.03
CA LEU A 1265 -46.23 -45.33 21.74
C LEU A 1265 -45.21 -44.20 21.68
N MET A 1266 -45.54 -43.02 22.22
CA MET A 1266 -44.59 -41.93 22.20
C MET A 1266 -43.37 -42.23 23.05
N GLU A 1267 -43.58 -42.81 24.23
CA GLU A 1267 -42.44 -43.16 25.09
C GLU A 1267 -41.59 -44.25 24.46
N ARG A 1268 -42.23 -45.22 23.80
CA ARG A 1268 -41.48 -46.27 23.12
C ARG A 1268 -40.65 -45.70 21.98
N SER A 1269 -41.22 -44.76 21.22
CA SER A 1269 -40.52 -44.16 20.10
C SER A 1269 -39.55 -43.07 20.52
N LEU A 1270 -39.56 -42.68 21.80
CA LEU A 1270 -38.66 -41.66 22.31
C LEU A 1270 -37.19 -41.88 21.98
N PRO A 1271 -36.60 -43.06 22.20
CA PRO A 1271 -35.20 -43.24 21.75
C PRO A 1271 -35.03 -43.18 20.24
N GLU A 1272 -36.04 -43.63 19.48
CA GLU A 1272 -35.90 -43.74 18.04
C GLU A 1272 -35.95 -42.37 17.35
N ILE A 1273 -36.80 -41.47 17.84
CA ILE A 1273 -36.91 -40.15 17.22
C ILE A 1273 -35.65 -39.33 17.50
N TRP A 1274 -35.36 -39.09 18.77
CA TRP A 1274 -34.17 -38.34 19.17
C TRP A 1274 -33.04 -39.34 19.40
N THR A 1275 -32.42 -39.74 18.28
CA THR A 1275 -31.28 -40.65 18.33
C THR A 1275 -30.10 -39.97 19.01
N LEU A 1276 -29.57 -40.61 20.05
CA LEU A 1276 -28.46 -40.05 20.80
C LEU A 1276 -27.17 -40.15 19.98
N GLU A 1313 -32.02 -28.48 21.29
CA GLU A 1313 -33.34 -28.99 21.63
C GLU A 1313 -33.95 -29.76 20.46
N LEU A 1314 -33.35 -29.61 19.29
CA LEU A 1314 -33.83 -30.33 18.11
C LEU A 1314 -33.70 -31.84 18.30
N PHE A 1315 -32.46 -32.31 18.44
CA PHE A 1315 -32.21 -33.72 18.70
C PHE A 1315 -32.24 -34.07 20.19
N ILE A 1316 -32.32 -33.07 21.06
CA ILE A 1316 -32.38 -33.34 22.50
C ILE A 1316 -33.74 -33.94 22.83
N PRO A 1317 -33.81 -35.04 23.57
CA PRO A 1317 -35.10 -35.62 23.94
C PRO A 1317 -35.90 -34.64 24.78
N PRO A 1318 -37.23 -34.59 24.60
CA PRO A 1318 -38.06 -33.69 25.40
C PRO A 1318 -38.33 -34.23 26.79
N LYS A 1319 -39.14 -33.52 27.56
CA LYS A 1319 -39.44 -33.87 28.95
C LYS A 1319 -40.85 -34.42 29.04
N ILE A 1320 -41.01 -35.59 29.65
CA ILE A 1320 -42.31 -36.20 29.88
C ILE A 1320 -42.51 -36.31 31.38
N ASN A 1321 -43.50 -35.58 31.90
CA ASN A 1321 -43.77 -35.53 33.33
C ASN A 1321 -44.66 -36.71 33.70
N ARG A 1322 -44.02 -37.85 33.94
CA ARG A 1322 -44.74 -39.02 34.44
C ARG A 1322 -45.29 -38.79 35.84
N ARG A 1323 -44.76 -37.79 36.56
CA ARG A 1323 -45.22 -37.52 37.92
C ARG A 1323 -46.69 -37.12 37.94
N THR A 1324 -47.12 -36.31 36.97
CA THR A 1324 -48.49 -35.84 36.93
C THR A 1324 -49.44 -36.99 36.65
N GLN A 1325 -50.23 -37.37 37.66
CA GLN A 1325 -51.18 -38.46 37.51
C GLN A 1325 -52.32 -38.07 36.59
N TRP A 1326 -52.69 -38.99 35.70
CA TRP A 1326 -53.78 -38.73 34.76
C TRP A 1326 -54.79 -39.87 34.80
N LYS A 1327 -54.31 -41.08 35.12
CA LYS A 1327 -55.15 -42.27 35.02
C LYS A 1327 -56.22 -42.28 36.10
N LEU A 1328 -57.41 -42.73 35.73
CA LEU A 1328 -58.52 -42.91 36.66
C LEU A 1328 -58.43 -44.32 37.23
N SER A 1329 -57.84 -44.45 38.43
CA SER A 1329 -57.56 -45.75 39.00
C SER A 1329 -58.81 -46.49 39.46
N LEU A 1330 -59.95 -45.81 39.58
CA LEU A 1330 -61.18 -46.50 39.98
C LEU A 1330 -61.61 -47.53 38.93
N LEU A 1331 -61.48 -47.18 37.65
CA LEU A 1331 -61.92 -48.08 36.59
C LEU A 1331 -61.12 -49.38 36.59
N ASP A 1332 -59.82 -49.28 36.79
CA ASP A 1332 -58.97 -50.48 36.83
C ASP A 1332 -58.82 -50.99 38.26
N MET B 1 14.59 67.07 -44.89
CA MET B 1 15.29 66.95 -46.16
C MET B 1 16.74 66.49 -45.93
N VAL B 2 17.45 67.21 -45.07
CA VAL B 2 18.82 66.83 -44.74
C VAL B 2 18.85 65.50 -43.99
N ALA B 3 17.85 65.24 -43.16
CA ALA B 3 17.77 64.01 -42.41
C ALA B 3 16.40 63.38 -42.56
N PRO B 4 16.34 62.05 -42.66
CA PRO B 4 15.05 61.37 -42.79
C PRO B 4 14.28 61.38 -41.47
N VAL B 5 12.98 61.15 -41.59
CA VAL B 5 12.07 61.18 -40.45
C VAL B 5 11.48 59.77 -40.32
N LEU B 6 12.07 58.95 -39.46
CA LEU B 6 11.56 57.62 -39.20
C LEU B 6 10.69 57.63 -37.96
N GLU B 7 9.46 57.12 -38.09
CA GLU B 7 8.55 57.10 -36.96
C GLU B 7 7.78 55.78 -36.96
N THR B 8 7.37 55.37 -35.76
CA THR B 8 6.63 54.13 -35.55
C THR B 8 5.14 54.44 -35.51
N SER B 9 4.32 53.51 -36.02
CA SER B 9 2.89 53.70 -36.09
C SER B 9 2.09 52.77 -35.19
N HIS B 10 2.45 51.49 -35.12
CA HIS B 10 1.67 50.53 -34.35
C HIS B 10 2.60 49.51 -33.71
N VAL B 11 2.24 49.06 -32.51
CA VAL B 11 2.97 48.02 -31.80
C VAL B 11 1.96 47.02 -31.23
N PHE B 12 2.27 45.74 -31.35
CA PHE B 12 1.41 44.67 -30.84
C PHE B 12 2.21 43.81 -29.88
N CYS B 13 1.72 43.68 -28.64
CA CYS B 13 2.42 42.92 -27.62
C CYS B 13 1.46 42.60 -26.48
N CYS B 14 1.88 41.68 -25.62
CA CYS B 14 1.10 41.21 -24.49
C CYS B 14 2.01 41.08 -23.28
N PRO B 15 1.44 41.09 -22.08
CA PRO B 15 2.27 41.06 -20.86
C PRO B 15 2.96 39.71 -20.68
N ASN B 16 3.98 39.73 -19.83
CA ASN B 16 4.70 38.51 -19.48
C ASN B 16 3.87 37.65 -18.55
N ARG B 17 4.36 36.45 -18.26
CA ARG B 17 3.67 35.50 -17.38
C ARG B 17 4.31 35.57 -15.99
N VAL B 18 4.11 36.69 -15.31
CA VAL B 18 4.65 36.92 -13.97
C VAL B 18 3.58 37.66 -13.16
N ARG B 19 3.62 37.49 -11.85
CA ARG B 19 2.70 38.19 -10.95
C ARG B 19 3.19 39.61 -10.71
N GLY B 20 2.27 40.57 -10.77
CA GLY B 20 2.60 41.94 -10.49
C GLY B 20 3.31 42.69 -11.60
N VAL B 21 3.13 42.27 -12.85
CA VAL B 21 3.78 42.91 -13.98
C VAL B 21 2.92 43.99 -14.61
N LEU B 22 1.69 44.17 -14.13
CA LEU B 22 0.75 45.13 -14.68
C LEU B 22 0.37 46.13 -13.60
N ASN B 23 0.29 47.41 -13.97
CA ASN B 23 -0.09 48.41 -12.99
C ASN B 23 -0.77 49.58 -13.67
N TRP B 24 -1.87 50.04 -13.07
CA TRP B 24 -2.64 51.18 -13.56
C TRP B 24 -2.41 52.39 -12.66
N SER B 25 -2.12 53.52 -13.27
CA SER B 25 -1.83 54.73 -12.51
C SER B 25 -3.09 55.25 -11.84
N SER B 26 -2.93 56.36 -11.11
CA SER B 26 -4.03 57.01 -10.42
C SER B 26 -4.13 58.46 -10.85
N GLY B 27 -5.34 59.00 -10.86
CA GLY B 27 -5.59 60.35 -11.30
C GLY B 27 -6.24 60.37 -12.67
N PRO B 28 -6.79 61.51 -13.05
CA PRO B 28 -7.47 61.59 -14.35
C PRO B 28 -6.51 61.32 -15.51
N ARG B 29 -7.00 60.61 -16.51
CA ARG B 29 -6.24 60.28 -17.71
C ARG B 29 -4.91 59.60 -17.35
N GLY B 30 -5.01 58.55 -16.53
CA GLY B 30 -3.83 57.77 -16.19
C GLY B 30 -3.42 56.83 -17.30
N LEU B 31 -2.23 56.25 -17.13
CA LEU B 31 -1.66 55.35 -18.12
C LEU B 31 -1.48 53.96 -17.52
N LEU B 32 -1.70 52.95 -18.35
CA LEU B 32 -1.43 51.58 -17.97
C LEU B 32 0.01 51.23 -18.30
N ALA B 33 0.64 50.43 -17.44
CA ALA B 33 2.03 50.05 -17.68
C ALA B 33 2.18 48.56 -17.47
N PHE B 34 2.79 47.87 -18.45
CA PHE B 34 3.10 46.46 -18.26
C PHE B 34 4.46 46.17 -18.86
N GLY B 35 4.90 44.92 -18.75
CA GLY B 35 6.23 44.56 -19.19
C GLY B 35 6.26 43.42 -20.20
N THR B 36 6.88 43.67 -21.34
CA THR B 36 6.98 42.68 -22.41
C THR B 36 8.46 42.38 -22.66
N SER B 37 8.86 41.15 -22.37
CA SER B 37 10.24 40.71 -22.57
C SER B 37 11.21 41.60 -21.80
N CYS B 38 11.86 42.54 -22.48
CA CYS B 38 12.84 43.42 -21.86
C CYS B 38 12.43 44.88 -21.92
N SER B 39 11.16 45.18 -22.16
CA SER B 39 10.70 46.55 -22.29
C SER B 39 9.52 46.78 -21.36
N VAL B 40 9.36 48.03 -20.93
CA VAL B 40 8.20 48.47 -20.17
C VAL B 40 7.34 49.28 -21.12
N VAL B 41 6.15 48.78 -21.43
CA VAL B 41 5.25 49.39 -22.40
C VAL B 41 4.22 50.23 -21.67
N LEU B 42 4.01 51.46 -22.14
CA LEU B 42 2.98 52.33 -21.63
C LEU B 42 1.82 52.36 -22.63
N TYR B 43 0.61 52.15 -22.13
CA TYR B 43 -0.57 51.93 -22.95
C TYR B 43 -1.68 52.86 -22.48
N ASP B 44 -2.43 53.40 -23.45
CA ASP B 44 -3.53 54.34 -23.18
C ASP B 44 -4.84 53.67 -23.53
N PRO B 45 -5.57 53.11 -22.56
CA PRO B 45 -6.79 52.35 -22.89
C PRO B 45 -7.87 53.18 -23.55
N LEU B 46 -7.97 54.48 -23.23
CA LEU B 46 -9.04 55.29 -23.80
C LEU B 46 -8.90 55.42 -25.31
N LYS B 47 -7.69 55.65 -25.80
CA LYS B 47 -7.45 55.66 -27.24
C LYS B 47 -7.06 54.30 -27.78
N ARG B 48 -6.83 53.32 -26.90
CA ARG B 48 -6.49 51.95 -27.29
C ARG B 48 -5.26 51.92 -28.20
N VAL B 49 -4.24 52.71 -27.85
CA VAL B 49 -3.00 52.77 -28.59
C VAL B 49 -1.85 52.80 -27.59
N VAL B 50 -0.68 52.36 -28.05
CA VAL B 50 0.54 52.35 -27.24
C VAL B 50 1.29 53.65 -27.48
N VAL B 51 1.66 54.32 -26.40
CA VAL B 51 2.33 55.62 -26.51
C VAL B 51 3.84 55.47 -26.61
N THR B 52 4.46 54.64 -25.76
CA THR B 52 5.91 54.53 -25.81
C THR B 52 6.39 53.27 -25.10
N ASN B 53 7.67 52.98 -25.34
CA ASN B 53 8.39 51.88 -24.72
C ASN B 53 9.60 52.44 -23.98
N LEU B 54 9.84 51.94 -22.78
CA LEU B 54 11.03 52.26 -22.00
C LEU B 54 11.88 51.01 -21.91
N ASN B 55 13.08 51.06 -22.49
CA ASN B 55 13.92 49.88 -22.60
C ASN B 55 15.36 50.21 -22.18
N GLY B 56 15.76 49.68 -21.03
CA GLY B 56 17.13 49.75 -20.57
C GLY B 56 17.49 48.48 -19.83
N HIS B 57 16.57 47.51 -19.84
CA HIS B 57 16.77 46.23 -19.18
C HIS B 57 17.43 45.25 -20.14
N THR B 58 18.15 44.28 -19.56
CA THR B 58 18.85 43.26 -20.34
C THR B 58 18.26 41.87 -20.14
N ALA B 59 17.14 41.76 -19.44
CA ALA B 59 16.52 40.46 -19.21
C ALA B 59 15.01 40.67 -19.05
N ARG B 60 14.33 39.67 -18.52
CA ARG B 60 12.88 39.71 -18.38
C ARG B 60 12.48 40.66 -17.26
N VAL B 61 11.46 41.49 -17.52
CA VAL B 61 10.95 42.43 -16.53
C VAL B 61 9.95 41.71 -15.64
N ASN B 62 10.02 41.96 -14.32
CA ASN B 62 9.18 41.22 -13.39
C ASN B 62 8.15 42.07 -12.67
N CYS B 63 8.50 43.27 -12.20
CA CYS B 63 7.60 44.07 -11.40
C CYS B 63 7.59 45.51 -11.89
N ILE B 64 6.43 46.16 -11.79
CA ILE B 64 6.28 47.57 -12.12
C ILE B 64 5.36 48.18 -11.08
N GLN B 65 5.71 49.39 -10.60
CA GLN B 65 4.91 50.07 -9.58
C GLN B 65 5.03 51.56 -9.77
N TRP B 66 3.90 52.23 -9.98
CA TRP B 66 3.88 53.68 -10.03
C TRP B 66 4.12 54.26 -8.64
N ILE B 67 4.49 55.54 -8.60
CA ILE B 67 4.68 56.26 -7.35
C ILE B 67 3.51 57.23 -7.19
N CYS B 68 2.82 57.13 -6.05
CA CYS B 68 1.59 57.87 -5.83
C CYS B 68 1.87 59.21 -5.19
N LYS B 69 1.33 60.28 -5.77
CA LYS B 69 1.44 61.61 -5.20
C LYS B 69 0.35 61.82 -4.15
N GLN B 70 0.29 63.04 -3.60
CA GLN B 70 -0.74 63.39 -2.64
C GLN B 70 -1.78 64.36 -3.19
N ASP B 71 -1.43 65.15 -4.21
CA ASP B 71 -2.35 66.16 -4.71
C ASP B 71 -3.48 65.55 -5.53
N GLY B 72 -3.29 64.33 -6.03
CA GLY B 72 -4.24 63.71 -6.95
C GLY B 72 -3.88 63.87 -8.40
N SER B 73 -2.75 64.51 -8.71
CA SER B 73 -2.31 64.64 -10.09
C SER B 73 -1.84 63.28 -10.61
N PRO B 74 -1.85 63.10 -11.94
CA PRO B 74 -1.31 61.86 -12.50
C PRO B 74 0.15 61.66 -12.12
N SER B 75 0.52 60.42 -11.87
CA SER B 75 1.88 60.10 -11.47
C SER B 75 2.84 60.31 -12.63
N THR B 76 4.11 60.58 -12.30
CA THR B 76 5.14 60.81 -13.30
C THR B 76 6.43 60.04 -13.03
N GLU B 77 6.47 59.21 -12.00
CA GLU B 77 7.67 58.41 -11.70
C GLU B 77 7.26 57.00 -11.33
N LEU B 78 8.10 56.05 -11.74
CA LEU B 78 7.82 54.64 -11.47
C LEU B 78 9.13 53.89 -11.32
N VAL B 79 9.03 52.68 -10.78
CA VAL B 79 10.18 51.86 -10.46
C VAL B 79 9.93 50.46 -10.99
N SER B 80 10.96 49.86 -11.59
CA SER B 80 10.84 48.55 -12.21
C SER B 80 11.97 47.65 -11.75
N GLY B 81 11.73 46.35 -11.79
CA GLY B 81 12.74 45.37 -11.42
C GLY B 81 12.89 44.30 -12.46
N GLY B 82 14.13 43.86 -12.67
CA GLY B 82 14.35 42.89 -13.72
C GLY B 82 15.00 41.59 -13.28
N SER B 83 14.94 40.57 -14.12
CA SER B 83 15.67 39.35 -13.85
C SER B 83 17.09 39.48 -14.37
N ASP B 84 17.73 40.60 -14.03
CA ASP B 84 19.14 40.85 -14.29
C ASP B 84 19.79 41.48 -13.07
N ASN B 85 19.22 41.20 -11.90
CA ASN B 85 19.75 41.62 -10.60
C ASN B 85 19.70 43.12 -10.39
N GLN B 86 18.85 43.85 -11.10
CA GLN B 86 18.89 45.31 -11.00
C GLN B 86 17.50 45.92 -11.01
N VAL B 87 17.41 47.08 -10.36
CA VAL B 87 16.20 47.88 -10.29
C VAL B 87 16.46 49.17 -11.07
N ILE B 88 15.40 49.76 -11.61
CA ILE B 88 15.54 51.00 -12.38
C ILE B 88 14.44 51.97 -11.96
N HIS B 89 14.82 53.24 -11.78
CA HIS B 89 13.91 54.32 -11.46
C HIS B 89 13.77 55.21 -12.68
N TRP B 90 12.55 55.38 -13.17
CA TRP B 90 12.30 56.14 -14.38
C TRP B 90 11.66 57.48 -14.06
N GLU B 91 11.75 58.40 -15.02
CA GLU B 91 11.06 59.68 -14.94
C GLU B 91 10.40 59.98 -16.27
N ILE B 92 9.19 60.53 -16.23
CA ILE B 92 8.37 60.75 -17.41
C ILE B 92 8.05 62.23 -17.53
N GLU B 93 8.11 62.75 -18.76
CA GLU B 93 7.71 64.13 -19.04
C GLU B 93 7.07 64.17 -20.42
N ASP B 94 5.84 64.68 -20.49
CA ASP B 94 5.13 64.87 -21.74
C ASP B 94 5.03 63.56 -22.53
N ASN B 95 4.69 62.48 -21.83
CA ASN B 95 4.57 61.15 -22.43
C ASN B 95 5.85 60.76 -23.16
N GLN B 96 6.98 61.03 -22.52
CA GLN B 96 8.29 60.67 -23.04
C GLN B 96 9.16 60.24 -21.86
N LEU B 97 10.42 59.92 -22.15
CA LEU B 97 11.37 59.56 -21.11
C LEU B 97 12.29 60.74 -20.88
N LEU B 98 12.53 61.06 -19.61
CA LEU B 98 13.41 62.16 -19.22
C LEU B 98 14.73 61.66 -18.64
N LYS B 99 14.69 60.67 -17.76
CA LYS B 99 15.89 60.20 -17.10
C LYS B 99 15.62 58.85 -16.46
N ALA B 100 16.68 58.05 -16.34
CA ALA B 100 16.59 56.74 -15.74
C ALA B 100 17.83 56.51 -14.88
N VAL B 101 17.64 55.94 -13.70
CA VAL B 101 18.72 55.70 -12.75
C VAL B 101 18.73 54.22 -12.39
N HIS B 102 19.90 53.60 -12.46
CA HIS B 102 20.05 52.17 -12.21
C HIS B 102 20.50 51.94 -10.77
N LEU B 103 19.80 51.07 -10.07
CA LEU B 103 20.15 50.65 -8.72
C LEU B 103 20.61 49.21 -8.75
N GLN B 104 21.79 48.95 -8.19
CA GLN B 104 22.47 47.68 -8.33
C GLN B 104 22.96 47.21 -6.96
N GLY B 105 23.18 45.90 -6.86
CA GLY B 105 23.67 45.34 -5.62
C GLY B 105 22.96 44.08 -5.18
N HIS B 106 22.15 43.50 -6.05
CA HIS B 106 21.51 42.22 -5.79
C HIS B 106 22.32 41.09 -6.42
N GLU B 107 22.03 39.87 -5.97
CA GLU B 107 22.73 38.69 -6.47
C GLU B 107 21.76 37.66 -7.06
N GLY B 108 20.53 38.07 -7.33
CA GLY B 108 19.54 37.21 -7.93
C GLY B 108 18.48 38.06 -8.61
N PRO B 109 17.62 37.44 -9.41
CA PRO B 109 16.51 38.19 -10.00
C PRO B 109 15.61 38.77 -8.92
N VAL B 110 15.13 39.98 -9.16
CA VAL B 110 14.28 40.67 -8.20
C VAL B 110 12.83 40.32 -8.48
N TYR B 111 12.02 40.26 -7.42
CA TYR B 111 10.64 39.82 -7.56
C TYR B 111 9.64 40.66 -6.80
N ALA B 112 10.05 41.69 -6.05
CA ALA B 112 9.08 42.55 -5.39
C ALA B 112 9.66 43.94 -5.27
N VAL B 113 8.82 44.95 -5.51
CA VAL B 113 9.24 46.35 -5.57
C VAL B 113 8.15 47.22 -4.96
N HIS B 114 8.55 48.22 -4.18
CA HIS B 114 7.62 49.27 -3.76
C HIS B 114 8.40 50.55 -3.48
N ALA B 115 7.69 51.68 -3.53
CA ALA B 115 8.34 52.97 -3.33
C ALA B 115 7.29 54.02 -2.98
N VAL B 116 7.69 54.98 -2.13
CA VAL B 116 6.83 56.08 -1.72
C VAL B 116 7.60 57.39 -1.66
N TYR B 117 6.86 58.49 -1.72
CA TYR B 117 7.38 59.82 -1.45
C TYR B 117 7.48 60.03 0.06
N GLN B 118 8.41 60.87 0.48
CA GLN B 118 8.56 61.19 1.89
C GLN B 118 7.96 62.55 2.22
N ARG B 119 7.46 62.67 3.44
CA ARG B 119 6.85 63.89 3.93
C ARG B 119 7.75 64.52 4.99
N ARG B 120 8.17 65.76 4.75
CA ARG B 120 9.07 66.47 5.65
C ARG B 120 9.04 67.93 5.24
N THR B 121 9.52 68.80 6.14
CA THR B 121 9.39 70.24 5.96
C THR B 121 10.73 70.94 5.75
N SER B 122 11.73 70.26 5.21
CA SER B 122 13.00 70.88 4.87
C SER B 122 13.03 71.36 3.41
N ASP B 123 11.92 71.26 2.70
CA ASP B 123 11.82 71.56 1.27
C ASP B 123 12.86 70.80 0.46
N PRO B 124 12.83 69.47 0.47
CA PRO B 124 13.80 68.72 -0.33
C PRO B 124 13.35 68.57 -1.77
N ALA B 125 14.16 67.91 -2.60
CA ALA B 125 13.81 67.69 -4.00
C ALA B 125 13.05 66.37 -4.10
N LEU B 126 11.96 66.30 -3.34
CA LEU B 126 11.05 65.15 -3.37
C LEU B 126 11.78 63.85 -3.05
N CYS B 127 12.27 63.71 -1.82
CA CYS B 127 12.94 62.49 -1.39
C CYS B 127 12.03 61.28 -1.53
N THR B 128 12.60 60.17 -2.00
CA THR B 128 11.85 58.95 -2.24
C THR B 128 12.49 57.78 -1.50
N LEU B 129 11.64 56.90 -0.97
CA LEU B 129 12.07 55.68 -0.30
C LEU B 129 11.65 54.47 -1.13
N ILE B 130 12.58 53.55 -1.34
CA ILE B 130 12.36 52.39 -2.20
C ILE B 130 12.74 51.13 -1.43
N VAL B 131 11.94 50.07 -1.58
CA VAL B 131 12.23 48.77 -1.00
C VAL B 131 12.10 47.71 -2.09
N SER B 132 13.05 46.76 -2.11
CA SER B 132 13.04 45.71 -3.11
C SER B 132 13.39 44.38 -2.46
N ALA B 133 12.87 43.30 -3.05
CA ALA B 133 13.13 41.94 -2.61
C ALA B 133 13.38 41.05 -3.80
N ALA B 134 14.36 40.16 -3.65
CA ALA B 134 14.89 39.39 -4.77
C ALA B 134 15.03 37.94 -4.35
N ALA B 135 15.70 37.14 -5.18
CA ALA B 135 15.81 35.71 -5.00
C ALA B 135 17.05 35.29 -4.23
N ASP B 136 17.86 36.23 -3.74
CA ASP B 136 19.03 35.90 -2.95
C ASP B 136 18.75 35.93 -1.45
N SER B 137 17.49 35.77 -1.05
CA SER B 137 17.10 35.73 0.36
C SER B 137 17.49 37.02 1.09
N ALA B 138 17.15 38.16 0.48
CA ALA B 138 17.49 39.44 1.07
C ALA B 138 16.51 40.50 0.60
N VAL B 139 16.35 41.53 1.43
CA VAL B 139 15.54 42.69 1.11
C VAL B 139 16.39 43.94 1.29
N ARG B 140 16.32 44.85 0.33
CA ARG B 140 17.19 46.01 0.32
C ARG B 140 16.38 47.30 0.31
N LEU B 141 16.91 48.32 0.96
CA LEU B 141 16.26 49.63 1.03
C LEU B 141 17.14 50.69 0.40
N TRP B 142 16.52 51.65 -0.28
CA TRP B 142 17.23 52.67 -1.02
C TRP B 142 16.56 54.01 -0.79
N SER B 143 17.35 55.08 -0.88
CA SER B 143 16.86 56.45 -0.83
C SER B 143 17.41 57.24 -2.01
N LYS B 144 16.57 58.07 -2.61
CA LYS B 144 16.94 58.83 -3.80
C LYS B 144 16.70 60.31 -3.53
N LYS B 145 17.76 61.02 -3.15
CA LYS B 145 17.72 62.46 -2.96
C LYS B 145 18.29 63.12 -4.21
N GLY B 146 17.41 63.67 -5.04
CA GLY B 146 17.81 64.24 -6.31
C GLY B 146 18.41 63.18 -7.22
N PRO B 147 19.49 63.53 -7.92
CA PRO B 147 20.17 62.55 -8.78
C PRO B 147 21.09 61.60 -8.03
N GLU B 148 21.04 61.57 -6.70
CA GLU B 148 21.94 60.76 -5.90
C GLU B 148 21.17 59.67 -5.17
N VAL B 149 21.72 58.46 -5.18
CA VAL B 149 21.10 57.31 -4.53
C VAL B 149 22.11 56.67 -3.59
N MET B 150 21.59 55.98 -2.58
CA MET B 150 22.45 55.34 -1.58
C MET B 150 21.63 54.27 -0.87
N CYS B 151 22.30 53.20 -0.49
CA CYS B 151 21.65 52.00 0.07
C CYS B 151 21.68 52.09 1.59
N LEU B 152 20.50 52.28 2.19
CA LEU B 152 20.42 52.45 3.64
C LEU B 152 20.67 51.14 4.37
N GLN B 153 20.03 50.05 3.94
CA GLN B 153 20.06 48.85 4.74
C GLN B 153 19.76 47.62 3.89
N THR B 154 20.18 46.47 4.41
CA THR B 154 19.88 45.16 3.86
C THR B 154 19.43 44.25 4.99
N LEU B 155 18.47 43.37 4.69
CA LEU B 155 17.91 42.44 5.65
C LEU B 155 18.02 41.03 5.08
N ASN B 156 18.51 40.10 5.90
CA ASN B 156 18.72 38.73 5.48
C ASN B 156 17.71 37.82 6.14
N PHE B 157 17.10 36.94 5.36
CA PHE B 157 16.06 36.02 5.83
C PHE B 157 16.54 34.59 5.90
N GLY B 158 17.84 34.38 6.12
CA GLY B 158 18.37 33.04 6.14
C GLY B 158 18.25 32.39 4.78
N ASN B 159 17.54 31.28 4.71
CA ASN B 159 17.28 30.58 3.47
C ASN B 159 15.83 30.69 3.01
N GLY B 160 15.08 31.68 3.53
CA GLY B 160 13.73 31.95 3.10
C GLY B 160 13.68 32.99 2.00
N PHE B 161 12.47 33.48 1.75
CA PHE B 161 12.26 34.49 0.72
C PHE B 161 11.13 35.41 1.14
N ALA B 162 11.08 36.58 0.52
CA ALA B 162 10.01 37.54 0.68
C ALA B 162 9.23 37.63 -0.62
N LEU B 163 7.91 37.49 -0.54
CA LEU B 163 7.07 37.39 -1.72
C LEU B 163 6.22 38.62 -1.99
N ALA B 164 6.09 39.54 -1.01
CA ALA B 164 5.28 40.74 -1.20
C ALA B 164 5.79 41.83 -0.26
N LEU B 165 5.58 43.08 -0.66
CA LEU B 165 6.05 44.22 0.10
C LEU B 165 5.05 45.36 -0.02
N CYS B 166 5.05 46.23 1.00
CA CYS B 166 4.23 47.43 0.96
C CYS B 166 4.77 48.43 1.98
N LEU B 167 4.66 49.71 1.65
CA LEU B 167 5.22 50.79 2.45
C LEU B 167 4.15 51.84 2.75
N SER B 168 4.18 52.38 3.96
CA SER B 168 3.28 53.46 4.36
C SER B 168 3.81 54.06 5.66
N PHE B 169 3.03 54.99 6.23
CA PHE B 169 3.42 55.68 7.45
C PHE B 169 2.44 55.39 8.57
N LEU B 170 2.95 55.36 9.79
CA LEU B 170 2.10 55.15 10.95
C LEU B 170 1.14 56.34 11.12
N PRO B 171 -0.06 56.09 11.63
CA PRO B 171 -1.05 57.17 11.73
C PRO B 171 -0.62 58.27 12.68
N ASN B 172 -0.98 59.51 12.34
CA ASN B 172 -0.76 60.68 13.19
C ASN B 172 0.73 60.88 13.49
N THR B 173 1.58 60.55 12.53
CA THR B 173 3.03 60.74 12.67
C THR B 173 3.65 60.58 11.29
N ASP B 174 4.98 60.59 11.25
CA ASP B 174 5.74 60.48 10.01
C ASP B 174 6.86 59.48 10.16
N VAL B 175 6.54 58.30 10.68
CA VAL B 175 7.48 57.18 10.80
C VAL B 175 7.09 56.13 9.77
N PRO B 176 7.93 55.84 8.79
CA PRO B 176 7.59 54.81 7.80
C PRO B 176 7.49 53.43 8.42
N ILE B 177 6.62 52.61 7.86
CA ILE B 177 6.39 51.25 8.32
C ILE B 177 6.38 50.31 7.12
N LEU B 178 6.83 49.08 7.34
CA LEU B 178 7.01 48.11 6.27
C LEU B 178 6.36 46.79 6.67
N ALA B 179 5.68 46.16 5.71
CA ALA B 179 5.08 44.85 5.89
C ALA B 179 5.62 43.89 4.85
N CYS B 180 6.10 42.73 5.29
CA CYS B 180 6.68 41.74 4.39
C CYS B 180 5.98 40.41 4.58
N GLY B 181 5.47 39.85 3.48
CA GLY B 181 4.93 38.51 3.48
C GLY B 181 6.00 37.53 3.04
N ASN B 182 6.10 36.42 3.76
CA ASN B 182 7.17 35.45 3.54
C ASN B 182 6.59 34.09 3.21
N ASP B 183 7.49 33.17 2.83
CA ASP B 183 7.13 31.77 2.63
C ASP B 183 6.86 31.06 3.93
N ASP B 184 7.15 31.68 5.06
CA ASP B 184 6.91 31.10 6.38
C ASP B 184 5.46 31.19 6.80
N CYS B 185 4.56 31.58 5.90
CA CYS B 185 3.13 31.72 6.20
C CYS B 185 2.92 32.75 7.31
N ARG B 186 3.79 33.75 7.36
CA ARG B 186 3.83 34.67 8.49
C ARG B 186 4.25 36.05 8.01
N ILE B 187 3.55 37.08 8.47
CA ILE B 187 3.82 38.46 8.04
C ILE B 187 4.71 39.13 9.08
N HIS B 188 5.64 39.95 8.60
CA HIS B 188 6.60 40.64 9.46
C HIS B 188 6.43 42.14 9.32
N ILE B 189 6.48 42.86 10.44
CA ILE B 189 6.28 44.30 10.46
C ILE B 189 7.57 44.96 10.95
N PHE B 190 8.03 45.97 10.23
CA PHE B 190 9.23 46.71 10.57
C PHE B 190 8.88 48.19 10.70
N ALA B 191 9.52 48.86 11.66
CA ALA B 191 9.33 50.28 11.88
C ALA B 191 10.69 50.99 11.87
N GLN B 192 10.72 52.19 11.32
CA GLN B 192 11.96 52.95 11.20
C GLN B 192 12.06 54.00 12.30
N GLN B 193 12.53 53.55 13.46
CA GLN B 193 12.96 54.47 14.51
C GLN B 193 14.45 54.73 14.36
N ASN B 194 14.87 55.93 14.76
CA ASN B 194 16.24 56.39 14.52
C ASN B 194 16.49 56.49 13.02
N ASP B 195 17.47 55.72 12.52
CA ASP B 195 17.80 55.74 11.11
C ASP B 195 17.76 54.35 10.46
N GLN B 196 17.37 53.31 11.19
CA GLN B 196 17.35 51.97 10.65
C GLN B 196 15.98 51.33 10.91
N PHE B 197 15.71 50.26 10.18
CA PHE B 197 14.48 49.50 10.32
C PHE B 197 14.67 48.36 11.30
N GLN B 198 13.74 48.24 12.25
CA GLN B 198 13.82 47.22 13.27
C GLN B 198 12.50 46.47 13.38
N LYS B 199 12.58 45.17 13.54
CA LYS B 199 11.39 44.35 13.65
C LYS B 199 10.63 44.67 14.93
N VAL B 200 9.30 44.78 14.82
CA VAL B 200 8.44 45.07 15.95
C VAL B 200 7.43 43.96 16.19
N LEU B 201 6.86 43.39 15.13
CA LEU B 201 5.75 42.48 15.29
C LEU B 201 5.78 41.40 14.21
N SER B 202 5.23 40.24 14.56
CA SER B 202 5.06 39.13 13.63
C SER B 202 3.64 38.62 13.74
N LEU B 203 2.96 38.49 12.61
CA LEU B 203 1.55 38.12 12.57
C LEU B 203 1.42 36.73 11.95
N CYS B 204 0.75 35.83 12.67
CA CYS B 204 0.48 34.48 12.21
C CYS B 204 -0.97 34.35 11.80
N GLY B 205 -1.37 33.14 11.40
CA GLY B 205 -2.74 32.88 11.01
C GLY B 205 -2.88 32.16 9.69
N HIS B 206 -2.05 32.51 8.72
CA HIS B 206 -2.04 31.81 7.45
C HIS B 206 -1.29 30.49 7.58
N GLU B 207 -1.52 29.59 6.64
CA GLU B 207 -0.84 28.30 6.65
C GLU B 207 -0.42 27.88 5.24
N ASP B 208 -0.01 28.87 4.44
CA ASP B 208 0.49 28.62 3.09
C ASP B 208 1.22 29.88 2.65
N TRP B 209 1.76 29.86 1.44
CA TRP B 209 2.52 31.01 0.95
C TRP B 209 1.61 32.23 0.80
N ILE B 210 2.21 33.41 0.96
CA ILE B 210 1.49 34.68 0.90
C ILE B 210 1.86 35.36 -0.42
N ARG B 211 0.83 35.83 -1.14
CA ARG B 211 1.01 36.35 -2.48
C ARG B 211 0.41 37.74 -2.63
N GLY B 212 0.65 38.62 -1.65
CA GLY B 212 0.21 39.99 -1.78
C GLY B 212 -0.29 40.61 -0.50
N VAL B 213 0.21 41.80 -0.17
CA VAL B 213 -0.25 42.56 0.98
C VAL B 213 -0.46 44.01 0.53
N GLU B 214 -1.32 44.71 1.25
CA GLU B 214 -1.56 46.10 0.89
C GLU B 214 -2.06 46.89 2.09
N TRP B 215 -1.49 48.09 2.28
CA TRP B 215 -1.91 49.03 3.32
C TRP B 215 -3.02 49.93 2.79
N ALA B 216 -3.78 50.51 3.72
CA ALA B 216 -4.77 51.52 3.40
C ALA B 216 -5.01 52.37 4.63
N ALA B 217 -5.34 53.65 4.40
CA ALA B 217 -5.55 54.60 5.48
C ALA B 217 -7.01 55.00 5.52
N PHE B 218 -7.66 54.81 6.67
CA PHE B 218 -9.08 55.14 6.83
C PHE B 218 -9.23 55.93 8.12
N GLY B 219 -9.59 57.20 7.98
CA GLY B 219 -9.72 58.05 9.15
C GLY B 219 -8.40 58.15 9.89
N ARG B 220 -8.39 57.73 11.15
CA ARG B 220 -7.19 57.69 11.97
C ARG B 220 -6.71 56.28 12.22
N ASP B 221 -7.05 55.33 11.34
CA ASP B 221 -6.69 53.93 11.51
C ASP B 221 -6.09 53.41 10.22
N LEU B 222 -5.34 52.31 10.33
CA LEU B 222 -4.65 51.72 9.20
C LEU B 222 -5.15 50.30 9.00
N PHE B 223 -5.42 49.92 7.75
CA PHE B 223 -5.89 48.60 7.40
C PHE B 223 -4.84 47.88 6.56
N LEU B 224 -4.78 46.56 6.73
CA LEU B 224 -3.89 45.71 5.96
C LEU B 224 -4.70 44.56 5.36
N ALA B 225 -4.60 44.39 4.05
CA ALA B 225 -5.27 43.30 3.35
C ALA B 225 -4.22 42.30 2.87
N SER B 226 -4.47 41.02 3.13
CA SER B 226 -3.51 39.95 2.86
C SER B 226 -4.22 38.78 2.19
N CYS B 227 -3.60 38.25 1.14
CA CYS B 227 -4.09 37.06 0.45
C CYS B 227 -3.01 35.99 0.42
N SER B 228 -3.42 34.75 0.20
CA SER B 228 -2.49 33.63 0.26
C SER B 228 -2.95 32.54 -0.70
N GLN B 229 -2.19 31.45 -0.73
CA GLN B 229 -2.56 30.26 -1.48
C GLN B 229 -3.46 29.32 -0.69
N ASP B 230 -3.83 29.71 0.54
CA ASP B 230 -4.84 29.02 1.32
C ASP B 230 -6.25 29.22 0.77
N CYS B 231 -6.40 30.06 -0.26
CA CYS B 231 -7.68 30.42 -0.85
C CYS B 231 -8.49 31.33 0.07
N LEU B 232 -7.81 32.10 0.92
CA LEU B 232 -8.45 32.92 1.93
C LEU B 232 -7.86 34.32 1.94
N ILE B 233 -8.68 35.29 2.34
CA ILE B 233 -8.29 36.69 2.42
C ILE B 233 -8.52 37.16 3.84
N ARG B 234 -7.53 37.86 4.40
CA ARG B 234 -7.62 38.35 5.77
C ARG B 234 -7.40 39.85 5.81
N ILE B 235 -8.12 40.52 6.70
CA ILE B 235 -7.99 41.95 6.92
C ILE B 235 -7.63 42.19 8.37
N TRP B 236 -6.58 42.96 8.60
CA TRP B 236 -6.14 43.32 9.93
C TRP B 236 -6.49 44.78 10.21
N LYS B 237 -6.09 45.26 11.39
CA LYS B 237 -6.35 46.65 11.73
C LYS B 237 -5.32 47.12 12.74
N LEU B 238 -4.71 48.27 12.46
CA LEU B 238 -3.71 48.89 13.31
C LEU B 238 -4.24 50.24 13.77
N TYR B 239 -4.18 50.48 15.08
CA TYR B 239 -4.64 51.74 15.64
C TYR B 239 -3.72 52.16 16.78
N ILE B 240 -3.94 53.37 17.25
CA ILE B 240 -3.18 53.92 18.36
C ILE B 240 -3.84 53.50 19.67
N LYS B 241 -3.06 52.94 20.57
CA LYS B 241 -3.61 52.47 21.83
C LYS B 241 -4.03 53.66 22.69
N SER B 242 -4.88 53.38 23.67
CA SER B 242 -5.47 54.42 24.50
C SER B 242 -4.41 55.14 25.34
N THR B 243 -4.83 56.14 26.10
CA THR B 243 -3.93 56.96 26.89
C THR B 243 -3.57 56.34 28.24
N SER B 244 -3.68 55.01 28.35
CA SER B 244 -3.45 54.28 29.60
C SER B 244 -4.43 54.71 30.68
N LEU B 245 -5.66 55.00 30.28
CA LEU B 245 -6.71 55.46 31.18
C LEU B 245 -8.04 55.23 30.44
N GLU B 246 -9.14 55.68 31.05
CA GLU B 246 -10.50 55.62 30.49
C GLU B 246 -10.84 54.22 29.96
N THR B 247 -10.24 53.18 30.54
CA THR B 247 -10.52 51.79 30.18
C THR B 247 -11.09 51.10 31.42
N GLN B 248 -12.42 51.05 31.51
CA GLN B 248 -13.09 50.45 32.66
C GLN B 248 -14.20 49.49 32.29
N ASP B 249 -14.49 49.30 31.00
CA ASP B 249 -15.56 48.40 30.56
C ASP B 249 -14.97 46.99 30.45
N ASP B 250 -14.87 46.33 31.60
CA ASP B 250 -14.36 44.97 31.66
C ASP B 250 -15.43 43.92 31.40
N ASP B 251 -16.68 44.35 31.19
CA ASP B 251 -17.78 43.42 30.91
C ASP B 251 -17.98 43.24 29.40
N ASN B 252 -16.90 42.83 28.74
CA ASN B 252 -16.95 42.58 27.30
C ASN B 252 -15.91 41.52 26.95
N ILE B 253 -16.12 40.89 25.80
CA ILE B 253 -15.22 39.87 25.29
C ILE B 253 -14.52 40.44 24.06
N ARG B 254 -13.20 40.57 24.14
CA ARG B 254 -12.42 41.16 23.07
C ARG B 254 -11.18 40.33 22.82
N LEU B 255 -10.77 40.29 21.55
CA LEU B 255 -9.54 39.60 21.18
C LEU B 255 -8.34 40.28 21.81
N LYS B 256 -7.33 39.48 22.14
CA LYS B 256 -6.10 40.03 22.70
C LYS B 256 -5.38 40.89 21.66
N GLU B 257 -4.86 42.02 22.10
CA GLU B 257 -4.23 42.99 21.21
C GLU B 257 -2.73 42.73 21.12
N ASN B 258 -2.18 42.88 19.92
CA ASN B 258 -0.73 42.80 19.73
C ASN B 258 -0.16 44.21 19.80
N THR B 259 0.66 44.47 20.81
CA THR B 259 1.08 45.83 21.12
C THR B 259 2.57 46.02 20.89
N PHE B 260 2.93 47.23 20.47
CA PHE B 260 4.34 47.62 20.40
C PHE B 260 4.45 49.10 20.73
N THR B 261 5.68 49.53 21.05
CA THR B 261 5.94 50.90 21.46
C THR B 261 7.08 51.47 20.64
N ILE B 262 6.96 52.74 20.27
CA ILE B 262 7.96 53.43 19.48
C ILE B 262 8.33 54.74 20.15
N GLU B 263 9.51 55.23 19.78
CA GLU B 263 10.06 56.49 20.28
C GLU B 263 9.91 57.55 19.19
N ASN B 264 9.39 58.71 19.57
CA ASN B 264 9.21 59.81 18.62
C ASN B 264 9.40 61.11 19.38
N GLU B 265 10.47 61.84 19.07
CA GLU B 265 10.76 63.14 19.68
C GLU B 265 10.76 63.04 21.20
N SER B 266 11.47 62.04 21.72
CA SER B 266 11.55 61.78 23.15
C SER B 266 10.17 61.57 23.76
N VAL B 267 9.29 60.89 23.03
CA VAL B 267 7.94 60.58 23.49
C VAL B 267 7.65 59.12 23.16
N LYS B 268 7.08 58.40 24.11
CA LYS B 268 6.68 57.02 23.92
C LYS B 268 5.27 56.95 23.39
N ILE B 269 5.08 56.21 22.29
CA ILE B 269 3.75 56.01 21.72
C ILE B 269 3.52 54.51 21.54
N ALA B 270 2.35 54.05 21.96
CA ALA B 270 1.98 52.64 21.89
C ALA B 270 0.93 52.42 20.80
N PHE B 271 1.14 51.38 20.00
CA PHE B 271 0.23 51.02 18.92
C PHE B 271 -0.21 49.57 19.10
N ALA B 272 -1.40 49.27 18.59
CA ALA B 272 -1.99 47.94 18.74
C ALA B 272 -2.54 47.44 17.40
N VAL B 273 -2.37 46.15 17.16
CA VAL B 273 -2.82 45.46 15.96
C VAL B 273 -3.76 44.35 16.36
N THR B 274 -4.84 44.17 15.59
CA THR B 274 -5.84 43.16 15.88
C THR B 274 -6.52 42.76 14.57
N LEU B 275 -6.86 41.48 14.47
CA LEU B 275 -7.50 40.93 13.28
C LEU B 275 -8.94 41.44 13.17
N GLU B 276 -9.40 41.61 11.94
CA GLU B 276 -10.73 42.14 11.67
C GLU B 276 -11.71 41.09 11.17
N THR B 277 -11.38 40.39 10.08
CA THR B 277 -12.30 39.44 9.47
C THR B 277 -11.51 38.43 8.65
N VAL B 278 -12.20 37.38 8.22
CA VAL B 278 -11.62 36.32 7.41
C VAL B 278 -12.63 35.98 6.32
N LEU B 279 -12.35 36.39 5.09
CA LEU B 279 -13.26 36.14 3.98
C LEU B 279 -12.98 34.78 3.35
N ALA B 280 -13.90 34.34 2.50
CA ALA B 280 -13.77 33.05 1.81
C ALA B 280 -14.71 33.03 0.62
N GLY B 281 -14.47 32.09 -0.28
CA GLY B 281 -15.28 31.99 -1.48
C GLY B 281 -14.53 31.55 -2.73
N HIS B 282 -13.21 31.42 -2.64
CA HIS B 282 -12.39 30.97 -3.76
C HIS B 282 -12.04 29.50 -3.61
N GLU B 283 -11.79 28.85 -4.74
CA GLU B 283 -11.44 27.43 -4.75
C GLU B 283 -9.96 27.20 -4.94
N ASN B 284 -9.36 27.78 -5.97
CA ASN B 284 -7.93 27.66 -6.24
C ASN B 284 -7.18 28.81 -5.57
N TRP B 285 -5.91 28.96 -5.92
CA TRP B 285 -5.08 29.99 -5.33
C TRP B 285 -5.66 31.38 -5.60
N VAL B 286 -5.37 32.32 -4.70
CA VAL B 286 -5.69 33.72 -4.89
C VAL B 286 -4.38 34.43 -5.22
N ASN B 287 -4.34 35.07 -6.39
CA ASN B 287 -3.06 35.58 -6.89
C ASN B 287 -2.81 37.05 -6.53
N ALA B 288 -3.86 37.84 -6.32
CA ALA B 288 -3.65 39.25 -6.03
C ALA B 288 -4.84 39.81 -5.28
N VAL B 289 -4.63 40.91 -4.57
CA VAL B 289 -5.67 41.63 -3.86
C VAL B 289 -5.28 43.11 -3.81
N HIS B 290 -6.28 43.98 -3.95
CA HIS B 290 -6.02 45.41 -4.06
C HIS B 290 -7.19 46.20 -3.49
N TRP B 291 -6.87 47.28 -2.79
CA TRP B 291 -7.90 48.18 -2.27
C TRP B 291 -8.44 49.02 -3.43
N GLN B 292 -9.25 50.02 -3.12
CA GLN B 292 -9.69 50.97 -4.13
C GLN B 292 -9.02 52.31 -3.91
N PRO B 293 -8.39 52.89 -4.92
CA PRO B 293 -7.72 54.17 -4.73
C PRO B 293 -8.69 55.29 -4.46
N VAL B 294 -8.22 56.30 -3.72
CA VAL B 294 -9.01 57.48 -3.46
C VAL B 294 -8.96 58.41 -4.65
N PHE B 295 -9.98 59.25 -4.80
CA PHE B 295 -10.07 60.16 -5.92
C PHE B 295 -10.89 61.38 -5.51
N TYR B 296 -10.88 62.40 -6.38
CA TYR B 296 -11.48 63.69 -6.09
C TYR B 296 -12.64 63.92 -7.04
N LYS B 297 -13.81 64.24 -6.48
CA LYS B 297 -14.98 64.63 -7.26
C LYS B 297 -15.33 66.06 -6.86
N ASP B 298 -15.27 66.97 -7.83
CA ASP B 298 -15.65 68.37 -7.64
C ASP B 298 -14.96 68.96 -6.40
N GLY B 299 -13.71 68.62 -6.23
CA GLY B 299 -12.94 69.09 -5.08
C GLY B 299 -12.89 68.19 -3.87
N VAL B 300 -14.01 67.55 -3.54
CA VAL B 300 -14.04 66.75 -2.32
C VAL B 300 -13.50 65.36 -2.61
N LEU B 301 -12.66 64.85 -1.72
CA LEU B 301 -12.09 63.52 -1.88
C LEU B 301 -13.08 62.49 -1.36
N GLN B 302 -13.32 61.46 -2.17
CA GLN B 302 -14.17 60.34 -1.77
C GLN B 302 -13.30 59.13 -1.51
N GLN B 303 -13.61 58.40 -0.43
CA GLN B 303 -12.78 57.30 0.04
C GLN B 303 -13.66 56.06 0.20
N PRO B 304 -13.95 55.37 -0.91
CA PRO B 304 -14.78 54.17 -0.83
C PRO B 304 -14.06 53.04 -0.13
N VAL B 305 -14.84 52.04 0.27
CA VAL B 305 -14.33 50.84 0.92
C VAL B 305 -14.71 49.65 0.05
N ARG B 306 -13.77 49.15 -0.75
CA ARG B 306 -14.01 48.04 -1.64
C ARG B 306 -12.73 47.24 -1.80
N LEU B 307 -12.86 46.00 -2.25
CA LEU B 307 -11.73 45.12 -2.42
C LEU B 307 -11.92 44.28 -3.68
N LEU B 308 -10.82 43.92 -4.32
CA LEU B 308 -10.84 43.13 -5.54
C LEU B 308 -9.89 41.96 -5.41
N SER B 309 -10.31 40.78 -5.88
CA SER B 309 -9.45 39.62 -5.86
C SER B 309 -9.58 38.83 -7.15
N ALA B 310 -8.47 38.25 -7.60
CA ALA B 310 -8.43 37.40 -8.77
C ALA B 310 -7.79 36.07 -8.41
N SER B 311 -8.35 34.99 -8.93
CA SER B 311 -7.89 33.67 -8.52
C SER B 311 -7.51 32.82 -9.73
N MET B 312 -6.92 31.66 -9.44
CA MET B 312 -6.50 30.73 -10.47
C MET B 312 -7.65 29.92 -11.06
N ASP B 313 -8.81 29.91 -10.41
CA ASP B 313 -9.97 29.21 -10.98
C ASP B 313 -10.82 30.14 -11.82
N LYS B 314 -10.16 30.89 -12.71
CA LYS B 314 -10.82 31.68 -13.76
C LYS B 314 -11.92 32.58 -13.20
N THR B 315 -11.60 33.31 -12.14
CA THR B 315 -12.63 34.15 -11.54
C THR B 315 -12.04 35.38 -10.87
N MET B 316 -12.88 36.42 -10.77
CA MET B 316 -12.62 37.66 -10.06
C MET B 316 -13.82 37.97 -9.18
N ILE B 317 -13.56 38.42 -7.96
CA ILE B 317 -14.61 38.73 -7.00
C ILE B 317 -14.39 40.12 -6.45
N LEU B 318 -15.46 40.90 -6.36
CA LEU B 318 -15.42 42.21 -5.75
C LEU B 318 -16.16 42.17 -4.42
N TRP B 319 -15.51 42.64 -3.36
CA TRP B 319 -16.04 42.60 -2.01
C TRP B 319 -16.31 44.00 -1.49
N ALA B 320 -17.39 44.14 -0.73
CA ALA B 320 -17.73 45.35 -0.01
C ALA B 320 -18.30 44.97 1.35
N PRO B 321 -18.12 45.81 2.36
CA PRO B 321 -18.64 45.47 3.69
C PRO B 321 -20.13 45.72 3.79
N ASP B 322 -20.71 45.14 4.84
CA ASP B 322 -22.13 45.33 5.15
C ASP B 322 -22.24 46.19 6.39
N GLU B 323 -23.14 47.17 6.35
CA GLU B 323 -23.33 48.08 7.47
C GLU B 323 -24.38 47.58 8.46
N GLU B 324 -25.31 46.73 8.02
CA GLU B 324 -26.30 46.19 8.95
C GLU B 324 -25.67 45.20 9.92
N SER B 325 -24.70 44.42 9.45
CA SER B 325 -24.01 43.45 10.29
C SER B 325 -22.50 43.67 10.21
N GLY B 326 -21.73 42.73 10.74
CA GLY B 326 -20.28 42.85 10.72
C GLY B 326 -19.61 41.88 9.77
N VAL B 327 -20.16 41.72 8.57
CA VAL B 327 -19.63 40.78 7.59
C VAL B 327 -19.51 41.47 6.24
N TRP B 328 -18.73 40.86 5.35
CA TRP B 328 -18.54 41.34 3.99
C TRP B 328 -19.24 40.39 3.02
N LEU B 329 -19.75 40.95 1.93
CA LEU B 329 -20.53 40.19 0.97
C LEU B 329 -19.99 40.37 -0.43
N GLU B 330 -20.01 39.29 -1.22
CA GLU B 330 -19.69 39.38 -2.63
C GLU B 330 -20.70 40.26 -3.34
N GLN B 331 -20.22 41.07 -4.27
CA GLN B 331 -21.10 41.93 -5.06
C GLN B 331 -21.12 41.56 -6.54
N VAL B 332 -19.96 41.44 -7.17
CA VAL B 332 -19.88 40.96 -8.55
C VAL B 332 -18.84 39.85 -8.63
N ARG B 333 -19.16 38.83 -9.42
CA ARG B 333 -18.28 37.69 -9.69
C ARG B 333 -18.16 37.56 -11.19
N VAL B 334 -16.99 37.87 -11.72
CA VAL B 334 -16.80 37.97 -13.16
C VAL B 334 -15.78 36.94 -13.61
N GLY B 335 -15.95 36.44 -14.82
CA GLY B 335 -15.00 35.53 -15.41
C GLY B 335 -15.71 34.49 -16.26
N GLU B 336 -14.94 33.49 -16.68
CA GLU B 336 -15.46 32.38 -17.48
C GLU B 336 -15.01 31.09 -16.81
N VAL B 337 -15.94 30.42 -16.12
CA VAL B 337 -15.64 29.15 -15.47
C VAL B 337 -15.92 28.03 -16.46
N GLY B 338 -14.89 27.23 -16.77
CA GLY B 338 -15.03 26.16 -17.74
C GLY B 338 -13.95 26.20 -18.79
N GLY B 339 -13.56 25.02 -19.28
CA GLY B 339 -12.49 24.92 -20.25
C GLY B 339 -11.15 24.66 -19.59
N ASN B 340 -10.21 24.17 -20.40
CA ASN B 340 -8.87 23.87 -19.92
C ASN B 340 -8.03 25.11 -19.64
N THR B 341 -8.50 26.29 -20.03
CA THR B 341 -7.74 27.51 -19.79
C THR B 341 -7.62 27.77 -18.29
N LEU B 342 -6.44 28.18 -17.86
CA LEU B 342 -6.19 28.44 -16.45
C LEU B 342 -6.63 29.85 -16.09
N GLY B 343 -6.32 30.29 -14.88
CA GLY B 343 -6.91 31.48 -14.31
C GLY B 343 -6.12 32.76 -14.55
N PHE B 344 -6.18 33.65 -13.57
CA PHE B 344 -5.66 35.01 -13.68
C PHE B 344 -4.45 35.19 -12.78
N TYR B 345 -3.61 36.15 -13.15
CA TYR B 345 -2.47 36.54 -12.32
C TYR B 345 -2.64 37.88 -11.63
N ASP B 346 -3.26 38.87 -12.29
CA ASP B 346 -3.30 40.21 -11.73
C ASP B 346 -4.62 40.88 -12.11
N CYS B 347 -5.02 41.82 -11.26
CA CYS B 347 -6.27 42.56 -11.44
C CYS B 347 -6.06 43.99 -10.97
N GLN B 348 -6.70 44.94 -11.66
CA GLN B 348 -6.51 46.36 -11.39
C GLN B 348 -7.80 47.13 -11.56
N PHE B 349 -7.93 48.21 -10.79
CA PHE B 349 -9.04 49.15 -10.82
C PHE B 349 -8.75 50.28 -11.79
N ASN B 350 -9.75 51.13 -11.99
CA ASN B 350 -9.62 52.38 -12.71
C ASN B 350 -9.39 53.51 -11.70
N GLU B 351 -9.46 54.75 -12.21
CA GLU B 351 -9.39 55.90 -11.32
C GLU B 351 -10.55 55.92 -10.33
N ASP B 352 -11.77 55.81 -10.84
CA ASP B 352 -12.97 55.89 -10.02
C ASP B 352 -13.67 54.55 -9.82
N GLY B 353 -13.28 53.51 -10.54
CA GLY B 353 -13.93 52.22 -10.45
C GLY B 353 -14.86 51.89 -11.59
N SER B 354 -14.92 52.72 -12.63
CA SER B 354 -15.78 52.42 -13.76
C SER B 354 -15.31 51.17 -14.50
N MET B 355 -13.99 51.00 -14.65
CA MET B 355 -13.43 49.90 -15.42
C MET B 355 -12.59 49.00 -14.52
N ILE B 356 -12.50 47.73 -14.91
CA ILE B 356 -11.70 46.74 -14.20
C ILE B 356 -10.93 45.93 -15.22
N ILE B 357 -9.66 45.65 -14.93
CA ILE B 357 -8.83 44.90 -15.87
C ILE B 357 -8.21 43.69 -15.16
N ALA B 358 -7.94 42.65 -15.96
CA ALA B 358 -7.36 41.41 -15.45
C ALA B 358 -6.43 40.83 -16.48
N HIS B 359 -5.43 40.08 -16.01
CA HIS B 359 -4.36 39.54 -16.83
C HIS B 359 -4.37 38.02 -16.71
N ALA B 360 -4.42 37.34 -17.86
CA ALA B 360 -4.69 35.91 -17.89
C ALA B 360 -3.41 35.09 -17.85
N PHE B 361 -3.56 33.77 -17.93
CA PHE B 361 -2.41 32.87 -17.78
C PHE B 361 -1.49 32.95 -19.00
N HIS B 362 -2.04 32.85 -20.21
CA HIS B 362 -1.20 32.93 -21.40
C HIS B 362 -0.66 34.32 -21.62
N GLY B 363 -1.46 35.35 -21.35
CA GLY B 363 -1.05 36.71 -21.61
C GLY B 363 -2.16 37.57 -22.12
N ALA B 364 -3.35 36.98 -22.26
CA ALA B 364 -4.51 37.75 -22.72
C ALA B 364 -4.95 38.74 -21.65
N LEU B 365 -5.53 39.84 -22.11
CA LEU B 365 -6.01 40.90 -21.24
C LEU B 365 -7.53 40.99 -21.33
N HIS B 366 -8.19 41.15 -20.19
CA HIS B 366 -9.64 41.24 -20.14
C HIS B 366 -10.03 42.55 -19.45
N LEU B 367 -10.93 43.31 -20.08
CA LEU B 367 -11.36 44.60 -19.59
C LEU B 367 -12.88 44.67 -19.53
N TRP B 368 -13.40 45.10 -18.39
CA TRP B 368 -14.84 45.17 -18.17
C TRP B 368 -15.23 46.58 -17.75
N LYS B 369 -16.33 47.07 -18.32
CA LYS B 369 -16.89 48.37 -18.00
C LYS B 369 -18.30 48.23 -17.44
N GLN B 370 -18.63 49.10 -16.49
CA GLN B 370 -19.91 49.07 -15.79
C GLN B 370 -20.89 50.00 -16.46
N ASN B 371 -22.15 49.55 -16.56
CA ASN B 371 -23.20 50.39 -17.13
C ASN B 371 -23.53 51.55 -16.20
N THR B 372 -23.89 52.69 -16.80
CA THR B 372 -24.21 53.88 -16.02
C THR B 372 -25.53 53.72 -15.28
N VAL B 373 -26.56 53.23 -15.96
CA VAL B 373 -27.88 53.12 -15.35
C VAL B 373 -28.03 51.83 -14.55
N ASN B 374 -27.54 50.71 -15.08
CA ASN B 374 -27.62 49.44 -14.37
C ASN B 374 -26.31 49.21 -13.63
N PRO B 375 -26.31 49.23 -12.29
CA PRO B 375 -25.05 49.20 -11.54
C PRO B 375 -24.50 47.82 -11.21
N ARG B 376 -25.18 46.75 -11.63
CA ARG B 376 -24.68 45.40 -11.41
C ARG B 376 -24.50 44.65 -12.72
N GLU B 377 -24.22 45.37 -13.80
CA GLU B 377 -24.00 44.79 -15.11
C GLU B 377 -22.68 45.30 -15.67
N TRP B 378 -21.83 44.38 -16.11
CA TRP B 378 -20.53 44.72 -16.69
C TRP B 378 -20.40 44.07 -18.05
N THR B 379 -19.72 44.76 -18.96
CA THR B 379 -19.54 44.27 -20.31
C THR B 379 -18.07 44.36 -20.73
N PRO B 380 -17.57 43.37 -21.46
CA PRO B 380 -16.17 43.40 -21.90
C PRO B 380 -15.94 44.39 -23.03
N GLU B 381 -14.68 44.79 -23.18
CA GLU B 381 -14.31 45.76 -24.20
C GLU B 381 -13.04 45.33 -24.93
N ILE B 382 -12.60 46.19 -25.85
CA ILE B 382 -11.53 45.87 -26.78
C ILE B 382 -10.19 46.30 -26.19
N VAL B 383 -9.23 45.38 -26.18
CA VAL B 383 -7.91 45.60 -25.60
C VAL B 383 -6.86 45.10 -26.58
N ILE B 384 -5.63 45.57 -26.42
CA ILE B 384 -4.50 45.14 -27.26
C ILE B 384 -4.24 43.65 -27.04
N SER B 385 -3.62 43.03 -28.05
CA SER B 385 -3.29 41.61 -27.99
C SER B 385 -2.09 41.33 -28.89
N GLY B 386 -1.41 40.24 -28.62
CA GLY B 386 -0.26 39.85 -29.42
C GLY B 386 0.29 38.53 -28.95
N HIS B 387 1.34 38.06 -29.64
CA HIS B 387 1.94 36.78 -29.33
C HIS B 387 2.56 36.78 -27.94
N PHE B 388 2.60 35.60 -27.32
CA PHE B 388 3.25 35.44 -26.03
C PHE B 388 4.55 34.66 -26.14
N ASP B 389 5.19 34.68 -27.31
CA ASP B 389 6.51 34.11 -27.51
C ASP B 389 7.03 34.62 -28.86
N GLY B 390 8.27 34.25 -29.18
CA GLY B 390 8.97 34.80 -30.32
C GLY B 390 8.30 34.65 -31.67
N VAL B 391 8.15 35.75 -32.39
CA VAL B 391 7.59 35.73 -33.74
C VAL B 391 8.68 35.32 -34.73
N GLN B 392 8.31 34.52 -35.73
CA GLN B 392 9.29 33.93 -36.63
C GLN B 392 9.15 34.34 -38.08
N ASP B 393 7.99 34.83 -38.52
CA ASP B 393 7.82 35.17 -39.92
C ASP B 393 6.68 36.17 -40.08
N LEU B 394 6.63 36.80 -41.24
CA LEU B 394 5.70 37.88 -41.50
C LEU B 394 5.44 38.00 -42.99
N VAL B 395 4.20 38.33 -43.35
CA VAL B 395 3.81 38.53 -44.74
C VAL B 395 2.83 39.68 -44.82
N TRP B 396 2.66 40.23 -46.03
CA TRP B 396 1.75 41.32 -46.30
C TRP B 396 0.60 40.86 -47.18
N ASP B 397 -0.54 41.52 -47.03
CA ASP B 397 -1.63 41.38 -47.97
C ASP B 397 -1.16 41.80 -49.36
N PRO B 398 -1.46 41.01 -50.40
CA PRO B 398 -1.12 41.44 -51.76
C PRO B 398 -1.69 42.80 -52.13
N GLU B 399 -2.82 43.19 -51.56
CA GLU B 399 -3.34 44.54 -51.75
C GLU B 399 -3.09 45.46 -50.57
N GLY B 400 -2.54 44.93 -49.47
CA GLY B 400 -2.13 45.77 -48.35
C GLY B 400 -3.24 46.24 -47.44
N GLU B 401 -3.96 45.32 -46.80
CA GLU B 401 -4.93 45.70 -45.78
C GLU B 401 -4.90 44.79 -44.56
N PHE B 402 -3.94 43.88 -44.45
CA PHE B 402 -3.78 43.05 -43.25
C PHE B 402 -2.41 42.41 -43.31
N ILE B 403 -1.97 41.89 -42.15
CA ILE B 403 -0.73 41.13 -42.08
C ILE B 403 -0.98 39.85 -41.29
N ILE B 404 -0.16 38.85 -41.57
CA ILE B 404 -0.26 37.52 -40.96
C ILE B 404 1.08 37.17 -40.35
N THR B 405 1.07 36.72 -39.09
CA THR B 405 2.28 36.39 -38.38
C THR B 405 2.18 35.02 -37.75
N VAL B 406 3.32 34.34 -37.64
CA VAL B 406 3.44 33.05 -36.97
C VAL B 406 4.55 33.16 -35.93
N GLY B 407 4.47 32.31 -34.92
CA GLY B 407 5.45 32.37 -33.85
C GLY B 407 5.64 31.02 -33.20
N THR B 408 6.65 30.95 -32.34
CA THR B 408 6.95 29.74 -31.60
C THR B 408 5.97 29.46 -30.48
N ASP B 409 4.88 30.22 -30.40
CA ASP B 409 3.80 29.95 -29.46
C ASP B 409 2.74 29.05 -30.07
N GLN B 410 2.97 28.52 -31.27
CA GLN B 410 2.09 27.57 -31.93
C GLN B 410 0.76 28.22 -32.33
N THR B 411 0.84 29.45 -32.86
CA THR B 411 -0.34 30.18 -33.27
C THR B 411 -0.05 30.97 -34.54
N THR B 412 -1.12 31.32 -35.25
CA THR B 412 -1.04 32.19 -36.41
C THR B 412 -2.10 33.27 -36.26
N ARG B 413 -1.70 34.53 -36.43
CA ARG B 413 -2.58 35.65 -36.14
C ARG B 413 -2.63 36.62 -37.32
N LEU B 414 -3.76 37.29 -37.46
CA LEU B 414 -4.01 38.23 -38.54
C LEU B 414 -4.42 39.58 -37.95
N PHE B 415 -3.80 40.66 -38.44
CA PHE B 415 -4.09 42.00 -37.97
C PHE B 415 -4.56 42.85 -39.13
N ALA B 416 -5.64 43.61 -38.91
CA ALA B 416 -6.25 44.47 -39.91
C ALA B 416 -6.77 45.74 -39.25
N PRO B 417 -6.86 46.83 -39.99
CA PRO B 417 -7.30 48.11 -39.41
C PRO B 417 -8.81 48.15 -39.17
N TRP B 418 -9.21 49.07 -38.31
CA TRP B 418 -10.60 49.33 -37.99
C TRP B 418 -10.95 50.75 -38.43
N LYS B 419 -12.06 50.88 -39.13
CA LYS B 419 -12.53 52.18 -39.62
C LYS B 419 -13.82 52.55 -38.90
N ARG B 420 -13.83 53.71 -38.25
CA ARG B 420 -14.99 54.22 -37.56
C ARG B 420 -15.37 55.58 -38.14
N LYS B 421 -16.67 55.86 -38.21
CA LYS B 421 -17.13 57.10 -38.82
C LYS B 421 -16.76 58.32 -37.97
N ASP B 422 -17.05 58.26 -36.68
CA ASP B 422 -16.93 59.45 -35.82
C ASP B 422 -15.55 59.60 -35.22
N GLN B 423 -14.52 59.52 -36.07
CA GLN B 423 -13.14 59.76 -35.68
C GLN B 423 -12.30 59.68 -36.94
N SER B 424 -11.05 60.17 -36.83
CA SER B 424 -10.15 60.24 -37.97
C SER B 424 -8.98 59.27 -37.89
N GLN B 425 -8.43 59.03 -36.70
CA GLN B 425 -7.32 58.11 -36.56
C GLN B 425 -7.78 56.68 -36.80
N VAL B 426 -6.89 55.86 -37.35
CA VAL B 426 -7.19 54.46 -37.65
C VAL B 426 -6.32 53.59 -36.75
N THR B 427 -6.93 52.55 -36.18
CA THR B 427 -6.25 51.64 -35.28
C THR B 427 -6.37 50.22 -35.79
N TRP B 428 -5.29 49.44 -35.63
CA TRP B 428 -5.22 48.07 -36.12
C TRP B 428 -5.41 47.11 -34.96
N HIS B 429 -6.27 46.11 -35.18
CA HIS B 429 -6.60 45.13 -34.15
C HIS B 429 -6.59 43.73 -34.74
N GLU B 430 -6.35 42.74 -33.87
CA GLU B 430 -6.46 41.35 -34.27
C GLU B 430 -7.92 40.98 -34.53
N ILE B 431 -8.16 40.27 -35.63
CA ILE B 431 -9.52 39.85 -35.96
C ILE B 431 -9.58 38.36 -36.28
N ALA B 432 -8.43 37.75 -36.54
CA ALA B 432 -8.43 36.36 -36.96
C ALA B 432 -7.24 35.62 -36.36
N ARG B 433 -7.48 34.37 -35.99
CA ARG B 433 -6.43 33.48 -35.49
C ARG B 433 -6.55 32.13 -36.18
N PRO B 434 -6.15 32.05 -37.45
CA PRO B 434 -6.49 30.86 -38.24
C PRO B 434 -5.55 29.69 -38.05
N GLN B 435 -5.13 29.40 -36.82
CA GLN B 435 -4.38 28.18 -36.52
C GLN B 435 -4.14 28.10 -35.03
N ILE B 436 -4.35 26.91 -34.46
CA ILE B 436 -3.87 26.59 -33.13
C ILE B 436 -3.27 25.19 -33.22
N HIS B 437 -1.96 25.12 -33.39
CA HIS B 437 -1.30 23.92 -33.88
C HIS B 437 -0.54 23.22 -32.74
N GLY B 438 -0.15 21.98 -33.00
CA GLY B 438 0.57 21.18 -32.03
C GLY B 438 2.08 21.18 -32.18
N TYR B 439 2.64 22.00 -33.07
CA TYR B 439 4.07 22.09 -33.28
C TYR B 439 4.47 23.56 -33.38
N ASP B 440 5.73 23.83 -33.10
CA ASP B 440 6.24 25.19 -33.25
C ASP B 440 6.29 25.55 -34.74
N LEU B 441 5.75 26.71 -35.08
CA LEU B 441 5.69 27.15 -36.47
C LEU B 441 6.98 27.85 -36.86
N LYS B 442 7.37 27.72 -38.12
CA LYS B 442 8.62 28.29 -38.58
C LYS B 442 8.49 29.17 -39.81
N CYS B 443 7.64 28.80 -40.77
CA CYS B 443 7.63 29.49 -42.05
C CYS B 443 6.20 29.64 -42.56
N LEU B 444 6.00 30.67 -43.39
CA LEU B 444 4.69 30.93 -43.97
C LEU B 444 4.88 31.63 -45.30
N ALA B 445 3.93 31.40 -46.22
CA ALA B 445 3.96 32.04 -47.52
C ALA B 445 2.52 32.23 -47.99
N MET B 446 2.36 33.13 -48.95
CA MET B 446 1.04 33.58 -49.39
C MET B 446 0.81 33.13 -50.83
N ILE B 447 -0.36 32.54 -51.09
CA ILE B 447 -0.71 32.01 -52.40
C ILE B 447 -1.78 32.86 -53.08
N ASN B 448 -2.87 33.11 -52.38
CA ASN B 448 -3.94 33.96 -52.88
C ASN B 448 -4.35 34.94 -51.78
N ARG B 449 -5.32 35.79 -52.09
CA ARG B 449 -5.75 36.81 -51.13
C ARG B 449 -6.36 36.21 -49.88
N PHE B 450 -6.83 34.96 -49.94
CA PHE B 450 -7.42 34.31 -48.77
C PHE B 450 -6.96 32.85 -48.68
N GLN B 451 -5.67 32.61 -48.89
CA GLN B 451 -5.13 31.25 -48.89
C GLN B 451 -3.63 31.33 -48.65
N PHE B 452 -3.11 30.50 -47.75
CA PHE B 452 -1.69 30.55 -47.44
C PHE B 452 -1.15 29.15 -47.18
N VAL B 453 0.17 29.08 -47.06
CA VAL B 453 0.90 27.83 -46.81
C VAL B 453 1.76 28.03 -45.57
N SER B 454 1.73 27.02 -44.69
CA SER B 454 2.44 27.07 -43.44
C SER B 454 3.35 25.86 -43.29
N GLY B 455 4.47 26.08 -42.60
CA GLY B 455 5.43 25.02 -42.33
C GLY B 455 5.96 25.08 -40.91
N ALA B 456 5.88 23.96 -40.20
CA ALA B 456 6.20 23.93 -38.78
C ALA B 456 7.27 22.87 -38.48
N ASP B 457 7.44 22.54 -37.20
CA ASP B 457 8.47 21.61 -36.77
C ASP B 457 8.06 20.16 -37.04
N GLU B 458 7.85 19.88 -38.33
CA GLU B 458 7.46 18.55 -38.79
C GLU B 458 7.82 18.43 -40.27
N LYS B 459 7.69 17.22 -40.80
CA LYS B 459 8.10 16.94 -42.17
C LYS B 459 7.01 17.24 -43.20
N VAL B 460 6.00 18.01 -42.83
CA VAL B 460 4.83 18.21 -43.68
C VAL B 460 4.53 19.69 -43.82
N LEU B 461 4.24 20.11 -45.05
CA LEU B 461 3.73 21.45 -45.34
C LEU B 461 2.22 21.39 -45.38
N ARG B 462 1.56 22.47 -44.95
CA ARG B 462 0.11 22.50 -44.91
C ARG B 462 -0.41 23.73 -45.63
N VAL B 463 -1.63 23.64 -46.14
CA VAL B 463 -2.27 24.70 -46.91
C VAL B 463 -3.61 25.02 -46.28
N PHE B 464 -3.86 26.30 -46.02
CA PHE B 464 -5.09 26.74 -45.40
C PHE B 464 -5.81 27.74 -46.30
N SER B 465 -7.14 27.66 -46.30
CA SER B 465 -8.01 28.55 -47.05
C SER B 465 -8.98 29.24 -46.11
N ALA B 466 -9.75 30.18 -46.66
CA ALA B 466 -10.56 30.96 -45.72
C ALA B 466 -12.03 30.59 -45.84
N PRO B 467 -12.75 30.57 -44.73
CA PRO B 467 -14.20 30.32 -44.77
C PRO B 467 -14.95 31.59 -45.16
N ARG B 468 -16.28 31.49 -45.11
CA ARG B 468 -17.12 32.55 -45.65
C ARG B 468 -17.34 33.68 -44.66
N ASN B 469 -17.67 33.36 -43.41
CA ASN B 469 -17.97 34.42 -42.44
C ASN B 469 -16.78 35.34 -42.24
N PHE B 470 -15.56 34.85 -42.48
CA PHE B 470 -14.39 35.70 -42.37
C PHE B 470 -14.44 36.84 -43.37
N VAL B 471 -14.86 36.57 -44.60
CA VAL B 471 -14.92 37.62 -45.61
C VAL B 471 -15.95 38.67 -45.22
N GLU B 472 -17.11 38.23 -44.72
CA GLU B 472 -18.13 39.18 -44.30
C GLU B 472 -17.63 40.04 -43.14
N ASN B 473 -16.99 39.42 -42.14
CA ASN B 473 -16.45 40.19 -41.03
C ASN B 473 -15.38 41.17 -41.49
N PHE B 474 -14.49 40.71 -42.38
CA PHE B 474 -13.42 41.57 -42.88
C PHE B 474 -13.99 42.78 -43.61
N CYS B 475 -14.94 42.56 -44.53
CA CYS B 475 -15.50 43.67 -45.28
C CYS B 475 -16.35 44.57 -44.40
N ALA B 476 -16.89 44.03 -43.30
CA ALA B 476 -17.64 44.88 -42.38
C ALA B 476 -16.72 45.79 -41.59
N ILE B 477 -15.67 45.22 -40.99
CA ILE B 477 -14.79 46.02 -40.12
C ILE B 477 -13.97 47.01 -40.93
N THR B 478 -13.36 46.55 -42.03
CA THR B 478 -12.48 47.43 -42.80
C THR B 478 -13.24 48.49 -43.58
N GLY B 479 -14.56 48.37 -43.68
CA GLY B 479 -15.36 49.39 -44.34
C GLY B 479 -15.50 49.26 -45.83
N GLN B 480 -15.24 48.08 -46.40
CA GLN B 480 -15.39 47.87 -47.83
C GLN B 480 -16.81 47.37 -48.13
N SER B 481 -17.03 46.98 -49.39
CA SER B 481 -18.32 46.47 -49.84
C SER B 481 -18.23 44.96 -50.03
N LEU B 482 -19.26 44.25 -49.57
CA LEU B 482 -19.24 42.79 -49.59
C LEU B 482 -19.22 42.26 -51.03
N ASN B 483 -20.00 42.86 -51.92
CA ASN B 483 -20.02 42.39 -53.30
C ASN B 483 -18.69 42.63 -53.98
N HIS B 484 -18.07 43.79 -53.74
CA HIS B 484 -16.82 44.13 -54.41
C HIS B 484 -15.62 43.38 -53.85
N VAL B 485 -15.62 43.07 -52.55
CA VAL B 485 -14.50 42.32 -51.99
C VAL B 485 -14.50 40.88 -52.50
N LEU B 486 -15.67 40.32 -52.79
CA LEU B 486 -15.73 39.01 -53.41
C LEU B 486 -15.25 39.02 -54.85
N CYS B 487 -15.43 40.14 -55.54
CA CYS B 487 -15.02 40.30 -56.94
C CYS B 487 -15.65 39.22 -57.81
N ASN B 488 -16.81 38.71 -57.39
CA ASN B 488 -17.53 37.61 -58.06
C ASN B 488 -16.58 36.51 -58.52
N GLN B 489 -15.54 36.23 -57.73
CA GLN B 489 -14.52 35.25 -58.08
C GLN B 489 -14.32 34.16 -57.04
N ASP B 490 -14.80 34.34 -55.81
CA ASP B 490 -14.69 33.31 -54.79
C ASP B 490 -15.85 32.31 -54.85
N SER B 491 -17.07 32.82 -55.01
CA SER B 491 -18.28 32.00 -55.19
C SER B 491 -18.50 31.16 -53.94
N ASP B 492 -19.17 30.02 -54.08
CA ASP B 492 -19.49 29.19 -52.93
C ASP B 492 -18.24 28.56 -52.33
N LEU B 493 -18.24 28.43 -51.00
CA LEU B 493 -17.08 27.96 -50.25
C LEU B 493 -17.52 27.65 -48.82
N PRO B 494 -16.74 26.89 -48.03
CA PRO B 494 -17.20 26.47 -46.71
C PRO B 494 -17.46 27.65 -45.78
N GLU B 495 -18.10 27.35 -44.65
CA GLU B 495 -18.55 28.37 -43.72
C GLU B 495 -17.61 28.59 -42.54
N GLY B 496 -16.92 27.55 -42.09
CA GLY B 496 -16.05 27.70 -40.94
C GLY B 496 -15.15 26.50 -40.75
N ALA B 497 -14.62 26.38 -39.53
CA ALA B 497 -13.72 25.30 -39.20
C ALA B 497 -13.87 24.95 -37.72
N THR B 498 -13.42 23.74 -37.37
CA THR B 498 -13.49 23.27 -35.99
C THR B 498 -12.36 22.29 -35.73
N VAL B 499 -12.08 22.09 -34.45
CA VAL B 499 -11.01 21.16 -34.05
C VAL B 499 -11.47 19.72 -34.33
N PRO B 500 -10.62 18.88 -34.92
CA PRO B 500 -11.01 17.49 -35.17
C PRO B 500 -11.05 16.69 -33.88
N ALA B 501 -11.76 15.55 -33.94
CA ALA B 501 -11.88 14.68 -32.78
C ALA B 501 -10.52 14.12 -32.37
N LEU B 502 -9.72 13.69 -33.33
CA LEU B 502 -8.39 13.14 -33.07
C LEU B 502 -7.39 13.69 -34.07
N GLY B 503 -6.14 13.78 -33.65
CA GLY B 503 -5.09 14.27 -34.52
C GLY B 503 -5.11 15.77 -34.68
N LEU B 504 -4.26 16.26 -35.57
CA LEU B 504 -4.12 17.68 -35.85
C LEU B 504 -4.55 17.95 -37.29
N SER B 505 -5.61 18.74 -37.44
CA SER B 505 -6.14 19.10 -38.76
C SER B 505 -7.17 20.21 -38.56
N ASN B 506 -7.81 20.60 -39.65
CA ASN B 506 -8.95 21.50 -39.63
C ASN B 506 -10.07 20.88 -40.45
N LYS B 507 -11.29 20.98 -39.94
CA LYS B 507 -12.45 20.36 -40.57
C LYS B 507 -13.52 21.41 -40.81
N ALA B 508 -14.04 21.45 -42.04
CA ALA B 508 -15.09 22.41 -42.37
C ALA B 508 -16.38 22.05 -41.66
N VAL B 509 -17.12 23.07 -41.24
CA VAL B 509 -18.37 22.89 -40.52
C VAL B 509 -19.58 23.15 -41.43
N PHE B 510 -19.43 22.98 -42.73
CA PHE B 510 -20.53 23.14 -43.66
C PHE B 510 -21.65 22.14 -43.36
N PHE B 537 -17.73 28.20 -37.61
CA PHE B 537 -18.34 27.46 -36.52
C PHE B 537 -19.82 27.82 -36.42
N GLN B 538 -20.11 28.95 -35.76
CA GLN B 538 -21.46 29.48 -35.66
C GLN B 538 -21.55 30.82 -36.36
N PRO B 539 -22.63 31.06 -37.11
CA PRO B 539 -22.78 32.36 -37.78
C PRO B 539 -22.91 33.48 -36.77
N SER B 540 -21.90 34.34 -36.72
CA SER B 540 -21.85 35.45 -35.76
C SER B 540 -21.36 36.69 -36.50
N ILE B 541 -22.30 37.53 -36.92
CA ILE B 541 -21.94 38.77 -37.58
C ILE B 541 -21.28 39.71 -36.57
N LEU B 542 -20.34 40.52 -37.05
CA LEU B 542 -19.60 41.42 -36.19
C LEU B 542 -19.42 42.76 -36.89
N THR B 543 -19.62 43.84 -36.13
CA THR B 543 -19.35 45.18 -36.59
C THR B 543 -18.18 45.85 -35.87
N GLU B 544 -17.69 45.25 -34.79
CA GLU B 544 -16.57 45.72 -34.01
C GLU B 544 -15.61 44.56 -33.76
N PRO B 545 -14.33 44.84 -33.52
CA PRO B 545 -13.38 43.76 -33.34
C PRO B 545 -13.75 42.90 -32.14
N PRO B 546 -13.44 41.61 -32.18
CA PRO B 546 -13.88 40.70 -31.13
C PRO B 546 -13.00 40.79 -29.89
N THR B 547 -13.43 40.06 -28.87
CA THR B 547 -12.74 39.98 -27.59
C THR B 547 -12.07 38.61 -27.49
N GLU B 548 -11.25 38.41 -26.45
CA GLU B 548 -10.50 37.16 -26.31
C GLU B 548 -11.37 36.05 -25.72
N ASP B 549 -12.56 35.90 -26.26
CA ASP B 549 -13.36 34.68 -26.11
C ASP B 549 -14.01 34.24 -27.42
N HIS B 550 -14.23 35.14 -28.36
CA HIS B 550 -14.67 34.79 -29.70
C HIS B 550 -13.49 34.50 -30.62
N LEU B 551 -12.29 34.99 -30.29
CA LEU B 551 -11.12 34.73 -31.10
C LEU B 551 -10.59 33.32 -30.90
N LEU B 552 -10.72 32.78 -29.70
CA LEU B 552 -10.14 31.49 -29.36
C LEU B 552 -10.86 30.32 -30.01
N GLN B 553 -12.15 30.45 -30.30
CA GLN B 553 -12.97 29.32 -30.73
C GLN B 553 -13.52 29.47 -32.14
N ASN B 554 -14.14 30.60 -32.45
CA ASN B 554 -14.98 30.72 -33.64
C ASN B 554 -14.22 31.31 -34.83
N THR B 555 -12.89 31.26 -34.82
CA THR B 555 -12.11 31.98 -35.81
C THR B 555 -10.98 31.09 -36.33
N LEU B 556 -11.31 29.90 -36.79
CA LEU B 556 -10.32 29.02 -37.42
C LEU B 556 -10.55 28.96 -38.92
N TRP B 557 -9.59 28.36 -39.62
CA TRP B 557 -9.64 28.24 -41.07
C TRP B 557 -9.50 26.78 -41.49
N PRO B 558 -10.23 26.35 -42.52
CA PRO B 558 -10.17 24.95 -42.94
C PRO B 558 -8.85 24.61 -43.60
N GLU B 559 -8.51 23.32 -43.55
CA GLU B 559 -7.34 22.78 -44.21
C GLU B 559 -7.75 22.05 -45.48
N VAL B 560 -7.03 22.28 -46.56
CA VAL B 560 -7.47 21.79 -47.86
C VAL B 560 -6.38 21.01 -48.60
N GLN B 561 -5.23 20.82 -47.96
CA GLN B 561 -4.14 20.12 -48.62
C GLN B 561 -3.14 19.64 -47.58
N LYS B 562 -2.22 18.79 -48.02
CA LYS B 562 -1.16 18.25 -47.17
C LYS B 562 -0.11 17.63 -48.06
N LEU B 563 1.14 18.08 -47.95
CA LEU B 563 2.20 17.71 -48.87
C LEU B 563 3.28 16.93 -48.13
N TYR B 564 3.66 15.78 -48.69
CA TYR B 564 4.78 14.98 -48.19
C TYR B 564 5.92 15.01 -49.20
N GLY B 565 7.09 14.58 -48.73
CA GLY B 565 8.24 14.48 -49.61
C GLY B 565 9.56 14.89 -48.99
N HIS B 566 9.52 15.35 -47.75
CA HIS B 566 10.71 15.77 -47.03
C HIS B 566 11.04 14.77 -45.93
N GLY B 567 12.32 14.70 -45.60
CA GLY B 567 12.78 13.74 -44.62
C GLY B 567 12.96 14.30 -43.22
N TYR B 568 12.86 15.62 -43.08
CA TYR B 568 13.13 16.27 -41.80
C TYR B 568 12.27 17.53 -41.68
N GLU B 569 12.44 18.23 -40.57
CA GLU B 569 11.62 19.39 -40.26
C GLU B 569 11.91 20.54 -41.21
N ILE B 570 10.85 21.29 -41.55
CA ILE B 570 10.96 22.35 -42.54
C ILE B 570 11.74 23.53 -41.98
N PHE B 571 12.36 24.30 -42.88
CA PHE B 571 13.14 25.46 -42.47
C PHE B 571 12.93 26.71 -43.29
N CYS B 572 12.42 26.61 -44.52
CA CYS B 572 12.27 27.79 -45.37
C CYS B 572 11.24 27.51 -46.46
N VAL B 573 10.53 28.56 -46.85
CA VAL B 573 9.50 28.49 -47.89
C VAL B 573 9.47 29.82 -48.64
N THR B 574 9.25 29.78 -49.95
CA THR B 574 9.11 30.99 -50.74
C THR B 574 8.15 30.72 -51.88
N CYS B 575 7.80 31.77 -52.63
CA CYS B 575 6.89 31.64 -53.75
C CYS B 575 7.22 32.69 -54.79
N ASN B 576 6.90 32.40 -56.04
CA ASN B 576 7.22 33.32 -57.14
C ASN B 576 6.09 34.32 -57.33
N SER B 577 6.37 35.34 -58.14
CA SER B 577 5.41 36.41 -58.39
C SER B 577 4.31 36.01 -59.35
N SER B 578 4.47 34.93 -60.11
CA SER B 578 3.46 34.46 -61.03
C SER B 578 2.45 33.54 -60.36
N LYS B 579 2.63 33.26 -59.08
CA LYS B 579 1.70 32.50 -58.25
C LYS B 579 1.63 31.02 -58.63
N THR B 580 2.54 30.52 -59.47
CA THR B 580 2.59 29.09 -59.79
C THR B 580 4.03 28.58 -59.64
N LEU B 581 4.44 28.31 -58.41
CA LEU B 581 5.57 27.46 -58.05
C LEU B 581 5.70 27.58 -56.54
N LEU B 582 6.59 26.75 -55.96
CA LEU B 582 6.80 26.78 -54.51
C LEU B 582 8.09 26.04 -54.16
N ALA B 583 8.84 26.55 -53.21
CA ALA B 583 10.11 25.95 -52.78
C ALA B 583 10.00 25.49 -51.33
N SER B 584 11.04 24.79 -50.88
CA SER B 584 11.06 24.22 -49.53
C SER B 584 12.47 23.79 -49.19
N ALA B 585 12.71 23.59 -47.89
CA ALA B 585 13.99 23.10 -47.41
C ALA B 585 13.79 22.50 -46.04
N CYS B 586 14.81 21.78 -45.57
CA CYS B 586 14.72 21.09 -44.29
C CYS B 586 16.11 21.02 -43.66
N LYS B 587 16.12 20.76 -42.35
CA LYS B 587 17.37 20.60 -41.62
C LYS B 587 18.10 19.37 -42.13
N ALA B 588 19.41 19.48 -42.30
CA ALA B 588 20.21 18.40 -42.83
C ALA B 588 21.63 18.48 -42.29
N ALA B 589 22.29 17.33 -42.27
CA ALA B 589 23.71 17.26 -41.93
C ALA B 589 24.55 16.62 -43.02
N LYS B 590 23.92 16.14 -44.10
CA LYS B 590 24.63 15.57 -45.23
C LYS B 590 24.12 16.18 -46.53
N LYS B 591 24.55 15.64 -47.67
CA LYS B 591 24.17 16.20 -48.96
C LYS B 591 22.87 15.62 -49.51
N GLU B 592 22.53 14.39 -49.15
CA GLU B 592 21.32 13.76 -49.69
C GLU B 592 20.04 14.24 -49.02
N HIS B 593 20.15 14.96 -47.90
CA HIS B 593 18.98 15.50 -47.23
C HIS B 593 18.75 16.99 -47.50
N ALA B 594 19.82 17.75 -47.76
CA ALA B 594 19.70 19.17 -48.05
C ALA B 594 19.46 19.35 -49.55
N ALA B 595 18.20 19.28 -49.94
CA ALA B 595 17.83 19.38 -51.34
C ALA B 595 16.56 20.20 -51.47
N ILE B 596 16.55 21.13 -52.43
CA ILE B 596 15.39 21.96 -52.67
C ILE B 596 14.34 21.16 -53.43
N ILE B 597 13.07 21.43 -53.13
CA ILE B 597 11.95 20.74 -53.77
C ILE B 597 11.01 21.79 -54.35
N LEU B 598 10.61 21.60 -55.60
CA LEU B 598 9.69 22.50 -56.28
C LEU B 598 8.34 21.82 -56.46
N TRP B 599 7.26 22.56 -56.19
CA TRP B 599 5.91 22.03 -56.27
C TRP B 599 5.11 22.83 -57.29
N ASN B 600 3.85 22.45 -57.44
CA ASN B 600 2.90 23.15 -58.29
C ASN B 600 1.79 23.73 -57.43
N THR B 601 1.02 24.67 -58.00
CA THR B 601 -0.02 25.34 -57.26
C THR B 601 -1.42 25.03 -57.78
N THR B 602 -1.52 24.21 -58.83
CA THR B 602 -2.81 23.75 -59.32
C THR B 602 -3.05 22.27 -59.09
N SER B 603 -1.99 21.47 -59.02
CA SER B 603 -2.11 20.05 -58.71
C SER B 603 -0.82 19.65 -58.02
N TRP B 604 -0.85 19.60 -56.69
CA TRP B 604 0.37 19.60 -55.89
C TRP B 604 1.12 18.28 -56.05
N LYS B 605 2.14 18.28 -56.91
CA LYS B 605 3.10 17.19 -56.98
C LYS B 605 4.50 17.78 -57.07
N GLN B 606 5.47 16.97 -56.67
CA GLN B 606 6.87 17.32 -56.89
C GLN B 606 7.12 17.53 -58.38
N VAL B 607 7.88 18.57 -58.71
CA VAL B 607 8.22 18.88 -60.09
C VAL B 607 9.65 18.44 -60.41
N GLN B 608 10.61 18.87 -59.60
CA GLN B 608 11.99 18.45 -59.80
C GLN B 608 12.79 18.71 -58.53
N ASN B 609 13.81 17.90 -58.30
CA ASN B 609 14.65 18.02 -57.13
C ASN B 609 15.98 18.66 -57.51
N LEU B 610 16.42 19.65 -56.73
CA LEU B 610 17.65 20.38 -56.99
C LEU B 610 18.65 20.04 -55.88
N VAL B 611 19.52 19.08 -56.16
CA VAL B 611 20.46 18.58 -55.16
C VAL B 611 21.73 19.42 -55.27
N PHE B 612 22.02 20.16 -54.19
CA PHE B 612 23.26 20.89 -54.02
C PHE B 612 23.36 21.30 -52.56
N HIS B 613 24.54 21.81 -52.17
CA HIS B 613 24.85 22.16 -50.79
C HIS B 613 24.93 20.92 -49.92
N SER B 614 25.51 21.06 -48.73
CA SER B 614 25.58 19.95 -47.78
C SER B 614 24.98 20.32 -46.43
N LEU B 615 24.54 21.56 -46.24
CA LEU B 615 23.93 22.01 -45.01
C LEU B 615 22.58 22.65 -45.30
N THR B 616 21.92 23.10 -44.24
CA THR B 616 20.56 23.62 -44.35
C THR B 616 20.52 24.86 -45.24
N VAL B 617 19.44 25.00 -46.01
CA VAL B 617 19.20 26.21 -46.79
C VAL B 617 18.39 27.17 -45.93
N THR B 618 18.90 28.39 -45.76
CA THR B 618 18.31 29.34 -44.82
C THR B 618 17.26 30.23 -45.47
N GLN B 619 17.47 30.65 -46.71
CA GLN B 619 16.50 31.53 -47.36
C GLN B 619 16.63 31.40 -48.86
N MET B 620 15.51 31.59 -49.55
CA MET B 620 15.46 31.59 -51.01
C MET B 620 14.67 32.80 -51.48
N ALA B 621 14.86 33.16 -52.74
CA ALA B 621 14.21 34.34 -53.28
C ALA B 621 14.01 34.18 -54.78
N PHE B 622 12.84 34.62 -55.25
CA PHE B 622 12.53 34.67 -56.67
C PHE B 622 12.81 36.08 -57.18
N SER B 623 13.55 36.18 -58.26
CA SER B 623 13.73 37.48 -58.89
C SER B 623 12.38 37.96 -59.44
N PRO B 624 12.14 39.27 -59.42
CA PRO B 624 10.87 39.78 -59.98
C PRO B 624 10.69 39.47 -61.45
N ASN B 625 11.76 39.11 -62.17
CA ASN B 625 11.65 38.76 -63.57
C ASN B 625 11.12 37.33 -63.79
N GLU B 626 10.94 36.56 -62.72
CA GLU B 626 10.44 35.20 -62.79
C GLU B 626 11.32 34.31 -63.67
N LYS B 627 12.65 34.51 -63.59
CA LYS B 627 13.57 33.70 -64.37
C LYS B 627 14.79 33.28 -63.56
N PHE B 628 14.73 33.34 -62.22
CA PHE B 628 15.85 32.98 -61.39
C PHE B 628 15.35 32.46 -60.05
N LEU B 629 16.24 31.75 -59.36
CA LEU B 629 15.99 31.33 -57.99
C LEU B 629 17.34 31.24 -57.29
N LEU B 630 17.45 31.85 -56.12
CA LEU B 630 18.69 31.92 -55.39
C LEU B 630 18.55 31.21 -54.05
N ALA B 631 19.64 30.63 -53.57
CA ALA B 631 19.65 29.95 -52.30
C ALA B 631 20.93 30.29 -51.55
N VAL B 632 20.81 30.42 -50.23
CA VAL B 632 21.94 30.63 -49.34
C VAL B 632 21.87 29.58 -48.25
N SER B 633 23.03 29.13 -47.80
CA SER B 633 23.07 27.97 -46.91
C SER B 633 24.06 28.19 -45.78
N ARG B 634 23.98 27.31 -44.79
CA ARG B 634 24.85 27.32 -43.63
C ARG B 634 26.30 27.02 -43.99
N ASP B 635 26.57 26.47 -45.17
CA ASP B 635 27.92 26.13 -45.58
C ASP B 635 28.68 27.31 -46.19
N ARG B 636 28.24 28.54 -45.94
CA ARG B 636 28.90 29.76 -46.36
C ARG B 636 28.93 29.95 -47.88
N THR B 637 28.10 29.23 -48.61
CA THR B 637 28.09 29.30 -50.07
C THR B 637 26.71 29.75 -50.55
N TRP B 638 26.54 29.75 -51.87
CA TRP B 638 25.26 30.08 -52.49
C TRP B 638 25.24 29.50 -53.89
N SER B 639 24.07 29.57 -54.53
CA SER B 639 23.92 29.04 -55.88
C SER B 639 22.76 29.74 -56.56
N LEU B 640 22.85 29.87 -57.88
CA LEU B 640 21.83 30.50 -58.69
C LEU B 640 21.35 29.52 -59.75
N TRP B 641 20.04 29.36 -59.86
CA TRP B 641 19.44 28.39 -60.77
C TRP B 641 18.63 29.12 -61.83
N LYS B 642 18.94 28.86 -63.10
CA LYS B 642 18.29 29.52 -64.21
C LYS B 642 17.29 28.59 -64.86
N LYS B 643 16.16 29.17 -65.28
CA LYS B 643 15.08 28.42 -65.93
C LYS B 643 15.31 28.37 -67.43
N GLN B 644 15.33 27.17 -67.99
CA GLN B 644 15.47 27.03 -69.43
C GLN B 644 14.17 27.31 -70.16
N ASP B 645 14.29 27.73 -71.42
CA ASP B 645 13.18 28.23 -72.20
C ASP B 645 12.64 27.15 -73.13
N THR B 646 11.36 26.82 -72.98
CA THR B 646 10.64 25.96 -73.91
C THR B 646 9.25 26.55 -74.10
N ILE B 647 8.60 26.19 -75.20
CA ILE B 647 7.27 26.73 -75.47
C ILE B 647 6.25 25.77 -74.85
N SER B 648 6.14 24.56 -75.42
CA SER B 648 5.51 23.37 -74.86
C SER B 648 4.38 23.72 -73.90
N PRO B 649 3.29 24.32 -74.37
CA PRO B 649 2.31 24.90 -73.44
C PRO B 649 1.74 23.91 -72.44
N GLU B 650 1.65 22.64 -72.80
CA GLU B 650 1.09 21.65 -71.87
C GLU B 650 2.10 21.21 -70.82
N PHE B 651 3.40 21.46 -71.04
CA PHE B 651 4.43 21.01 -70.12
C PHE B 651 4.74 22.10 -69.09
N GLU B 652 5.82 21.88 -68.34
CA GLU B 652 6.30 22.80 -67.31
C GLU B 652 7.79 23.00 -67.47
N PRO B 653 8.27 24.24 -67.35
CA PRO B 653 9.70 24.50 -67.54
C PRO B 653 10.57 23.86 -66.46
N VAL B 654 11.89 23.88 -66.65
CA VAL B 654 12.83 23.28 -65.72
C VAL B 654 13.95 24.26 -65.41
N PHE B 655 14.71 23.93 -64.37
CA PHE B 655 15.79 24.77 -63.86
C PHE B 655 17.08 23.97 -63.85
N SER B 656 18.20 24.69 -63.93
CA SER B 656 19.51 24.08 -63.77
C SER B 656 20.52 25.14 -63.37
N LEU B 657 21.67 24.67 -62.89
CA LEU B 657 22.68 25.59 -62.36
C LEU B 657 23.10 26.61 -63.40
N PHE B 658 23.23 27.86 -62.98
CA PHE B 658 23.73 28.96 -63.79
C PHE B 658 24.99 29.58 -63.23
N ALA B 659 25.16 29.59 -61.92
CA ALA B 659 26.39 30.04 -61.28
C ALA B 659 26.42 29.44 -59.87
N PHE B 660 27.62 29.38 -59.30
CA PHE B 660 27.77 28.82 -57.97
C PHE B 660 29.01 29.43 -57.33
N THR B 661 29.33 28.95 -56.14
CA THR B 661 30.45 29.46 -55.36
C THR B 661 30.98 28.39 -54.43
N ASN B 662 32.30 28.25 -54.41
CA ASN B 662 33.00 27.29 -53.56
C ASN B 662 33.53 27.99 -52.31
N LYS B 663 34.38 27.27 -51.58
CA LYS B 663 34.98 27.83 -50.38
C LYS B 663 35.81 29.06 -50.71
N ILE B 664 36.62 29.00 -51.77
CA ILE B 664 37.53 30.08 -52.09
C ILE B 664 36.77 31.32 -52.57
N THR B 665 35.80 31.11 -53.47
CA THR B 665 35.09 32.24 -54.06
C THR B 665 34.17 32.91 -53.05
N SER B 666 33.82 32.20 -51.99
CA SER B 666 32.96 32.78 -50.96
C SER B 666 33.70 33.86 -50.18
N VAL B 667 33.02 34.97 -49.92
CA VAL B 667 33.58 36.07 -49.15
C VAL B 667 33.07 36.11 -47.72
N HIS B 668 31.88 35.57 -47.44
CA HIS B 668 31.34 35.54 -46.09
C HIS B 668 32.06 34.45 -45.31
N SER B 669 32.65 34.81 -44.17
CA SER B 669 33.44 33.85 -43.40
C SER B 669 32.57 32.99 -42.49
N ARG B 670 31.29 33.31 -42.33
CA ARG B 670 30.40 32.56 -41.45
C ARG B 670 29.04 32.38 -42.12
N ILE B 671 28.08 31.88 -41.35
CA ILE B 671 26.75 31.52 -41.82
C ILE B 671 26.09 32.71 -42.50
N ILE B 672 25.49 32.49 -43.67
CA ILE B 672 24.71 33.49 -44.37
C ILE B 672 23.27 33.39 -43.88
N TRP B 673 22.71 34.53 -43.46
CA TRP B 673 21.37 34.54 -42.89
C TRP B 673 20.30 35.08 -43.82
N SER B 674 20.61 35.99 -44.73
CA SER B 674 19.55 36.55 -45.55
C SER B 674 20.06 36.96 -46.91
N CYS B 675 19.12 37.07 -47.85
CA CYS B 675 19.41 37.51 -49.21
C CYS B 675 18.14 38.12 -49.79
N ASP B 676 18.32 39.02 -50.76
CA ASP B 676 17.18 39.65 -51.42
C ASP B 676 17.59 40.13 -52.81
N TRP B 677 16.58 40.38 -53.63
CA TRP B 677 16.75 40.80 -55.02
C TRP B 677 16.58 42.31 -55.18
N SER B 678 17.21 42.84 -56.21
CA SER B 678 16.95 44.20 -56.63
C SER B 678 15.62 44.26 -57.38
N PRO B 679 14.93 45.40 -57.33
CA PRO B 679 13.60 45.47 -57.93
C PRO B 679 13.59 45.31 -59.45
N ASP B 680 14.73 45.47 -60.12
CA ASP B 680 14.80 45.30 -61.57
C ASP B 680 15.47 43.99 -61.97
N SER B 681 15.62 43.05 -61.03
CA SER B 681 16.20 41.73 -61.29
C SER B 681 17.62 41.85 -61.86
N LYS B 682 18.40 42.78 -61.32
CA LYS B 682 19.76 43.00 -61.79
C LYS B 682 20.83 42.55 -60.80
N TYR B 683 20.77 43.02 -59.55
CA TYR B 683 21.74 42.63 -58.54
C TYR B 683 21.02 41.87 -57.44
N PHE B 684 21.79 41.38 -56.46
CA PHE B 684 21.19 40.82 -55.27
C PHE B 684 22.13 40.99 -54.08
N PHE B 685 21.53 41.15 -52.91
CA PHE B 685 22.24 41.47 -51.68
C PHE B 685 22.22 40.29 -50.74
N THR B 686 23.33 40.06 -50.05
CA THR B 686 23.47 38.98 -49.08
C THR B 686 23.99 39.53 -47.76
N GLY B 687 23.43 39.03 -46.67
CA GLY B 687 23.88 39.41 -45.33
C GLY B 687 24.10 38.21 -44.46
N SER B 688 25.19 38.24 -43.70
CA SER B 688 25.68 37.10 -42.96
C SER B 688 26.11 37.53 -41.56
N ARG B 689 26.58 36.55 -40.77
CA ARG B 689 27.09 36.82 -39.43
C ARG B 689 28.47 37.45 -39.44
N ASP B 690 29.11 37.57 -40.61
CA ASP B 690 30.40 38.22 -40.69
C ASP B 690 30.31 39.74 -40.60
N LYS B 691 29.15 40.26 -40.15
CA LYS B 691 28.94 41.70 -39.99
C LYS B 691 29.12 42.44 -41.31
N LYS B 692 28.76 41.78 -42.42
CA LYS B 692 28.99 42.36 -43.73
C LYS B 692 27.79 42.11 -44.63
N VAL B 693 27.48 43.12 -45.45
CA VAL B 693 26.43 43.03 -46.45
C VAL B 693 27.08 43.25 -47.81
N VAL B 694 26.94 42.26 -48.69
CA VAL B 694 27.64 42.28 -49.98
C VAL B 694 26.61 42.30 -51.10
N VAL B 695 26.99 42.93 -52.21
CA VAL B 695 26.17 42.99 -53.41
C VAL B 695 26.85 42.18 -54.50
N TRP B 696 26.14 41.21 -55.04
CA TRP B 696 26.60 40.44 -56.20
C TRP B 696 25.72 40.82 -57.38
N GLY B 697 26.34 41.22 -58.49
CA GLY B 697 25.56 41.80 -59.54
C GLY B 697 25.79 41.27 -60.93
N GLU B 698 25.24 41.99 -61.92
CA GLU B 698 25.30 41.62 -63.33
C GLU B 698 24.69 40.24 -63.59
N CYS B 699 23.59 39.94 -62.90
CA CYS B 699 22.82 38.73 -63.17
C CYS B 699 21.85 38.90 -64.33
N ASP B 700 21.77 40.08 -64.92
CA ASP B 700 20.90 40.33 -66.05
C ASP B 700 21.53 39.78 -67.32
N SER B 701 21.00 40.18 -68.49
CA SER B 701 21.45 39.69 -69.79
C SER B 701 21.26 38.18 -69.88
N THR B 702 20.01 37.76 -69.65
CA THR B 702 19.66 36.35 -69.68
C THR B 702 19.62 35.78 -71.09
N ASP B 703 19.71 36.61 -72.11
CA ASP B 703 19.59 36.16 -73.50
C ASP B 703 20.68 35.15 -73.85
N ASP B 704 21.95 35.55 -73.81
CA ASP B 704 23.04 34.63 -74.10
C ASP B 704 24.33 35.21 -73.52
N CYS B 705 24.76 34.68 -72.39
CA CYS B 705 26.11 34.88 -71.89
C CYS B 705 26.94 33.64 -72.18
N ILE B 706 28.26 33.81 -72.23
CA ILE B 706 29.14 32.67 -72.53
C ILE B 706 28.94 31.56 -71.49
N GLU B 707 29.31 31.84 -70.25
CA GLU B 707 28.79 31.04 -69.13
C GLU B 707 28.11 31.94 -68.10
N HIS B 708 28.79 33.01 -67.69
CA HIS B 708 28.32 33.89 -66.63
C HIS B 708 29.35 35.01 -66.47
N ASN B 709 28.98 35.99 -65.64
CA ASN B 709 29.91 37.02 -65.20
C ASN B 709 29.67 37.41 -63.73
N ILE B 710 29.20 36.47 -62.91
CA ILE B 710 28.74 36.81 -61.57
C ILE B 710 29.91 36.92 -60.61
N GLY B 711 29.97 38.03 -59.88
CA GLY B 711 31.01 38.24 -58.90
C GLY B 711 30.68 39.42 -58.00
N PRO B 712 31.55 39.69 -57.02
CA PRO B 712 31.34 40.85 -56.14
C PRO B 712 31.36 42.15 -56.93
N CYS B 713 30.30 42.95 -56.74
CA CYS B 713 30.14 44.19 -57.48
C CYS B 713 30.13 45.41 -56.57
N SER B 714 30.68 45.30 -55.36
CA SER B 714 30.70 46.40 -54.41
C SER B 714 31.81 46.16 -53.41
N SER B 715 31.78 46.90 -52.31
CA SER B 715 32.74 46.76 -51.22
C SER B 715 32.01 46.30 -49.97
N VAL B 716 32.68 45.48 -49.16
CA VAL B 716 32.06 44.97 -47.95
C VAL B 716 31.90 46.10 -46.94
N LEU B 717 30.87 46.00 -46.10
CA LEU B 717 30.55 47.00 -45.09
C LEU B 717 30.58 46.32 -43.73
N ASP B 718 31.20 46.97 -42.74
CA ASP B 718 31.21 46.43 -41.39
C ASP B 718 30.12 47.15 -40.59
N VAL B 719 28.94 46.53 -40.52
CA VAL B 719 27.80 47.17 -39.89
C VAL B 719 28.05 47.38 -38.41
N GLY B 720 28.59 46.37 -37.71
CA GLY B 720 28.84 46.49 -36.30
C GLY B 720 28.44 45.24 -35.52
N GLY B 721 27.54 44.45 -36.10
CA GLY B 721 27.10 43.22 -35.47
C GLY B 721 26.56 42.28 -36.52
N ALA B 722 26.16 41.09 -36.05
CA ALA B 722 25.63 40.08 -36.95
C ALA B 722 24.35 40.58 -37.61
N VAL B 723 24.23 40.36 -38.91
CA VAL B 723 23.07 40.76 -39.69
C VAL B 723 22.17 39.56 -39.88
N THR B 724 20.89 39.69 -39.54
CA THR B 724 19.94 38.60 -39.65
C THR B 724 18.75 38.92 -40.54
N ALA B 725 18.78 40.04 -41.27
CA ALA B 725 17.68 40.39 -42.15
C ALA B 725 18.14 41.43 -43.15
N VAL B 726 17.71 41.29 -44.39
CA VAL B 726 17.99 42.24 -45.46
C VAL B 726 16.74 42.39 -46.30
N SER B 727 16.43 43.61 -46.70
CA SER B 727 15.25 43.86 -47.53
C SER B 727 15.50 45.08 -48.40
N VAL B 728 14.89 45.09 -49.59
CA VAL B 728 15.07 46.16 -50.56
C VAL B 728 13.71 46.72 -50.96
N CYS B 729 13.61 48.04 -50.96
CA CYS B 729 12.35 48.71 -51.29
C CYS B 729 12.00 48.49 -52.76
N PRO B 730 10.75 48.15 -53.06
CA PRO B 730 10.30 47.95 -54.45
C PRO B 730 9.85 49.22 -55.15
N VAL B 731 10.69 50.26 -55.08
CA VAL B 731 10.42 51.53 -55.73
C VAL B 731 11.69 51.98 -56.45
N LEU B 732 11.54 52.41 -57.70
CA LEU B 732 12.65 52.85 -58.53
C LEU B 732 12.65 54.36 -58.67
N HIS B 733 13.83 54.96 -58.48
CA HIS B 733 14.00 56.39 -58.61
C HIS B 733 14.95 56.70 -59.76
N PRO B 734 14.72 57.78 -60.52
CA PRO B 734 15.61 58.09 -61.65
C PRO B 734 17.06 58.27 -61.25
N SER B 735 17.33 58.80 -60.05
CA SER B 735 18.70 58.93 -59.56
C SER B 735 19.32 57.58 -59.19
N GLN B 736 18.60 56.48 -59.41
CA GLN B 736 19.12 55.14 -59.20
C GLN B 736 19.54 54.93 -57.75
N ARG B 737 18.53 54.98 -56.87
CA ARG B 737 18.70 54.76 -55.45
C ARG B 737 18.28 53.34 -55.10
N TYR B 738 19.17 52.62 -54.43
CA TYR B 738 18.90 51.27 -53.94
C TYR B 738 19.04 51.29 -52.42
N VAL B 739 17.92 51.42 -51.72
CA VAL B 739 17.90 51.54 -50.27
C VAL B 739 17.75 50.14 -49.67
N VAL B 740 18.52 49.86 -48.62
CA VAL B 740 18.55 48.55 -47.99
C VAL B 740 18.23 48.72 -46.51
N ALA B 741 17.30 47.91 -46.00
CA ALA B 741 16.92 47.90 -44.59
C ALA B 741 17.65 46.74 -43.93
N VAL B 742 18.60 47.05 -43.05
CA VAL B 742 19.43 46.03 -42.42
C VAL B 742 19.03 45.91 -40.95
N GLY B 743 18.70 44.69 -40.53
CA GLY B 743 18.49 44.40 -39.12
C GLY B 743 19.66 43.64 -38.52
N LEU B 744 19.79 43.74 -37.20
CA LEU B 744 20.91 43.16 -36.50
C LEU B 744 20.40 42.26 -35.37
N GLU B 745 21.34 41.62 -34.67
CA GLU B 745 20.96 40.82 -33.51
C GLU B 745 20.39 41.70 -32.40
N CYS B 746 21.15 42.69 -31.96
CA CYS B 746 20.54 43.76 -31.20
C CYS B 746 19.53 44.46 -32.10
N GLY B 747 18.34 44.70 -31.57
CA GLY B 747 17.22 45.00 -32.44
C GLY B 747 17.26 46.36 -33.09
N LYS B 748 18.31 46.62 -33.87
CA LYS B 748 18.46 47.87 -34.59
C LYS B 748 18.05 47.70 -36.05
N ILE B 749 17.51 48.78 -36.63
CA ILE B 749 17.08 48.79 -38.02
C ILE B 749 17.74 50.00 -38.68
N CYS B 750 18.66 49.75 -39.60
CA CYS B 750 19.41 50.81 -40.26
C CYS B 750 19.03 50.87 -41.73
N LEU B 751 18.68 52.05 -42.20
CA LEU B 751 18.44 52.29 -43.63
C LEU B 751 19.68 52.94 -44.21
N TYR B 752 20.32 52.23 -45.15
CA TYR B 752 21.41 52.74 -45.96
C TYR B 752 20.90 53.12 -47.34
N THR B 753 21.82 53.63 -48.16
CA THR B 753 21.53 53.97 -49.55
C THR B 753 22.74 53.54 -50.39
N TRP B 754 22.55 52.51 -51.21
CA TRP B 754 23.63 52.00 -52.04
C TRP B 754 23.59 52.62 -53.43
N LYS B 755 24.76 52.98 -53.94
CA LYS B 755 24.89 53.60 -55.25
C LYS B 755 26.02 52.93 -56.00
N LYS B 756 25.75 52.52 -57.23
CA LYS B 756 26.79 51.91 -58.05
C LYS B 756 27.81 52.97 -58.46
N THR B 757 29.07 52.71 -58.15
CA THR B 757 30.12 53.68 -58.43
C THR B 757 30.30 53.91 -59.92
N ASP B 758 30.20 52.84 -60.72
CA ASP B 758 30.40 52.87 -62.17
C ASP B 758 31.83 53.24 -62.49
N GLN B 759 32.67 53.34 -61.47
CA GLN B 759 34.09 53.59 -61.63
C GLN B 759 34.89 52.46 -60.97
N VAL B 760 36.15 52.32 -61.36
CA VAL B 760 36.98 51.24 -60.84
C VAL B 760 37.25 51.38 -59.34
N PRO B 761 37.26 52.58 -58.74
CA PRO B 761 37.19 52.64 -57.28
C PRO B 761 35.80 52.25 -56.79
N GLU B 762 35.75 51.56 -55.65
CA GLU B 762 34.49 51.15 -55.07
C GLU B 762 34.11 51.98 -53.85
N ILE B 763 34.77 53.12 -53.64
CA ILE B 763 34.37 54.01 -52.57
C ILE B 763 33.13 54.80 -52.99
N ASN B 764 32.43 55.36 -52.01
CA ASN B 764 31.20 56.12 -52.21
C ASN B 764 30.10 55.24 -52.81
N ASP B 765 29.98 54.02 -52.32
CA ASP B 765 28.84 53.15 -52.61
C ASP B 765 28.00 52.86 -51.39
N TRP B 766 28.54 53.04 -50.18
CA TRP B 766 27.80 52.84 -48.94
C TRP B 766 27.62 54.20 -48.27
N THR B 767 26.37 54.64 -48.13
CA THR B 767 26.04 55.86 -47.41
C THR B 767 25.00 55.55 -46.35
N HIS B 768 25.21 56.06 -45.14
CA HIS B 768 24.27 55.87 -44.04
C HIS B 768 23.16 56.90 -44.15
N CYS B 769 21.92 56.43 -44.19
CA CYS B 769 20.77 57.30 -44.39
C CYS B 769 20.05 57.61 -43.09
N VAL B 770 19.59 56.60 -42.35
CA VAL B 770 18.86 56.86 -41.11
C VAL B 770 18.93 55.61 -40.24
N GLU B 771 18.73 55.80 -38.95
CA GLU B 771 18.83 54.73 -37.96
C GLU B 771 17.72 54.88 -36.93
N THR B 772 17.27 53.74 -36.40
CA THR B 772 16.21 53.74 -35.41
C THR B 772 16.72 54.25 -34.06
N SER B 773 15.81 54.85 -33.29
CA SER B 773 16.15 55.40 -31.98
C SER B 773 16.15 54.30 -30.93
N GLN B 774 16.44 54.66 -29.68
CA GLN B 774 16.52 53.67 -28.62
C GLN B 774 15.15 53.21 -28.14
N SER B 775 14.10 53.99 -28.38
CA SER B 775 12.75 53.58 -28.03
C SER B 775 11.99 52.99 -29.21
N GLN B 776 12.46 53.20 -30.42
CA GLN B 776 11.84 52.64 -31.62
C GLN B 776 12.44 51.30 -32.01
N SER B 777 13.52 50.88 -31.37
CA SER B 777 14.22 49.66 -31.76
C SER B 777 13.61 48.45 -31.05
N HIS B 778 14.18 47.29 -31.30
CA HIS B 778 13.80 46.05 -30.64
C HIS B 778 14.77 45.79 -29.49
N THR B 779 14.63 44.63 -28.86
CA THR B 779 15.53 44.24 -27.78
C THR B 779 16.24 42.91 -28.03
N LEU B 780 15.80 42.12 -28.99
CA LEU B 780 16.45 40.86 -29.34
C LEU B 780 16.51 40.77 -30.86
N ALA B 781 16.88 39.59 -31.36
CA ALA B 781 17.17 39.41 -32.78
C ALA B 781 15.97 39.74 -33.64
N ILE B 782 16.23 40.29 -34.82
CA ILE B 782 15.20 40.59 -35.81
C ILE B 782 15.20 39.48 -36.85
N ARG B 783 14.01 38.94 -37.12
CA ARG B 783 13.89 37.75 -37.95
C ARG B 783 13.29 38.03 -39.33
N LYS B 784 12.67 39.18 -39.54
CA LYS B 784 12.06 39.46 -40.83
C LYS B 784 11.88 40.95 -41.02
N LEU B 785 11.90 41.37 -42.28
CA LEU B 785 11.61 42.74 -42.68
C LEU B 785 10.95 42.67 -44.05
N CYS B 786 9.85 43.41 -44.22
CA CYS B 786 9.08 43.29 -45.46
C CYS B 786 8.42 44.62 -45.77
N TRP B 787 8.81 45.23 -46.90
CA TRP B 787 8.16 46.44 -47.36
C TRP B 787 6.74 46.14 -47.82
N LYS B 788 5.95 47.19 -48.00
CA LYS B 788 4.58 47.05 -48.49
C LYS B 788 4.63 47.09 -50.01
N ASN B 789 4.77 45.91 -50.62
CA ASN B 789 4.75 45.79 -52.08
C ASN B 789 3.31 45.75 -52.56
N CYS B 790 2.69 46.93 -52.55
CA CYS B 790 1.30 47.08 -52.97
C CYS B 790 1.24 47.01 -54.49
N SER B 791 1.39 45.77 -55.01
CA SER B 791 1.35 45.56 -56.45
C SER B 791 -0.04 45.78 -57.00
N GLY B 792 -1.08 45.58 -56.19
CA GLY B 792 -2.43 45.87 -56.64
C GLY B 792 -2.61 47.34 -56.99
N LYS B 793 -2.05 48.23 -56.18
CA LYS B 793 -2.00 49.65 -56.49
C LYS B 793 -0.63 49.95 -57.10
N THR B 794 -0.51 49.67 -58.41
CA THR B 794 0.76 49.87 -59.09
C THR B 794 1.21 51.33 -59.00
N GLU B 795 0.27 52.26 -59.19
CA GLU B 795 0.51 53.68 -58.92
C GLU B 795 -0.49 54.12 -57.86
N GLN B 796 -0.01 54.86 -56.88
CA GLN B 796 -0.85 55.31 -55.76
C GLN B 796 -1.83 56.36 -56.27
N LYS B 797 -3.07 55.96 -56.51
CA LYS B 797 -4.09 56.88 -57.01
C LYS B 797 -4.42 57.93 -55.96
N GLU B 798 -4.89 57.48 -54.79
CA GLU B 798 -5.28 58.38 -53.70
C GLU B 798 -4.19 58.36 -52.65
N ALA B 799 -3.21 59.24 -52.83
CA ALA B 799 -2.11 59.40 -51.89
C ALA B 799 -1.68 60.86 -51.88
N GLU B 800 -1.02 61.25 -50.79
CA GLU B 800 -0.53 62.62 -50.65
C GLU B 800 0.79 62.79 -51.39
N GLY B 801 0.82 62.39 -52.65
CA GLY B 801 2.09 62.35 -53.37
C GLY B 801 3.03 61.27 -52.91
N ALA B 802 2.51 60.27 -52.20
CA ALA B 802 3.33 59.18 -51.64
C ALA B 802 4.45 59.74 -50.77
N GLU B 803 4.09 60.62 -49.83
CA GLU B 803 5.08 61.20 -48.94
C GLU B 803 5.78 60.15 -48.10
N TRP B 804 5.11 59.04 -47.82
CA TRP B 804 5.60 58.07 -46.85
C TRP B 804 5.65 56.68 -47.46
N LEU B 805 6.59 55.88 -46.96
CA LEU B 805 6.73 54.47 -47.30
C LEU B 805 6.62 53.66 -46.02
N HIS B 806 5.85 52.59 -46.06
CA HIS B 806 5.58 51.78 -44.87
C HIS B 806 6.31 50.45 -44.98
N PHE B 807 6.71 49.91 -43.83
CA PHE B 807 7.18 48.53 -43.78
C PHE B 807 6.94 47.99 -42.38
N ALA B 808 7.25 46.72 -42.18
CA ALA B 808 6.92 46.03 -40.93
C ALA B 808 8.08 45.16 -40.50
N SER B 809 8.12 44.88 -39.20
CA SER B 809 9.21 44.14 -38.61
C SER B 809 8.69 43.24 -37.49
N CYS B 810 9.43 42.17 -37.22
CA CYS B 810 9.14 41.26 -36.13
C CYS B 810 10.44 40.70 -35.60
N GLY B 811 10.41 40.21 -34.37
CA GLY B 811 11.61 39.70 -33.75
C GLY B 811 11.28 38.76 -32.62
N GLU B 812 12.32 38.32 -31.91
CA GLU B 812 12.18 37.41 -30.79
C GLU B 812 11.89 38.12 -29.48
N ASP B 813 11.42 39.37 -29.52
CA ASP B 813 10.99 40.08 -28.33
C ASP B 813 9.47 40.13 -28.23
N HIS B 814 8.80 39.14 -28.80
CA HIS B 814 7.36 38.98 -28.70
C HIS B 814 6.60 40.11 -29.40
N THR B 815 7.29 40.89 -30.21
CA THR B 815 6.77 42.17 -30.69
C THR B 815 6.72 42.22 -32.21
N VAL B 816 5.68 42.87 -32.73
CA VAL B 816 5.53 43.14 -34.14
C VAL B 816 5.28 44.63 -34.30
N LYS B 817 6.05 45.29 -35.17
CA LYS B 817 6.00 46.74 -35.29
C LYS B 817 5.82 47.14 -36.75
N ILE B 818 5.23 48.31 -36.96
CA ILE B 818 5.08 48.89 -38.29
C ILE B 818 5.73 50.26 -38.30
N HIS B 819 6.63 50.50 -39.25
CA HIS B 819 7.39 51.73 -39.34
C HIS B 819 7.04 52.48 -40.62
N ARG B 820 7.21 53.80 -40.56
CA ARG B 820 6.94 54.69 -41.67
C ARG B 820 8.13 55.61 -41.89
N VAL B 821 8.48 55.86 -43.14
CA VAL B 821 9.65 56.65 -43.48
C VAL B 821 9.28 57.69 -44.52
N ASN B 822 9.93 58.85 -44.45
CA ASN B 822 9.69 59.90 -45.43
C ASN B 822 10.33 59.54 -46.76
N LYS B 823 9.58 59.75 -47.85
CA LYS B 823 10.06 59.36 -49.17
C LYS B 823 11.17 60.30 -49.64
N CYS B 824 10.90 61.60 -49.68
CA CYS B 824 11.82 62.54 -50.33
C CYS B 824 13.17 62.58 -49.63
N ALA B 825 13.22 62.23 -48.34
CA ALA B 825 14.49 62.23 -47.63
C ALA B 825 15.45 61.20 -48.20
N LEU B 826 14.94 60.01 -48.53
CA LEU B 826 15.77 58.95 -49.08
C LEU B 826 15.76 58.96 -50.60
N SER C 10 -38.10 16.45 -15.73
CA SER C 10 -36.86 16.01 -16.36
C SER C 10 -35.98 15.25 -15.37
N PRO C 11 -35.23 14.26 -15.86
CA PRO C 11 -34.38 13.47 -14.96
C PRO C 11 -33.31 14.28 -14.25
N ALA C 12 -32.88 15.43 -14.79
CA ALA C 12 -31.75 16.14 -14.23
C ALA C 12 -32.06 16.69 -12.84
N GLU C 13 -33.18 17.39 -12.70
CA GLU C 13 -33.53 17.95 -11.39
C GLU C 13 -33.85 16.85 -10.39
N LEU C 14 -34.43 15.75 -10.87
CA LEU C 14 -34.67 14.62 -9.98
C LEU C 14 -33.36 14.05 -9.45
N MET C 15 -32.36 13.93 -10.33
CA MET C 15 -31.03 13.49 -9.91
C MET C 15 -30.45 14.45 -8.88
N MET C 16 -30.57 15.75 -9.13
CA MET C 16 -30.02 16.74 -8.23
C MET C 16 -30.68 16.66 -6.86
N LEU C 17 -32.01 16.53 -6.83
CA LEU C 17 -32.72 16.42 -5.56
C LEU C 17 -32.33 15.15 -4.82
N THR C 18 -32.17 14.04 -5.55
CA THR C 18 -31.73 12.80 -4.93
C THR C 18 -30.37 12.97 -4.27
N ILE C 19 -29.44 13.60 -4.99
CA ILE C 19 -28.10 13.84 -4.45
C ILE C 19 -28.18 14.70 -3.19
N GLY C 20 -28.92 15.80 -3.27
CA GLY C 20 -29.04 16.69 -2.12
C GLY C 20 -29.61 15.98 -0.91
N ASP C 21 -30.63 15.14 -1.12
CA ASP C 21 -31.19 14.38 -0.02
C ASP C 21 -30.17 13.42 0.57
N VAL C 22 -29.36 12.79 -0.29
CA VAL C 22 -28.36 11.85 0.21
C VAL C 22 -27.36 12.56 1.13
N ILE C 23 -26.84 13.71 0.68
CA ILE C 23 -25.93 14.44 1.57
C ILE C 23 -26.66 14.93 2.82
N LYS C 24 -27.94 15.30 2.70
CA LYS C 24 -28.68 15.73 3.89
C LYS C 24 -28.71 14.63 4.93
N GLN C 25 -29.07 13.41 4.53
CA GLN C 25 -29.10 12.30 5.47
C GLN C 25 -27.71 12.00 6.03
N LEU C 26 -26.68 12.04 5.18
CA LEU C 26 -25.34 11.74 5.64
C LEU C 26 -24.90 12.74 6.71
N ILE C 27 -25.11 14.03 6.45
CA ILE C 27 -24.65 15.05 7.39
C ILE C 27 -25.47 15.01 8.67
N GLU C 28 -26.77 14.71 8.57
CA GLU C 28 -27.57 14.56 9.78
C GLU C 28 -27.04 13.42 10.64
N ALA C 29 -26.84 12.26 10.03
CA ALA C 29 -26.32 11.11 10.76
C ALA C 29 -24.97 11.42 11.39
N HIS C 30 -24.14 12.19 10.70
CA HIS C 30 -22.88 12.62 11.30
C HIS C 30 -23.12 13.52 12.50
N GLU C 31 -24.09 14.43 12.40
CA GLU C 31 -24.35 15.36 13.49
C GLU C 31 -24.79 14.64 14.76
N GLN C 32 -25.78 13.76 14.65
CA GLN C 32 -26.13 13.00 15.84
C GLN C 32 -25.26 11.77 16.04
N GLY C 33 -24.31 11.52 15.15
CA GLY C 33 -23.25 10.57 15.40
C GLY C 33 -23.66 9.10 15.40
N LYS C 34 -24.22 8.63 14.29
CA LYS C 34 -24.48 7.21 14.09
C LYS C 34 -23.95 6.80 12.73
N ASP C 35 -23.64 5.51 12.60
CA ASP C 35 -23.16 4.96 11.34
C ASP C 35 -24.33 4.70 10.41
N ILE C 36 -24.07 4.82 9.12
CA ILE C 36 -25.10 4.72 8.10
C ILE C 36 -24.55 3.93 6.92
N ASP C 37 -25.39 3.09 6.32
CA ASP C 37 -24.99 2.30 5.15
C ASP C 37 -25.36 3.05 3.89
N LEU C 38 -24.37 3.26 3.02
CA LEU C 38 -24.57 4.17 1.89
C LEU C 38 -25.44 3.56 0.81
N ASN C 39 -25.24 2.28 0.49
CA ASN C 39 -25.95 1.68 -0.64
C ASN C 39 -27.46 1.65 -0.40
N LYS C 40 -27.88 1.29 0.81
CA LYS C 40 -29.29 1.25 1.12
C LYS C 40 -29.91 2.63 1.01
N VAL C 41 -29.21 3.66 1.51
CA VAL C 41 -29.71 5.02 1.41
C VAL C 41 -29.84 5.43 -0.04
N LYS C 42 -28.84 5.11 -0.86
CA LYS C 42 -28.90 5.44 -2.28
C LYS C 42 -30.14 4.82 -2.92
N THR C 43 -30.35 3.53 -2.70
CA THR C 43 -31.48 2.85 -3.33
C THR C 43 -32.81 3.41 -2.83
N LYS C 44 -32.94 3.59 -1.52
CA LYS C 44 -34.20 4.09 -0.97
C LYS C 44 -34.51 5.48 -1.49
N THR C 45 -33.52 6.38 -1.47
CA THR C 45 -33.77 7.74 -1.91
C THR C 45 -34.04 7.81 -3.41
N ALA C 46 -33.37 6.97 -4.20
CA ALA C 46 -33.70 6.92 -5.62
C ALA C 46 -35.09 6.35 -5.87
N ALA C 47 -35.59 5.51 -4.97
CA ALA C 47 -36.94 4.99 -5.13
C ALA C 47 -38.00 6.09 -5.03
N LYS C 48 -37.80 7.05 -4.11
CA LYS C 48 -38.82 8.05 -3.85
C LYS C 48 -39.09 8.91 -5.07
N TYR C 49 -38.04 9.44 -5.68
CA TYR C 49 -38.21 10.45 -6.72
C TYR C 49 -38.42 9.85 -8.11
N GLY C 50 -38.55 8.53 -8.22
CA GLY C 50 -38.88 7.91 -9.49
C GLY C 50 -37.77 7.97 -10.51
N LEU C 51 -36.69 7.25 -10.27
CA LEU C 51 -35.54 7.20 -11.17
C LEU C 51 -35.40 5.80 -11.74
N SER C 52 -34.54 5.69 -12.76
CA SER C 52 -34.24 4.41 -13.38
C SER C 52 -32.73 4.13 -13.35
N ALA C 53 -32.03 4.78 -12.42
CA ALA C 53 -30.58 4.62 -12.30
C ALA C 53 -30.21 4.87 -10.85
N GLN C 54 -28.92 4.91 -10.59
CA GLN C 54 -28.38 5.09 -9.25
C GLN C 54 -27.36 6.22 -9.25
N PRO C 55 -27.14 6.85 -8.10
CA PRO C 55 -26.11 7.89 -8.02
C PRO C 55 -24.70 7.33 -8.16
N ARG C 56 -23.79 8.18 -8.61
CA ARG C 56 -22.38 7.85 -8.74
C ARG C 56 -21.60 8.51 -7.61
N LEU C 57 -20.50 7.88 -7.20
CA LEU C 57 -19.73 8.40 -6.07
C LEU C 57 -19.15 9.77 -6.37
N VAL C 58 -18.67 9.99 -7.59
CA VAL C 58 -18.05 11.26 -7.91
C VAL C 58 -19.07 12.39 -7.81
N ASP C 59 -20.30 12.15 -8.23
CA ASP C 59 -21.34 13.17 -8.12
C ASP C 59 -21.63 13.52 -6.67
N ILE C 60 -21.70 12.52 -5.80
CA ILE C 60 -21.94 12.78 -4.38
C ILE C 60 -20.77 13.54 -3.77
N ILE C 61 -19.55 13.23 -4.19
CA ILE C 61 -18.39 13.95 -3.66
C ILE C 61 -18.41 15.40 -4.13
N ALA C 62 -18.85 15.64 -5.37
CA ALA C 62 -18.78 16.97 -5.97
C ALA C 62 -19.91 17.88 -5.55
N ALA C 63 -20.60 17.60 -4.43
CA ALA C 63 -21.69 18.46 -3.99
C ALA C 63 -21.70 18.67 -2.48
N VAL C 64 -20.62 18.35 -1.78
CA VAL C 64 -20.57 18.46 -0.33
C VAL C 64 -20.22 19.90 0.07
N PRO C 65 -20.82 20.46 1.11
CA PRO C 65 -20.38 21.77 1.58
C PRO C 65 -18.97 21.71 2.13
N PRO C 66 -18.25 22.83 2.15
CA PRO C 66 -16.80 22.80 2.43
C PRO C 66 -16.37 22.13 3.73
N GLN C 67 -16.92 22.55 4.87
CA GLN C 67 -16.50 21.93 6.13
C GLN C 67 -16.88 20.46 6.16
N TYR C 68 -18.08 20.13 5.69
CA TYR C 68 -18.47 18.73 5.58
C TYR C 68 -17.63 18.00 4.55
N ARG C 69 -17.25 18.70 3.48
CA ARG C 69 -16.30 18.10 2.52
C ARG C 69 -15.03 17.69 3.23
N LYS C 70 -14.53 18.52 4.13
CA LYS C 70 -13.34 18.17 4.89
C LYS C 70 -13.60 16.98 5.80
N VAL C 71 -14.76 16.96 6.46
CA VAL C 71 -14.93 16.01 7.56
C VAL C 71 -15.28 14.60 7.06
N LEU C 72 -16.08 14.48 6.00
CA LEU C 72 -16.67 13.18 5.68
C LEU C 72 -16.12 12.54 4.41
N MET C 73 -14.91 12.88 3.98
CA MET C 73 -14.26 12.12 2.91
C MET C 73 -13.87 10.68 3.30
N PRO C 74 -13.50 10.38 4.56
CA PRO C 74 -13.10 9.00 4.88
C PRO C 74 -14.21 7.96 4.70
N LYS C 75 -15.36 8.38 4.20
CA LYS C 75 -16.46 7.48 3.92
C LYS C 75 -16.87 7.44 2.45
N LEU C 76 -16.55 8.46 1.66
CA LEU C 76 -16.97 8.54 0.27
C LEU C 76 -15.83 8.37 -0.71
N LYS C 77 -14.66 7.93 -0.26
CA LYS C 77 -13.51 7.82 -1.16
C LYS C 77 -13.75 6.76 -2.23
N ALA C 78 -13.18 7.00 -3.41
CA ALA C 78 -13.33 6.12 -4.55
C ALA C 78 -11.96 5.60 -4.98
N LYS C 79 -11.90 4.33 -5.38
CA LYS C 79 -10.68 3.67 -5.79
C LYS C 79 -9.60 3.82 -4.73
N PRO C 80 -9.71 3.13 -3.60
CA PRO C 80 -8.70 3.28 -2.53
C PRO C 80 -7.32 2.79 -2.89
N ILE C 81 -7.11 2.22 -4.09
CA ILE C 81 -5.79 1.72 -4.44
C ILE C 81 -4.86 2.86 -4.86
N ARG C 82 -5.42 3.97 -5.34
CA ARG C 82 -4.62 5.03 -5.93
C ARG C 82 -3.65 5.68 -4.94
N THR C 83 -3.88 5.52 -3.63
CA THR C 83 -2.94 6.01 -2.62
C THR C 83 -2.71 4.97 -1.54
N ALA C 84 -2.76 3.69 -1.89
CA ALA C 84 -2.57 2.62 -0.92
C ALA C 84 -1.10 2.26 -0.72
N SER C 85 -0.19 2.88 -1.46
CA SER C 85 1.23 2.59 -1.34
C SER C 85 2.01 3.71 -0.65
N GLY C 86 1.35 4.80 -0.27
CA GLY C 86 1.99 5.86 0.49
C GLY C 86 2.36 7.10 -0.29
N ILE C 87 2.07 7.16 -1.59
CA ILE C 87 2.38 8.30 -2.43
C ILE C 87 1.30 8.47 -3.48
N ALA C 88 1.42 9.54 -4.25
CA ALA C 88 0.55 9.80 -5.39
C ALA C 88 1.41 9.96 -6.64
N VAL C 89 1.06 9.23 -7.69
CA VAL C 89 1.88 9.13 -8.89
C VAL C 89 1.28 9.97 -10.00
N VAL C 90 2.10 10.81 -10.62
CA VAL C 90 1.68 11.65 -11.74
C VAL C 90 2.57 11.29 -12.93
N ALA C 91 1.95 10.93 -14.05
CA ALA C 91 2.67 10.51 -15.24
C ALA C 91 2.55 11.57 -16.33
N VAL C 92 3.68 11.97 -16.90
CA VAL C 92 3.73 12.97 -17.95
C VAL C 92 4.56 12.43 -19.10
N MET C 93 4.35 13.00 -20.29
CA MET C 93 5.02 12.55 -21.49
C MET C 93 5.74 13.70 -22.18
N CYS C 94 6.79 13.36 -22.92
CA CYS C 94 7.61 14.32 -23.63
C CYS C 94 7.01 14.56 -25.02
N LYS C 95 7.71 15.27 -25.82
CA LYS C 95 7.49 15.63 -27.21
C LYS C 95 7.90 14.48 -28.12
N PRO C 96 7.17 14.23 -29.21
CA PRO C 96 7.58 13.18 -30.15
C PRO C 96 8.96 13.43 -30.71
N HIS C 97 9.75 12.36 -30.85
CA HIS C 97 11.11 12.46 -31.36
C HIS C 97 11.56 11.08 -31.81
N ARG C 98 12.72 11.04 -32.46
CA ARG C 98 13.28 9.80 -32.99
C ARG C 98 14.34 9.25 -32.04
N CYS C 99 14.37 7.92 -31.93
CA CYS C 99 15.35 7.28 -31.07
C CYS C 99 16.77 7.52 -31.60
N PRO C 100 17.75 7.61 -30.71
CA PRO C 100 19.09 8.07 -31.13
C PRO C 100 19.81 7.13 -32.09
N HIS C 101 19.53 5.83 -32.08
CA HIS C 101 20.30 4.89 -32.88
C HIS C 101 19.73 4.69 -34.27
N ILE C 102 18.84 5.58 -34.71
CA ILE C 102 18.30 5.50 -36.07
C ILE C 102 19.39 5.77 -37.10
N SER C 103 20.40 6.55 -36.74
CA SER C 103 21.37 7.04 -37.73
C SER C 103 22.40 5.98 -38.09
N PHE C 104 23.17 5.52 -37.11
CA PHE C 104 24.32 4.65 -37.40
C PHE C 104 23.93 3.19 -37.59
N THR C 105 22.65 2.86 -37.61
CA THR C 105 22.19 1.51 -37.91
C THR C 105 21.25 1.47 -39.11
N GLY C 106 20.48 2.54 -39.33
CA GLY C 106 19.56 2.63 -40.44
C GLY C 106 18.12 2.35 -40.06
N ASN C 107 17.87 1.77 -38.89
CA ASN C 107 16.53 1.45 -38.46
C ASN C 107 16.53 1.25 -36.95
N ILE C 108 15.34 0.97 -36.40
CA ILE C 108 15.13 0.88 -34.96
C ILE C 108 14.79 -0.56 -34.59
N CYS C 109 14.54 -0.80 -33.30
CA CYS C 109 14.22 -2.13 -32.81
C CYS C 109 13.08 -2.74 -33.62
N VAL C 110 13.12 -4.07 -33.77
CA VAL C 110 12.32 -4.78 -34.75
C VAL C 110 10.87 -4.94 -34.30
N TYR C 111 10.57 -4.56 -33.05
CA TYR C 111 9.25 -4.80 -32.51
C TYR C 111 8.59 -3.57 -31.92
N CYS C 112 9.19 -2.39 -32.06
CA CYS C 112 8.64 -1.22 -31.37
C CYS C 112 7.56 -0.57 -32.23
N PRO C 113 6.36 -0.34 -31.69
CA PRO C 113 5.29 0.28 -32.47
C PRO C 113 5.24 1.79 -32.33
N GLY C 114 4.56 2.42 -33.28
CA GLY C 114 4.35 3.85 -33.23
C GLY C 114 5.62 4.65 -33.49
N GLY C 115 5.48 5.97 -33.34
CA GLY C 115 6.61 6.86 -33.48
C GLY C 115 6.36 7.98 -34.46
N PRO C 116 7.36 8.85 -34.65
CA PRO C 116 7.20 9.96 -35.60
C PRO C 116 6.93 9.53 -37.02
N ASP C 117 7.49 8.41 -37.46
CA ASP C 117 7.29 7.91 -38.82
C ASP C 117 6.50 6.60 -38.72
N SER C 118 5.18 6.73 -38.68
CA SER C 118 4.29 5.59 -38.52
C SER C 118 2.89 6.03 -38.93
N ASP C 119 1.94 5.10 -38.91
CA ASP C 119 0.56 5.41 -39.22
C ASP C 119 -0.26 5.80 -38.00
N PHE C 120 0.32 5.75 -36.81
CA PHE C 120 -0.32 6.22 -35.59
C PHE C 120 -0.05 7.71 -35.47
N GLU C 121 -1.04 8.53 -35.82
CA GLU C 121 -0.81 9.96 -35.98
C GLU C 121 -0.55 10.63 -34.64
N TYR C 122 0.52 11.42 -34.59
CA TYR C 122 0.81 12.33 -33.50
C TYR C 122 0.96 11.56 -32.18
N SER C 123 1.81 10.54 -32.23
CA SER C 123 2.03 9.62 -31.11
C SER C 123 3.51 9.47 -30.83
N THR C 124 3.85 9.24 -29.56
CA THR C 124 5.23 9.07 -29.15
C THR C 124 5.69 7.64 -29.42
N GLN C 125 7.01 7.48 -29.55
CA GLN C 125 7.59 6.16 -29.81
C GLN C 125 7.21 5.17 -28.73
N SER C 126 6.97 3.92 -29.14
CA SER C 126 6.55 2.81 -28.29
C SER C 126 5.17 3.03 -27.68
N TYR C 127 4.34 3.86 -28.31
CA TYR C 127 2.97 4.07 -27.87
C TYR C 127 2.09 4.29 -29.09
N THR C 128 0.79 4.07 -28.91
CA THR C 128 -0.17 4.16 -30.01
C THR C 128 -0.98 5.44 -29.99
N GLY C 129 -1.15 6.08 -28.84
CA GLY C 129 -1.95 7.28 -28.73
C GLY C 129 -3.36 7.05 -28.24
N TYR C 130 -3.82 5.80 -28.18
CA TYR C 130 -5.13 5.47 -27.64
C TYR C 130 -5.10 5.15 -26.16
N GLU C 131 -3.94 5.21 -25.54
CA GLU C 131 -3.74 4.91 -24.14
C GLU C 131 -4.26 6.05 -23.27
N PRO C 132 -4.51 5.79 -21.98
CA PRO C 132 -5.04 6.87 -21.12
C PRO C 132 -4.13 8.07 -21.04
N THR C 133 -2.86 7.87 -20.68
CA THR C 133 -1.94 8.99 -20.56
C THR C 133 -1.67 9.65 -21.90
N SER C 134 -1.65 8.87 -22.98
CA SER C 134 -1.40 9.45 -24.30
C SER C 134 -2.50 10.42 -24.71
N MET C 135 -3.76 10.07 -24.45
CA MET C 135 -4.87 10.95 -24.80
C MET C 135 -4.96 12.17 -23.89
N ARG C 136 -4.34 12.12 -22.71
CA ARG C 136 -4.29 13.28 -21.82
C ARG C 136 -3.32 14.34 -22.31
N ALA C 137 -2.14 13.93 -22.80
CA ALA C 137 -1.15 14.87 -23.30
C ALA C 137 -1.44 15.35 -24.71
N ILE C 138 -2.18 14.57 -25.50
CA ILE C 138 -2.50 15.00 -26.87
C ILE C 138 -3.41 16.23 -26.84
N ARG C 139 -4.44 16.21 -25.99
CA ARG C 139 -5.33 17.36 -25.90
C ARG C 139 -4.67 18.54 -25.21
N ALA C 140 -3.61 18.30 -24.43
CA ALA C 140 -2.84 19.37 -23.81
C ALA C 140 -1.68 19.82 -24.68
N ARG C 141 -1.49 19.19 -25.85
CA ARG C 141 -0.42 19.54 -26.78
C ARG C 141 0.95 19.45 -26.12
N TYR C 142 1.14 18.43 -25.28
CA TYR C 142 2.44 18.10 -24.71
C TYR C 142 3.05 19.28 -23.94
N ASP C 143 2.29 19.76 -22.97
CA ASP C 143 2.71 20.87 -22.12
C ASP C 143 2.77 20.40 -20.67
N PRO C 144 3.93 20.38 -20.02
CA PRO C 144 4.03 19.77 -18.69
C PRO C 144 3.16 20.45 -17.63
N PHE C 145 3.04 21.78 -17.69
CA PHE C 145 2.24 22.49 -16.68
C PHE C 145 0.79 22.04 -16.73
N LEU C 146 0.19 22.03 -17.92
CA LEU C 146 -1.20 21.64 -18.06
C LEU C 146 -1.42 20.19 -17.63
N GLN C 147 -0.50 19.29 -18.02
CA GLN C 147 -0.66 17.90 -17.65
C GLN C 147 -0.62 17.71 -16.13
N THR C 148 0.34 18.36 -15.46
CA THR C 148 0.43 18.22 -14.02
C THR C 148 -0.81 18.76 -13.34
N ARG C 149 -1.26 19.95 -13.74
CA ARG C 149 -2.46 20.53 -13.15
C ARG C 149 -3.67 19.64 -13.36
N HIS C 150 -3.85 19.13 -14.58
CA HIS C 150 -5.01 18.31 -14.90
C HIS C 150 -5.02 17.03 -14.06
N ARG C 151 -3.86 16.36 -13.97
CA ARG C 151 -3.83 15.11 -13.21
C ARG C 151 -4.07 15.34 -11.73
N ILE C 152 -3.49 16.42 -11.17
CA ILE C 152 -3.73 16.69 -9.76
C ILE C 152 -5.20 17.02 -9.52
N GLU C 153 -5.83 17.72 -10.46
CA GLU C 153 -7.26 18.00 -10.32
C GLU C 153 -8.07 16.72 -10.31
N GLN C 154 -7.76 15.78 -11.21
CA GLN C 154 -8.49 14.51 -11.22
C GLN C 154 -8.30 13.77 -9.90
N LEU C 155 -7.06 13.71 -9.41
CA LEU C 155 -6.79 13.00 -8.17
C LEU C 155 -7.53 13.61 -6.99
N LYS C 156 -7.60 14.94 -6.95
CA LYS C 156 -8.38 15.59 -5.89
C LYS C 156 -9.86 15.34 -6.04
N GLN C 157 -10.36 15.29 -7.28
CA GLN C 157 -11.77 15.03 -7.50
C GLN C 157 -12.17 13.63 -7.06
N LEU C 158 -11.25 12.66 -7.18
CA LEU C 158 -11.56 11.31 -6.67
C LEU C 158 -11.79 11.34 -5.17
N GLY C 159 -11.00 12.12 -4.44
CA GLY C 159 -11.17 12.23 -3.00
C GLY C 159 -9.90 11.88 -2.24
N HIS C 160 -8.77 11.89 -2.92
CA HIS C 160 -7.49 11.49 -2.35
C HIS C 160 -6.72 12.71 -1.86
N SER C 161 -5.63 12.44 -1.14
CA SER C 161 -4.74 13.48 -0.63
C SER C 161 -3.49 13.54 -1.48
N VAL C 162 -3.13 14.75 -1.91
CA VAL C 162 -2.04 14.95 -2.85
C VAL C 162 -0.88 15.69 -2.19
N ASP C 163 -0.67 15.42 -0.91
CA ASP C 163 0.42 16.07 -0.18
C ASP C 163 1.78 15.64 -0.72
N LYS C 164 1.93 14.35 -1.04
CA LYS C 164 3.20 13.79 -1.48
C LYS C 164 3.05 13.26 -2.90
N VAL C 165 3.94 13.71 -3.79
CA VAL C 165 3.81 13.46 -5.23
C VAL C 165 5.11 12.87 -5.77
N GLU C 166 4.97 12.01 -6.78
CA GLU C 166 6.13 11.51 -7.52
C GLU C 166 5.82 11.53 -9.01
N PHE C 167 6.78 12.01 -9.81
CA PHE C 167 6.60 12.11 -11.25
C PHE C 167 7.17 10.90 -11.97
N ILE C 168 6.58 10.58 -13.12
CA ILE C 168 7.09 9.58 -14.03
C ILE C 168 7.09 10.17 -15.43
N VAL C 169 8.26 10.28 -16.03
CA VAL C 169 8.43 10.87 -17.35
C VAL C 169 8.54 9.74 -18.37
N MET C 170 7.58 9.66 -19.28
CA MET C 170 7.56 8.62 -20.30
C MET C 170 7.74 9.21 -21.68
N GLY C 171 7.89 8.33 -22.65
CA GLY C 171 8.18 8.74 -24.02
C GLY C 171 9.27 7.88 -24.63
N GLY C 172 10.09 8.47 -25.48
CA GLY C 172 11.20 7.73 -26.05
C GLY C 172 12.41 7.78 -25.14
N THR C 173 13.55 8.23 -25.67
CA THR C 173 14.75 8.45 -24.86
C THR C 173 14.80 9.94 -24.52
N PHE C 174 14.56 10.26 -23.25
CA PHE C 174 14.49 11.66 -22.84
C PHE C 174 15.85 12.33 -22.88
N MET C 175 16.91 11.62 -22.48
CA MET C 175 18.24 12.20 -22.37
C MET C 175 18.93 12.37 -23.72
N ALA C 176 18.21 12.20 -24.82
CA ALA C 176 18.76 12.42 -26.16
C ALA C 176 18.25 13.71 -26.80
N LEU C 177 17.53 14.52 -26.06
CA LEU C 177 16.95 15.76 -26.53
C LEU C 177 17.89 16.93 -26.26
N PRO C 178 17.69 18.06 -26.94
CA PRO C 178 18.53 19.23 -26.69
C PRO C 178 18.43 19.70 -25.24
N GLU C 179 19.48 20.35 -24.77
CA GLU C 179 19.56 20.74 -23.36
C GLU C 179 18.45 21.73 -22.99
N GLU C 180 18.15 22.67 -23.88
CA GLU C 180 17.15 23.69 -23.59
C GLU C 180 15.79 23.07 -23.31
N TYR C 181 15.40 22.08 -24.11
CA TYR C 181 14.10 21.45 -23.90
C TYR C 181 14.03 20.73 -22.56
N ARG C 182 15.11 20.05 -22.17
CA ARG C 182 15.11 19.37 -20.87
C ARG C 182 15.03 20.37 -19.72
N ASP C 183 15.77 21.48 -19.83
CA ASP C 183 15.64 22.57 -18.86
C ASP C 183 14.19 23.02 -18.74
N TYR C 184 13.57 23.33 -19.89
CA TYR C 184 12.18 23.78 -19.92
C TYR C 184 11.27 22.81 -19.20
N PHE C 185 11.37 21.52 -19.57
CA PHE C 185 10.49 20.50 -19.01
C PHE C 185 10.63 20.39 -17.50
N ILE C 186 11.86 20.25 -17.02
CA ILE C 186 12.05 20.01 -15.58
C ILE C 186 11.64 21.23 -14.77
N ARG C 187 12.04 22.43 -15.21
CA ARG C 187 11.68 23.60 -14.43
C ARG C 187 10.18 23.82 -14.44
N ASN C 188 9.50 23.46 -15.53
CA ASN C 188 8.04 23.61 -15.53
C ASN C 188 7.37 22.62 -14.59
N LEU C 189 7.88 21.40 -14.51
CA LEU C 189 7.32 20.45 -13.53
C LEU C 189 7.46 21.00 -12.12
N HIS C 190 8.65 21.46 -11.76
CA HIS C 190 8.87 21.96 -10.41
C HIS C 190 8.00 23.19 -10.14
N ASP C 191 7.89 24.10 -11.12
CA ASP C 191 7.07 25.28 -10.93
C ASP C 191 5.60 24.92 -10.78
N ALA C 192 5.12 23.93 -11.54
CA ALA C 192 3.74 23.51 -11.42
C ALA C 192 3.45 22.99 -10.02
N LEU C 193 4.40 22.26 -9.43
CA LEU C 193 4.19 21.84 -8.04
C LEU C 193 4.22 23.02 -7.08
N SER C 194 5.26 23.87 -7.18
CA SER C 194 5.47 24.88 -6.14
C SER C 194 4.57 26.10 -6.33
N GLY C 195 4.58 26.67 -7.52
CA GLY C 195 3.77 27.85 -7.80
C GLY C 195 4.60 29.06 -8.19
N HIS C 196 5.90 28.88 -8.30
CA HIS C 196 6.81 29.94 -8.66
C HIS C 196 6.87 30.10 -10.19
N THR C 197 7.62 31.08 -10.65
CA THR C 197 7.82 31.32 -12.08
C THR C 197 9.30 31.59 -12.29
N SER C 198 10.07 30.54 -12.56
CA SER C 198 11.52 30.59 -12.52
C SER C 198 12.11 30.71 -13.93
N ASN C 199 13.45 30.83 -13.97
CA ASN C 199 14.19 30.99 -15.21
C ASN C 199 15.07 29.82 -15.57
N ASN C 200 15.56 29.06 -14.59
CA ASN C 200 16.45 27.93 -14.85
C ASN C 200 16.23 26.88 -13.77
N ILE C 201 17.02 25.81 -13.82
CA ILE C 201 16.76 24.68 -12.94
C ILE C 201 16.99 25.07 -11.48
N TYR C 202 18.09 25.76 -11.19
CA TYR C 202 18.51 25.95 -9.81
C TYR C 202 17.51 26.79 -9.01
N GLU C 203 17.00 27.85 -9.64
CA GLU C 203 15.97 28.66 -8.99
C GLU C 203 14.74 27.83 -8.66
N ALA C 204 14.30 27.02 -9.63
CA ALA C 204 13.14 26.18 -9.40
C ALA C 204 13.38 25.17 -8.30
N VAL C 205 14.59 24.61 -8.24
CA VAL C 205 14.91 23.63 -7.22
C VAL C 205 14.90 24.27 -5.83
N LYS C 206 15.46 25.48 -5.71
CA LYS C 206 15.42 26.18 -4.42
C LYS C 206 13.98 26.42 -3.98
N TYR C 207 13.17 26.99 -4.86
CA TYR C 207 11.80 27.30 -4.47
C TYR C 207 11.00 26.04 -4.18
N SER C 208 11.22 24.96 -4.92
CA SER C 208 10.54 23.70 -4.61
C SER C 208 11.03 23.12 -3.29
N GLU C 209 12.29 23.34 -2.94
CA GLU C 209 12.76 22.93 -1.62
C GLU C 209 11.98 23.66 -0.52
N ARG C 210 11.67 24.93 -0.73
CA ARG C 210 10.90 25.67 0.26
C ARG C 210 9.39 25.53 0.08
N SER C 211 8.92 24.62 -0.77
CA SER C 211 7.50 24.53 -1.08
C SER C 211 6.75 23.77 0.01
N LEU C 212 5.44 23.61 -0.19
CA LEU C 212 4.59 22.86 0.72
C LEU C 212 3.97 21.62 0.10
N THR C 213 4.00 21.48 -1.22
CA THR C 213 3.55 20.25 -1.89
C THR C 213 4.82 19.51 -2.31
N LYS C 214 5.22 18.55 -1.48
CA LYS C 214 6.55 17.95 -1.60
C LYS C 214 6.69 17.12 -2.87
N CYS C 215 7.83 17.26 -3.53
CA CYS C 215 8.18 16.46 -4.70
C CYS C 215 9.15 15.38 -4.25
N ILE C 216 8.65 14.13 -4.16
CA ILE C 216 9.45 13.06 -3.57
C ILE C 216 10.59 12.66 -4.51
N GLY C 217 10.32 12.54 -5.80
CA GLY C 217 11.36 12.16 -6.73
C GLY C 217 10.81 12.12 -8.15
N ILE C 218 11.73 11.90 -9.08
CA ILE C 218 11.42 11.83 -10.51
C ILE C 218 12.00 10.52 -11.05
N THR C 219 11.32 9.96 -12.05
CA THR C 219 11.74 8.72 -12.69
C THR C 219 11.90 8.95 -14.18
N ILE C 220 12.99 8.45 -14.74
CA ILE C 220 13.32 8.64 -16.15
C ILE C 220 13.68 7.31 -16.77
N GLU C 221 13.27 7.12 -18.03
CA GLU C 221 13.58 5.93 -18.80
C GLU C 221 14.71 6.24 -19.77
N THR C 222 15.74 5.40 -19.79
CA THR C 222 16.94 5.68 -20.57
C THR C 222 17.52 4.37 -21.08
N ARG C 223 18.42 4.50 -22.10
CA ARG C 223 19.16 3.44 -22.76
C ARG C 223 20.54 3.28 -22.15
N PRO C 224 21.12 2.08 -22.21
CA PRO C 224 22.43 1.86 -21.57
C PRO C 224 23.56 2.71 -22.14
N ASP C 225 23.48 3.12 -23.41
CA ASP C 225 24.54 3.94 -23.98
C ASP C 225 24.37 5.42 -23.66
N TYR C 226 23.25 5.82 -23.06
CA TYR C 226 23.03 7.19 -22.61
C TYR C 226 23.07 7.30 -21.09
N CYS C 227 23.75 6.37 -20.43
CA CYS C 227 23.90 6.37 -18.97
C CYS C 227 25.41 6.33 -18.69
N MET C 228 26.03 7.50 -18.72
CA MET C 228 27.46 7.65 -18.45
C MET C 228 27.65 8.66 -17.35
N LYS C 229 28.88 9.08 -17.10
CA LYS C 229 29.14 10.02 -16.02
C LYS C 229 28.46 11.36 -16.27
N ARG C 230 28.53 11.86 -17.50
CA ARG C 230 27.91 13.13 -17.85
C ARG C 230 26.40 13.08 -17.61
N HIS C 231 25.74 12.07 -18.17
CA HIS C 231 24.30 11.97 -18.04
C HIS C 231 23.89 11.74 -16.60
N LEU C 232 24.65 10.94 -15.85
CA LEU C 232 24.32 10.70 -14.45
C LEU C 232 24.41 11.99 -13.64
N SER C 233 25.45 12.79 -13.86
CA SER C 233 25.54 14.07 -13.16
C SER C 233 24.41 14.99 -13.54
N ASP C 234 24.08 15.06 -14.84
CA ASP C 234 22.98 15.92 -15.27
C ASP C 234 21.67 15.52 -14.62
N MET C 235 21.39 14.22 -14.57
CA MET C 235 20.17 13.76 -13.91
C MET C 235 20.23 14.01 -12.41
N LEU C 236 21.42 13.99 -11.82
CA LEU C 236 21.54 14.29 -10.39
C LEU C 236 21.14 15.73 -10.10
N THR C 237 21.51 16.66 -10.98
CA THR C 237 21.11 18.05 -10.74
C THR C 237 19.61 18.24 -10.89
N TYR C 238 18.95 17.42 -11.71
CA TYR C 238 17.51 17.60 -11.94
C TYR C 238 16.65 17.23 -10.74
N GLY C 239 17.15 16.38 -9.86
CA GLY C 239 16.35 15.82 -8.79
C GLY C 239 15.87 14.41 -9.03
N CYS C 240 16.32 13.77 -10.10
CA CYS C 240 15.92 12.40 -10.40
C CYS C 240 16.52 11.43 -9.40
N THR C 241 15.78 10.35 -9.11
CA THR C 241 16.24 9.34 -8.16
C THR C 241 16.00 7.92 -8.60
N ARG C 242 15.38 7.68 -9.76
CA ARG C 242 15.12 6.34 -10.24
C ARG C 242 15.37 6.28 -11.73
N LEU C 243 15.76 5.10 -12.21
CA LEU C 243 16.07 4.90 -13.62
C LEU C 243 15.36 3.65 -14.13
N GLU C 244 14.96 3.69 -15.40
CA GLU C 244 14.35 2.54 -16.05
C GLU C 244 15.12 2.20 -17.30
N ILE C 245 15.67 0.98 -17.35
CA ILE C 245 16.49 0.52 -18.46
C ILE C 245 15.87 -0.75 -19.02
N GLY C 246 15.87 -0.88 -20.34
CA GLY C 246 15.32 -2.07 -20.96
C GLY C 246 16.38 -3.09 -21.28
N VAL C 247 16.44 -4.19 -20.53
CA VAL C 247 17.45 -5.21 -20.76
C VAL C 247 16.88 -6.22 -21.75
N GLN C 248 15.63 -6.66 -21.50
CA GLN C 248 14.87 -7.49 -22.47
C GLN C 248 15.39 -8.93 -22.61
N SER C 249 16.66 -9.19 -22.27
CA SER C 249 17.27 -10.49 -22.47
C SER C 249 18.67 -10.51 -21.87
N VAL C 250 19.15 -11.70 -21.51
CA VAL C 250 20.53 -11.86 -21.04
C VAL C 250 21.37 -12.61 -22.06
N TYR C 251 20.88 -12.79 -23.27
CA TYR C 251 21.56 -13.54 -24.31
C TYR C 251 22.11 -12.60 -25.36
N GLU C 252 23.36 -12.83 -25.76
CA GLU C 252 24.06 -11.90 -26.63
C GLU C 252 23.59 -11.97 -28.08
N ASP C 253 23.12 -13.12 -28.54
CA ASP C 253 22.65 -13.23 -29.91
C ASP C 253 21.31 -12.55 -30.13
N VAL C 254 20.43 -12.57 -29.11
CA VAL C 254 19.15 -11.87 -29.22
C VAL C 254 19.36 -10.37 -29.28
N ALA C 255 20.32 -9.84 -28.53
CA ALA C 255 20.55 -8.40 -28.48
C ALA C 255 21.08 -7.83 -29.78
N ARG C 256 21.50 -8.67 -30.72
CA ARG C 256 21.97 -8.19 -32.02
C ARG C 256 21.11 -8.65 -33.19
N ASP C 257 20.27 -9.67 -33.03
CA ASP C 257 19.35 -10.07 -34.08
C ASP C 257 18.08 -9.23 -34.10
N THR C 258 17.80 -8.48 -33.03
CA THR C 258 16.66 -7.58 -32.99
C THR C 258 17.06 -6.13 -33.22
N ASN C 259 18.30 -5.89 -33.67
CA ASN C 259 18.80 -4.54 -33.94
C ASN C 259 18.67 -3.64 -32.72
N ARG C 260 19.01 -4.19 -31.55
CA ARG C 260 18.89 -3.41 -30.33
C ARG C 260 19.84 -2.22 -30.32
N GLY C 261 21.08 -2.42 -30.76
CA GLY C 261 22.03 -1.34 -30.90
C GLY C 261 23.13 -1.32 -29.86
N HIS C 262 23.09 -2.17 -28.84
CA HIS C 262 24.14 -2.23 -27.83
C HIS C 262 24.37 -3.69 -27.46
N THR C 263 25.09 -3.91 -26.37
CA THR C 263 25.43 -5.25 -25.90
C THR C 263 25.09 -5.39 -24.43
N VAL C 264 25.09 -6.62 -23.95
CA VAL C 264 24.75 -6.89 -22.55
C VAL C 264 25.83 -6.38 -21.61
N LYS C 265 27.09 -6.45 -22.03
CA LYS C 265 28.18 -5.97 -21.18
C LYS C 265 28.02 -4.48 -20.90
N ALA C 266 27.57 -3.71 -21.88
CA ALA C 266 27.28 -2.31 -21.65
C ALA C 266 26.19 -2.14 -20.60
N VAL C 267 25.18 -3.01 -20.63
CA VAL C 267 24.12 -2.95 -19.63
C VAL C 267 24.68 -3.17 -18.24
N CYS C 268 25.56 -4.17 -18.10
CA CYS C 268 26.13 -4.46 -16.79
C CYS C 268 26.98 -3.30 -16.28
N GLU C 269 27.78 -2.70 -17.17
CA GLU C 269 28.61 -1.57 -16.76
C GLU C 269 27.76 -0.38 -16.34
N SER C 270 26.68 -0.11 -17.09
CA SER C 270 25.79 0.98 -16.71
C SER C 270 25.12 0.72 -15.37
N PHE C 271 24.73 -0.53 -15.12
CA PHE C 271 24.21 -0.90 -13.80
C PHE C 271 25.22 -0.57 -12.72
N HIS C 272 26.47 -0.94 -12.93
CA HIS C 272 27.51 -0.71 -11.92
C HIS C 272 27.66 0.79 -11.63
N LEU C 273 27.78 1.61 -12.69
CA LEU C 273 27.94 3.04 -12.49
C LEU C 273 26.74 3.65 -11.78
N ALA C 274 25.53 3.31 -12.24
CA ALA C 274 24.33 3.91 -11.65
C ALA C 274 24.20 3.54 -10.18
N LYS C 275 24.47 2.27 -9.84
CA LYS C 275 24.33 1.88 -8.44
C LYS C 275 25.40 2.50 -7.56
N ASP C 276 26.62 2.67 -8.08
CA ASP C 276 27.64 3.35 -7.27
C ASP C 276 27.32 4.82 -7.08
N SER C 277 26.69 5.44 -8.08
CA SER C 277 26.33 6.85 -7.94
C SER C 277 25.23 7.05 -6.91
N GLY C 278 24.32 6.09 -6.79
CA GLY C 278 23.31 6.14 -5.75
C GLY C 278 21.88 6.01 -6.20
N PHE C 279 21.66 5.65 -7.46
CA PHE C 279 20.31 5.59 -8.00
C PHE C 279 19.63 4.27 -7.62
N LYS C 280 18.44 4.07 -8.18
CA LYS C 280 17.72 2.82 -8.11
C LYS C 280 17.46 2.34 -9.53
N VAL C 281 17.54 1.03 -9.74
CA VAL C 281 17.53 0.45 -11.08
C VAL C 281 16.29 -0.42 -11.24
N VAL C 282 15.56 -0.20 -12.33
CA VAL C 282 14.40 -1.01 -12.68
C VAL C 282 14.59 -1.48 -14.11
N ALA C 283 14.36 -2.77 -14.36
CA ALA C 283 14.68 -3.40 -15.63
C ALA C 283 13.43 -3.89 -16.33
N HIS C 284 13.36 -3.61 -17.64
CA HIS C 284 12.32 -4.17 -18.49
C HIS C 284 12.81 -5.46 -19.11
N MET C 285 11.99 -6.52 -19.01
CA MET C 285 12.31 -7.81 -19.60
C MET C 285 11.13 -8.30 -20.43
N MET C 286 11.43 -9.06 -21.48
CA MET C 286 10.44 -9.50 -22.46
C MET C 286 10.54 -11.01 -22.70
N PRO C 287 9.59 -11.80 -22.23
CA PRO C 287 9.53 -13.21 -22.62
C PRO C 287 9.06 -13.35 -24.06
N ASP C 288 9.20 -14.57 -24.58
CA ASP C 288 8.68 -14.95 -25.89
C ASP C 288 9.32 -14.15 -27.02
N LEU C 289 10.62 -13.90 -26.91
CA LEU C 289 11.33 -13.25 -28.00
C LEU C 289 11.66 -14.26 -29.09
N PRO C 290 11.91 -13.80 -30.32
CA PRO C 290 12.29 -14.74 -31.38
C PRO C 290 13.57 -15.49 -31.05
N ASN C 291 13.65 -16.73 -31.52
CA ASN C 291 14.78 -17.64 -31.29
C ASN C 291 14.96 -18.00 -29.82
N VAL C 292 13.95 -17.77 -28.99
CA VAL C 292 13.97 -18.15 -27.59
C VAL C 292 12.79 -19.06 -27.35
N GLY C 293 13.07 -20.33 -27.04
CA GLY C 293 12.03 -21.32 -26.87
C GLY C 293 11.34 -21.23 -25.53
N LEU C 294 10.72 -22.33 -25.12
CA LEU C 294 10.06 -22.42 -23.83
C LEU C 294 10.99 -22.85 -22.71
N GLU C 295 12.19 -23.31 -23.03
CA GLU C 295 13.15 -23.74 -22.03
C GLU C 295 14.25 -22.72 -21.75
N ARG C 296 14.52 -21.82 -22.68
CA ARG C 296 15.52 -20.79 -22.44
C ARG C 296 15.01 -19.68 -21.54
N ASP C 297 13.69 -19.52 -21.42
CA ASP C 297 13.16 -18.46 -20.56
C ASP C 297 13.42 -18.75 -19.09
N ILE C 298 13.21 -19.99 -18.67
CA ILE C 298 13.45 -20.37 -17.28
C ILE C 298 14.91 -20.18 -16.92
N GLU C 299 15.81 -20.63 -17.80
CA GLU C 299 17.24 -20.44 -17.57
C GLU C 299 17.60 -18.96 -17.56
N GLN C 300 17.00 -18.19 -18.46
CA GLN C 300 17.23 -16.75 -18.51
C GLN C 300 16.93 -16.11 -17.16
N PHE C 301 15.76 -16.39 -16.61
CA PHE C 301 15.38 -15.73 -15.35
C PHE C 301 16.12 -16.30 -14.14
N THR C 302 16.43 -17.60 -14.16
CA THR C 302 17.24 -18.16 -13.08
C THR C 302 18.62 -17.49 -13.03
N GLU C 303 19.25 -17.32 -14.19
CA GLU C 303 20.52 -16.59 -14.23
C GLU C 303 20.32 -15.14 -13.82
N PHE C 304 19.22 -14.53 -14.25
CA PHE C 304 18.95 -13.15 -13.88
C PHE C 304 18.97 -12.96 -12.36
N PHE C 305 18.34 -13.88 -11.63
CA PHE C 305 18.25 -13.71 -10.18
C PHE C 305 19.31 -14.46 -9.38
N GLU C 306 20.21 -15.20 -10.03
CA GLU C 306 21.31 -15.83 -9.29
C GLU C 306 22.68 -15.28 -9.61
N ASN C 307 22.84 -14.51 -10.70
CA ASN C 307 24.14 -14.02 -11.09
C ASN C 307 24.34 -12.61 -10.55
N PRO C 308 25.41 -12.34 -9.79
CA PRO C 308 25.54 -11.03 -9.15
C PRO C 308 25.58 -9.86 -10.11
N ALA C 309 25.91 -10.09 -11.37
CA ALA C 309 26.04 -8.98 -12.31
C ALA C 309 24.69 -8.42 -12.74
N PHE C 310 23.61 -9.14 -12.42
CA PHE C 310 22.32 -8.78 -13.02
C PHE C 310 21.28 -8.33 -12.00
N ARG C 311 21.44 -8.68 -10.72
CA ARG C 311 20.38 -8.55 -9.73
C ARG C 311 19.86 -7.11 -9.64
N PRO C 312 18.67 -6.82 -10.17
CA PRO C 312 18.15 -5.45 -10.13
C PRO C 312 17.31 -5.20 -8.88
N ASP C 313 16.71 -4.01 -8.78
CA ASP C 313 15.81 -3.70 -7.68
C ASP C 313 14.34 -3.77 -8.07
N GLY C 314 14.02 -3.75 -9.35
CA GLY C 314 12.64 -3.83 -9.79
C GLY C 314 12.57 -4.47 -11.16
N LEU C 315 11.38 -4.97 -11.49
CA LEU C 315 11.20 -5.73 -12.71
C LEU C 315 9.92 -5.30 -13.40
N LYS C 316 9.92 -5.34 -14.72
CA LYS C 316 8.70 -5.15 -15.51
C LYS C 316 8.64 -6.24 -16.57
N LEU C 317 7.64 -7.11 -16.47
CA LEU C 317 7.47 -8.23 -17.38
C LEU C 317 6.56 -7.81 -18.52
N TYR C 318 7.05 -7.90 -19.75
CA TYR C 318 6.31 -7.49 -20.94
C TYR C 318 6.34 -8.62 -21.95
N PRO C 319 5.37 -9.53 -21.93
CA PRO C 319 5.31 -10.57 -22.96
C PRO C 319 5.20 -9.95 -24.35
N THR C 320 5.83 -10.60 -25.31
CA THR C 320 5.97 -10.01 -26.65
C THR C 320 4.64 -9.95 -27.36
N LEU C 321 4.34 -8.79 -27.94
CA LEU C 321 3.14 -8.57 -28.73
C LEU C 321 3.54 -8.22 -30.16
N VAL C 322 2.81 -8.75 -31.13
CA VAL C 322 3.04 -8.43 -32.54
C VAL C 322 2.00 -7.39 -32.95
N ILE C 323 2.48 -6.29 -33.53
CA ILE C 323 1.64 -5.16 -33.90
C ILE C 323 1.95 -4.79 -35.35
N ARG C 324 0.95 -4.26 -36.03
CA ARG C 324 1.11 -3.94 -37.44
C ARG C 324 2.17 -2.87 -37.66
N GLY C 325 2.78 -2.89 -38.84
CA GLY C 325 3.75 -1.88 -39.21
C GLY C 325 5.11 -2.05 -38.60
N THR C 326 5.52 -3.28 -38.29
CA THR C 326 6.83 -3.55 -37.71
C THR C 326 7.45 -4.75 -38.41
N GLY C 327 8.74 -4.96 -38.19
CA GLY C 327 9.43 -6.09 -38.78
C GLY C 327 8.91 -7.43 -38.27
N LEU C 328 8.62 -7.49 -36.98
CA LEU C 328 8.07 -8.72 -36.41
C LEU C 328 6.74 -9.07 -37.05
N TYR C 329 5.97 -8.07 -37.46
CA TYR C 329 4.73 -8.32 -38.19
C TYR C 329 5.01 -9.03 -39.51
N GLU C 330 6.02 -8.57 -40.25
CA GLU C 330 6.39 -9.22 -41.49
C GLU C 330 6.88 -10.64 -41.24
N LEU C 331 7.63 -10.85 -40.17
CA LEU C 331 8.05 -12.21 -39.82
C LEU C 331 6.85 -13.10 -39.53
N TRP C 332 5.85 -12.57 -38.82
CA TRP C 332 4.68 -13.36 -38.47
C TRP C 332 3.86 -13.72 -39.69
N LYS C 333 3.71 -12.79 -40.63
CA LYS C 333 2.95 -13.09 -41.83
C LYS C 333 3.60 -14.19 -42.66
N SER C 334 4.93 -14.19 -42.76
CA SER C 334 5.65 -15.16 -43.57
C SER C 334 5.64 -16.56 -42.98
N GLY C 335 4.91 -16.79 -41.89
CA GLY C 335 4.87 -18.11 -41.29
C GLY C 335 6.20 -18.57 -40.72
N ARG C 336 6.89 -17.69 -40.02
CA ARG C 336 8.18 -18.04 -39.40
C ARG C 336 8.23 -17.74 -37.92
N TYR C 337 7.18 -17.17 -37.33
CA TYR C 337 7.14 -16.88 -35.91
C TYR C 337 5.75 -17.19 -35.38
N LYS C 338 5.69 -17.90 -34.25
CA LYS C 338 4.43 -18.29 -33.64
C LYS C 338 4.52 -18.08 -32.13
N SER C 339 3.42 -17.61 -31.55
CA SER C 339 3.41 -17.28 -30.13
C SER C 339 3.09 -18.52 -29.29
N TYR C 340 3.22 -18.37 -27.97
CA TYR C 340 2.88 -19.44 -27.05
C TYR C 340 1.37 -19.63 -27.00
N SER C 341 0.96 -20.82 -26.57
CA SER C 341 -0.44 -21.03 -26.26
C SER C 341 -0.77 -20.40 -24.90
N PRO C 342 -2.01 -19.93 -24.70
CA PRO C 342 -2.32 -19.23 -23.45
C PRO C 342 -2.02 -20.01 -22.19
N SER C 343 -2.29 -21.32 -22.19
CA SER C 343 -1.98 -22.14 -21.02
C SER C 343 -0.49 -22.16 -20.75
N ASP C 344 0.32 -22.30 -21.80
CA ASP C 344 1.77 -22.27 -21.65
C ASP C 344 2.24 -20.93 -21.12
N LEU C 345 1.65 -19.84 -21.60
CA LEU C 345 2.04 -18.52 -21.13
C LEU C 345 1.72 -18.34 -19.66
N VAL C 346 0.53 -18.78 -19.22
CA VAL C 346 0.18 -18.65 -17.81
C VAL C 346 1.11 -19.50 -16.95
N GLU C 347 1.42 -20.72 -17.40
CA GLU C 347 2.33 -21.57 -16.65
C GLU C 347 3.71 -20.93 -16.54
N LEU C 348 4.21 -20.37 -17.64
CA LEU C 348 5.52 -19.73 -17.64
C LEU C 348 5.54 -18.53 -16.70
N VAL C 349 4.49 -17.71 -16.71
CA VAL C 349 4.45 -16.54 -15.85
C VAL C 349 4.41 -16.96 -14.38
N ALA C 350 3.66 -18.02 -14.07
CA ALA C 350 3.63 -18.52 -12.70
C ALA C 350 5.02 -18.97 -12.26
N ARG C 351 5.69 -19.75 -13.11
CA ARG C 351 7.02 -20.23 -12.76
C ARG C 351 8.00 -19.07 -12.58
N ILE C 352 7.89 -18.05 -13.43
CA ILE C 352 8.78 -16.89 -13.31
C ILE C 352 8.53 -16.16 -12.01
N LEU C 353 7.27 -15.91 -11.68
CA LEU C 353 6.94 -15.19 -10.46
C LEU C 353 7.33 -15.97 -9.22
N ALA C 354 7.45 -17.29 -9.30
CA ALA C 354 7.88 -18.05 -8.13
C ALA C 354 9.35 -17.86 -7.79
N LEU C 355 10.14 -17.22 -8.66
CA LEU C 355 11.58 -17.12 -8.46
C LEU C 355 12.04 -15.76 -7.93
N VAL C 356 11.16 -14.77 -7.85
CA VAL C 356 11.57 -13.41 -7.52
C VAL C 356 12.06 -13.37 -6.07
N PRO C 357 13.21 -12.77 -5.79
CA PRO C 357 13.72 -12.70 -4.42
C PRO C 357 12.87 -11.76 -3.58
N PRO C 358 12.96 -11.84 -2.25
CA PRO C 358 12.11 -11.00 -1.39
C PRO C 358 12.49 -9.53 -1.38
N TRP C 359 13.57 -9.11 -2.03
CA TRP C 359 13.97 -7.72 -2.05
C TRP C 359 13.65 -7.03 -3.37
N THR C 360 12.89 -7.68 -4.25
CA THR C 360 12.58 -7.14 -5.56
C THR C 360 11.10 -6.82 -5.65
N ARG C 361 10.76 -5.72 -6.33
CA ARG C 361 9.39 -5.29 -6.48
C ARG C 361 9.00 -5.36 -7.95
N VAL C 362 7.85 -5.96 -8.23
CA VAL C 362 7.31 -6.06 -9.59
C VAL C 362 6.26 -4.98 -9.75
N TYR C 363 6.46 -4.10 -10.72
CA TYR C 363 5.59 -2.94 -10.89
C TYR C 363 4.42 -3.22 -11.82
N ARG C 364 4.66 -3.93 -12.92
CA ARG C 364 3.61 -4.22 -13.89
C ARG C 364 3.89 -5.59 -14.50
N VAL C 365 2.85 -6.23 -15.01
CA VAL C 365 2.98 -7.60 -15.52
C VAL C 365 2.66 -7.73 -17.00
N GLN C 366 1.98 -6.78 -17.63
CA GLN C 366 1.78 -6.85 -19.06
C GLN C 366 1.55 -5.45 -19.62
N ARG C 367 1.66 -5.33 -20.94
CA ARG C 367 1.44 -4.06 -21.59
C ARG C 367 -0.03 -3.67 -21.53
N ASP C 368 -0.35 -2.51 -22.09
CA ASP C 368 -1.68 -1.95 -22.01
C ASP C 368 -2.18 -1.51 -23.37
N ILE C 369 -1.76 -2.21 -24.43
CA ILE C 369 -2.23 -1.92 -25.78
C ILE C 369 -3.67 -2.39 -25.89
N PRO C 370 -4.57 -1.61 -26.50
CA PRO C 370 -5.95 -2.09 -26.69
C PRO C 370 -5.99 -3.37 -27.50
N MET C 371 -6.93 -4.23 -27.15
CA MET C 371 -7.00 -5.57 -27.74
C MET C 371 -7.18 -5.57 -29.25
N PRO C 372 -8.06 -4.75 -29.86
CA PRO C 372 -8.25 -4.85 -31.31
C PRO C 372 -7.00 -4.54 -32.14
N LEU C 373 -6.02 -3.83 -31.58
CA LEU C 373 -4.82 -3.49 -32.35
C LEU C 373 -3.78 -4.60 -32.37
N VAL C 374 -3.95 -5.64 -31.57
CA VAL C 374 -2.96 -6.72 -31.48
C VAL C 374 -3.31 -7.82 -32.47
N SER C 375 -2.33 -8.22 -33.27
CA SER C 375 -2.53 -9.29 -34.23
C SER C 375 -2.39 -10.67 -33.62
N SER C 376 -1.46 -10.84 -32.68
CA SER C 376 -1.27 -12.12 -32.01
C SER C 376 -0.54 -11.87 -30.70
N GLY C 377 -0.64 -12.83 -29.79
CA GLY C 377 -0.04 -12.68 -28.48
C GLY C 377 -1.07 -12.70 -27.37
N VAL C 378 -0.86 -11.88 -26.33
CA VAL C 378 -1.76 -11.86 -25.20
C VAL C 378 -3.09 -11.24 -25.61
N GLU C 379 -4.18 -11.83 -25.13
CA GLU C 379 -5.53 -11.35 -25.45
C GLU C 379 -6.35 -10.96 -24.23
N HIS C 380 -6.07 -11.53 -23.07
CA HIS C 380 -6.83 -11.21 -21.86
C HIS C 380 -6.32 -9.89 -21.27
N GLY C 381 -6.76 -9.57 -20.06
CA GLY C 381 -6.38 -8.31 -19.46
C GLY C 381 -6.06 -8.38 -17.99
N ASN C 382 -6.04 -9.58 -17.42
CA ASN C 382 -5.75 -9.76 -15.99
C ASN C 382 -4.77 -10.91 -15.80
N LEU C 383 -3.67 -10.88 -16.54
CA LEU C 383 -2.70 -11.98 -16.48
C LEU C 383 -2.18 -12.21 -15.07
N ARG C 384 -2.00 -11.14 -14.30
CA ARG C 384 -1.39 -11.27 -12.98
C ARG C 384 -2.23 -12.13 -12.05
N GLU C 385 -3.54 -11.89 -12.01
CA GLU C 385 -4.39 -12.63 -11.08
C GLU C 385 -4.61 -14.06 -11.54
N LEU C 386 -4.67 -14.30 -12.86
CA LEU C 386 -4.73 -15.66 -13.36
C LEU C 386 -3.46 -16.43 -12.99
N ALA C 387 -2.31 -15.78 -13.12
CA ALA C 387 -1.06 -16.42 -12.74
C ALA C 387 -1.03 -16.72 -11.24
N LEU C 388 -1.55 -15.79 -10.42
CA LEU C 388 -1.58 -16.03 -8.99
C LEU C 388 -2.48 -17.21 -8.63
N ALA C 389 -3.63 -17.32 -9.29
CA ALA C 389 -4.51 -18.46 -9.05
C ALA C 389 -3.83 -19.76 -9.45
N ARG C 390 -3.14 -19.77 -10.59
CA ARG C 390 -2.41 -20.96 -11.01
C ARG C 390 -1.32 -21.33 -10.01
N MET C 391 -0.63 -20.31 -9.47
CA MET C 391 0.40 -20.56 -8.47
C MET C 391 -0.21 -21.17 -7.21
N LYS C 392 -1.38 -20.69 -6.79
CA LYS C 392 -2.06 -21.30 -5.66
C LYS C 392 -2.41 -22.76 -5.95
N ASP C 393 -2.82 -23.05 -7.18
CA ASP C 393 -3.10 -24.43 -7.54
C ASP C 393 -1.86 -25.31 -7.46
N LEU C 394 -0.72 -24.81 -7.95
CA LEU C 394 0.49 -25.62 -7.98
C LEU C 394 1.13 -25.79 -6.61
N GLY C 395 0.80 -24.94 -5.64
CA GLY C 395 1.36 -25.04 -4.31
C GLY C 395 2.51 -24.11 -4.00
N ILE C 396 2.89 -23.24 -4.93
CA ILE C 396 3.98 -22.31 -4.75
C ILE C 396 3.41 -20.93 -4.42
N GLN C 397 4.27 -20.05 -3.91
CA GLN C 397 3.83 -18.73 -3.45
C GLN C 397 4.77 -17.65 -3.97
N CYS C 398 4.21 -16.46 -4.15
CA CYS C 398 4.95 -15.28 -4.60
C CYS C 398 5.31 -14.42 -3.39
N ARG C 399 6.56 -13.96 -3.36
CA ARG C 399 7.08 -13.26 -2.18
C ARG C 399 7.81 -11.98 -2.55
N ASP C 400 7.33 -11.25 -3.56
CA ASP C 400 7.97 -10.00 -3.94
C ASP C 400 7.59 -8.91 -2.93
N VAL C 401 7.88 -7.66 -3.26
CA VAL C 401 7.60 -6.58 -2.32
C VAL C 401 6.15 -6.10 -2.46
N ARG C 402 5.65 -6.00 -3.69
CA ARG C 402 4.33 -5.40 -3.89
C ARG C 402 3.23 -6.23 -3.24
N THR C 403 3.30 -7.55 -3.36
CA THR C 403 2.25 -8.42 -2.83
C THR C 403 2.48 -8.81 -1.38
N ARG C 404 3.24 -8.01 -0.63
CA ARG C 404 3.49 -8.30 0.77
C ARG C 404 3.35 -7.07 1.66
N GLU C 405 2.99 -5.92 1.12
CA GLU C 405 2.89 -4.71 1.91
C GLU C 405 1.48 -4.55 2.48
N VAL C 406 1.35 -3.64 3.45
CA VAL C 406 0.16 -3.60 4.30
C VAL C 406 -1.09 -3.24 3.48
N GLY C 407 -0.97 -2.28 2.57
CA GLY C 407 -2.15 -1.86 1.83
C GLY C 407 -2.69 -2.94 0.91
N ILE C 408 -1.80 -3.60 0.18
CA ILE C 408 -2.22 -4.65 -0.74
C ILE C 408 -2.78 -5.83 0.03
N GLN C 409 -2.11 -6.24 1.09
CA GLN C 409 -2.63 -7.30 1.96
C GLN C 409 -3.93 -6.92 2.64
N GLU C 410 -4.20 -5.63 2.77
CA GLU C 410 -5.42 -5.15 3.42
C GLU C 410 -6.60 -5.07 2.47
N ILE C 411 -6.38 -4.82 1.18
CA ILE C 411 -7.47 -4.68 0.22
C ILE C 411 -7.74 -5.99 -0.53
N HIS C 412 -6.69 -6.79 -0.78
CA HIS C 412 -6.92 -8.08 -1.44
C HIS C 412 -7.34 -9.15 -0.45
N HIS C 413 -6.64 -9.24 0.67
CA HIS C 413 -7.05 -10.08 1.78
C HIS C 413 -7.52 -9.16 2.90
N LYS C 414 -7.82 -9.73 4.07
CA LYS C 414 -8.24 -8.93 5.21
C LYS C 414 -7.37 -9.34 6.40
N VAL C 415 -6.20 -8.72 6.52
CA VAL C 415 -5.24 -9.04 7.57
C VAL C 415 -4.59 -7.74 8.05
N ARG C 416 -4.06 -7.80 9.27
CA ARG C 416 -3.37 -6.67 9.87
C ARG C 416 -2.19 -7.17 10.67
N PRO C 417 -1.10 -6.41 10.74
CA PRO C 417 0.08 -6.86 11.48
C PRO C 417 -0.21 -7.01 12.96
N TYR C 418 0.45 -8.00 13.56
CA TYR C 418 0.26 -8.29 14.98
C TYR C 418 1.56 -8.41 15.76
N GLN C 419 2.62 -8.93 15.14
CA GLN C 419 3.83 -9.33 15.87
C GLN C 419 5.08 -8.84 15.13
N VAL C 420 5.11 -7.53 14.84
CA VAL C 420 6.16 -6.95 14.00
C VAL C 420 7.55 -7.27 14.54
N GLU C 421 8.48 -7.55 13.62
CA GLU C 421 9.87 -7.83 13.95
C GLU C 421 10.79 -7.14 12.94
N LEU C 422 12.09 -7.21 13.22
CA LEU C 422 13.13 -6.58 12.39
C LEU C 422 13.92 -7.63 11.65
N VAL C 423 14.14 -7.42 10.34
CA VAL C 423 14.79 -8.38 9.48
C VAL C 423 15.87 -7.69 8.66
N ARG C 424 16.99 -8.38 8.44
CA ARG C 424 18.10 -7.83 7.66
C ARG C 424 18.60 -8.88 6.69
N ARG C 425 18.83 -8.48 5.43
CA ARG C 425 19.35 -9.39 4.42
C ARG C 425 20.54 -8.75 3.72
N ASP C 426 21.64 -9.48 3.61
CA ASP C 426 22.84 -8.99 2.94
C ASP C 426 23.13 -9.83 1.70
N TYR C 427 23.71 -9.19 0.69
CA TYR C 427 24.12 -9.91 -0.52
C TYR C 427 25.15 -9.08 -1.26
N VAL C 428 25.60 -9.60 -2.40
CA VAL C 428 26.57 -8.94 -3.26
C VAL C 428 25.94 -8.74 -4.63
N ALA C 429 26.08 -7.55 -5.18
CA ALA C 429 25.48 -7.25 -6.47
C ALA C 429 26.26 -6.13 -7.15
N ASN C 430 26.54 -6.31 -8.44
CA ASN C 430 27.20 -5.29 -9.26
C ASN C 430 28.52 -4.82 -8.64
N GLY C 431 29.25 -5.77 -8.06
CA GLY C 431 30.52 -5.45 -7.44
C GLY C 431 30.44 -4.72 -6.13
N GLY C 432 29.28 -4.73 -5.47
CA GLY C 432 29.11 -4.03 -4.22
C GLY C 432 28.42 -4.88 -3.18
N TRP C 433 28.57 -4.45 -1.93
CA TRP C 433 28.02 -5.16 -0.78
C TRP C 433 26.73 -4.46 -0.37
N GLU C 434 25.59 -5.09 -0.66
CA GLU C 434 24.27 -4.51 -0.46
C GLU C 434 23.64 -5.06 0.81
N THR C 435 22.95 -4.21 1.56
CA THR C 435 22.14 -4.63 2.70
C THR C 435 20.73 -4.07 2.56
N PHE C 436 19.78 -4.81 3.11
CA PHE C 436 18.36 -4.53 2.97
C PHE C 436 17.73 -4.73 4.34
N LEU C 437 17.33 -3.64 4.99
CA LEU C 437 16.73 -3.69 6.31
C LEU C 437 15.23 -3.49 6.21
N SER C 438 14.48 -4.15 7.09
CA SER C 438 13.04 -4.11 6.97
C SER C 438 12.38 -4.37 8.31
N TYR C 439 11.15 -3.88 8.44
CA TYR C 439 10.27 -4.19 9.56
C TYR C 439 9.05 -4.92 9.00
N GLU C 440 8.81 -6.14 9.49
CA GLU C 440 7.76 -6.95 8.91
C GLU C 440 7.27 -8.00 9.90
N ASP C 441 6.08 -8.53 9.62
CA ASP C 441 5.46 -9.55 10.45
C ASP C 441 5.77 -10.93 9.89
N PRO C 442 6.46 -11.80 10.63
CA PRO C 442 6.89 -13.08 10.04
C PRO C 442 5.76 -14.06 9.82
N ASP C 443 4.85 -14.20 10.79
CA ASP C 443 3.85 -15.27 10.72
C ASP C 443 2.89 -15.06 9.55
N GLN C 444 2.43 -13.84 9.33
CA GLN C 444 1.47 -13.56 8.28
C GLN C 444 2.11 -13.06 6.99
N ASP C 445 3.44 -12.85 6.99
CA ASP C 445 4.17 -12.39 5.82
C ASP C 445 3.66 -11.04 5.32
N ILE C 446 3.84 -10.02 6.16
CA ILE C 446 3.35 -8.68 5.90
C ILE C 446 4.50 -7.70 6.07
N LEU C 447 4.69 -6.84 5.06
CA LEU C 447 5.78 -5.86 5.04
C LEU C 447 5.25 -4.49 5.45
N ILE C 448 6.09 -3.72 6.14
CA ILE C 448 5.70 -2.38 6.57
C ILE C 448 6.66 -1.32 6.04
N GLY C 449 7.94 -1.43 6.36
CA GLY C 449 8.91 -0.41 5.96
C GLY C 449 10.24 -1.03 5.61
N LEU C 450 10.96 -0.37 4.70
CA LEU C 450 12.22 -0.90 4.18
C LEU C 450 13.24 0.22 3.99
N LEU C 451 14.50 -0.19 3.98
CA LEU C 451 15.63 0.70 3.73
C LEU C 451 16.72 -0.08 3.01
N ARG C 452 17.40 0.58 2.08
CA ARG C 452 18.47 -0.02 1.28
C ARG C 452 19.78 0.70 1.56
N LEU C 453 20.85 -0.07 1.78
CA LEU C 453 22.15 0.50 2.07
C LEU C 453 23.23 -0.18 1.24
N ARG C 454 24.24 0.59 0.86
CA ARG C 454 25.32 0.09 0.02
C ARG C 454 26.64 0.74 0.42
N LYS C 455 27.71 -0.04 0.42
CA LYS C 455 29.06 0.48 0.63
C LYS C 455 29.69 0.80 -0.71
N CYS C 456 30.18 2.03 -0.85
CA CYS C 456 30.72 2.48 -2.14
C CYS C 456 31.97 1.68 -2.50
N SER C 457 32.04 1.27 -3.76
CA SER C 457 33.15 0.47 -4.25
C SER C 457 34.34 1.37 -4.56
N GLU C 458 35.35 0.82 -5.23
CA GLU C 458 36.58 1.54 -5.52
C GLU C 458 36.53 2.27 -6.85
N GLU C 459 35.38 2.28 -7.52
CA GLU C 459 35.27 2.93 -8.82
C GLU C 459 34.16 3.98 -8.83
N THR C 460 34.11 4.81 -7.79
CA THR C 460 33.15 5.90 -7.71
C THR C 460 33.80 7.18 -8.21
N PHE C 461 33.06 7.95 -9.00
CA PHE C 461 33.61 9.14 -9.65
C PHE C 461 33.14 10.44 -9.03
N ARG C 462 32.03 10.44 -8.29
CA ARG C 462 31.54 11.68 -7.71
C ARG C 462 32.47 12.17 -6.62
N PHE C 463 32.65 13.50 -6.55
CA PHE C 463 33.57 14.08 -5.59
C PHE C 463 33.07 13.91 -4.16
N GLU C 464 31.76 14.00 -3.94
CA GLU C 464 31.21 13.95 -2.60
C GLU C 464 31.28 12.57 -1.96
N LEU C 465 31.45 11.52 -2.75
CA LEU C 465 31.37 10.16 -2.25
C LEU C 465 32.71 9.46 -2.18
N GLY C 466 33.81 10.17 -2.43
CA GLY C 466 35.13 9.59 -2.41
C GLY C 466 35.80 9.76 -1.07
N GLY C 467 36.49 8.71 -0.62
CA GLY C 467 37.26 8.76 0.60
C GLY C 467 36.67 8.01 1.78
N GLY C 468 35.70 7.13 1.58
CA GLY C 468 35.16 6.39 2.71
C GLY C 468 33.70 6.66 3.01
N VAL C 469 32.88 6.84 1.99
CA VAL C 469 31.49 7.21 2.16
C VAL C 469 30.58 6.03 1.87
N SER C 470 29.57 5.86 2.73
CA SER C 470 28.50 4.89 2.53
C SER C 470 27.22 5.63 2.22
N ILE C 471 26.45 5.11 1.26
CA ILE C 471 25.30 5.84 0.70
C ILE C 471 24.03 5.06 0.95
N VAL C 472 22.97 5.78 1.33
CA VAL C 472 21.64 5.21 1.49
C VAL C 472 20.86 5.48 0.21
N ARG C 473 20.23 4.44 -0.34
CA ARG C 473 19.60 4.54 -1.64
C ARG C 473 18.08 4.63 -1.61
N GLU C 474 17.43 4.18 -0.54
CA GLU C 474 15.98 4.29 -0.45
C GLU C 474 15.53 4.04 0.98
N LEU C 475 14.53 4.82 1.40
CA LEU C 475 13.83 4.63 2.66
C LEU C 475 12.34 4.79 2.39
N HIS C 476 11.52 3.84 2.85
CA HIS C 476 10.11 3.88 2.49
C HIS C 476 9.29 3.20 3.57
N VAL C 477 8.12 3.78 3.89
CA VAL C 477 7.15 3.18 4.78
C VAL C 477 5.79 3.19 4.09
N TYR C 478 5.12 2.04 4.08
CA TYR C 478 3.93 1.85 3.27
C TYR C 478 2.67 2.10 4.10
N GLY C 479 1.53 1.81 3.52
CA GLY C 479 0.24 2.14 4.09
C GLY C 479 -0.49 3.18 3.26
N SER C 480 -1.45 3.83 3.89
CA SER C 480 -2.13 4.95 3.26
C SER C 480 -1.37 6.24 3.54
N VAL C 481 -1.71 7.28 2.79
CA VAL C 481 -1.00 8.55 2.87
C VAL C 481 -1.45 9.30 4.11
N VAL C 482 -0.50 9.75 4.92
CA VAL C 482 -0.74 10.62 6.07
C VAL C 482 -0.17 11.99 5.74
N PRO C 483 -0.98 13.04 5.69
CA PRO C 483 -0.45 14.36 5.33
C PRO C 483 0.60 14.84 6.33
N VAL C 484 1.51 15.68 5.84
CA VAL C 484 2.63 16.14 6.66
C VAL C 484 2.11 16.84 7.92
N SER C 485 2.74 16.54 9.05
CA SER C 485 2.45 17.10 10.37
C SER C 485 1.11 16.62 10.94
N SER C 486 0.47 15.65 10.32
CA SER C 486 -0.76 15.07 10.83
C SER C 486 -0.47 13.67 11.36
N ARG C 487 -1.43 13.10 12.10
CA ARG C 487 -1.29 11.76 12.63
C ARG C 487 -2.61 11.04 12.54
N ASP C 488 -2.55 9.74 12.27
CA ASP C 488 -3.73 8.89 12.20
C ASP C 488 -3.42 7.55 12.86
N PRO C 489 -4.04 7.23 13.98
CA PRO C 489 -3.70 6.00 14.71
C PRO C 489 -4.14 4.72 14.03
N THR C 490 -4.94 4.80 12.96
CA THR C 490 -5.36 3.62 12.21
C THR C 490 -4.52 3.39 10.97
N LYS C 491 -3.49 4.20 10.74
CA LYS C 491 -2.58 4.05 9.62
C LYS C 491 -1.18 3.81 10.15
N PHE C 492 -0.22 3.65 9.25
CA PHE C 492 1.10 3.15 9.62
C PHE C 492 2.23 4.13 9.40
N GLN C 493 2.00 5.31 8.82
CA GLN C 493 3.15 6.10 8.39
C GLN C 493 3.81 6.82 9.57
N HIS C 494 3.15 7.82 10.14
CA HIS C 494 3.81 8.70 11.11
C HIS C 494 3.78 8.09 12.51
N GLN C 495 4.57 7.02 12.67
CA GLN C 495 4.63 6.35 13.97
C GLN C 495 6.05 5.99 14.38
N GLY C 496 7.07 6.55 13.72
CA GLY C 496 8.42 6.36 14.18
C GLY C 496 9.18 5.19 13.59
N PHE C 497 8.71 4.63 12.48
CA PHE C 497 9.43 3.57 11.82
C PHE C 497 10.57 4.08 10.94
N GLY C 498 10.68 5.39 10.74
CA GLY C 498 11.72 5.92 9.89
C GLY C 498 12.99 6.26 10.66
N MET C 499 12.86 6.92 11.80
CA MET C 499 14.03 7.18 12.61
C MET C 499 14.59 5.92 13.26
N LEU C 500 13.81 4.84 13.33
CA LEU C 500 14.37 3.57 13.76
C LEU C 500 15.20 2.93 12.66
N LEU C 501 14.79 3.09 11.40
CA LEU C 501 15.54 2.52 10.29
C LEU C 501 16.80 3.29 9.98
N MET C 502 16.85 4.59 10.26
CA MET C 502 18.06 5.37 10.04
C MET C 502 19.09 5.20 11.15
N GLU C 503 18.64 5.02 12.40
CA GLU C 503 19.59 4.77 13.48
C GLU C 503 20.35 3.47 13.26
N GLU C 504 19.70 2.45 12.72
CA GLU C 504 20.39 1.21 12.42
C GLU C 504 21.31 1.33 11.22
N ALA C 505 20.91 2.11 10.20
CA ALA C 505 21.80 2.32 9.06
C ALA C 505 23.04 3.10 9.46
N GLU C 506 22.92 4.00 10.44
CA GLU C 506 24.09 4.73 10.90
C GLU C 506 24.99 3.90 11.81
N ARG C 507 24.54 2.76 12.29
CA ARG C 507 25.41 1.88 13.08
C ARG C 507 26.16 0.89 12.21
N ILE C 508 25.54 0.40 11.14
CA ILE C 508 26.24 -0.48 10.21
C ILE C 508 27.34 0.28 9.48
N ALA C 509 27.07 1.51 9.05
CA ALA C 509 28.04 2.27 8.28
C ALA C 509 29.26 2.69 9.07
N ARG C 510 29.23 2.61 10.40
CA ARG C 510 30.35 3.05 11.23
C ARG C 510 31.11 1.91 11.86
N GLU C 511 30.44 0.86 12.33
CA GLU C 511 31.10 -0.25 13.00
C GLU C 511 31.40 -1.42 12.09
N GLU C 512 30.77 -1.51 10.92
CA GLU C 512 30.97 -2.62 10.02
C GLU C 512 31.60 -2.21 8.70
N HIS C 513 31.05 -1.20 8.02
CA HIS C 513 31.69 -0.70 6.83
C HIS C 513 33.00 0.02 7.15
N GLY C 514 33.11 0.60 8.33
CA GLY C 514 34.29 1.34 8.69
C GLY C 514 34.38 2.72 8.09
N SER C 515 33.28 3.26 7.60
CA SER C 515 33.28 4.55 6.91
C SER C 515 33.38 5.69 7.91
N GLY C 516 33.49 6.91 7.39
CA GLY C 516 33.58 8.09 8.22
C GLY C 516 32.63 9.18 7.80
N LYS C 517 31.66 8.82 6.96
CA LYS C 517 30.67 9.77 6.44
C LYS C 517 29.52 8.95 5.87
N ILE C 518 28.32 9.52 5.94
CA ILE C 518 27.15 8.86 5.35
C ILE C 518 26.37 9.88 4.52
N ALA C 519 25.97 9.46 3.33
CA ALA C 519 25.31 10.33 2.37
C ALA C 519 23.97 9.73 1.96
N VAL C 520 23.01 10.59 1.65
CA VAL C 520 21.68 10.20 1.25
C VAL C 520 21.30 10.98 -0.01
N ILE C 521 20.72 10.28 -0.96
CA ILE C 521 20.08 10.90 -2.12
C ILE C 521 18.60 11.06 -1.82
N SER C 522 18.07 12.25 -2.07
CA SER C 522 16.71 12.55 -1.64
C SER C 522 16.06 13.55 -2.58
N GLY C 523 14.78 13.79 -2.34
CA GLY C 523 14.01 14.77 -3.08
C GLY C 523 14.17 16.17 -2.53
N VAL C 524 13.08 16.75 -2.02
CA VAL C 524 13.11 18.08 -1.43
C VAL C 524 12.40 18.10 -0.07
N GLY C 525 11.15 17.62 -0.01
CA GLY C 525 10.53 17.41 1.29
C GLY C 525 11.37 16.48 2.14
N THR C 526 11.93 15.47 1.52
CA THR C 526 12.90 14.63 2.21
C THR C 526 14.13 15.43 2.62
N ARG C 527 14.50 16.46 1.84
CA ARG C 527 15.61 17.30 2.27
C ARG C 527 15.30 17.95 3.61
N ASN C 528 14.09 18.50 3.76
CA ASN C 528 13.72 19.08 5.04
C ASN C 528 13.68 18.03 6.14
N TYR C 529 13.19 16.82 5.82
CA TYR C 529 13.14 15.75 6.82
C TYR C 529 14.53 15.41 7.34
N TYR C 530 15.47 15.20 6.43
CA TYR C 530 16.83 14.84 6.84
C TYR C 530 17.53 15.99 7.53
N ARG C 531 17.19 17.24 7.18
CA ARG C 531 17.69 18.36 7.96
C ARG C 531 17.19 18.30 9.39
N LYS C 532 15.93 17.88 9.56
CA LYS C 532 15.39 17.67 10.90
C LYS C 532 16.18 16.60 11.65
N ILE C 533 16.54 15.51 10.96
CA ILE C 533 17.26 14.43 11.64
C ILE C 533 18.64 14.90 12.12
N GLY C 534 19.32 15.73 11.32
CA GLY C 534 20.66 16.17 11.69
C GLY C 534 21.67 16.16 10.57
N TYR C 535 21.20 15.98 9.34
CA TYR C 535 22.06 15.99 8.17
C TYR C 535 22.16 17.40 7.59
N ARG C 536 23.27 17.66 6.90
CA ARG C 536 23.46 18.93 6.22
C ARG C 536 23.50 18.68 4.71
N LEU C 537 23.58 19.76 3.93
CA LEU C 537 23.50 19.68 2.49
C LEU C 537 24.88 19.86 1.87
N GLN C 538 25.21 19.01 0.89
CA GLN C 538 26.44 19.16 0.12
C GLN C 538 26.17 18.68 -1.29
N GLY C 539 26.38 19.56 -2.27
CA GLY C 539 26.06 19.26 -3.64
C GLY C 539 24.60 18.88 -3.77
N PRO C 540 24.32 17.77 -4.45
CA PRO C 540 22.96 17.24 -4.50
C PRO C 540 22.64 16.19 -3.44
N TYR C 541 23.48 16.00 -2.43
CA TYR C 541 23.31 14.98 -1.41
C TYR C 541 23.09 15.60 -0.04
N MET C 542 22.52 14.81 0.86
CA MET C 542 22.42 15.15 2.26
C MET C 542 23.42 14.30 3.03
N VAL C 543 24.43 14.93 3.61
CA VAL C 543 25.56 14.21 4.18
C VAL C 543 25.61 14.46 5.69
N LYS C 544 26.32 13.57 6.37
CA LYS C 544 26.52 13.68 7.81
C LYS C 544 27.80 12.96 8.20
N MET C 545 28.58 13.59 9.09
CA MET C 545 29.80 13.00 9.60
C MET C 545 29.51 11.95 10.64
N LEU C 546 30.26 10.85 10.61
CA LEU C 546 30.05 9.73 11.51
C LEU C 546 31.17 9.53 12.51
N LYS C 547 32.27 10.26 12.39
CA LYS C 547 33.43 10.09 13.27
C LYS C 547 33.05 10.24 14.73
N ARG D 942 -60.93 -70.81 40.47
CA ARG D 942 -62.13 -70.44 39.75
C ARG D 942 -63.09 -69.67 40.65
N TYR D 943 -62.52 -68.74 41.42
CA TYR D 943 -63.32 -67.92 42.32
C TYR D 943 -64.29 -67.03 41.56
N GLU D 944 -63.87 -66.49 40.42
CA GLU D 944 -64.77 -65.68 39.61
C GLU D 944 -65.94 -66.50 39.09
N LYS D 945 -65.66 -67.69 38.56
CA LYS D 945 -66.74 -68.59 38.15
C LYS D 945 -67.56 -69.04 39.34
N ALA D 946 -66.93 -69.19 40.51
CA ALA D 946 -67.66 -69.56 41.71
C ALA D 946 -68.72 -68.51 42.06
N ILE D 947 -68.31 -67.24 42.10
CA ILE D 947 -69.28 -66.20 42.44
C ILE D 947 -70.31 -66.03 41.32
N GLY D 948 -69.90 -66.24 40.07
CA GLY D 948 -70.86 -66.19 38.98
C GLY D 948 -71.93 -67.25 39.10
N HIS D 949 -71.54 -68.47 39.49
CA HIS D 949 -72.52 -69.54 39.71
C HIS D 949 -73.39 -69.26 40.92
N LEU D 950 -72.79 -68.77 42.02
CA LEU D 950 -73.56 -68.48 43.22
C LEU D 950 -74.47 -67.27 43.04
N SER D 951 -74.24 -66.45 42.01
CA SER D 951 -75.10 -65.29 41.77
C SER D 951 -76.52 -65.72 41.42
N LYS D 952 -76.66 -66.77 40.61
CA LYS D 952 -77.98 -67.25 40.18
C LYS D 952 -78.56 -68.24 41.19
N CYS D 953 -78.62 -67.79 42.45
CA CYS D 953 -79.14 -68.61 43.52
C CYS D 953 -80.25 -67.86 44.27
N GLY D 954 -80.69 -68.43 45.39
CA GLY D 954 -81.74 -67.84 46.19
C GLY D 954 -81.28 -66.61 46.94
N PRO D 955 -82.22 -65.86 47.52
CA PRO D 955 -81.85 -64.65 48.27
C PRO D 955 -81.01 -64.94 49.50
N GLU D 956 -81.07 -66.14 50.05
CA GLU D 956 -80.34 -66.45 51.28
C GLU D 956 -78.85 -66.57 51.07
N TYR D 957 -78.40 -66.87 49.84
CA TYR D 957 -76.98 -67.07 49.58
C TYR D 957 -76.23 -65.77 49.34
N PHE D 958 -76.93 -64.64 49.26
CA PHE D 958 -76.25 -63.36 49.05
C PHE D 958 -75.22 -63.02 50.13
N PRO D 959 -75.47 -63.24 51.43
CA PRO D 959 -74.40 -62.99 52.41
C PRO D 959 -73.12 -63.77 52.13
N GLU D 960 -73.23 -65.03 51.73
CA GLU D 960 -72.03 -65.81 51.41
C GLU D 960 -71.32 -65.24 50.20
N CYS D 961 -72.08 -64.85 49.16
CA CYS D 961 -71.47 -64.26 47.98
C CYS D 961 -70.73 -62.98 48.32
N LEU D 962 -71.35 -62.12 49.15
CA LEU D 962 -70.69 -60.88 49.54
C LEU D 962 -69.47 -61.13 50.40
N ASN D 963 -69.53 -62.15 51.28
CA ASN D 963 -68.36 -62.49 52.09
C ASN D 963 -67.21 -62.96 51.22
N LEU D 964 -67.50 -63.80 50.23
CA LEU D 964 -66.46 -64.26 49.32
C LEU D 964 -65.90 -63.09 48.49
N ILE D 965 -66.78 -62.18 48.07
CA ILE D 965 -66.34 -61.03 47.30
C ILE D 965 -65.41 -60.14 48.13
N LYS D 966 -65.76 -59.93 49.40
CA LYS D 966 -64.89 -59.17 50.29
C LYS D 966 -63.58 -59.91 50.52
N ASP D 967 -63.62 -61.23 50.58
CA ASP D 967 -62.41 -62.02 50.83
C ASP D 967 -61.38 -61.82 49.72
N LYS D 968 -61.83 -61.84 48.47
CA LYS D 968 -60.94 -61.73 47.32
C LYS D 968 -61.00 -60.36 46.67
N ASN D 969 -61.68 -59.40 47.28
CA ASN D 969 -61.81 -58.04 46.75
C ASN D 969 -62.41 -58.06 45.35
N LEU D 970 -63.61 -58.64 45.24
CA LEU D 970 -64.28 -58.87 43.97
C LEU D 970 -65.40 -57.86 43.75
N TYR D 971 -65.18 -56.62 44.17
CA TYR D 971 -66.22 -55.61 44.08
C TYR D 971 -66.57 -55.28 42.64
N ASN D 972 -65.56 -55.19 41.77
CA ASN D 972 -65.81 -54.80 40.38
C ASN D 972 -66.59 -55.88 39.63
N GLU D 973 -66.20 -57.14 39.78
CA GLU D 973 -66.94 -58.23 39.14
C GLU D 973 -68.35 -58.33 39.71
N ALA D 974 -68.50 -58.07 41.00
CA ALA D 974 -69.83 -58.06 41.61
C ALA D 974 -70.69 -56.95 41.03
N LEU D 975 -70.10 -55.77 40.81
CA LEU D 975 -70.83 -54.68 40.17
C LEU D 975 -71.23 -55.05 38.75
N LYS D 976 -70.34 -55.72 38.02
CA LYS D 976 -70.69 -56.18 36.68
C LYS D 976 -71.79 -57.24 36.73
N LEU D 977 -71.88 -58.00 37.82
CA LEU D 977 -72.86 -59.07 37.90
C LEU D 977 -74.28 -58.54 38.05
N TYR D 978 -74.47 -57.53 38.90
CA TYR D 978 -75.79 -57.02 39.23
C TYR D 978 -76.00 -55.65 38.60
N SER D 979 -77.24 -55.36 38.23
CA SER D 979 -77.57 -54.07 37.66
C SER D 979 -77.50 -53.00 38.75
N PRO D 980 -77.07 -51.78 38.39
CA PRO D 980 -77.00 -50.71 39.40
C PRO D 980 -78.33 -50.39 40.05
N SER D 981 -79.44 -50.59 39.36
CA SER D 981 -80.75 -50.34 39.95
C SER D 981 -81.09 -51.32 41.06
N SER D 982 -80.33 -52.40 41.21
CA SER D 982 -80.58 -53.36 42.28
C SER D 982 -79.88 -52.94 43.56
N GLN D 983 -80.43 -53.38 44.69
CA GLN D 983 -79.85 -53.04 45.99
C GLN D 983 -78.50 -53.74 46.20
N GLN D 984 -78.32 -54.92 45.62
CA GLN D 984 -77.05 -55.62 45.76
C GLN D 984 -75.91 -54.80 45.19
N TYR D 985 -76.13 -54.15 44.04
CA TYR D 985 -75.11 -53.28 43.47
C TYR D 985 -74.75 -52.16 44.42
N GLN D 986 -75.76 -51.55 45.05
CA GLN D 986 -75.49 -50.47 46.00
C GLN D 986 -74.68 -50.96 47.19
N ASP D 987 -75.01 -52.15 47.70
CA ASP D 987 -74.24 -52.72 48.80
C ASP D 987 -72.80 -52.99 48.39
N ILE D 988 -72.60 -53.50 47.17
CA ILE D 988 -71.26 -53.75 46.67
C ILE D 988 -70.48 -52.44 46.54
N SER D 989 -71.16 -51.39 46.07
CA SER D 989 -70.51 -50.09 45.97
C SER D 989 -70.12 -49.56 47.33
N ILE D 990 -70.99 -49.73 48.33
CA ILE D 990 -70.67 -49.29 49.69
C ILE D 990 -69.46 -50.05 50.22
N ALA D 991 -69.42 -51.36 50.01
CA ALA D 991 -68.28 -52.15 50.46
C ALA D 991 -67.00 -51.74 49.74
N TYR D 992 -67.09 -51.46 48.44
CA TYR D 992 -65.93 -51.03 47.68
C TYR D 992 -65.41 -49.68 48.18
N GLY D 993 -66.32 -48.76 48.49
CA GLY D 993 -65.89 -47.47 49.05
C GLY D 993 -65.26 -47.62 50.42
N GLU D 994 -65.80 -48.51 51.25
CA GLU D 994 -65.18 -48.76 52.55
C GLU D 994 -63.80 -49.36 52.39
N HIS D 995 -63.63 -50.26 51.41
CA HIS D 995 -62.30 -50.79 51.14
C HIS D 995 -61.36 -49.70 50.63
N LEU D 996 -61.89 -48.75 49.85
CA LEU D 996 -61.08 -47.64 49.38
C LEU D 996 -60.61 -46.78 50.54
N MET D 997 -61.49 -46.51 51.51
CA MET D 997 -61.04 -45.83 52.72
C MET D 997 -60.01 -46.67 53.47
N GLN D 998 -60.17 -47.99 53.47
CA GLN D 998 -59.15 -48.85 54.07
C GLN D 998 -57.84 -48.79 53.29
N GLU D 999 -57.85 -48.25 52.07
CA GLU D 999 -56.64 -48.02 51.31
C GLU D 999 -56.16 -46.57 51.40
N HIS D 1000 -56.72 -45.78 52.31
CA HIS D 1000 -56.45 -44.35 52.44
C HIS D 1000 -56.76 -43.59 51.15
N MET D 1001 -57.60 -44.17 50.30
CA MET D 1001 -57.98 -43.56 49.02
C MET D 1001 -59.35 -42.91 49.23
N TYR D 1002 -59.30 -41.69 49.78
CA TYR D 1002 -60.49 -41.08 50.35
C TYR D 1002 -61.46 -40.59 49.27
N GLU D 1003 -61.01 -39.66 48.41
CA GLU D 1003 -61.92 -39.06 47.45
C GLU D 1003 -62.55 -40.06 46.49
N PRO D 1004 -61.86 -41.10 45.99
CA PRO D 1004 -62.60 -42.12 45.22
C PRO D 1004 -63.65 -42.85 46.04
N ALA D 1005 -63.42 -43.06 47.33
CA ALA D 1005 -64.45 -43.64 48.19
C ALA D 1005 -65.65 -42.72 48.29
N GLY D 1006 -65.39 -41.42 48.42
CA GLY D 1006 -66.49 -40.46 48.39
C GLY D 1006 -67.22 -40.46 47.07
N LEU D 1007 -66.49 -40.65 45.98
CA LEU D 1007 -67.11 -40.78 44.66
C LEU D 1007 -68.04 -41.98 44.63
N MET D 1008 -67.57 -43.12 45.16
CA MET D 1008 -68.39 -44.33 45.18
C MET D 1008 -69.65 -44.11 46.01
N PHE D 1009 -69.52 -43.47 47.17
CA PHE D 1009 -70.68 -43.23 48.01
C PHE D 1009 -71.61 -42.19 47.40
N ALA D 1010 -71.08 -41.33 46.53
CA ALA D 1010 -71.94 -40.46 45.74
C ALA D 1010 -72.71 -41.24 44.68
N ARG D 1011 -72.07 -42.22 44.05
CA ARG D 1011 -72.78 -43.08 43.11
C ARG D 1011 -73.91 -43.82 43.80
N CYS D 1012 -73.61 -44.50 44.91
CA CYS D 1012 -74.64 -45.27 45.59
C CYS D 1012 -75.64 -44.37 46.31
N GLY D 1013 -75.13 -43.36 47.03
CA GLY D 1013 -76.01 -42.44 47.72
C GLY D 1013 -75.64 -42.19 49.17
N ALA D 1014 -74.55 -42.80 49.62
CA ALA D 1014 -74.08 -42.62 51.00
C ALA D 1014 -73.41 -41.25 51.12
N HIS D 1015 -74.25 -40.22 51.17
CA HIS D 1015 -73.77 -38.85 51.11
C HIS D 1015 -72.94 -38.49 52.33
N GLU D 1016 -73.31 -39.02 53.51
CA GLU D 1016 -72.57 -38.70 54.73
C GLU D 1016 -71.14 -39.21 54.66
N LYS D 1017 -70.96 -40.47 54.25
CA LYS D 1017 -69.63 -41.04 54.15
C LYS D 1017 -68.82 -40.38 53.04
N ALA D 1018 -69.49 -40.01 51.94
CA ALA D 1018 -68.80 -39.28 50.88
C ALA D 1018 -68.30 -37.93 51.37
N LEU D 1019 -69.14 -37.22 52.13
CA LEU D 1019 -68.72 -35.95 52.72
C LEU D 1019 -67.55 -36.15 53.67
N SER D 1020 -67.60 -37.20 54.49
CA SER D 1020 -66.50 -37.48 55.41
C SER D 1020 -65.21 -37.76 54.65
N ALA D 1021 -65.27 -38.53 53.58
CA ALA D 1021 -64.07 -38.83 52.79
C ALA D 1021 -63.54 -37.57 52.12
N PHE D 1022 -64.42 -36.73 51.58
CA PHE D 1022 -63.98 -35.48 50.96
C PHE D 1022 -63.33 -34.57 51.98
N LEU D 1023 -63.87 -34.53 53.20
CA LEU D 1023 -63.25 -33.77 54.28
C LEU D 1023 -61.88 -34.35 54.63
N THR D 1024 -61.77 -35.68 54.68
CA THR D 1024 -60.52 -36.32 55.06
C THR D 1024 -59.42 -36.04 54.04
N CYS D 1025 -59.74 -36.14 52.75
CA CYS D 1025 -58.74 -35.93 51.71
C CYS D 1025 -58.47 -34.45 51.44
N GLY D 1026 -59.13 -33.55 52.15
CA GLY D 1026 -58.93 -32.13 51.95
C GLY D 1026 -59.74 -31.53 50.83
N ASN D 1027 -60.59 -32.32 50.16
CA ASN D 1027 -61.40 -31.82 49.05
C ASN D 1027 -62.57 -31.02 49.63
N TRP D 1028 -62.32 -29.74 49.88
CA TRP D 1028 -63.38 -28.82 50.28
C TRP D 1028 -64.45 -28.73 49.21
N LYS D 1029 -64.08 -28.98 47.96
CA LYS D 1029 -64.96 -28.69 46.83
C LYS D 1029 -66.11 -29.67 46.78
N GLN D 1030 -65.82 -30.97 46.68
CA GLN D 1030 -66.86 -31.97 46.63
C GLN D 1030 -67.54 -32.12 47.98
N ALA D 1031 -66.83 -31.81 49.07
CA ALA D 1031 -67.48 -31.74 50.37
C ALA D 1031 -68.58 -30.69 50.38
N LEU D 1032 -68.29 -29.51 49.83
CA LEU D 1032 -69.30 -28.47 49.71
C LEU D 1032 -70.43 -28.90 48.79
N CYS D 1033 -70.09 -29.61 47.70
CA CYS D 1033 -71.12 -30.13 46.81
C CYS D 1033 -72.08 -31.05 47.54
N VAL D 1034 -71.54 -31.99 48.32
CA VAL D 1034 -72.37 -32.93 49.06
C VAL D 1034 -73.17 -32.21 50.13
N ALA D 1035 -72.56 -31.24 50.82
CA ALA D 1035 -73.28 -30.49 51.84
C ALA D 1035 -74.45 -29.72 51.24
N ALA D 1036 -74.24 -29.10 50.08
CA ALA D 1036 -75.32 -28.37 49.43
C ALA D 1036 -76.42 -29.31 48.96
N GLN D 1037 -76.05 -30.47 48.39
CA GLN D 1037 -77.09 -31.41 47.97
C GLN D 1037 -77.75 -32.10 49.16
N LEU D 1038 -77.15 -32.03 50.34
CA LEU D 1038 -77.77 -32.55 51.55
C LEU D 1038 -78.62 -31.51 52.27
N ASN D 1039 -78.68 -30.28 51.75
CA ASN D 1039 -79.49 -29.20 52.30
C ASN D 1039 -79.11 -28.90 53.75
N PHE D 1040 -77.87 -28.46 53.93
CA PHE D 1040 -77.36 -28.09 55.24
C PHE D 1040 -77.65 -26.61 55.54
N THR D 1041 -77.95 -26.34 56.81
CA THR D 1041 -78.23 -24.98 57.26
C THR D 1041 -76.92 -24.21 57.34
N LYS D 1042 -76.98 -22.92 57.02
CA LYS D 1042 -75.77 -22.12 56.86
C LYS D 1042 -74.92 -22.04 58.13
N ASP D 1043 -75.55 -21.74 59.28
CA ASP D 1043 -74.80 -21.58 60.51
C ASP D 1043 -74.11 -22.89 60.91
N GLN D 1044 -74.79 -24.01 60.70
CA GLN D 1044 -74.20 -25.31 60.95
C GLN D 1044 -72.99 -25.58 60.05
N LEU D 1045 -72.90 -24.93 58.89
CA LEU D 1045 -71.80 -25.15 57.97
C LEU D 1045 -70.79 -24.02 57.92
N VAL D 1046 -71.05 -22.87 58.55
CA VAL D 1046 -70.04 -21.80 58.58
C VAL D 1046 -68.79 -22.28 59.32
N GLY D 1047 -68.99 -22.86 60.50
CA GLY D 1047 -67.86 -23.39 61.26
C GLY D 1047 -67.15 -24.51 60.51
N LEU D 1048 -67.91 -25.37 59.84
CA LEU D 1048 -67.31 -26.42 59.04
C LEU D 1048 -66.49 -25.87 57.89
N GLY D 1049 -66.96 -24.78 57.27
CA GLY D 1049 -66.18 -24.14 56.22
C GLY D 1049 -64.91 -23.53 56.76
N ARG D 1050 -64.96 -22.92 57.94
CA ARG D 1050 -63.74 -22.41 58.56
C ARG D 1050 -62.76 -23.54 58.87
N THR D 1051 -63.27 -24.67 59.35
CA THR D 1051 -62.39 -25.82 59.58
C THR D 1051 -61.82 -26.35 58.27
N LEU D 1052 -62.60 -26.33 57.20
CA LEU D 1052 -62.08 -26.73 55.90
C LEU D 1052 -60.97 -25.80 55.43
N ALA D 1053 -61.15 -24.49 55.65
CA ALA D 1053 -60.08 -23.55 55.35
C ALA D 1053 -58.86 -23.84 56.22
N GLY D 1054 -59.07 -24.29 57.45
CA GLY D 1054 -57.95 -24.70 58.28
C GLY D 1054 -57.19 -25.88 57.69
N LYS D 1055 -57.92 -26.89 57.22
CA LYS D 1055 -57.26 -28.00 56.55
C LYS D 1055 -56.53 -27.53 55.29
N LEU D 1056 -57.12 -26.58 54.56
CA LEU D 1056 -56.48 -26.09 53.34
C LEU D 1056 -55.19 -25.36 53.64
N VAL D 1057 -55.19 -24.50 54.67
CA VAL D 1057 -53.94 -23.83 55.03
C VAL D 1057 -52.94 -24.81 55.60
N GLU D 1058 -53.43 -25.92 56.20
CA GLU D 1058 -52.54 -27.02 56.54
C GLU D 1058 -51.92 -27.63 55.29
N GLN D 1059 -52.67 -27.71 54.20
CA GLN D 1059 -52.18 -28.23 52.93
C GLN D 1059 -51.52 -27.16 52.07
N ARG D 1060 -51.08 -26.05 52.68
CA ARG D 1060 -50.30 -25.01 52.00
C ARG D 1060 -51.07 -24.41 50.83
N LYS D 1061 -52.37 -24.20 51.02
CA LYS D 1061 -53.23 -23.54 50.03
C LYS D 1061 -53.96 -22.40 50.72
N HIS D 1062 -53.30 -21.23 50.76
CA HIS D 1062 -53.88 -20.07 51.44
C HIS D 1062 -55.00 -19.44 50.63
N ILE D 1063 -54.87 -19.43 49.30
CA ILE D 1063 -55.92 -18.86 48.45
C ILE D 1063 -57.22 -19.64 48.61
N ASP D 1064 -57.12 -20.98 48.63
CA ASP D 1064 -58.30 -21.79 48.82
C ASP D 1064 -58.95 -21.53 50.17
N ALA D 1065 -58.13 -21.44 51.22
CA ALA D 1065 -58.66 -21.17 52.55
C ALA D 1065 -59.37 -19.82 52.60
N ALA D 1066 -58.77 -18.79 52.01
CA ALA D 1066 -59.40 -17.47 52.00
C ALA D 1066 -60.70 -17.49 51.23
N MET D 1067 -60.73 -18.18 50.09
CA MET D 1067 -61.95 -18.27 49.31
C MET D 1067 -63.05 -18.98 50.09
N VAL D 1068 -62.71 -20.08 50.78
CA VAL D 1068 -63.70 -20.81 51.56
C VAL D 1068 -64.22 -19.95 52.70
N LEU D 1069 -63.33 -19.25 53.40
CA LEU D 1069 -63.78 -18.38 54.49
C LEU D 1069 -64.71 -17.29 53.96
N GLU D 1070 -64.37 -16.68 52.83
CA GLU D 1070 -65.23 -15.65 52.27
C GLU D 1070 -66.58 -16.20 51.84
N GLU D 1071 -66.60 -17.40 51.25
CA GLU D 1071 -67.85 -17.96 50.77
C GLU D 1071 -68.76 -18.42 51.89
N CYS D 1072 -68.21 -19.07 52.92
CA CYS D 1072 -69.05 -19.59 54.00
C CYS D 1072 -69.15 -18.60 55.15
N ALA D 1073 -68.02 -18.24 55.75
CA ALA D 1073 -68.01 -17.38 56.93
C ALA D 1073 -68.04 -15.89 56.60
N GLN D 1074 -67.72 -15.52 55.36
CA GLN D 1074 -67.66 -14.11 54.95
C GLN D 1074 -66.74 -13.30 55.85
N ASP D 1075 -65.72 -13.95 56.42
CA ASP D 1075 -64.77 -13.31 57.31
C ASP D 1075 -63.69 -12.64 56.46
N TYR D 1076 -63.94 -11.37 56.10
CA TYR D 1076 -63.06 -10.70 55.16
C TYR D 1076 -61.69 -10.42 55.75
N GLU D 1077 -61.61 -10.14 57.06
CA GLU D 1077 -60.32 -9.81 57.67
C GLU D 1077 -59.41 -11.04 57.72
N GLU D 1078 -59.95 -12.20 58.09
CA GLU D 1078 -59.13 -13.41 58.08
C GLU D 1078 -58.71 -13.80 56.67
N ALA D 1079 -59.61 -13.59 55.70
CA ALA D 1079 -59.25 -13.82 54.30
C ALA D 1079 -58.10 -12.91 53.89
N VAL D 1080 -58.15 -11.65 54.31
CA VAL D 1080 -57.05 -10.73 54.02
C VAL D 1080 -55.75 -11.22 54.65
N LEU D 1081 -55.83 -11.65 55.91
CA LEU D 1081 -54.62 -12.12 56.60
C LEU D 1081 -54.00 -13.30 55.87
N LEU D 1082 -54.82 -14.27 55.47
CA LEU D 1082 -54.29 -15.44 54.76
C LEU D 1082 -53.79 -15.08 53.37
N LEU D 1083 -54.47 -14.17 52.67
CA LEU D 1083 -54.01 -13.75 51.35
C LEU D 1083 -52.67 -13.04 51.44
N LEU D 1084 -52.49 -12.22 52.48
CA LEU D 1084 -51.19 -11.61 52.74
C LEU D 1084 -50.14 -12.69 53.03
N GLU D 1085 -50.53 -13.70 53.81
CA GLU D 1085 -49.63 -14.84 54.03
C GLU D 1085 -49.37 -15.60 52.74
N GLY D 1086 -50.39 -15.75 51.91
CA GLY D 1086 -50.26 -16.54 50.69
C GLY D 1086 -49.78 -15.74 49.49
N ALA D 1087 -49.21 -14.57 49.75
CA ALA D 1087 -48.63 -13.68 48.73
C ALA D 1087 -49.67 -13.17 47.73
N ALA D 1088 -50.96 -13.19 48.09
CA ALA D 1088 -51.99 -12.60 47.25
C ALA D 1088 -52.20 -11.14 47.67
N TRP D 1089 -51.32 -10.29 47.16
CA TRP D 1089 -51.24 -8.91 47.64
C TRP D 1089 -52.30 -8.04 47.00
N GLU D 1090 -52.47 -8.14 45.67
CA GLU D 1090 -53.52 -7.41 45.00
C GLU D 1090 -54.91 -7.92 45.37
N GLU D 1091 -55.06 -9.23 45.53
CA GLU D 1091 -56.32 -9.81 46.00
C GLU D 1091 -56.66 -9.27 47.38
N ALA D 1092 -55.69 -9.29 48.29
CA ALA D 1092 -55.91 -8.77 49.64
C ALA D 1092 -56.25 -7.28 49.61
N LEU D 1093 -55.55 -6.51 48.78
CA LEU D 1093 -55.82 -5.07 48.70
C LEU D 1093 -57.24 -4.80 48.20
N ARG D 1094 -57.66 -5.52 47.15
CA ARG D 1094 -59.01 -5.32 46.63
C ARG D 1094 -60.05 -5.70 47.67
N LEU D 1095 -59.83 -6.81 48.37
CA LEU D 1095 -60.82 -7.25 49.35
C LEU D 1095 -60.83 -6.31 50.57
N VAL D 1096 -59.67 -5.72 50.89
CA VAL D 1096 -59.61 -4.72 51.94
C VAL D 1096 -60.45 -3.51 51.58
N TYR D 1097 -60.24 -2.98 50.37
CA TYR D 1097 -60.95 -1.76 50.01
C TYR D 1097 -62.43 -2.03 49.75
N LYS D 1098 -62.78 -3.25 49.35
CA LYS D 1098 -64.18 -3.59 49.13
C LYS D 1098 -64.98 -3.47 50.43
N TYR D 1099 -64.40 -3.91 51.55
CA TYR D 1099 -65.03 -3.78 52.85
C TYR D 1099 -64.57 -2.55 53.62
N ASN D 1100 -63.76 -1.69 53.00
CA ASN D 1100 -63.28 -0.44 53.61
C ASN D 1100 -62.54 -0.73 54.91
N ARG D 1101 -61.41 -1.42 54.78
CA ARG D 1101 -60.61 -1.82 55.93
C ARG D 1101 -59.20 -1.27 55.83
N LEU D 1102 -59.09 0.04 55.56
CA LEU D 1102 -57.79 0.66 55.27
C LEU D 1102 -56.79 0.50 56.41
N ASP D 1103 -57.26 0.25 57.63
CA ASP D 1103 -56.35 0.05 58.75
C ASP D 1103 -55.39 -1.11 58.48
N ILE D 1104 -55.88 -2.17 57.82
CA ILE D 1104 -55.05 -3.31 57.49
C ILE D 1104 -53.96 -2.96 56.48
N ILE D 1105 -54.14 -1.86 55.74
CA ILE D 1105 -53.19 -1.50 54.70
C ILE D 1105 -51.84 -1.11 55.31
N GLU D 1106 -51.82 -0.06 56.12
CA GLU D 1106 -50.57 0.42 56.69
C GLU D 1106 -50.07 -0.42 57.85
N THR D 1107 -50.93 -1.23 58.46
CA THR D 1107 -50.52 -2.06 59.58
C THR D 1107 -50.11 -3.46 59.18
N ASN D 1108 -50.71 -4.01 58.13
CA ASN D 1108 -50.43 -5.37 57.70
C ASN D 1108 -49.90 -5.44 56.27
N VAL D 1109 -50.54 -4.75 55.32
CA VAL D 1109 -50.19 -4.93 53.91
C VAL D 1109 -48.75 -4.48 53.66
N LYS D 1110 -48.45 -3.20 53.92
CA LYS D 1110 -47.10 -2.70 53.70
C LYS D 1110 -46.05 -3.38 54.57
N PRO D 1111 -46.26 -3.56 55.89
CA PRO D 1111 -45.25 -4.28 56.68
C PRO D 1111 -45.02 -5.70 56.19
N SER D 1112 -46.08 -6.40 55.76
CA SER D 1112 -45.88 -7.76 55.27
C SER D 1112 -45.19 -7.78 53.92
N ILE D 1113 -45.42 -6.76 53.10
CA ILE D 1113 -44.69 -6.64 51.84
C ILE D 1113 -43.21 -6.45 52.11
N LEU D 1114 -42.88 -5.58 53.07
CA LEU D 1114 -41.49 -5.38 53.44
C LEU D 1114 -40.88 -6.65 54.01
N GLU D 1115 -41.65 -7.37 54.83
CA GLU D 1115 -41.19 -8.64 55.38
C GLU D 1115 -40.91 -9.65 54.27
N ALA D 1116 -41.80 -9.74 53.28
CA ALA D 1116 -41.59 -10.66 52.17
C ALA D 1116 -40.36 -10.27 51.36
N GLN D 1117 -40.16 -8.96 51.17
CA GLN D 1117 -38.97 -8.51 50.46
C GLN D 1117 -37.70 -8.90 51.22
N LYS D 1118 -37.73 -8.78 52.55
CA LYS D 1118 -36.58 -9.17 53.36
C LYS D 1118 -36.36 -10.67 53.33
N ASN D 1119 -37.44 -11.45 53.34
CA ASN D 1119 -37.30 -12.89 53.19
C ASN D 1119 -36.72 -13.25 51.83
N TYR D 1120 -37.10 -12.53 50.79
CA TYR D 1120 -36.49 -12.75 49.49
C TYR D 1120 -35.03 -12.34 49.46
N MET D 1121 -34.67 -11.28 50.20
CA MET D 1121 -33.25 -10.96 50.39
C MET D 1121 -32.51 -12.15 50.97
N ALA D 1122 -33.03 -12.68 52.08
CA ALA D 1122 -32.38 -13.80 52.75
C ALA D 1122 -32.30 -15.02 51.85
N PHE D 1123 -33.38 -15.32 51.13
CA PHE D 1123 -33.41 -16.51 50.29
C PHE D 1123 -32.53 -16.35 49.06
N LEU D 1124 -32.44 -15.15 48.50
CA LEU D 1124 -31.55 -14.93 47.36
C LEU D 1124 -30.09 -15.05 47.79
N ASP D 1125 -29.74 -14.47 48.94
CA ASP D 1125 -28.38 -14.65 49.44
C ASP D 1125 -28.09 -16.10 49.75
N SER D 1126 -29.07 -16.81 50.31
CA SER D 1126 -28.90 -18.24 50.60
C SER D 1126 -28.73 -19.04 49.31
N GLN D 1127 -29.50 -18.68 48.28
CA GLN D 1127 -29.39 -19.36 46.99
C GLN D 1127 -28.01 -19.13 46.38
N THR D 1128 -27.51 -17.90 46.44
CA THR D 1128 -26.18 -17.61 45.93
C THR D 1128 -25.12 -18.39 46.71
N ALA D 1129 -25.23 -18.40 48.04
CA ALA D 1129 -24.26 -19.11 48.86
C ALA D 1129 -24.29 -20.61 48.58
N THR D 1130 -25.48 -21.19 48.51
CA THR D 1130 -25.61 -22.62 48.26
C THR D 1130 -25.11 -22.98 46.87
N PHE D 1131 -25.44 -22.15 45.87
CA PHE D 1131 -24.97 -22.39 44.52
C PHE D 1131 -23.44 -22.35 44.46
N SER D 1132 -22.84 -21.34 45.08
CA SER D 1132 -21.38 -21.23 45.07
C SER D 1132 -20.73 -22.39 45.82
N ARG D 1133 -21.26 -22.74 47.00
CA ARG D 1133 -20.69 -23.83 47.78
C ARG D 1133 -20.79 -25.16 47.03
N HIS D 1134 -21.95 -25.44 46.45
CA HIS D 1134 -22.14 -26.69 45.72
C HIS D 1134 -21.26 -26.73 44.48
N LYS D 1135 -21.13 -25.60 43.79
CA LYS D 1135 -20.25 -25.54 42.62
C LYS D 1135 -18.80 -25.78 43.01
N LYS D 1136 -18.35 -25.18 44.11
CA LYS D 1136 -16.96 -25.37 44.53
C LYS D 1136 -16.70 -26.80 44.99
N ARG D 1137 -17.66 -27.39 45.71
CA ARG D 1137 -17.51 -28.79 46.10
C ARG D 1137 -17.50 -29.70 44.88
N LEU D 1138 -18.35 -29.41 43.89
CA LEU D 1138 -18.34 -30.18 42.65
C LEU D 1138 -17.02 -30.05 41.92
N LEU D 1139 -16.47 -28.83 41.88
CA LEU D 1139 -15.17 -28.63 41.24
C LEU D 1139 -14.08 -29.38 41.98
N VAL D 1140 -14.12 -29.38 43.31
CA VAL D 1140 -13.10 -30.09 44.09
C VAL D 1140 -13.19 -31.59 43.82
N VAL D 1141 -14.41 -32.14 43.82
CA VAL D 1141 -14.57 -33.57 43.56
C VAL D 1141 -14.12 -33.91 42.15
N ARG D 1142 -14.48 -33.08 41.17
CA ARG D 1142 -14.10 -33.34 39.79
C ARG D 1142 -12.59 -33.26 39.60
N GLU D 1143 -11.94 -32.29 40.24
CA GLU D 1143 -10.48 -32.19 40.14
C GLU D 1143 -9.80 -33.36 40.85
N LEU D 1144 -10.37 -33.83 41.96
CA LEU D 1144 -9.84 -35.03 42.60
C LEU D 1144 -9.96 -36.24 41.69
N LYS D 1145 -11.11 -36.39 41.01
CA LYS D 1145 -11.28 -37.49 40.07
C LYS D 1145 -10.29 -37.38 38.91
N GLU D 1146 -10.07 -36.16 38.42
CA GLU D 1146 -9.09 -35.96 37.36
C GLU D 1146 -7.69 -36.33 37.82
N GLN D 1147 -7.25 -35.81 38.97
CA GLN D 1147 -5.93 -36.15 39.48
C GLN D 1147 -5.79 -37.65 39.68
N ALA D 1148 -6.88 -38.33 40.03
CA ALA D 1148 -6.86 -39.78 40.09
C ALA D 1148 -6.70 -40.39 38.70
N GLN D 1149 -7.34 -39.79 37.69
CA GLN D 1149 -7.33 -40.42 36.36
C GLN D 1149 -5.99 -40.25 35.67
N GLN D 1150 -5.29 -39.12 35.89
CA GLN D 1150 -3.93 -39.03 35.34
C GLN D 1150 -2.94 -39.85 36.15
N ALA D 1151 -3.17 -40.00 37.45
CA ALA D 1151 -2.28 -40.79 38.30
C ALA D 1151 -2.65 -42.26 38.23
N PRO D 1212 -17.33 -40.98 46.68
CA PRO D 1212 -16.79 -41.32 45.36
C PRO D 1212 -17.62 -40.72 44.23
N LEU D 1213 -18.94 -40.92 44.29
CA LEU D 1213 -19.87 -40.38 43.30
C LEU D 1213 -20.54 -39.11 43.79
N GLU D 1214 -19.81 -38.30 44.58
CA GLU D 1214 -20.39 -37.07 45.11
C GLU D 1214 -20.67 -36.07 43.99
N ASP D 1215 -19.97 -36.20 42.85
CA ASP D 1215 -20.16 -35.24 41.76
C ASP D 1215 -21.58 -35.29 41.21
N LEU D 1216 -22.15 -36.49 41.09
CA LEU D 1216 -23.52 -36.60 40.59
C LEU D 1216 -24.52 -35.94 41.53
N ALA D 1217 -24.36 -36.17 42.84
CA ALA D 1217 -25.25 -35.54 43.81
C ALA D 1217 -25.08 -34.03 43.80
N LEU D 1218 -23.86 -33.55 43.64
CA LEU D 1218 -23.62 -32.11 43.56
C LEU D 1218 -24.27 -31.51 42.31
N LEU D 1219 -24.18 -32.23 41.17
CA LEU D 1219 -24.86 -31.78 39.96
C LEU D 1219 -26.36 -31.70 40.18
N GLU D 1220 -26.93 -32.72 40.81
CA GLU D 1220 -28.38 -32.72 41.08
C GLU D 1220 -28.76 -31.57 41.99
N ALA D 1221 -27.98 -31.32 43.04
CA ALA D 1221 -28.27 -30.22 43.96
C ALA D 1221 -28.19 -28.87 43.26
N LEU D 1222 -27.18 -28.68 42.41
CA LEU D 1222 -27.06 -27.44 41.66
C LEU D 1222 -28.23 -27.26 40.70
N SER D 1223 -28.67 -28.36 40.07
CA SER D 1223 -29.84 -28.29 39.21
C SER D 1223 -31.08 -27.88 40.00
N GLU D 1224 -31.25 -28.43 41.20
CA GLU D 1224 -32.39 -28.04 42.03
C GLU D 1224 -32.30 -26.59 42.45
N VAL D 1225 -31.09 -26.10 42.76
CA VAL D 1225 -30.93 -24.70 43.14
C VAL D 1225 -31.31 -23.79 41.98
N VAL D 1226 -30.84 -24.12 40.77
CA VAL D 1226 -31.18 -23.32 39.59
C VAL D 1226 -32.68 -23.37 39.34
N GLN D 1227 -33.29 -24.54 39.49
CA GLN D 1227 -34.73 -24.67 39.30
C GLN D 1227 -35.51 -23.83 40.30
N ASN D 1228 -35.07 -23.82 41.56
CA ASN D 1228 -35.74 -23.01 42.57
C ASN D 1228 -35.62 -21.53 42.25
N THR D 1229 -34.44 -21.08 41.84
CA THR D 1229 -34.27 -19.67 41.49
C THR D 1229 -35.13 -19.31 40.29
N GLU D 1230 -35.22 -20.20 39.30
CA GLU D 1230 -36.10 -19.95 38.16
C GLU D 1230 -37.55 -19.87 38.60
N ASN D 1231 -37.98 -20.79 39.47
CA ASN D 1231 -39.36 -20.77 39.95
C ASN D 1231 -39.66 -19.52 40.76
N LEU D 1232 -38.63 -18.90 41.34
CA LEU D 1232 -38.82 -17.67 42.09
C LEU D 1232 -39.35 -16.52 41.23
N LYS D 1233 -39.28 -16.65 39.91
CA LYS D 1233 -39.46 -15.51 39.01
C LYS D 1233 -40.84 -14.87 39.15
N ASP D 1234 -41.90 -15.68 39.17
CA ASP D 1234 -43.25 -15.13 39.23
C ASP D 1234 -43.49 -14.41 40.54
N GLU D 1235 -43.06 -15.00 41.65
CA GLU D 1235 -43.22 -14.37 42.95
C GLU D 1235 -42.42 -13.07 43.02
N VAL D 1236 -41.20 -13.08 42.48
CA VAL D 1236 -40.39 -11.86 42.45
C VAL D 1236 -41.09 -10.78 41.63
N TYR D 1237 -41.69 -11.17 40.50
CA TYR D 1237 -42.42 -10.22 39.67
C TYR D 1237 -43.57 -9.59 40.44
N HIS D 1238 -44.38 -10.42 41.10
CA HIS D 1238 -45.53 -9.91 41.84
C HIS D 1238 -45.09 -8.99 42.97
N ILE D 1239 -44.07 -9.40 43.71
CA ILE D 1239 -43.59 -8.61 44.84
C ILE D 1239 -43.00 -7.30 44.36
N LEU D 1240 -42.28 -7.33 43.23
CA LEU D 1240 -41.71 -6.12 42.68
C LEU D 1240 -42.80 -5.13 42.25
N LYS D 1241 -43.86 -5.63 41.61
CA LYS D 1241 -44.96 -4.77 41.24
C LYS D 1241 -45.62 -4.14 42.47
N VAL D 1242 -45.91 -4.96 43.48
CA VAL D 1242 -46.61 -4.43 44.64
C VAL D 1242 -45.72 -3.48 45.44
N LEU D 1243 -44.40 -3.71 45.42
CA LEU D 1243 -43.48 -2.76 46.05
C LEU D 1243 -43.45 -1.44 45.29
N PHE D 1244 -43.43 -1.50 43.96
CA PHE D 1244 -43.42 -0.26 43.18
C PHE D 1244 -44.68 0.54 43.41
N LEU D 1245 -45.83 -0.12 43.47
CA LEU D 1245 -47.09 0.60 43.62
C LEU D 1245 -47.16 1.38 44.94
N PHE D 1246 -46.36 1.02 45.93
CA PHE D 1246 -46.41 1.63 47.25
C PHE D 1246 -45.26 2.58 47.51
N GLU D 1247 -44.70 3.17 46.44
CA GLU D 1247 -43.67 4.21 46.55
C GLU D 1247 -42.45 3.72 47.32
N PHE D 1248 -42.05 2.48 47.07
CA PHE D 1248 -40.92 1.86 47.76
C PHE D 1248 -39.86 1.51 46.72
N ASP D 1249 -38.91 2.43 46.53
CA ASP D 1249 -37.91 2.29 45.49
C ASP D 1249 -36.71 1.46 45.92
N GLU D 1250 -36.18 1.73 47.12
CA GLU D 1250 -34.93 1.11 47.55
C GLU D 1250 -35.05 -0.41 47.60
N GLN D 1251 -36.08 -0.92 48.26
CA GLN D 1251 -36.25 -2.35 48.39
C GLN D 1251 -36.46 -3.00 47.03
N GLY D 1252 -37.28 -2.40 46.17
CA GLY D 1252 -37.55 -2.98 44.87
C GLY D 1252 -36.32 -3.04 43.99
N ARG D 1253 -35.56 -1.94 43.94
CA ARG D 1253 -34.36 -1.92 43.11
C ARG D 1253 -33.30 -2.86 43.68
N GLU D 1254 -33.20 -2.95 45.01
CA GLU D 1254 -32.26 -3.90 45.61
C GLU D 1254 -32.62 -5.33 45.26
N LEU D 1255 -33.92 -5.66 45.31
CA LEU D 1255 -34.36 -7.00 44.91
C LEU D 1255 -34.06 -7.26 43.44
N GLN D 1256 -34.31 -6.27 42.59
CA GLN D 1256 -34.04 -6.43 41.16
C GLN D 1256 -32.56 -6.69 40.91
N LYS D 1257 -31.69 -5.92 41.55
CA LYS D 1257 -30.26 -6.10 41.38
C LYS D 1257 -29.79 -7.45 41.90
N ALA D 1258 -30.29 -7.87 43.06
CA ALA D 1258 -29.90 -9.16 43.61
C ALA D 1258 -30.34 -10.31 42.71
N PHE D 1259 -31.59 -10.25 42.23
CA PHE D 1259 -32.09 -11.30 41.35
C PHE D 1259 -31.33 -11.33 40.03
N GLU D 1260 -31.00 -10.15 39.50
CA GLU D 1260 -30.16 -10.09 38.30
C GLU D 1260 -28.81 -10.72 38.55
N ASP D 1261 -28.20 -10.42 39.71
CA ASP D 1261 -26.90 -10.99 40.03
C ASP D 1261 -26.97 -12.52 40.07
N THR D 1262 -27.96 -13.06 40.76
CA THR D 1262 -28.10 -14.51 40.86
C THR D 1262 -28.30 -15.15 39.49
N LEU D 1263 -29.23 -14.59 38.70
CA LEU D 1263 -29.55 -15.18 37.41
C LEU D 1263 -28.36 -15.09 36.46
N GLN D 1264 -27.67 -13.95 36.42
CA GLN D 1264 -26.52 -13.82 35.54
C GLN D 1264 -25.40 -14.75 35.97
N LEU D 1265 -25.14 -14.87 37.28
CA LEU D 1265 -24.10 -15.78 37.75
C LEU D 1265 -24.39 -17.19 37.30
N MET D 1266 -25.61 -17.69 37.56
CA MET D 1266 -25.89 -19.08 37.20
C MET D 1266 -25.97 -19.27 35.68
N GLU D 1267 -26.44 -18.26 34.94
CA GLU D 1267 -26.46 -18.38 33.49
C GLU D 1267 -25.06 -18.47 32.92
N ARG D 1268 -24.13 -17.67 33.45
CA ARG D 1268 -22.74 -17.78 33.01
C ARG D 1268 -22.15 -19.13 33.41
N SER D 1269 -22.52 -19.63 34.59
CA SER D 1269 -21.92 -20.86 35.11
C SER D 1269 -22.54 -22.14 34.56
N LEU D 1270 -23.67 -22.06 33.87
CA LEU D 1270 -24.33 -23.26 33.35
C LEU D 1270 -23.42 -24.17 32.53
N PRO D 1271 -22.69 -23.69 31.52
CA PRO D 1271 -21.78 -24.60 30.79
C PRO D 1271 -20.68 -25.18 31.65
N GLU D 1272 -20.19 -24.42 32.64
CA GLU D 1272 -19.06 -24.87 33.43
C GLU D 1272 -19.42 -26.03 34.35
N ILE D 1273 -20.53 -25.91 35.07
CA ILE D 1273 -20.95 -26.98 35.97
C ILE D 1273 -21.37 -28.21 35.18
N TRP D 1274 -22.22 -28.01 34.16
CA TRP D 1274 -22.69 -29.10 33.32
C TRP D 1274 -21.82 -29.15 32.07
N THR D 1275 -20.69 -29.86 32.18
CA THR D 1275 -19.78 -30.03 31.07
C THR D 1275 -20.39 -30.93 30.00
N LEU D 1276 -20.73 -30.36 28.85
CA LEU D 1276 -21.31 -31.12 27.76
C LEU D 1276 -20.29 -32.05 27.13
N LEU D 1310 -26.78 -43.62 33.83
CA LEU D 1310 -27.64 -43.57 35.01
C LEU D 1310 -28.01 -42.12 35.33
N ASP D 1311 -29.30 -41.81 35.23
CA ASP D 1311 -29.82 -40.50 35.60
C ASP D 1311 -29.13 -39.39 34.80
N ALA D 1312 -29.38 -39.42 33.49
CA ALA D 1312 -28.74 -38.46 32.59
C ALA D 1312 -29.03 -37.02 32.99
N GLU D 1313 -30.11 -36.78 33.73
CA GLU D 1313 -30.43 -35.43 34.18
C GLU D 1313 -29.34 -34.85 35.07
N LEU D 1314 -28.49 -35.70 35.64
CA LEU D 1314 -27.39 -35.22 36.49
C LEU D 1314 -26.43 -34.35 35.70
N PHE D 1315 -25.96 -34.83 34.56
CA PHE D 1315 -25.05 -34.07 33.72
C PHE D 1315 -25.76 -33.29 32.61
N ILE D 1316 -27.08 -33.39 32.51
CA ILE D 1316 -27.84 -32.54 31.60
C ILE D 1316 -28.11 -31.20 32.29
N PRO D 1317 -27.76 -30.07 31.67
CA PRO D 1317 -27.99 -28.79 32.32
C PRO D 1317 -29.47 -28.56 32.56
N PRO D 1318 -29.84 -27.84 33.62
CA PRO D 1318 -31.26 -27.62 33.90
C PRO D 1318 -31.92 -26.69 32.90
N LYS D 1319 -33.20 -26.41 33.08
CA LYS D 1319 -33.97 -25.57 32.17
C LYS D 1319 -34.24 -24.23 32.83
N ILE D 1320 -34.01 -23.15 32.09
CA ILE D 1320 -34.32 -21.80 32.54
C ILE D 1320 -35.45 -21.25 31.67
N ASN D 1321 -36.42 -20.59 32.31
CA ASN D 1321 -37.55 -20.01 31.61
C ASN D 1321 -37.32 -18.51 31.50
N ARG D 1322 -36.55 -18.11 30.49
CA ARG D 1322 -36.30 -16.69 30.23
C ARG D 1322 -37.55 -15.98 29.73
N ARG D 1323 -38.56 -16.72 29.27
CA ARG D 1323 -39.78 -16.09 28.79
C ARG D 1323 -40.53 -15.41 29.94
N THR D 1324 -40.43 -15.97 31.14
CA THR D 1324 -41.10 -15.40 32.31
C THR D 1324 -40.58 -13.99 32.58
N GLN D 1325 -41.49 -13.05 32.81
CA GLN D 1325 -41.13 -11.66 33.06
C GLN D 1325 -41.14 -11.41 34.56
N TRP D 1326 -40.00 -10.96 35.09
CA TRP D 1326 -39.86 -10.66 36.51
C TRP D 1326 -39.33 -9.26 36.78
N LYS D 1327 -38.59 -8.67 35.85
CA LYS D 1327 -37.98 -7.37 36.09
C LYS D 1327 -39.01 -6.25 35.97
N LEU D 1328 -38.74 -5.15 36.66
CA LEU D 1328 -39.58 -3.96 36.61
C LEU D 1328 -39.03 -3.03 35.55
N SER D 1329 -39.65 -3.06 34.36
CA SER D 1329 -39.36 -2.01 33.38
C SER D 1329 -39.80 -0.65 33.89
N LEU D 1330 -40.64 -0.62 34.93
CA LEU D 1330 -41.05 0.63 35.55
C LEU D 1330 -39.86 1.35 36.16
N LEU D 1331 -39.06 0.62 36.95
CA LEU D 1331 -37.95 1.24 37.67
C LEU D 1331 -36.87 1.73 36.71
N ASP D 1332 -36.46 0.89 35.77
CA ASP D 1332 -35.41 1.26 34.83
C ASP D 1332 -35.99 2.01 33.63
FE1 SF4 F . 13.30 3.27 -29.05
FE2 SF4 F . 12.93 1.65 -26.89
FE3 SF4 F . 13.85 0.60 -29.23
FE4 SF4 F . 11.26 1.45 -29.04
S1 SF4 F . 12.22 -0.26 -27.89
S2 SF4 F . 12.72 1.86 -30.75
S3 SF4 F . 11.50 3.25 -27.65
S4 SF4 F . 14.91 2.13 -27.92
N1 5AD G . 5.54 -6.01 -27.20
C2 5AD G . 5.73 -5.93 -25.89
N3 5AD G . 6.46 -5.06 -25.22
C4 5AD G . 7.06 -4.19 -26.03
N9 5AD G . 7.88 -3.17 -25.70
C8 5AD G . 8.23 -2.56 -26.87
N7 5AD G . 7.69 -3.12 -27.92
C5 5AD G . 6.95 -4.15 -27.40
C6 5AD G . 6.14 -5.14 -27.99
N6 5AD G . 5.95 -5.21 -29.31
C1' 5AD G . 8.29 -2.83 -24.34
C2' 5AD G . 9.80 -2.66 -24.25
C3' 5AD G . 9.96 -1.17 -23.99
C4' 5AD G . 8.67 -0.84 -23.27
C5' 5AD G . 8.27 0.62 -23.27
O4' 5AD G . 7.72 -1.61 -23.99
O2' 5AD G . 10.21 -3.41 -23.13
O3' 5AD G . 11.12 -0.94 -23.25
N1A ACO H . 9.00 16.63 4.86
C2A ACO H . 9.06 17.06 6.13
N3A ACO H . 8.69 16.45 7.24
C4A ACO H . 8.21 15.23 6.97
C5A ACO H . 8.09 14.65 5.72
C6A ACO H . 8.51 15.40 4.62
N6A ACO H . 8.46 14.97 3.38
N7A ACO H . 7.54 13.38 5.85
C8A ACO H . 7.35 13.23 7.14
N9A ACO H . 7.73 14.32 7.86
C1B ACO H . 7.66 14.49 9.29
C2B ACO H . 6.27 14.45 9.88
O2B ACO H . 5.60 15.68 9.75
C3B ACO H . 6.60 14.16 11.33
O3B ACO H . 7.04 15.35 11.94
P3B ACO H . 6.34 15.69 13.34
O7A ACO H . 5.32 14.64 13.66
O8A ACO H . 5.70 17.01 13.03
O9A ACO H . 7.38 15.83 14.42
C4B ACO H . 7.78 13.20 11.21
O4B ACO H . 8.31 13.39 9.88
C5B ACO H . 7.48 11.73 11.40
O5B ACO H . 8.70 11.00 11.31
P1A ACO H . 8.69 9.40 11.33
O1A ACO H . 7.40 8.93 11.87
O2A ACO H . 9.94 8.89 11.94
O3A ACO H . 8.72 9.07 9.77
P2A ACO H . 7.91 7.96 8.98
O4A ACO H . 8.05 6.67 9.70
O5A ACO H . 6.55 8.43 8.64
O6A ACO H . 8.62 7.90 7.57
CBP ACO H . 9.39 9.04 5.65
CCP ACO H . 9.49 8.97 7.16
CDP ACO H . 10.21 10.20 5.12
CEP ACO H . 9.91 7.73 5.04
CAP ACO H . 7.91 9.24 5.31
OAP ACO H . 7.78 10.46 4.60
C9P ACO H . 7.31 8.12 4.50
O9P ACO H . 6.71 7.21 5.06
N8P ACO H . 7.42 8.22 3.19
C7P ACO H . 6.45 7.62 2.28
C6P ACO H . 6.73 8.03 0.87
C5P ACO H . 7.68 9.20 0.95
O5P ACO H . 7.34 10.25 1.48
N4P ACO H . 8.91 9.03 0.47
C3P ACO H . 9.89 8.20 1.14
C2P ACO H . 11.08 8.99 1.59
S1P ACO H . 11.94 9.45 0.10
C ACO H . 13.66 9.53 -0.15
O ACO H . 14.19 8.96 -1.05
CH3 ACO H . 14.42 10.31 0.84
N MET I . 13.81 3.53 -25.04
CA MET I . 14.38 3.10 -23.77
C MET I . 14.98 1.71 -23.88
O MET I . 14.76 1.01 -24.87
CB MET I . 13.33 3.13 -22.66
CG MET I . 12.32 2.03 -22.78
SD MET I . 11.24 2.23 -24.21
CE MET I . 10.30 3.66 -23.73
OXT MET I . 15.70 1.25 -23.00
MG MG J . -15.05 -0.18 -13.98
MG MG K . -41.16 -2.62 -10.94
MG MG L . -44.49 -11.96 -14.42
MG MG M . -45.10 -16.11 -11.71
#